data_8S4P
#
_entry.id   8S4P
#
_cell.length_a   107.482
_cell.length_b   175.292
_cell.length_c   107.532
_cell.angle_alpha   90.00
_cell.angle_beta   111.53
_cell.angle_gamma   90.00
#
_symmetry.space_group_name_H-M   'P 1 21 1'
#
loop_
_entity.id
_entity.type
_entity.pdbx_description
1 polymer 'NADH:flavin oxidoreductase/NADH oxidase N-terminal domain-containing protein'
2 non-polymer 'FLAVIN MONONUCLEOTIDE'
3 non-polymer GLYCEROL
4 non-polymer 'CHLORIDE ION'
5 non-polymer 'CALCIUM ION'
6 water water
#
_entity_poly.entity_id   1
_entity_poly.type   'polypeptide(L)'
_entity_poly.pdbx_seq_one_letter_code
;MTWPDVPIAAAPGISYFTPAQSPPAGTARNPQTSGKAIPKLFQPLTIRGHTFQNRLGVAPMCQYSADDGHLTPWHMAHYG
GIAQRGPGMIIIEATGVVPEGRITPGCVGLWKDSQIAPLKQVVEFAHSQGQKIGIQLAHAGRKASTVPPWLGGVTATNAV
GGWTENVKGPSAIPFAEGEIVPKAMTKEDIEEVKTAWVAAVERAVAAGVDFIEIHNAHGYLLSSFLSPSSNQRTDDYGGS
FENRIRLSLEISQLTRDTVGPNMPVFLRVSATDWLEKSMPEEKGWKLEDTVEFSRALAAQGAIDLIDISTGGVHAAQKVT
SGVGFQVPFAKAVKEAVGQKMLVSAVGTINSGNLAEKILNEDDVDVILVGRAFQRDSGLAWAFAKDLDVEIAMAGQIRWG
FTSFRNASEYIQPNSMKASIFD
;
_entity_poly.pdbx_strand_id   A,B,C,D,E,F,G,H
#
# COMPACT_ATOMS: atom_id res chain seq x y z
N THR A 2 3.77 46.36 -1.63
CA THR A 2 4.20 46.98 -0.39
C THR A 2 5.63 46.56 -0.02
N TRP A 3 5.89 45.25 -0.02
CA TRP A 3 7.08 44.66 0.59
C TRP A 3 7.90 43.90 -0.45
N PRO A 4 9.21 43.88 -0.30
CA PRO A 4 10.06 43.10 -1.21
C PRO A 4 9.79 41.61 -1.08
N ASP A 5 10.05 40.90 -2.19
CA ASP A 5 9.85 39.46 -2.27
C ASP A 5 11.16 38.75 -1.92
N VAL A 6 11.10 37.89 -0.90
CA VAL A 6 12.27 37.16 -0.40
C VAL A 6 11.96 35.67 -0.32
N PRO A 7 12.33 34.86 -1.31
CA PRO A 7 12.08 33.42 -1.18
C PRO A 7 13.19 32.72 -0.41
N ILE A 8 12.83 31.56 0.10
CA ILE A 8 13.78 30.68 0.78
C ILE A 8 14.14 29.58 -0.21
N ALA A 9 15.32 29.71 -0.81
CA ALA A 9 15.78 28.69 -1.75
C ALA A 9 15.90 27.35 -1.04
N ALA A 10 15.50 26.29 -1.73
CA ALA A 10 15.46 24.94 -1.18
C ALA A 10 16.57 24.10 -1.80
N ALA A 11 16.96 23.04 -1.09
CA ALA A 11 17.89 22.08 -1.68
C ALA A 11 17.20 21.38 -2.85
N PRO A 12 17.90 21.17 -3.96
CA PRO A 12 17.25 20.65 -5.17
C PRO A 12 17.17 19.14 -5.23
N GLY A 13 16.14 18.67 -5.94
CA GLY A 13 16.08 17.27 -6.29
C GLY A 13 15.66 16.33 -5.19
N ILE A 14 14.96 16.84 -4.16
CA ILE A 14 14.53 16.04 -3.02
C ILE A 14 13.10 16.40 -2.67
N SER A 15 12.41 15.46 -2.03
CA SER A 15 10.98 15.57 -1.77
C SER A 15 10.64 16.40 -0.53
N TYR A 16 11.61 16.84 0.26
CA TYR A 16 11.31 17.68 1.41
C TYR A 16 11.99 19.04 1.32
N PHE A 17 11.30 20.06 1.81
CA PHE A 17 11.92 21.37 1.95
C PHE A 17 12.95 21.36 3.06
N THR A 18 14.14 21.90 2.75
CA THR A 18 15.16 22.31 3.68
C THR A 18 15.87 23.46 2.99
N PRO A 19 16.28 24.49 3.73
CA PRO A 19 16.98 25.62 3.11
C PRO A 19 18.26 25.16 2.41
N ALA A 20 18.55 25.77 1.26
CA ALA A 20 19.78 25.49 0.54
C ALA A 20 20.93 26.27 1.16
N GLN A 21 22.11 25.65 1.18
CA GLN A 21 23.30 26.31 1.74
C GLN A 21 24.22 26.70 0.58
N SER A 22 24.28 28.00 0.29
CA SER A 22 25.16 28.54 -0.74
C SER A 22 26.17 29.47 -0.09
N PRO A 23 27.45 29.11 0.00
CA PRO A 23 28.10 27.85 -0.45
C PRO A 23 27.95 26.76 0.59
N PRO A 24 28.29 25.49 0.34
CA PRO A 24 28.23 24.51 1.42
C PRO A 24 29.05 25.00 2.60
N ALA A 25 28.55 24.70 3.79
CA ALA A 25 29.24 25.06 5.03
C ALA A 25 30.65 24.52 5.01
N GLY A 26 31.56 25.25 5.65
CA GLY A 26 32.94 24.86 5.69
C GLY A 26 33.78 25.39 4.54
N THR A 27 33.23 26.29 3.74
CA THR A 27 33.96 26.89 2.64
C THR A 27 34.58 28.20 3.14
N ALA A 28 35.89 28.29 3.08
CA ALA A 28 36.56 29.53 3.44
C ALA A 28 36.16 30.60 2.44
N ARG A 29 35.75 31.76 2.93
CA ARG A 29 35.57 32.90 2.05
C ARG A 29 36.86 33.19 1.31
N ASN A 30 36.77 33.43 0.01
CA ASN A 30 37.93 33.69 -0.84
C ASN A 30 37.61 34.89 -1.73
N PRO A 31 38.18 36.08 -1.45
CA PRO A 31 39.22 36.35 -0.46
C PRO A 31 38.69 36.51 0.95
N GLN A 32 39.50 36.17 1.95
CA GLN A 32 39.13 36.47 3.33
C GLN A 32 38.90 37.98 3.45
N THR A 33 37.88 38.36 4.20
CA THR A 33 37.63 39.78 4.45
C THR A 33 38.77 40.42 5.22
N SER A 34 39.44 39.65 6.08
CA SER A 34 40.62 40.05 6.83
C SER A 34 41.85 40.31 5.95
N GLY A 35 41.81 39.96 4.67
CA GLY A 35 42.97 40.05 3.81
C GLY A 35 43.99 38.95 3.97
N LYS A 36 43.87 38.09 4.97
CA LYS A 36 44.86 37.05 5.18
C LYS A 36 44.69 35.90 4.19
N ALA A 37 45.77 35.14 4.00
CA ALA A 37 45.73 33.99 3.10
C ALA A 37 44.96 32.83 3.73
N ILE A 38 44.40 32.00 2.85
CA ILE A 38 43.60 30.84 3.26
C ILE A 38 44.55 29.65 3.43
N PRO A 39 44.62 29.05 4.61
CA PRO A 39 45.54 27.92 4.80
C PRO A 39 45.12 26.72 3.96
N LYS A 40 46.07 25.82 3.73
CA LYS A 40 45.82 24.65 2.89
C LYS A 40 44.66 23.81 3.41
N LEU A 41 44.43 23.82 4.72
CA LEU A 41 43.35 23.01 5.28
C LEU A 41 42.01 23.47 4.76
N PHE A 42 41.91 24.74 4.39
CA PHE A 42 40.69 25.32 3.86
C PHE A 42 40.81 25.72 2.39
N GLN A 43 41.71 25.07 1.64
CA GLN A 43 41.81 25.14 0.18
C GLN A 43 41.07 23.95 -0.43
N PRO A 44 40.13 24.15 -1.35
CA PRO A 44 39.38 23.02 -1.88
C PRO A 44 40.30 21.98 -2.51
N LEU A 45 39.74 20.78 -2.68
CA LEU A 45 40.43 19.63 -3.25
C LEU A 45 39.54 18.94 -4.28
N THR A 46 40.10 18.66 -5.46
CA THR A 46 39.37 17.99 -6.52
C THR A 46 40.04 16.64 -6.79
N ILE A 47 39.24 15.57 -6.73
CA ILE A 47 39.65 14.23 -7.15
C ILE A 47 38.67 13.76 -8.23
N ARG A 48 39.19 13.56 -9.45
CA ARG A 48 38.38 13.20 -10.61
C ARG A 48 37.11 14.02 -10.68
N GLY A 49 35.95 13.39 -10.51
CA GLY A 49 34.74 14.13 -10.73
C GLY A 49 34.27 15.03 -9.61
N HIS A 50 34.97 15.08 -8.48
CA HIS A 50 34.43 15.74 -7.30
C HIS A 50 35.36 16.81 -6.76
N THR A 51 34.76 17.84 -6.20
CA THR A 51 35.46 18.91 -5.52
C THR A 51 35.02 18.96 -4.06
N PHE A 52 35.98 18.91 -3.15
CA PHE A 52 35.73 19.06 -1.71
C PHE A 52 36.09 20.50 -1.29
N GLN A 53 35.22 21.12 -0.50
CA GLN A 53 35.37 22.55 -0.17
C GLN A 53 36.48 22.83 0.84
N ASN A 54 36.99 21.83 1.52
CA ASN A 54 38.16 21.97 2.38
C ASN A 54 38.69 20.56 2.59
N ARG A 55 39.80 20.45 3.32
CA ARG A 55 40.55 19.21 3.40
C ARG A 55 40.43 18.52 4.75
N LEU A 56 39.42 18.89 5.54
CA LEU A 56 39.13 18.21 6.79
C LEU A 56 38.09 17.11 6.56
N GLY A 57 38.49 15.87 6.78
CA GLY A 57 37.58 14.75 6.61
C GLY A 57 37.24 14.07 7.92
N VAL A 58 36.03 13.54 7.98
CA VAL A 58 35.62 12.69 9.09
C VAL A 58 36.10 11.29 8.78
N ALA A 59 36.99 10.77 9.63
CA ALA A 59 37.50 9.41 9.47
C ALA A 59 36.38 8.40 9.69
N PRO A 60 36.48 7.21 9.07
CA PRO A 60 35.43 6.20 9.25
C PRO A 60 35.33 5.76 10.71
N MET A 61 34.11 5.76 11.26
CA MET A 61 33.93 5.41 12.66
C MET A 61 32.70 4.53 12.88
N CYS A 62 32.95 3.24 13.14
CA CYS A 62 31.91 2.28 13.46
C CYS A 62 31.05 2.74 14.63
N GLN A 63 29.73 2.64 14.46
CA GLN A 63 28.75 2.99 15.47
C GLN A 63 28.12 1.78 16.15
N TYR A 64 28.29 0.58 15.58
CA TYR A 64 27.75 -0.66 16.17
C TYR A 64 26.25 -0.56 16.49
N SER A 65 25.52 0.27 15.74
CA SER A 65 24.11 0.51 16.00
C SER A 65 23.22 0.27 14.77
N ALA A 66 23.66 -0.52 13.81
CA ALA A 66 22.82 -0.81 12.66
C ALA A 66 21.94 -2.02 12.93
N ASP A 67 20.80 -2.06 12.27
CA ASP A 67 19.76 -3.07 12.49
C ASP A 67 19.81 -4.04 11.33
N ASP A 68 20.43 -5.20 11.54
CA ASP A 68 20.62 -6.17 10.47
C ASP A 68 21.25 -5.48 9.26
N GLY A 69 22.31 -4.70 9.55
CA GLY A 69 23.04 -3.95 8.57
C GLY A 69 22.37 -2.66 8.16
N HIS A 70 21.15 -2.42 8.61
CA HIS A 70 20.38 -1.28 8.15
C HIS A 70 20.68 -0.05 9.01
N LEU A 71 20.82 1.09 8.34
CA LEU A 71 20.96 2.36 9.04
C LEU A 71 19.66 2.67 9.75
N THR A 72 19.79 3.37 10.89
CA THR A 72 18.67 3.70 11.76
C THR A 72 18.68 5.20 11.98
N PRO A 73 17.74 5.78 12.74
CA PRO A 73 17.87 7.21 13.06
C PRO A 73 19.12 7.52 13.85
N TRP A 74 19.79 6.52 14.43
CA TRP A 74 21.08 6.80 15.06
C TRP A 74 22.02 7.42 14.05
N HIS A 75 22.06 6.86 12.84
CA HIS A 75 22.99 7.32 11.81
C HIS A 75 22.57 8.66 11.22
N MET A 76 21.29 8.97 11.20
CA MET A 76 20.87 10.29 10.76
C MET A 76 21.24 11.37 11.77
N ALA A 77 21.14 11.06 13.07
CA ALA A 77 21.55 12.04 14.08
C ALA A 77 23.08 12.23 14.07
N HIS A 78 23.83 11.15 13.93
CA HIS A 78 25.29 11.16 13.88
C HIS A 78 25.83 11.84 12.63
N TYR A 79 25.69 11.20 11.46
CA TYR A 79 26.23 11.78 10.24
C TYR A 79 25.53 13.10 9.90
N GLY A 80 24.23 13.17 10.14
CA GLY A 80 23.50 14.37 9.77
C GLY A 80 23.84 15.55 10.64
N GLY A 81 24.16 15.33 11.90
CA GLY A 81 24.60 16.44 12.74
C GLY A 81 25.97 16.92 12.35
N ILE A 82 26.85 15.99 11.95
CA ILE A 82 28.13 16.37 11.38
C ILE A 82 27.92 17.12 10.07
N ALA A 83 27.07 16.57 9.19
CA ALA A 83 26.84 17.18 7.87
C ALA A 83 26.37 18.62 7.95
N GLN A 84 25.67 19.00 9.02
CA GLN A 84 25.21 20.38 9.10
C GLN A 84 26.34 21.36 9.38
N ARG A 85 27.53 20.85 9.68
CA ARG A 85 28.60 21.66 10.24
C ARG A 85 29.86 21.63 9.37
N GLY A 86 29.72 21.28 8.10
CA GLY A 86 30.66 21.63 7.06
C GLY A 86 32.05 21.03 7.09
N PRO A 87 32.20 19.72 7.33
CA PRO A 87 33.50 19.08 7.08
C PRO A 87 33.76 18.96 5.59
N GLY A 88 35.03 18.69 5.25
CA GLY A 88 35.37 18.57 3.84
C GLY A 88 34.87 17.29 3.21
N MET A 89 34.79 16.22 4.01
CA MET A 89 34.21 14.96 3.56
C MET A 89 33.82 14.17 4.80
N ILE A 90 32.97 13.16 4.59
CA ILE A 90 32.54 12.22 5.62
C ILE A 90 32.76 10.81 5.08
N ILE A 91 33.56 10.00 5.76
CA ILE A 91 33.75 8.60 5.39
C ILE A 91 32.90 7.76 6.33
N ILE A 92 31.79 7.23 5.79
CA ILE A 92 30.91 6.36 6.57
C ILE A 92 31.70 5.13 7.02
N GLU A 93 31.38 4.64 8.21
CA GLU A 93 32.04 3.52 8.88
C GLU A 93 32.24 2.28 8.04
N ALA A 94 33.06 1.35 8.52
CA ALA A 94 33.23 0.07 7.88
C ALA A 94 31.87 -0.60 7.66
N THR A 95 31.59 -0.93 6.39
CA THR A 95 30.30 -1.49 5.98
C THR A 95 30.52 -2.90 5.42
N GLY A 96 29.94 -3.90 6.08
CA GLY A 96 30.18 -5.27 5.65
C GLY A 96 29.54 -5.55 4.30
N VAL A 97 30.30 -6.23 3.43
CA VAL A 97 29.82 -6.63 2.11
C VAL A 97 29.16 -8.00 2.14
N VAL A 98 29.44 -8.82 3.15
CA VAL A 98 28.71 -10.06 3.40
C VAL A 98 28.33 -10.08 4.87
N PRO A 99 27.28 -10.83 5.24
CA PRO A 99 26.87 -10.82 6.65
C PRO A 99 28.01 -11.13 7.62
N GLU A 100 28.72 -12.21 7.39
CA GLU A 100 29.85 -12.64 8.17
C GLU A 100 31.09 -11.73 8.02
N GLY A 101 30.98 -10.61 7.31
CA GLY A 101 32.08 -9.67 7.16
C GLY A 101 31.89 -8.40 7.96
N ARG A 102 30.75 -8.29 8.64
CA ARG A 102 30.61 -7.33 9.71
C ARG A 102 31.54 -7.71 10.85
N ILE A 103 31.88 -6.72 11.66
CA ILE A 103 32.63 -7.03 12.88
C ILE A 103 31.67 -7.54 13.96
N THR A 104 30.59 -6.81 14.16
CA THR A 104 29.58 -7.04 15.20
C THR A 104 28.19 -7.12 14.58
N PRO A 105 27.24 -7.71 15.30
CA PRO A 105 25.85 -7.71 14.83
C PRO A 105 25.25 -6.34 14.59
N GLY A 106 25.91 -5.27 15.02
CA GLY A 106 25.40 -3.94 14.81
C GLY A 106 26.09 -3.20 13.69
N CYS A 107 26.96 -3.88 12.95
CA CYS A 107 27.72 -3.22 11.90
C CYS A 107 26.83 -3.03 10.67
N VAL A 108 27.08 -1.94 9.95
CA VAL A 108 26.35 -1.71 8.72
C VAL A 108 26.71 -2.78 7.69
N GLY A 109 25.82 -2.96 6.72
CA GLY A 109 26.09 -3.89 5.64
C GLY A 109 25.54 -3.36 4.34
N LEU A 110 26.07 -3.91 3.25
CA LEU A 110 25.58 -3.64 1.90
C LEU A 110 25.63 -4.91 1.05
N TRP A 111 25.20 -6.03 1.63
CA TRP A 111 25.11 -7.31 0.95
C TRP A 111 23.73 -7.59 0.41
N LYS A 112 22.81 -6.63 0.50
CA LYS A 112 21.38 -6.85 0.38
C LYS A 112 20.74 -5.53 -0.04
N ASP A 113 19.73 -5.62 -0.92
CA ASP A 113 19.15 -4.42 -1.54
C ASP A 113 18.33 -3.56 -0.57
N SER A 114 17.78 -4.16 0.48
CA SER A 114 17.02 -3.37 1.46
C SER A 114 17.90 -2.36 2.19
N GLN A 115 19.21 -2.57 2.19
CA GLN A 115 20.12 -1.69 2.92
C GLN A 115 20.45 -0.41 2.16
N ILE A 116 20.04 -0.28 0.90
CA ILE A 116 20.38 0.90 0.12
C ILE A 116 19.53 2.10 0.54
N ALA A 117 18.21 1.92 0.63
CA ALA A 117 17.35 3.08 0.91
C ALA A 117 17.62 3.70 2.28
N PRO A 118 17.89 2.94 3.36
CA PRO A 118 18.33 3.61 4.61
C PRO A 118 19.60 4.42 4.43
N LEU A 119 20.57 3.88 3.69
CA LEU A 119 21.76 4.65 3.34
C LEU A 119 21.40 5.88 2.52
N LYS A 120 20.48 5.72 1.56
CA LYS A 120 20.12 6.82 0.67
C LYS A 120 19.50 8.00 1.42
N GLN A 121 18.76 7.75 2.49
CA GLN A 121 18.17 8.88 3.22
C GLN A 121 19.25 9.77 3.83
N VAL A 122 20.34 9.18 4.30
CA VAL A 122 21.42 9.92 4.94
C VAL A 122 22.26 10.65 3.89
N VAL A 123 22.71 9.92 2.87
CA VAL A 123 23.40 10.54 1.74
C VAL A 123 22.55 11.69 1.17
N GLU A 124 21.25 11.47 1.04
CA GLU A 124 20.39 12.52 0.47
C GLU A 124 20.29 13.72 1.41
N PHE A 125 20.35 13.52 2.73
CA PHE A 125 20.29 14.68 3.61
C PHE A 125 21.61 15.44 3.60
N ALA A 126 22.72 14.70 3.64
CA ALA A 126 24.04 15.31 3.49
C ALA A 126 24.10 16.17 2.24
N HIS A 127 23.68 15.60 1.10
CA HIS A 127 23.76 16.33 -0.16
C HIS A 127 22.85 17.54 -0.18
N SER A 128 21.78 17.54 0.62
CA SER A 128 20.97 18.74 0.78
C SER A 128 21.77 19.89 1.37
N GLN A 129 22.90 19.57 2.03
CA GLN A 129 23.75 20.57 2.65
C GLN A 129 24.97 20.94 1.79
N GLY A 130 25.10 20.34 0.60
CA GLY A 130 26.31 20.54 -0.17
C GLY A 130 27.46 19.71 0.34
N GLN A 131 27.16 18.62 1.05
CA GLN A 131 28.17 17.77 1.66
C GLN A 131 28.64 16.67 0.71
N LYS A 132 29.91 16.30 0.84
CA LYS A 132 30.47 15.17 0.11
C LYS A 132 30.58 14.02 1.10
N ILE A 133 30.03 12.86 0.73
CA ILE A 133 29.95 11.75 1.66
C ILE A 133 30.17 10.45 0.91
N GLY A 134 30.99 9.57 1.47
CA GLY A 134 31.29 8.29 0.83
C GLY A 134 31.19 7.19 1.84
N ILE A 135 31.69 5.99 1.54
CA ILE A 135 31.52 4.89 2.48
C ILE A 135 32.76 4.01 2.45
N GLN A 136 33.08 3.45 3.61
CA GLN A 136 34.18 2.52 3.74
C GLN A 136 33.62 1.10 3.69
N LEU A 137 33.84 0.40 2.58
CA LEU A 137 33.43 -0.99 2.50
C LEU A 137 34.46 -1.89 3.16
N ALA A 138 34.00 -2.97 3.77
CA ALA A 138 34.87 -3.73 4.66
C ALA A 138 34.47 -5.19 4.69
N HIS A 139 35.40 -6.00 5.22
CA HIS A 139 35.15 -7.39 5.55
C HIS A 139 36.05 -7.73 6.75
N ALA A 140 35.44 -7.92 7.94
CA ALA A 140 36.17 -8.01 9.20
C ALA A 140 37.09 -9.23 9.30
N GLY A 141 36.99 -10.18 8.39
CA GLY A 141 37.95 -11.27 8.33
C GLY A 141 37.94 -12.14 9.57
N ARG A 142 39.15 -12.48 10.06
CA ARG A 142 39.30 -13.37 11.20
C ARG A 142 39.00 -12.67 12.53
N LYS A 143 38.72 -11.37 12.49
CA LYS A 143 38.31 -10.57 13.63
C LYS A 143 36.81 -10.29 13.62
N ALA A 144 36.03 -11.09 12.87
CA ALA A 144 34.59 -10.91 12.75
C ALA A 144 33.87 -11.63 13.88
N SER A 145 32.58 -11.27 14.05
CA SER A 145 31.70 -11.87 15.05
C SER A 145 32.20 -11.55 16.44
N THR A 146 32.26 -10.26 16.76
CA THR A 146 32.63 -9.78 18.08
C THR A 146 31.58 -8.77 18.53
N VAL A 147 31.66 -8.38 19.79
CA VAL A 147 30.68 -7.46 20.35
C VAL A 147 31.28 -6.05 20.31
N PRO A 148 30.47 -5.00 20.45
CA PRO A 148 31.02 -3.63 20.36
C PRO A 148 32.11 -3.38 21.38
N PRO A 149 32.95 -2.36 21.14
CA PRO A 149 34.08 -2.12 22.05
C PRO A 149 33.68 -1.64 23.44
N TRP A 150 32.58 -0.90 23.59
CA TRP A 150 32.17 -0.57 24.95
C TRP A 150 31.71 -1.78 25.74
N LEU A 151 31.61 -2.95 25.11
CA LEU A 151 31.37 -4.19 25.83
C LEU A 151 32.59 -5.11 25.78
N GLY A 152 33.76 -4.56 25.44
CA GLY A 152 35.00 -5.30 25.50
C GLY A 152 35.49 -5.91 24.21
N GLY A 153 34.71 -5.84 23.13
CA GLY A 153 35.15 -6.42 21.87
C GLY A 153 35.42 -7.92 21.88
N VAL A 154 34.84 -8.65 22.84
CA VAL A 154 35.08 -10.09 22.95
C VAL A 154 34.28 -10.80 21.86
N THR A 155 34.52 -12.10 21.67
CA THR A 155 33.76 -12.88 20.70
C THR A 155 32.27 -12.72 20.94
N ALA A 156 31.50 -12.57 19.86
CA ALA A 156 30.05 -12.64 19.92
C ALA A 156 29.63 -14.07 19.62
N THR A 157 29.13 -14.79 20.63
CA THR A 157 28.65 -16.14 20.37
C THR A 157 27.35 -16.08 19.58
N ASN A 158 26.95 -17.24 19.08
CA ASN A 158 25.74 -17.32 18.27
C ASN A 158 24.52 -16.94 19.10
N ALA A 159 24.59 -17.12 20.44
CA ALA A 159 23.47 -16.79 21.31
C ALA A 159 23.16 -15.29 21.33
N VAL A 160 24.13 -14.44 21.02
CA VAL A 160 23.91 -13.00 21.09
C VAL A 160 24.07 -12.34 19.72
N GLY A 161 24.00 -13.13 18.65
CA GLY A 161 24.03 -12.58 17.29
C GLY A 161 25.26 -12.90 16.47
N GLY A 162 26.14 -13.76 16.96
CA GLY A 162 27.37 -14.06 16.27
C GLY A 162 27.21 -15.08 15.15
N TRP A 163 28.36 -15.52 14.63
CA TRP A 163 28.41 -16.51 13.57
C TRP A 163 29.73 -17.25 13.65
N THR A 164 30.05 -17.76 14.83
CA THR A 164 31.39 -18.25 15.12
C THR A 164 31.85 -19.37 14.20
N GLU A 165 30.96 -19.92 13.37
CA GLU A 165 31.33 -20.95 12.41
C GLU A 165 31.43 -20.42 10.98
N ASN A 166 31.13 -19.14 10.76
CA ASN A 166 31.21 -18.54 9.44
C ASN A 166 32.22 -17.38 9.39
N VAL A 167 33.28 -17.47 10.20
CA VAL A 167 34.34 -16.47 10.23
C VAL A 167 35.47 -16.97 9.35
N LYS A 168 35.86 -16.17 8.35
CA LYS A 168 36.79 -16.60 7.32
C LYS A 168 37.97 -15.63 7.23
N GLY A 169 39.16 -16.17 7.01
CA GLY A 169 40.33 -15.37 6.76
C GLY A 169 41.26 -16.03 5.76
N PRO A 170 42.39 -15.39 5.45
CA PRO A 170 43.39 -16.04 4.58
C PRO A 170 43.86 -17.37 5.14
N SER A 171 44.01 -17.48 6.46
CA SER A 171 44.51 -18.70 7.07
C SER A 171 43.75 -18.95 8.36
N ALA A 172 43.77 -20.21 8.78
CA ALA A 172 43.05 -20.66 9.97
C ALA A 172 43.90 -20.35 11.21
N ILE A 173 44.05 -19.05 11.47
CA ILE A 173 44.92 -18.57 12.55
C ILE A 173 44.12 -17.53 13.32
N PRO A 174 43.75 -17.80 14.57
CA PRO A 174 42.92 -16.85 15.31
C PRO A 174 43.69 -15.57 15.56
N PHE A 175 42.94 -14.47 15.68
CA PHE A 175 43.61 -13.18 15.87
C PHE A 175 44.42 -13.16 17.17
N ALA A 176 43.88 -13.72 18.25
CA ALA A 176 44.60 -13.89 19.50
C ALA A 176 44.27 -15.27 20.05
N GLU A 177 45.06 -15.71 21.03
CA GLU A 177 44.82 -17.01 21.66
C GLU A 177 43.48 -17.03 22.41
N GLY A 178 42.68 -18.07 22.15
CA GLY A 178 41.33 -18.15 22.66
C GLY A 178 40.26 -17.56 21.74
N GLU A 179 40.64 -16.81 20.71
CA GLU A 179 39.67 -16.21 19.79
C GLU A 179 39.19 -17.24 18.77
N ILE A 180 38.21 -16.85 17.95
CA ILE A 180 37.69 -17.74 16.92
C ILE A 180 38.80 -18.12 15.96
N VAL A 181 38.94 -19.42 15.70
CA VAL A 181 39.81 -19.91 14.64
C VAL A 181 39.09 -19.68 13.31
N PRO A 182 39.57 -18.76 12.46
CA PRO A 182 38.88 -18.47 11.21
C PRO A 182 38.99 -19.62 10.23
N LYS A 183 38.02 -19.70 9.33
CA LYS A 183 38.11 -20.68 8.26
C LYS A 183 39.08 -20.16 7.19
N ALA A 184 39.98 -21.03 6.77
CA ALA A 184 40.90 -20.69 5.69
C ALA A 184 40.15 -20.64 4.36
N MET A 185 40.11 -19.46 3.75
CA MET A 185 39.36 -19.27 2.51
C MET A 185 39.82 -20.22 1.41
N THR A 186 38.84 -20.80 0.71
CA THR A 186 39.05 -21.54 -0.52
C THR A 186 39.13 -20.57 -1.72
N LYS A 187 39.49 -21.10 -2.88
CA LYS A 187 39.44 -20.28 -4.08
C LYS A 187 38.04 -19.72 -4.30
N GLU A 188 37.01 -20.55 -4.06
CA GLU A 188 35.62 -20.09 -4.16
C GLU A 188 35.27 -19.06 -3.11
N ASP A 189 35.88 -19.16 -1.92
CA ASP A 189 35.64 -18.20 -0.85
C ASP A 189 36.06 -16.80 -1.27
N ILE A 190 37.25 -16.68 -1.87
CA ILE A 190 37.73 -15.39 -2.33
C ILE A 190 36.87 -14.89 -3.49
N GLU A 191 36.50 -15.77 -4.44
CA GLU A 191 35.66 -15.34 -5.55
C GLU A 191 34.31 -14.85 -5.06
N GLU A 192 33.76 -15.48 -4.02
CA GLU A 192 32.50 -15.00 -3.44
C GLU A 192 32.68 -13.62 -2.82
N VAL A 193 33.84 -13.37 -2.21
CA VAL A 193 34.10 -12.02 -1.69
C VAL A 193 34.18 -11.04 -2.83
N LYS A 194 34.91 -11.40 -3.89
CA LYS A 194 35.03 -10.55 -5.06
C LYS A 194 33.67 -10.28 -5.67
N THR A 195 32.85 -11.32 -5.83
CA THR A 195 31.48 -11.14 -6.29
C THR A 195 30.70 -10.24 -5.34
N ALA A 196 30.82 -10.54 -4.04
CA ALA A 196 30.10 -9.76 -3.03
C ALA A 196 30.60 -8.33 -2.99
N TRP A 197 31.91 -8.13 -3.21
CA TRP A 197 32.45 -6.78 -3.20
C TRP A 197 31.88 -5.95 -4.35
N VAL A 198 31.85 -6.52 -5.56
CA VAL A 198 31.31 -5.79 -6.71
C VAL A 198 29.87 -5.38 -6.46
N ALA A 199 29.05 -6.31 -5.94
CA ALA A 199 27.64 -6.00 -5.68
C ALA A 199 27.50 -4.87 -4.66
N ALA A 200 28.30 -4.92 -3.58
CA ALA A 200 28.23 -3.86 -2.55
C ALA A 200 28.63 -2.51 -3.11
N VAL A 201 29.58 -2.47 -4.04
CA VAL A 201 29.93 -1.22 -4.70
C VAL A 201 28.72 -0.68 -5.43
N GLU A 202 28.05 -1.53 -6.21
CA GLU A 202 26.86 -1.12 -6.95
C GLU A 202 25.77 -0.62 -6.01
N ARG A 203 25.61 -1.29 -4.86
CA ARG A 203 24.61 -0.84 -3.88
C ARG A 203 25.00 0.51 -3.32
N ALA A 204 26.29 0.69 -3.01
CA ALA A 204 26.78 2.00 -2.57
C ALA A 204 26.54 3.05 -3.64
N VAL A 205 26.92 2.77 -4.88
CA VAL A 205 26.66 3.70 -5.98
C VAL A 205 25.16 3.96 -6.12
N ALA A 206 24.33 2.92 -5.93
CA ALA A 206 22.89 3.13 -5.98
C ALA A 206 22.42 4.05 -4.87
N ALA A 207 23.04 3.93 -3.69
CA ALA A 207 22.67 4.83 -2.58
C ALA A 207 23.11 6.26 -2.83
N GLY A 208 24.05 6.47 -3.76
CA GLY A 208 24.41 7.81 -4.18
C GLY A 208 25.70 8.38 -3.61
N VAL A 209 26.59 7.52 -3.09
CA VAL A 209 27.80 8.00 -2.46
C VAL A 209 28.68 8.74 -3.45
N ASP A 210 29.48 9.67 -2.94
CA ASP A 210 30.41 10.41 -3.78
C ASP A 210 31.74 9.69 -3.98
N PHE A 211 32.09 8.74 -3.11
CA PHE A 211 33.33 7.98 -3.27
C PHE A 211 33.21 6.71 -2.45
N ILE A 212 34.18 5.81 -2.64
CA ILE A 212 34.27 4.55 -1.91
C ILE A 212 35.68 4.42 -1.37
N GLU A 213 35.81 3.99 -0.11
CA GLU A 213 37.10 3.60 0.44
C GLU A 213 37.14 2.11 0.70
N ILE A 214 38.27 1.49 0.37
CA ILE A 214 38.46 0.06 0.59
C ILE A 214 39.15 -0.11 1.93
N HIS A 215 38.53 -0.88 2.83
CA HIS A 215 39.14 -1.12 4.13
C HIS A 215 40.15 -2.22 3.98
N ASN A 216 41.43 -1.84 3.86
CA ASN A 216 42.55 -2.76 3.75
C ASN A 216 43.45 -2.73 4.99
N ALA A 217 42.93 -2.22 6.11
CA ALA A 217 43.68 -1.95 7.34
C ALA A 217 43.17 -2.79 8.51
N HIS A 218 43.86 -2.64 9.65
CA HIS A 218 43.30 -2.96 10.97
C HIS A 218 43.01 -4.44 11.16
N GLY A 219 43.75 -5.32 10.49
CA GLY A 219 43.63 -6.73 10.75
C GLY A 219 42.39 -7.39 10.21
N TYR A 220 41.52 -6.67 9.52
CA TYR A 220 40.37 -7.29 8.87
C TYR A 220 40.84 -8.04 7.63
N LEU A 221 39.94 -8.37 6.71
CA LEU A 221 40.26 -9.40 5.71
C LEU A 221 41.45 -9.03 4.84
N LEU A 222 41.39 -7.86 4.19
CA LEU A 222 42.46 -7.47 3.29
C LEU A 222 43.76 -7.21 4.05
N SER A 223 43.67 -6.56 5.22
CA SER A 223 44.86 -6.37 6.03
C SER A 223 45.53 -7.70 6.39
N SER A 224 44.75 -8.75 6.66
CA SER A 224 45.35 -10.01 7.05
C SER A 224 45.97 -10.75 5.87
N PHE A 225 45.62 -10.39 4.64
CA PHE A 225 46.31 -10.98 3.49
C PHE A 225 47.70 -10.38 3.32
N LEU A 226 47.86 -9.08 3.59
CA LEU A 226 49.18 -8.45 3.49
C LEU A 226 50.17 -9.10 4.44
N SER A 227 49.80 -9.23 5.71
CA SER A 227 50.77 -9.63 6.72
C SER A 227 50.99 -11.13 6.66
N PRO A 228 52.25 -11.60 6.64
CA PRO A 228 52.50 -13.04 6.72
C PRO A 228 52.19 -13.63 8.10
N SER A 229 51.94 -12.78 9.10
CA SER A 229 51.53 -13.31 10.38
C SER A 229 50.17 -13.99 10.27
N SER A 230 49.25 -13.36 9.54
CA SER A 230 47.91 -13.90 9.36
C SER A 230 47.73 -14.69 8.07
N ASN A 231 48.62 -14.50 7.08
CA ASN A 231 48.50 -15.10 5.74
C ASN A 231 49.65 -16.09 5.55
N GLN A 232 49.32 -17.37 5.54
CA GLN A 232 50.27 -18.43 5.21
C GLN A 232 49.78 -19.27 4.03
N ARG A 233 48.99 -18.65 3.15
CA ARG A 233 48.45 -19.35 1.98
C ARG A 233 49.57 -19.82 1.06
N THR A 234 49.26 -20.86 0.27
CA THR A 234 50.22 -21.44 -0.67
C THR A 234 49.77 -21.31 -2.13
N ASP A 235 48.77 -20.47 -2.44
CA ASP A 235 48.29 -20.23 -3.78
C ASP A 235 48.62 -18.79 -4.22
N ASP A 236 47.86 -18.28 -5.20
CA ASP A 236 48.15 -16.95 -5.74
C ASP A 236 47.95 -15.84 -4.73
N TYR A 237 47.52 -16.14 -3.52
CA TYR A 237 47.24 -15.09 -2.56
C TYR A 237 48.14 -15.18 -1.34
N GLY A 238 49.08 -16.14 -1.34
CA GLY A 238 50.03 -16.27 -0.25
C GLY A 238 51.39 -16.67 -0.77
N GLY A 239 52.37 -16.62 0.13
CA GLY A 239 53.76 -16.88 -0.20
C GLY A 239 54.49 -15.57 -0.43
N SER A 240 54.72 -15.24 -1.70
CA SER A 240 55.45 -14.04 -2.07
C SER A 240 54.71 -12.76 -1.67
N PHE A 241 55.46 -11.67 -1.66
CA PHE A 241 54.90 -10.35 -1.39
C PHE A 241 53.85 -9.96 -2.44
N GLU A 242 54.09 -10.31 -3.70
CA GLU A 242 53.15 -10.04 -4.79
C GLU A 242 51.83 -10.78 -4.57
N ASN A 243 51.90 -12.02 -4.09
CA ASN A 243 50.71 -12.82 -3.80
C ASN A 243 49.91 -12.23 -2.66
N ARG A 244 50.61 -11.70 -1.64
CA ARG A 244 49.92 -11.14 -0.48
C ARG A 244 49.25 -9.80 -0.79
N ILE A 245 49.76 -9.05 -1.75
CA ILE A 245 49.09 -7.82 -2.16
C ILE A 245 48.17 -8.04 -3.35
N ARG A 246 48.12 -9.27 -3.88
CA ARG A 246 47.34 -9.57 -5.07
C ARG A 246 45.86 -9.27 -4.86
N LEU A 247 45.28 -9.80 -3.79
CA LEU A 247 43.85 -9.60 -3.55
C LEU A 247 43.51 -8.13 -3.42
N SER A 248 44.36 -7.37 -2.72
CA SER A 248 44.13 -5.92 -2.57
C SER A 248 44.18 -5.22 -3.92
N LEU A 249 45.03 -5.70 -4.83
CA LEU A 249 45.14 -5.09 -6.16
C LEU A 249 43.90 -5.38 -6.99
N GLU A 250 43.44 -6.64 -6.98
CA GLU A 250 42.22 -7.01 -7.70
C GLU A 250 41.01 -6.23 -7.18
N ILE A 251 40.86 -6.17 -5.86
CA ILE A 251 39.70 -5.50 -5.27
C ILE A 251 39.65 -4.03 -5.66
N SER A 252 40.82 -3.39 -5.78
CA SER A 252 40.85 -1.96 -6.08
C SER A 252 40.44 -1.68 -7.53
N GLN A 253 40.92 -2.50 -8.46
CA GLN A 253 40.58 -2.39 -9.91
C GLN A 253 39.11 -2.73 -10.14
N LEU A 254 38.66 -3.84 -9.56
CA LEU A 254 37.23 -4.14 -9.65
C LEU A 254 36.39 -2.93 -9.21
N THR A 255 36.77 -2.30 -8.11
CA THR A 255 36.02 -1.12 -7.66
C THR A 255 36.14 0.01 -8.67
N ARG A 256 37.34 0.21 -9.21
CA ARG A 256 37.55 1.25 -10.23
C ARG A 256 36.68 0.96 -11.45
N ASP A 257 36.74 -0.22 -11.99
CA ASP A 257 35.93 -0.57 -13.18
C ASP A 257 34.44 -0.38 -12.85
N THR A 258 34.01 -0.64 -11.62
CA THR A 258 32.59 -0.56 -11.29
C THR A 258 32.14 0.86 -11.04
N VAL A 259 32.97 1.69 -10.42
CA VAL A 259 32.53 3.05 -10.14
C VAL A 259 32.73 3.98 -11.33
N GLY A 260 33.47 3.57 -12.34
CA GLY A 260 33.67 4.41 -13.51
C GLY A 260 34.84 5.37 -13.34
N PRO A 261 35.00 6.35 -14.25
CA PRO A 261 36.21 7.18 -14.22
C PRO A 261 36.12 8.42 -13.36
N ASN A 262 34.92 8.80 -12.90
CA ASN A 262 34.75 10.02 -12.15
C ASN A 262 34.73 9.81 -10.65
N MET A 263 34.72 8.59 -10.20
CA MET A 263 34.52 8.49 -8.76
C MET A 263 35.85 8.28 -8.08
N PRO A 264 36.11 9.05 -7.03
CA PRO A 264 37.29 8.81 -6.21
C PRO A 264 37.19 7.46 -5.52
N VAL A 265 38.31 6.74 -5.49
CA VAL A 265 38.40 5.51 -4.73
C VAL A 265 39.59 5.69 -3.80
N PHE A 266 39.33 5.55 -2.49
CA PHE A 266 40.37 5.62 -1.46
C PHE A 266 40.64 4.22 -0.98
N LEU A 267 41.80 4.03 -0.36
CA LEU A 267 42.14 2.76 0.26
C LEU A 267 42.90 3.03 1.56
N ARG A 268 42.40 2.50 2.67
CA ARG A 268 43.02 2.62 3.98
C ARG A 268 43.82 1.37 4.24
N VAL A 269 45.05 1.54 4.73
CA VAL A 269 45.96 0.45 4.99
C VAL A 269 46.56 0.70 6.38
N SER A 270 47.05 -0.37 7.00
CA SER A 270 47.83 -0.25 8.24
C SER A 270 49.30 -0.12 7.86
N ALA A 271 49.87 1.08 8.07
CA ALA A 271 51.24 1.34 7.62
C ALA A 271 52.27 0.49 8.35
N THR A 272 52.00 0.12 9.60
CA THR A 272 52.91 -0.75 10.36
C THR A 272 52.09 -1.64 11.28
N ASP A 273 52.64 -2.81 11.63
CA ASP A 273 51.98 -3.67 12.61
C ASP A 273 52.47 -3.45 14.04
N TRP A 274 53.44 -2.55 14.25
CA TRP A 274 53.95 -2.22 15.58
C TRP A 274 54.60 -3.40 16.31
N LEU A 275 55.32 -4.24 15.56
CA LEU A 275 56.03 -5.36 16.17
C LEU A 275 57.55 -5.15 16.23
N GLU A 276 58.04 -3.96 15.88
CA GLU A 276 59.48 -3.75 15.79
C GLU A 276 60.17 -4.03 17.11
N LYS A 277 59.60 -3.54 18.21
CA LYS A 277 60.20 -3.78 19.51
C LYS A 277 59.64 -5.02 20.18
N SER A 278 58.34 -5.26 20.05
CA SER A 278 57.65 -6.32 20.79
C SER A 278 57.87 -7.70 20.19
N MET A 279 58.04 -7.79 18.86
CA MET A 279 58.26 -9.08 18.18
C MET A 279 59.22 -8.85 17.02
N PRO A 280 60.47 -8.54 17.31
CA PRO A 280 61.37 -8.06 16.25
C PRO A 280 61.71 -9.10 15.21
N GLU A 281 61.66 -10.38 15.55
CA GLU A 281 61.99 -11.45 14.61
C GLU A 281 60.78 -11.91 13.82
N GLU A 282 59.63 -11.27 14.00
CA GLU A 282 58.41 -11.67 13.32
C GLU A 282 58.36 -11.05 11.94
N LYS A 283 58.32 -11.90 10.90
CA LYS A 283 58.00 -11.43 9.56
C LYS A 283 56.55 -10.96 9.58
N GLY A 284 56.35 -9.66 9.75
CA GLY A 284 55.02 -9.12 9.74
C GLY A 284 54.82 -8.10 8.64
N TRP A 285 54.37 -6.91 8.99
CA TRP A 285 54.01 -5.89 8.01
C TRP A 285 54.48 -4.53 8.53
N LYS A 286 55.50 -3.98 7.90
CA LYS A 286 56.12 -2.76 8.36
C LYS A 286 55.97 -1.67 7.30
N LEU A 287 56.46 -0.48 7.64
CA LEU A 287 56.33 0.66 6.75
C LEU A 287 57.05 0.45 5.43
N GLU A 288 58.15 -0.31 5.43
CA GLU A 288 58.84 -0.59 4.17
C GLU A 288 57.91 -1.35 3.22
N ASP A 289 57.08 -2.24 3.77
CA ASP A 289 56.09 -2.95 2.95
C ASP A 289 54.98 -2.01 2.50
N THR A 290 54.53 -1.13 3.38
CA THR A 290 53.48 -0.18 3.02
C THR A 290 53.93 0.74 1.90
N VAL A 291 55.23 1.05 1.83
CA VAL A 291 55.74 1.92 0.77
C VAL A 291 55.79 1.18 -0.56
N GLU A 292 56.27 -0.07 -0.55
CA GLU A 292 56.27 -0.87 -1.76
C GLU A 292 54.84 -1.13 -2.26
N PHE A 293 53.90 -1.33 -1.33
CA PHE A 293 52.49 -1.48 -1.65
C PHE A 293 51.90 -0.20 -2.20
N SER A 294 52.22 0.94 -1.58
CA SER A 294 51.73 2.21 -2.11
C SER A 294 52.32 2.51 -3.47
N ARG A 295 53.53 2.05 -3.74
CA ARG A 295 54.12 2.23 -5.06
C ARG A 295 53.41 1.37 -6.08
N ALA A 296 53.13 0.11 -5.72
CA ALA A 296 52.39 -0.79 -6.60
C ALA A 296 50.98 -0.26 -6.88
N LEU A 297 50.34 0.35 -5.88
CA LEU A 297 49.01 0.93 -6.11
C LEU A 297 49.11 2.19 -6.95
N ALA A 298 50.25 2.87 -6.86
CA ALA A 298 50.45 4.04 -7.70
C ALA A 298 50.68 3.62 -9.14
N ALA A 299 51.41 2.53 -9.34
CA ALA A 299 51.59 2.00 -10.68
C ALA A 299 50.25 1.60 -11.30
N GLN A 300 49.36 1.00 -10.49
CA GLN A 300 48.10 0.46 -11.01
C GLN A 300 47.17 1.54 -11.50
N GLY A 301 47.12 2.67 -10.79
CA GLY A 301 46.32 3.79 -11.20
C GLY A 301 44.85 3.69 -10.88
N ALA A 302 44.43 2.72 -10.08
CA ALA A 302 43.00 2.61 -9.78
C ALA A 302 42.58 3.50 -8.62
N ILE A 303 43.40 3.53 -7.57
CA ILE A 303 43.13 4.28 -6.33
C ILE A 303 43.63 5.71 -6.47
N ASP A 304 42.86 6.65 -5.94
CA ASP A 304 43.20 8.06 -5.97
C ASP A 304 43.87 8.56 -4.70
N LEU A 305 43.59 7.96 -3.53
CA LEU A 305 44.09 8.43 -2.25
C LEU A 305 44.38 7.22 -1.37
N ILE A 306 45.57 7.18 -0.76
CA ILE A 306 45.91 6.17 0.23
C ILE A 306 45.67 6.77 1.60
N ASP A 307 44.80 6.12 2.37
CA ASP A 307 44.45 6.53 3.72
C ASP A 307 45.40 5.76 4.64
N ILE A 308 46.32 6.48 5.26
CA ILE A 308 47.40 5.86 6.01
C ILE A 308 46.98 5.71 7.48
N SER A 309 46.95 4.47 7.96
CA SER A 309 46.74 4.22 9.38
C SER A 309 47.82 3.27 9.87
N THR A 310 47.67 2.75 11.08
CA THR A 310 48.61 1.80 11.64
C THR A 310 47.86 0.80 12.51
N GLY A 311 48.54 -0.31 12.82
CA GLY A 311 48.12 -1.23 13.87
C GLY A 311 46.84 -2.01 13.59
N GLY A 312 46.52 -2.92 14.53
CA GLY A 312 45.45 -3.90 14.39
C GLY A 312 45.84 -5.19 13.71
N VAL A 313 47.04 -5.24 13.12
CA VAL A 313 47.45 -6.34 12.25
C VAL A 313 47.91 -7.56 13.05
N HIS A 314 48.46 -7.35 14.24
CA HIS A 314 49.00 -8.45 15.02
C HIS A 314 48.68 -8.21 16.49
N ALA A 315 48.35 -9.30 17.19
CA ALA A 315 47.81 -9.16 18.54
C ALA A 315 48.80 -8.59 19.54
N ALA A 316 50.10 -8.86 19.40
CA ALA A 316 51.09 -8.37 20.35
C ALA A 316 51.59 -6.96 20.04
N GLN A 317 50.88 -6.20 19.20
CA GLN A 317 51.33 -4.86 18.87
C GLN A 317 51.50 -4.03 20.13
N LYS A 318 52.44 -3.11 20.09
CA LYS A 318 52.67 -2.16 21.18
C LYS A 318 52.73 -0.79 20.52
N VAL A 319 51.62 -0.06 20.62
CA VAL A 319 51.44 1.19 19.87
C VAL A 319 52.01 2.33 20.69
N THR A 320 53.05 2.98 20.17
CA THR A 320 53.61 4.18 20.79
C THR A 320 52.86 5.40 20.27
N SER A 321 51.76 5.74 20.97
CA SER A 321 50.85 6.80 20.55
C SER A 321 51.34 8.19 20.97
N GLY A 322 50.50 9.19 20.74
CA GLY A 322 50.81 10.58 21.02
C GLY A 322 50.21 11.46 19.93
N VAL A 323 50.42 12.77 20.02
CA VAL A 323 49.78 13.71 19.10
C VAL A 323 50.36 13.56 17.71
N GLY A 324 49.50 13.29 16.72
CA GLY A 324 49.96 13.06 15.35
C GLY A 324 50.88 11.87 15.18
N PHE A 325 50.60 10.77 15.90
CA PHE A 325 51.51 9.64 16.02
C PHE A 325 51.55 8.70 14.80
N GLN A 326 50.69 8.89 13.81
CA GLN A 326 50.76 8.10 12.58
C GLN A 326 51.17 8.97 11.41
N VAL A 327 51.46 10.25 11.69
CA VAL A 327 51.92 11.17 10.66
C VAL A 327 53.25 10.72 10.04
N PRO A 328 54.24 10.22 10.80
CA PRO A 328 55.50 9.79 10.14
C PRO A 328 55.34 8.81 9.00
N PHE A 329 54.42 7.86 9.12
CA PHE A 329 54.25 6.84 8.08
C PHE A 329 53.64 7.43 6.81
N ALA A 330 52.67 8.33 6.97
CA ALA A 330 52.11 9.03 5.83
C ALA A 330 53.17 9.91 5.16
N LYS A 331 54.09 10.47 5.94
CA LYS A 331 55.14 11.31 5.39
C LYS A 331 56.08 10.50 4.50
N ALA A 332 56.45 9.30 4.93
CA ALA A 332 57.30 8.46 4.10
C ALA A 332 56.57 7.95 2.86
N VAL A 333 55.26 7.67 2.99
CA VAL A 333 54.49 7.15 1.87
C VAL A 333 54.22 8.26 0.85
N LYS A 334 53.93 9.47 1.33
CA LYS A 334 53.81 10.61 0.42
C LYS A 334 55.08 10.83 -0.40
N GLU A 335 56.25 10.67 0.23
CA GLU A 335 57.53 10.83 -0.49
C GLU A 335 57.70 9.78 -1.58
N ALA A 336 57.24 8.56 -1.34
CA ALA A 336 57.43 7.49 -2.32
C ALA A 336 56.49 7.62 -3.51
N VAL A 337 55.35 8.31 -3.36
CA VAL A 337 54.28 8.35 -4.34
C VAL A 337 54.04 9.76 -4.85
N GLY A 338 54.87 10.72 -4.47
CA GLY A 338 54.66 12.14 -4.71
C GLY A 338 53.28 12.56 -5.15
N GLN A 339 53.13 13.07 -6.38
CA GLN A 339 51.85 13.54 -6.90
C GLN A 339 51.05 12.46 -7.65
N LYS A 340 51.58 11.25 -7.80
CA LYS A 340 50.83 10.20 -8.48
C LYS A 340 49.62 9.77 -7.66
N MET A 341 49.72 9.85 -6.33
CA MET A 341 48.65 9.45 -5.44
C MET A 341 48.46 10.50 -4.36
N LEU A 342 47.20 10.69 -3.95
CA LEU A 342 46.95 11.49 -2.76
C LEU A 342 47.18 10.66 -1.50
N VAL A 343 47.45 11.33 -0.38
CA VAL A 343 47.71 10.68 0.91
C VAL A 343 47.05 11.47 2.03
N SER A 344 46.40 10.77 2.94
CA SER A 344 45.83 11.37 4.14
C SER A 344 46.55 10.86 5.38
N ALA A 345 46.48 11.65 6.44
CA ALA A 345 47.02 11.30 7.75
C ALA A 345 45.91 11.33 8.80
N VAL A 346 46.00 10.45 9.80
CA VAL A 346 44.97 10.36 10.83
C VAL A 346 45.60 9.94 12.16
N GLY A 347 45.06 10.46 13.27
CA GLY A 347 45.50 9.99 14.56
C GLY A 347 45.91 11.02 15.61
N THR A 348 45.00 11.32 16.54
CA THR A 348 45.29 12.23 17.65
C THR A 348 45.71 13.60 17.12
N ILE A 349 44.95 14.09 16.14
CA ILE A 349 45.14 15.39 15.48
C ILE A 349 44.00 16.32 15.94
N ASN A 350 44.24 17.17 16.94
CA ASN A 350 43.12 17.78 17.65
C ASN A 350 42.99 19.28 17.46
N SER A 351 43.87 19.91 16.69
CA SER A 351 43.76 21.34 16.43
C SER A 351 43.91 21.64 14.96
N GLY A 352 43.32 22.74 14.54
CA GLY A 352 43.56 23.20 13.19
C GLY A 352 45.02 23.58 12.97
N ASN A 353 45.70 24.05 14.02
CA ASN A 353 47.09 24.46 13.87
C ASN A 353 47.98 23.27 13.54
N LEU A 354 47.84 22.20 14.31
CA LEU A 354 48.60 21.00 14.05
C LEU A 354 48.23 20.37 12.70
N ALA A 355 46.95 20.41 12.34
CA ALA A 355 46.53 19.89 11.05
C ALA A 355 47.26 20.60 9.91
N GLU A 356 47.19 21.94 9.89
CA GLU A 356 47.85 22.71 8.85
C GLU A 356 49.33 22.37 8.81
N LYS A 357 49.95 22.20 9.98
CA LYS A 357 51.37 21.86 10.01
C LYS A 357 51.64 20.56 9.30
N ILE A 358 50.80 19.54 9.51
CA ILE A 358 51.04 18.25 8.86
C ILE A 358 50.90 18.40 7.35
N LEU A 359 49.96 19.22 6.92
CA LEU A 359 49.72 19.40 5.48
C LEU A 359 50.93 20.00 4.78
N ASN A 360 51.58 20.99 5.39
CA ASN A 360 52.54 21.82 4.67
C ASN A 360 53.92 21.19 4.54
N GLU A 361 54.47 20.62 5.60
CA GLU A 361 55.81 20.08 5.43
C GLU A 361 55.87 18.57 5.47
N ASP A 362 54.75 17.90 5.74
CA ASP A 362 54.72 16.47 5.46
C ASP A 362 53.97 16.21 4.15
N ASP A 363 53.39 17.27 3.59
CA ASP A 363 52.86 17.28 2.23
C ASP A 363 51.74 16.28 2.04
N VAL A 364 51.01 15.96 3.10
CA VAL A 364 49.84 15.13 2.96
C VAL A 364 48.70 15.97 2.39
N ASP A 365 47.73 15.30 1.78
CA ASP A 365 46.68 15.97 1.04
C ASP A 365 45.40 16.14 1.82
N VAL A 366 45.10 15.23 2.75
CA VAL A 366 43.86 15.24 3.52
C VAL A 366 44.17 14.95 4.99
N ILE A 367 43.49 15.64 5.90
CA ILE A 367 43.61 15.34 7.33
C ILE A 367 42.30 14.73 7.82
N LEU A 368 42.36 13.48 8.29
CA LEU A 368 41.20 12.80 8.87
C LEU A 368 41.23 12.86 10.39
N VAL A 369 40.04 13.05 10.99
CA VAL A 369 39.87 13.08 12.44
C VAL A 369 38.76 12.11 12.84
N GLY A 370 38.99 11.33 13.89
CA GLY A 370 38.02 10.40 14.44
C GLY A 370 37.28 10.91 15.68
N ARG A 371 37.71 10.46 16.86
CA ARG A 371 37.04 10.80 18.13
C ARG A 371 36.58 12.25 18.21
N ALA A 372 37.48 13.16 17.85
CA ALA A 372 37.20 14.58 18.03
C ALA A 372 35.90 15.00 17.35
N PHE A 373 35.46 14.27 16.31
CA PHE A 373 34.17 14.50 15.68
C PHE A 373 33.00 13.88 16.46
N GLN A 374 33.25 12.84 17.25
CA GLN A 374 32.20 12.33 18.13
C GLN A 374 31.86 13.34 19.21
N ARG A 375 32.88 14.08 19.69
CA ARG A 375 32.66 15.12 20.69
C ARG A 375 32.05 16.35 20.06
N ASP A 376 32.68 16.88 19.01
CA ASP A 376 32.22 18.11 18.35
C ASP A 376 31.81 17.75 16.93
N SER A 377 30.51 17.63 16.70
CA SER A 377 30.03 17.45 15.34
C SER A 377 30.37 18.64 14.46
N GLY A 378 30.63 19.81 15.07
CA GLY A 378 31.10 21.03 14.42
C GLY A 378 32.60 21.25 14.50
N LEU A 379 33.40 20.21 14.28
CA LEU A 379 34.84 20.38 14.37
C LEU A 379 35.41 21.28 13.27
N ALA A 380 34.81 21.25 12.09
CA ALA A 380 35.26 22.14 11.02
C ALA A 380 35.19 23.58 11.46
N TRP A 381 34.21 23.91 12.29
CA TRP A 381 34.15 25.22 12.91
C TRP A 381 35.32 25.40 13.88
N ALA A 382 35.67 24.34 14.60
CA ALA A 382 36.73 24.45 15.62
C ALA A 382 38.07 24.72 14.97
N PHE A 383 38.40 23.93 13.94
CA PHE A 383 39.67 24.07 13.24
C PHE A 383 39.76 25.38 12.47
N ALA A 384 38.63 25.90 11.99
CA ALA A 384 38.61 27.19 11.33
C ALA A 384 38.96 28.31 12.30
N LYS A 385 38.46 28.25 13.54
CA LYS A 385 38.79 29.26 14.54
C LYS A 385 40.25 29.19 14.95
N ASP A 386 40.72 27.98 15.26
CA ASP A 386 42.13 27.80 15.62
C ASP A 386 43.06 28.39 14.55
N LEU A 387 42.63 28.41 13.29
CA LEU A 387 43.41 28.96 12.19
C LEU A 387 42.87 30.31 11.72
N ASP A 388 41.84 30.83 12.39
CA ASP A 388 41.25 32.14 12.08
C ASP A 388 40.73 32.22 10.65
N VAL A 389 40.18 31.11 10.16
CA VAL A 389 39.66 31.03 8.80
C VAL A 389 38.19 31.38 8.83
N GLU A 390 37.79 32.35 8.01
CA GLU A 390 36.37 32.70 7.84
C GLU A 390 35.70 31.67 6.93
N ILE A 391 34.69 30.96 7.44
CA ILE A 391 34.07 29.85 6.72
C ILE A 391 32.58 30.12 6.55
N ALA A 392 31.98 29.42 5.59
CA ALA A 392 30.53 29.44 5.43
C ALA A 392 29.88 28.49 6.43
N MET A 393 28.70 28.86 6.92
CA MET A 393 27.96 28.00 7.82
C MET A 393 26.47 28.11 7.52
N ALA A 394 25.75 27.03 7.84
CA ALA A 394 24.32 26.96 7.62
C ALA A 394 23.62 28.18 8.21
N GLY A 395 22.71 28.77 7.43
CA GLY A 395 22.00 29.95 7.87
C GLY A 395 21.20 29.73 9.15
N GLN A 396 20.84 28.47 9.43
CA GLN A 396 20.15 28.15 10.67
C GLN A 396 21.10 28.23 11.85
N ILE A 397 22.35 27.79 11.65
CA ILE A 397 23.37 27.85 12.69
C ILE A 397 24.00 29.24 12.80
N ARG A 398 24.21 29.91 11.66
CA ARG A 398 25.13 31.03 11.67
C ARG A 398 24.51 32.30 12.28
N TRP A 399 23.20 32.47 12.23
CA TRP A 399 22.63 33.80 12.45
C TRP A 399 22.67 34.28 13.91
N GLY A 400 22.93 33.40 14.87
CA GLY A 400 23.01 33.78 16.27
C GLY A 400 24.41 34.13 16.75
N PHE A 401 25.40 34.06 15.87
CA PHE A 401 26.76 34.40 16.20
C PHE A 401 27.23 35.64 15.47
N THR A 402 26.31 36.46 14.97
CA THR A 402 26.71 37.68 14.26
C THR A 402 25.56 38.70 14.34
N SER A 403 25.81 39.88 13.82
CA SER A 403 24.82 40.95 13.86
C SER A 403 23.81 40.77 12.73
N SER A 408 26.03 38.33 6.02
CA SER A 408 26.82 37.44 5.18
C SER A 408 26.49 35.96 5.40
N GLU A 409 26.95 35.13 4.47
CA GLU A 409 26.86 33.68 4.63
C GLU A 409 28.00 33.11 5.46
N TYR A 410 28.97 33.94 5.82
CA TYR A 410 30.18 33.48 6.48
C TYR A 410 30.22 33.96 7.92
N ILE A 411 30.96 33.20 8.72
CA ILE A 411 31.17 33.47 10.13
C ILE A 411 32.67 33.64 10.36
N GLN A 412 33.06 34.79 10.92
CA GLN A 412 34.41 35.02 11.40
C GLN A 412 34.54 34.37 12.77
N PRO A 413 35.24 33.24 12.89
CA PRO A 413 35.13 32.41 14.12
C PRO A 413 35.82 32.96 15.36
N ASN A 414 36.43 34.14 15.32
CA ASN A 414 37.24 34.59 16.45
C ASN A 414 36.80 35.97 16.90
N THR B 2 32.90 -21.76 23.69
CA THR B 2 34.24 -21.56 24.24
C THR B 2 34.37 -20.16 24.83
N TRP B 3 33.29 -19.38 24.71
CA TRP B 3 33.26 -17.97 25.04
C TRP B 3 31.96 -17.64 25.76
N PRO B 4 31.98 -16.71 26.71
CA PRO B 4 30.73 -16.26 27.34
C PRO B 4 29.86 -15.51 26.34
N ASP B 5 28.54 -15.55 26.59
CA ASP B 5 27.58 -14.86 25.74
C ASP B 5 27.32 -13.46 26.29
N VAL B 6 27.59 -12.45 25.49
CA VAL B 6 27.49 -11.05 25.88
C VAL B 6 26.54 -10.33 24.92
N PRO B 7 25.28 -10.14 25.32
CA PRO B 7 24.33 -9.42 24.46
C PRO B 7 24.44 -7.91 24.55
N ILE B 8 23.94 -7.28 23.49
CA ILE B 8 23.88 -5.83 23.35
C ILE B 8 22.45 -5.43 23.66
N ALA B 9 22.21 -4.92 24.87
CA ALA B 9 20.88 -4.53 25.26
C ALA B 9 20.34 -3.45 24.33
N ALA B 10 19.07 -3.57 23.96
CA ALA B 10 18.43 -2.67 23.03
C ALA B 10 17.46 -1.76 23.75
N ALA B 11 17.19 -0.60 23.15
CA ALA B 11 16.19 0.31 23.68
C ALA B 11 14.78 -0.29 23.51
N PRO B 12 13.90 -0.12 24.51
CA PRO B 12 12.61 -0.81 24.48
C PRO B 12 11.52 -0.08 23.70
N GLY B 13 10.58 -0.88 23.18
CA GLY B 13 9.33 -0.37 22.64
C GLY B 13 9.41 0.26 21.27
N ILE B 14 10.40 -0.07 20.44
CA ILE B 14 10.57 0.56 19.13
C ILE B 14 10.87 -0.49 18.08
N SER B 15 10.54 -0.15 16.83
CA SER B 15 10.62 -1.12 15.73
C SER B 15 12.02 -1.26 15.13
N TYR B 16 13.00 -0.44 15.51
CA TYR B 16 14.38 -0.58 15.04
C TYR B 16 15.32 -0.84 16.22
N PHE B 17 16.36 -1.63 15.96
CA PHE B 17 17.42 -1.84 16.95
C PHE B 17 18.30 -0.60 17.13
N THR B 18 18.54 -0.23 18.40
CA THR B 18 19.63 0.66 18.78
C THR B 18 20.04 0.37 20.22
N PRO B 19 21.35 0.41 20.53
CA PRO B 19 21.79 0.11 21.90
C PRO B 19 21.17 1.06 22.94
N ALA B 20 20.81 0.49 24.10
CA ALA B 20 20.29 1.24 25.22
C ALA B 20 21.44 1.80 26.07
N GLN B 21 21.23 3.00 26.61
CA GLN B 21 22.20 3.62 27.52
C GLN B 21 21.61 3.59 28.93
N SER B 22 22.17 2.75 29.80
CA SER B 22 21.74 2.72 31.21
C SER B 22 22.91 3.06 32.15
N PRO B 23 22.91 4.25 32.78
CA PRO B 23 21.90 5.32 32.71
C PRO B 23 22.06 6.20 31.48
N PRO B 24 21.02 6.98 31.18
CA PRO B 24 21.09 7.91 30.05
C PRO B 24 22.32 8.81 30.14
N ALA B 25 22.81 9.20 28.96
CA ALA B 25 23.92 10.15 28.90
C ALA B 25 23.57 11.40 29.68
N GLY B 26 24.58 11.99 30.32
CA GLY B 26 24.40 13.18 31.13
C GLY B 26 24.06 12.95 32.58
N THR B 27 24.13 11.70 33.05
CA THR B 27 23.83 11.32 34.43
C THR B 27 25.09 11.29 35.27
N ALA B 28 25.11 12.07 36.36
CA ALA B 28 26.26 12.03 37.27
C ALA B 28 26.35 10.68 37.96
N ARG B 29 27.54 10.06 37.92
CA ARG B 29 27.78 8.87 38.73
C ARG B 29 27.62 9.19 40.22
N ASN B 30 26.94 8.30 40.93
CA ASN B 30 26.73 8.44 42.38
C ASN B 30 27.07 7.08 42.99
N PRO B 31 28.22 6.97 43.70
CA PRO B 31 29.12 8.06 44.07
C PRO B 31 30.09 8.44 42.95
N GLN B 32 30.45 9.71 42.91
CA GLN B 32 31.50 10.16 42.01
C GLN B 32 32.77 9.41 42.37
N THR B 33 33.53 9.02 41.34
CA THR B 33 34.83 8.41 41.56
C THR B 33 35.80 9.36 42.24
N SER B 34 35.65 10.66 42.01
CA SER B 34 36.45 11.67 42.68
C SER B 34 36.15 11.80 44.17
N GLY B 35 35.04 11.22 44.65
CA GLY B 35 34.63 11.44 46.01
C GLY B 35 33.98 12.78 46.27
N LYS B 36 33.95 13.69 45.29
CA LYS B 36 33.39 15.02 45.45
C LYS B 36 31.85 14.99 45.37
N ALA B 37 31.25 16.04 45.90
CA ALA B 37 29.80 16.20 45.83
C ALA B 37 29.40 16.56 44.40
N ILE B 38 28.15 16.24 44.05
CA ILE B 38 27.62 16.50 42.72
C ILE B 38 27.06 17.92 42.71
N PRO B 39 27.50 18.76 41.79
CA PRO B 39 26.99 20.13 41.79
C PRO B 39 25.51 20.16 41.48
N LYS B 40 24.86 21.26 41.87
CA LYS B 40 23.43 21.41 41.70
C LYS B 40 23.01 21.18 40.25
N LEU B 41 23.90 21.50 39.30
CA LEU B 41 23.53 21.39 37.89
C LEU B 41 23.30 19.96 37.46
N PHE B 42 24.01 18.99 38.06
CA PHE B 42 23.90 17.60 37.62
C PHE B 42 23.21 16.69 38.63
N GLN B 43 22.41 17.26 39.49
CA GLN B 43 21.51 16.53 40.36
C GLN B 43 20.14 16.44 39.70
N PRO B 44 19.56 15.25 39.57
CA PRO B 44 18.27 15.16 38.88
C PRO B 44 17.24 16.07 39.52
N LEU B 45 16.20 16.33 38.74
CA LEU B 45 15.06 17.14 39.16
C LEU B 45 13.81 16.40 38.68
N THR B 46 12.81 16.28 39.55
CA THR B 46 11.57 15.59 39.23
C THR B 46 10.43 16.60 39.21
N ILE B 47 9.72 16.66 38.08
CA ILE B 47 8.49 17.43 37.96
C ILE B 47 7.37 16.46 37.65
N ARG B 48 6.38 16.42 38.53
CA ARG B 48 5.24 15.52 38.42
C ARG B 48 5.69 14.13 38.02
N GLY B 49 5.26 13.66 36.86
CA GLY B 49 5.58 12.28 36.53
C GLY B 49 6.96 12.00 35.99
N HIS B 50 7.82 13.00 35.84
CA HIS B 50 9.05 12.83 35.07
C HIS B 50 10.27 13.29 35.86
N THR B 51 11.40 12.65 35.55
CA THR B 51 12.70 12.99 36.11
C THR B 51 13.67 13.39 35.00
N PHE B 52 14.31 14.55 35.15
CA PHE B 52 15.40 14.96 34.27
C PHE B 52 16.74 14.67 34.98
N GLN B 53 17.67 14.01 34.27
CA GLN B 53 18.88 13.50 34.93
C GLN B 53 19.89 14.59 35.30
N ASN B 54 19.70 15.81 34.81
CA ASN B 54 20.45 16.98 35.23
C ASN B 54 19.58 18.18 34.86
N ARG B 55 20.06 19.39 35.20
CA ARG B 55 19.22 20.59 35.13
C ARG B 55 19.61 21.55 34.01
N LEU B 56 20.41 21.09 33.05
CA LEU B 56 20.74 21.85 31.85
C LEU B 56 19.79 21.47 30.72
N GLY B 57 19.00 22.44 30.27
CA GLY B 57 18.04 22.20 29.21
C GLY B 57 18.43 22.89 27.92
N VAL B 58 18.00 22.31 26.81
CA VAL B 58 18.16 22.96 25.51
C VAL B 58 17.01 23.92 25.33
N ALA B 59 17.32 25.22 25.25
CA ALA B 59 16.28 26.22 25.04
C ALA B 59 15.66 26.03 23.66
N PRO B 60 14.38 26.38 23.49
CA PRO B 60 13.74 26.16 22.19
C PRO B 60 14.39 27.00 21.11
N MET B 61 14.73 26.36 19.98
CA MET B 61 15.41 27.11 18.92
C MET B 61 14.85 26.76 17.55
N CYS B 62 14.09 27.70 16.98
CA CYS B 62 13.55 27.59 15.63
C CYS B 62 14.65 27.29 14.60
N GLN B 63 14.37 26.31 13.75
CA GLN B 63 15.27 25.90 12.69
C GLN B 63 14.82 26.38 11.31
N TYR B 64 13.61 26.89 11.20
CA TYR B 64 13.07 27.44 9.96
C TYR B 64 13.25 26.47 8.78
N SER B 65 13.29 25.18 9.07
CA SER B 65 13.52 24.14 8.07
C SER B 65 12.35 23.15 8.00
N ALA B 66 11.16 23.55 8.42
CA ALA B 66 10.00 22.67 8.37
C ALA B 66 9.27 22.81 7.04
N ASP B 67 8.68 21.70 6.61
CA ASP B 67 7.98 21.59 5.33
C ASP B 67 6.49 21.54 5.65
N ASP B 68 5.80 22.67 5.48
CA ASP B 68 4.38 22.80 5.83
C ASP B 68 4.15 22.37 7.28
N GLY B 69 5.05 22.82 8.17
CA GLY B 69 4.98 22.51 9.58
C GLY B 69 5.54 21.15 9.94
N HIS B 70 5.90 20.34 8.95
CA HIS B 70 6.32 18.97 9.16
C HIS B 70 7.82 18.92 9.36
N LEU B 71 8.24 18.11 10.32
CA LEU B 71 9.66 17.91 10.56
C LEU B 71 10.29 17.15 9.41
N THR B 72 11.60 17.39 9.21
CA THR B 72 12.33 16.76 8.13
C THR B 72 13.56 16.09 8.75
N PRO B 73 14.41 15.41 7.96
CA PRO B 73 15.66 14.89 8.52
C PRO B 73 16.61 15.97 9.04
N TRP B 74 16.38 17.25 8.75
CA TRP B 74 17.15 18.28 9.42
C TRP B 74 16.91 18.21 10.92
N HIS B 75 15.65 18.05 11.32
CA HIS B 75 15.31 18.00 12.73
C HIS B 75 15.75 16.70 13.38
N MET B 76 15.85 15.63 12.61
CA MET B 76 16.42 14.40 13.16
C MET B 76 17.92 14.56 13.39
N ALA B 77 18.60 15.28 12.50
CA ALA B 77 20.03 15.54 12.67
C ALA B 77 20.30 16.54 13.80
N HIS B 78 19.48 17.60 13.88
CA HIS B 78 19.60 18.65 14.89
C HIS B 78 19.27 18.09 16.28
N TYR B 79 18.00 17.80 16.53
CA TYR B 79 17.59 17.33 17.85
C TYR B 79 18.24 16.00 18.20
N GLY B 80 18.44 15.13 17.21
CA GLY B 80 18.98 13.83 17.51
C GLY B 80 20.45 13.85 17.88
N GLY B 81 21.23 14.76 17.32
CA GLY B 81 22.63 14.85 17.71
C GLY B 81 22.79 15.41 19.10
N ILE B 82 21.91 16.34 19.50
CA ILE B 82 21.87 16.77 20.88
C ILE B 82 21.44 15.61 21.79
N ALA B 83 20.38 14.90 21.41
CA ALA B 83 19.88 13.80 22.23
C ALA B 83 20.93 12.73 22.50
N GLN B 84 21.87 12.52 21.58
CA GLN B 84 22.89 11.50 21.79
C GLN B 84 23.91 11.89 22.85
N ARG B 85 23.85 13.14 23.35
CA ARG B 85 24.92 13.72 24.16
C ARG B 85 24.39 14.24 25.51
N GLY B 86 23.27 13.72 25.98
CA GLY B 86 22.90 13.79 27.38
C GLY B 86 22.60 15.16 27.97
N PRO B 87 21.84 16.01 27.29
CA PRO B 87 21.33 17.19 28.00
C PRO B 87 20.26 16.72 28.96
N GLY B 88 19.94 17.57 29.94
CA GLY B 88 18.95 17.17 30.91
C GLY B 88 17.56 17.17 30.31
N MET B 89 17.30 18.11 29.42
CA MET B 89 16.05 18.17 28.70
C MET B 89 16.30 18.89 27.38
N ILE B 90 15.37 18.72 26.45
CA ILE B 90 15.36 19.40 25.15
C ILE B 90 13.99 20.04 24.96
N ILE B 91 13.96 21.33 24.73
CA ILE B 91 12.72 22.01 24.38
C ILE B 91 12.73 22.20 22.86
N ILE B 92 11.88 21.45 22.17
CA ILE B 92 11.74 21.62 20.72
C ILE B 92 11.23 23.03 20.43
N GLU B 93 11.69 23.59 19.30
CA GLU B 93 11.40 24.95 18.85
C GLU B 93 9.94 25.33 18.84
N ALA B 94 9.64 26.62 18.74
CA ALA B 94 8.26 27.10 18.64
C ALA B 94 7.51 26.38 17.52
N THR B 95 6.37 25.77 17.89
CA THR B 95 5.58 24.94 17.00
C THR B 95 4.20 25.56 16.84
N GLY B 96 3.84 25.90 15.61
CA GLY B 96 2.61 26.67 15.38
C GLY B 96 1.35 25.85 15.66
N VAL B 97 0.41 26.45 16.40
CA VAL B 97 -0.85 25.77 16.69
C VAL B 97 -1.89 26.05 15.61
N VAL B 98 -1.75 27.14 14.86
CA VAL B 98 -2.52 27.36 13.63
C VAL B 98 -1.54 27.79 12.55
N PRO B 99 -1.90 27.59 11.27
CA PRO B 99 -0.98 28.02 10.19
C PRO B 99 -0.55 29.48 10.31
N GLU B 100 -1.47 30.40 10.49
CA GLU B 100 -1.16 31.82 10.66
C GLU B 100 -0.50 32.14 12.07
N GLY B 101 -0.20 31.12 12.86
CA GLY B 101 0.53 31.25 14.10
C GLY B 101 1.98 30.79 14.01
N ARG B 102 2.40 30.24 12.87
CA ARG B 102 3.82 30.11 12.59
C ARG B 102 4.46 31.48 12.51
N ILE B 103 5.77 31.54 12.73
CA ILE B 103 6.48 32.79 12.47
C ILE B 103 6.74 32.93 10.97
N THR B 104 7.36 31.92 10.39
CA THR B 104 7.87 31.89 9.03
C THR B 104 7.33 30.68 8.27
N PRO B 105 7.42 30.70 6.94
CA PRO B 105 7.06 29.50 6.16
C PRO B 105 7.82 28.25 6.55
N GLY B 106 8.89 28.36 7.33
CA GLY B 106 9.65 27.20 7.73
C GLY B 106 9.37 26.71 9.13
N CYS B 107 8.36 27.26 9.78
CA CYS B 107 8.10 26.92 11.18
C CYS B 107 7.42 25.57 11.32
N VAL B 108 7.75 24.89 12.41
CA VAL B 108 7.01 23.67 12.75
C VAL B 108 5.58 24.06 13.12
N GLY B 109 4.65 23.12 12.96
CA GLY B 109 3.27 23.36 13.34
C GLY B 109 2.64 22.09 13.85
N LEU B 110 1.53 22.25 14.57
CA LEU B 110 0.74 21.09 15.00
C LEU B 110 -0.75 21.39 14.90
N TRP B 111 -1.14 21.97 13.77
CA TRP B 111 -2.54 22.26 13.46
C TRP B 111 -3.19 21.14 12.68
N LYS B 112 -2.53 20.00 12.54
CA LYS B 112 -2.92 18.97 11.58
C LYS B 112 -2.38 17.63 12.07
N ASP B 113 -3.15 16.57 11.86
CA ASP B 113 -2.70 15.24 12.31
C ASP B 113 -1.56 14.69 11.49
N SER B 114 -1.38 15.13 10.23
CA SER B 114 -0.23 14.66 9.45
C SER B 114 1.10 15.11 10.07
N GLN B 115 1.05 16.15 10.90
CA GLN B 115 2.22 16.72 11.57
C GLN B 115 2.66 15.92 12.79
N ILE B 116 1.91 14.89 13.20
CA ILE B 116 2.25 14.16 14.44
C ILE B 116 3.41 13.20 14.22
N ALA B 117 3.32 12.38 13.17
CA ALA B 117 4.30 11.32 12.96
C ALA B 117 5.71 11.83 12.70
N PRO B 118 5.94 12.93 11.97
CA PRO B 118 7.32 13.45 11.90
C PRO B 118 7.89 13.82 13.25
N LEU B 119 7.10 14.54 14.06
CA LEU B 119 7.49 14.85 15.44
C LEU B 119 7.67 13.58 16.26
N LYS B 120 6.78 12.60 16.07
CA LYS B 120 6.87 11.36 16.82
C LYS B 120 8.17 10.59 16.53
N GLN B 121 8.69 10.67 15.30
CA GLN B 121 9.94 9.95 15.00
C GLN B 121 11.11 10.52 15.81
N VAL B 122 11.12 11.84 15.99
CA VAL B 122 12.20 12.53 16.69
C VAL B 122 12.10 12.29 18.21
N VAL B 123 10.91 12.47 18.76
CA VAL B 123 10.66 12.11 20.17
C VAL B 123 11.08 10.67 20.44
N GLU B 124 10.77 9.76 19.52
CA GLU B 124 11.01 8.34 19.76
C GLU B 124 12.50 8.01 19.82
N PHE B 125 13.31 8.66 18.98
CA PHE B 125 14.74 8.40 19.02
C PHE B 125 15.36 9.00 20.27
N ALA B 126 14.93 10.22 20.63
CA ALA B 126 15.33 10.82 21.89
C ALA B 126 15.07 9.86 23.06
N HIS B 127 13.87 9.34 23.16
CA HIS B 127 13.57 8.39 24.23
C HIS B 127 14.34 7.10 24.08
N SER B 128 14.75 6.75 22.85
CA SER B 128 15.64 5.62 22.70
C SER B 128 16.96 5.86 23.41
N GLN B 129 17.24 7.13 23.70
CA GLN B 129 18.45 7.56 24.39
C GLN B 129 18.18 7.86 25.87
N GLY B 130 16.94 7.72 26.33
CA GLY B 130 16.59 8.09 27.68
C GLY B 130 16.49 9.58 27.89
N GLN B 131 16.39 10.34 26.81
CA GLN B 131 16.36 11.78 26.94
C GLN B 131 14.92 12.26 27.07
N LYS B 132 14.76 13.41 27.75
CA LYS B 132 13.46 14.02 27.94
C LYS B 132 13.30 15.12 26.91
N ILE B 133 12.15 15.13 26.24
CA ILE B 133 11.94 16.05 25.13
C ILE B 133 10.51 16.54 25.21
N GLY B 134 10.34 17.85 25.05
CA GLY B 134 9.01 18.43 25.10
C GLY B 134 8.89 19.42 23.98
N ILE B 135 7.84 20.23 23.95
CA ILE B 135 7.63 21.08 22.79
C ILE B 135 7.06 22.40 23.27
N GLN B 136 7.46 23.46 22.59
CA GLN B 136 6.96 24.79 22.85
C GLN B 136 5.90 25.10 21.81
N LEU B 137 4.65 25.15 22.24
CA LEU B 137 3.58 25.52 21.33
C LEU B 137 3.55 27.04 21.23
N ALA B 138 3.14 27.52 20.07
CA ALA B 138 3.36 28.93 19.79
C ALA B 138 2.26 29.46 18.89
N HIS B 139 2.13 30.78 18.91
CA HIS B 139 1.29 31.49 17.94
C HIS B 139 1.95 32.85 17.77
N ALA B 140 2.58 33.07 16.62
CA ALA B 140 3.42 34.25 16.40
C ALA B 140 2.64 35.55 16.38
N GLY B 141 1.32 35.49 16.28
CA GLY B 141 0.54 36.70 16.44
C GLY B 141 0.85 37.69 15.34
N ARG B 142 1.06 38.95 15.72
CA ARG B 142 1.35 40.04 14.79
C ARG B 142 2.79 39.99 14.28
N LYS B 143 3.61 39.06 14.76
CA LYS B 143 4.96 38.87 14.26
C LYS B 143 5.07 37.64 13.37
N ALA B 144 3.93 37.18 12.84
CA ALA B 144 3.86 36.04 11.93
C ALA B 144 4.05 36.52 10.49
N SER B 145 4.38 35.57 9.61
CA SER B 145 4.57 35.84 8.19
C SER B 145 5.81 36.67 7.94
N THR B 146 6.97 36.15 8.33
CA THR B 146 8.25 36.78 8.05
C THR B 146 9.18 35.72 7.50
N VAL B 147 10.34 36.14 6.99
CA VAL B 147 11.28 35.17 6.43
C VAL B 147 12.25 34.81 7.55
N PRO B 148 13.01 33.73 7.43
CA PRO B 148 13.95 33.37 8.51
C PRO B 148 14.92 34.51 8.81
N PRO B 149 15.56 34.49 9.98
CA PRO B 149 16.42 35.62 10.38
C PRO B 149 17.69 35.75 9.56
N TRP B 150 18.28 34.65 9.08
CA TRP B 150 19.45 34.82 8.21
C TRP B 150 19.10 35.51 6.89
N LEU B 151 17.81 35.74 6.62
CA LEU B 151 17.36 36.55 5.50
C LEU B 151 16.80 37.87 5.99
N GLY B 152 17.16 38.27 7.21
CA GLY B 152 16.81 39.57 7.70
C GLY B 152 15.54 39.64 8.51
N GLY B 153 14.77 38.55 8.58
CA GLY B 153 13.51 38.58 9.27
C GLY B 153 12.49 39.52 8.67
N VAL B 154 12.62 39.88 7.40
CA VAL B 154 11.68 40.82 6.81
C VAL B 154 10.37 40.07 6.53
N THR B 155 9.30 40.83 6.23
CA THR B 155 7.98 40.24 5.97
C THR B 155 8.07 39.17 4.89
N ALA B 156 7.37 38.07 5.10
CA ALA B 156 7.22 37.04 4.06
C ALA B 156 5.94 37.36 3.30
N THR B 157 6.09 37.77 2.04
CA THR B 157 4.94 38.05 1.21
C THR B 157 4.24 36.75 0.80
N ASN B 158 3.04 36.90 0.26
CA ASN B 158 2.26 35.75 -0.15
C ASN B 158 2.95 35.01 -1.30
N ALA B 159 3.66 35.74 -2.16
CA ALA B 159 4.35 35.12 -3.28
C ALA B 159 5.44 34.18 -2.81
N VAL B 160 5.98 34.43 -1.63
CA VAL B 160 7.10 33.63 -1.12
C VAL B 160 6.65 32.78 0.07
N GLY B 161 5.33 32.63 0.23
CA GLY B 161 4.76 31.73 1.22
C GLY B 161 4.09 32.42 2.39
N GLY B 162 3.98 33.74 2.38
CA GLY B 162 3.45 34.43 3.52
C GLY B 162 1.94 34.35 3.60
N TRP B 163 1.40 35.15 4.51
CA TRP B 163 -0.04 35.22 4.74
C TRP B 163 -0.37 36.59 5.30
N THR B 164 0.10 37.63 4.60
CA THR B 164 0.07 38.99 5.09
C THR B 164 -1.34 39.49 5.35
N GLU B 165 -2.36 38.75 4.91
CA GLU B 165 -3.75 39.10 5.13
C GLU B 165 -4.41 38.26 6.22
N ASN B 166 -3.70 37.29 6.81
CA ASN B 166 -4.23 36.44 7.86
C ASN B 166 -3.41 36.57 9.15
N VAL B 167 -2.88 37.75 9.42
CA VAL B 167 -2.05 38.02 10.60
C VAL B 167 -2.93 38.66 11.67
N LYS B 168 -2.95 38.04 12.87
CA LYS B 168 -3.88 38.40 13.94
C LYS B 168 -3.15 38.74 15.23
N GLY B 169 -3.62 39.78 15.91
CA GLY B 169 -3.12 40.12 17.23
C GLY B 169 -4.20 40.67 18.13
N PRO B 170 -3.84 40.98 19.38
CA PRO B 170 -4.82 41.60 20.28
C PRO B 170 -5.36 42.91 19.75
N SER B 171 -4.53 43.71 19.06
CA SER B 171 -4.97 45.00 18.56
C SER B 171 -4.30 45.30 17.22
N ALA B 172 -4.89 46.26 16.49
CA ALA B 172 -4.45 46.63 15.14
C ALA B 172 -3.25 47.58 15.21
N ILE B 173 -2.12 47.02 15.63
CA ILE B 173 -0.89 47.77 15.86
C ILE B 173 0.27 47.00 15.22
N PRO B 174 0.93 47.55 14.20
CA PRO B 174 2.08 46.84 13.63
C PRO B 174 3.21 46.79 14.64
N PHE B 175 4.02 45.72 14.55
CA PHE B 175 5.13 45.62 15.49
C PHE B 175 6.09 46.80 15.34
N ALA B 176 6.38 47.19 14.10
CA ALA B 176 7.13 48.39 13.80
C ALA B 176 6.42 49.06 12.65
N GLU B 177 6.79 50.32 12.37
CA GLU B 177 6.23 50.98 11.20
C GLU B 177 6.72 50.28 9.94
N GLY B 178 5.81 50.05 9.01
CA GLY B 178 6.09 49.29 7.80
C GLY B 178 5.85 47.80 7.89
N GLU B 179 5.71 47.24 9.09
CA GLU B 179 5.41 45.83 9.26
C GLU B 179 3.92 45.60 9.01
N ILE B 180 3.51 44.32 9.01
CA ILE B 180 2.11 43.99 8.81
C ILE B 180 1.27 44.58 9.93
N VAL B 181 0.17 45.24 9.54
CA VAL B 181 -0.87 45.62 10.48
C VAL B 181 -1.73 44.39 10.77
N PRO B 182 -1.65 43.80 11.96
CA PRO B 182 -2.46 42.62 12.22
C PRO B 182 -3.92 42.99 12.37
N LYS B 183 -4.80 42.03 12.10
CA LYS B 183 -6.20 42.23 12.42
C LYS B 183 -6.38 42.07 13.93
N ALA B 184 -7.14 42.97 14.51
CA ALA B 184 -7.49 42.83 15.93
C ALA B 184 -8.40 41.62 16.06
N MET B 185 -7.91 40.62 16.79
CA MET B 185 -8.64 39.37 16.92
C MET B 185 -10.04 39.63 17.48
N THR B 186 -11.04 38.97 16.90
CA THR B 186 -12.38 38.99 17.46
C THR B 186 -12.45 38.05 18.64
N LYS B 187 -13.56 38.13 19.37
CA LYS B 187 -13.81 37.15 20.42
C LYS B 187 -13.84 35.73 19.84
N GLU B 188 -14.43 35.58 18.66
CA GLU B 188 -14.44 34.28 17.98
C GLU B 188 -13.03 33.85 17.61
N ASP B 189 -12.18 34.79 17.23
CA ASP B 189 -10.79 34.47 16.96
C ASP B 189 -10.10 33.96 18.22
N ILE B 190 -10.37 34.60 19.36
CA ILE B 190 -9.75 34.14 20.59
C ILE B 190 -10.25 32.75 20.96
N GLU B 191 -11.56 32.50 20.79
CA GLU B 191 -12.11 31.17 21.03
C GLU B 191 -11.55 30.13 20.04
N GLU B 192 -11.34 30.53 18.79
CA GLU B 192 -10.73 29.66 17.81
C GLU B 192 -9.28 29.32 18.16
N VAL B 193 -8.54 30.28 18.71
CA VAL B 193 -7.15 30.02 19.11
C VAL B 193 -7.10 29.06 20.29
N LYS B 194 -7.98 29.26 21.26
CA LYS B 194 -8.03 28.33 22.39
C LYS B 194 -8.36 26.92 21.91
N THR B 195 -9.37 26.81 21.03
CA THR B 195 -9.75 25.53 20.44
C THR B 195 -8.58 24.85 19.75
N ALA B 196 -7.86 25.61 18.91
CA ALA B 196 -6.70 25.06 18.23
C ALA B 196 -5.60 24.68 19.22
N TRP B 197 -5.49 25.44 20.33
CA TRP B 197 -4.49 25.13 21.35
C TRP B 197 -4.73 23.76 21.97
N VAL B 198 -5.98 23.42 22.29
CA VAL B 198 -6.27 22.08 22.81
C VAL B 198 -5.85 21.01 21.81
N ALA B 199 -6.18 21.21 20.52
CA ALA B 199 -5.85 20.24 19.48
C ALA B 199 -4.34 20.06 19.36
N ALA B 200 -3.57 21.16 19.41
CA ALA B 200 -2.12 21.07 19.34
C ALA B 200 -1.55 20.35 20.55
N VAL B 201 -2.08 20.64 21.75
CA VAL B 201 -1.64 19.93 22.95
C VAL B 201 -1.94 18.45 22.80
N GLU B 202 -3.17 18.13 22.38
CA GLU B 202 -3.55 16.74 22.16
C GLU B 202 -2.65 16.07 21.13
N ARG B 203 -2.28 16.80 20.06
CA ARG B 203 -1.38 16.24 19.05
C ARG B 203 0.00 15.97 19.61
N ALA B 204 0.53 16.89 20.41
CA ALA B 204 1.82 16.65 21.06
C ALA B 204 1.79 15.43 21.96
N VAL B 205 0.72 15.26 22.76
CA VAL B 205 0.60 14.11 23.65
C VAL B 205 0.67 12.78 22.89
N ALA B 206 0.02 12.69 21.72
CA ALA B 206 0.11 11.47 20.94
C ALA B 206 1.51 11.21 20.42
N ALA B 207 2.25 12.28 20.10
CA ALA B 207 3.63 12.15 19.62
C ALA B 207 4.60 11.70 20.70
N GLY B 208 4.23 11.83 21.97
CA GLY B 208 5.02 11.28 23.05
C GLY B 208 5.88 12.25 23.82
N VAL B 209 5.63 13.55 23.71
CA VAL B 209 6.48 14.52 24.39
C VAL B 209 6.35 14.34 25.90
N ASP B 210 7.42 14.68 26.59
CA ASP B 210 7.47 14.58 28.04
C ASP B 210 6.93 15.81 28.74
N PHE B 211 6.81 16.93 28.05
CA PHE B 211 6.27 18.14 28.63
C PHE B 211 5.86 19.09 27.52
N ILE B 212 5.16 20.13 27.89
CA ILE B 212 4.70 21.15 26.97
C ILE B 212 5.18 22.48 27.54
N GLU B 213 5.72 23.35 26.70
CA GLU B 213 5.99 24.72 27.10
C GLU B 213 5.08 25.66 26.31
N ILE B 214 4.55 26.67 26.98
CA ILE B 214 3.70 27.66 26.37
C ILE B 214 4.55 28.88 26.01
N HIS B 215 4.51 29.28 24.74
CA HIS B 215 5.24 30.46 24.29
C HIS B 215 4.42 31.69 24.61
N ASN B 216 4.73 32.32 25.74
CA ASN B 216 4.11 33.56 26.19
C ASN B 216 5.10 34.73 26.14
N ALA B 217 6.20 34.58 25.41
CA ALA B 217 7.28 35.55 25.40
C ALA B 217 7.51 36.15 24.01
N HIS B 218 8.42 37.14 23.98
CA HIS B 218 9.08 37.65 22.79
C HIS B 218 8.15 38.40 21.84
N GLY B 219 7.08 38.98 22.37
CA GLY B 219 6.20 39.80 21.55
C GLY B 219 5.27 39.05 20.65
N TYR B 220 5.28 37.71 20.70
CA TYR B 220 4.33 36.91 19.94
C TYR B 220 2.96 37.01 20.59
N LEU B 221 2.04 36.09 20.25
CA LEU B 221 0.62 36.36 20.52
C LEU B 221 0.35 36.58 22.01
N LEU B 222 0.72 35.61 22.84
CA LEU B 222 0.41 35.72 24.26
C LEU B 222 1.20 36.86 24.90
N SER B 223 2.48 36.97 24.58
CA SER B 223 3.28 38.09 25.08
C SER B 223 2.67 39.44 24.72
N SER B 224 2.09 39.56 23.52
CA SER B 224 1.55 40.84 23.10
C SER B 224 0.21 41.16 23.76
N PHE B 225 -0.47 40.14 24.30
CA PHE B 225 -1.66 40.41 25.09
C PHE B 225 -1.27 41.03 26.43
N LEU B 226 -0.14 40.60 26.99
CA LEU B 226 0.35 41.16 28.26
C LEU B 226 0.63 42.66 28.16
N SER B 227 1.34 43.08 27.12
CA SER B 227 1.84 44.45 27.07
C SER B 227 0.75 45.42 26.62
N PRO B 228 0.53 46.53 27.33
CA PRO B 228 -0.39 47.57 26.81
C PRO B 228 0.17 48.31 25.61
N SER B 229 1.44 48.10 25.26
CA SER B 229 1.99 48.67 24.03
C SER B 229 1.35 48.02 22.81
N SER B 230 1.14 46.71 22.86
CA SER B 230 0.52 45.98 21.77
C SER B 230 -0.97 45.71 21.98
N ASN B 231 -1.46 45.77 23.22
CA ASN B 231 -2.84 45.43 23.57
C ASN B 231 -3.57 46.69 23.97
N GLN B 232 -4.48 47.14 23.12
CA GLN B 232 -5.36 48.27 23.42
C GLN B 232 -6.82 47.85 23.35
N ARG B 233 -7.10 46.58 23.63
CA ARG B 233 -8.47 46.07 23.63
C ARG B 233 -9.28 46.73 24.74
N THR B 234 -10.60 46.78 24.54
CA THR B 234 -11.53 47.32 25.52
C THR B 234 -12.50 46.27 26.05
N ASP B 235 -12.19 44.98 25.85
CA ASP B 235 -13.02 43.86 26.29
C ASP B 235 -12.39 43.16 27.50
N ASP B 236 -12.82 41.93 27.75
CA ASP B 236 -12.35 41.17 28.90
C ASP B 236 -10.89 40.76 28.79
N TYR B 237 -10.20 41.10 27.71
CA TYR B 237 -8.82 40.70 27.45
C TYR B 237 -7.88 41.88 27.33
N GLY B 238 -8.34 43.10 27.59
CA GLY B 238 -7.48 44.25 27.57
C GLY B 238 -7.85 45.25 28.64
N GLY B 239 -6.95 46.23 28.82
CA GLY B 239 -7.09 47.22 29.86
C GLY B 239 -6.32 46.87 31.12
N SER B 240 -7.05 46.37 32.12
CA SER B 240 -6.51 46.07 33.43
C SER B 240 -5.46 44.95 33.37
N PHE B 241 -4.63 44.89 34.42
CA PHE B 241 -3.63 43.83 34.49
C PHE B 241 -4.28 42.44 34.53
N GLU B 242 -5.40 42.32 35.26
CA GLU B 242 -6.11 41.06 35.32
C GLU B 242 -6.56 40.61 33.93
N ASN B 243 -7.08 41.54 33.14
CA ASN B 243 -7.58 41.23 31.81
C ASN B 243 -6.47 40.83 30.84
N ARG B 244 -5.33 41.52 30.88
CA ARG B 244 -4.24 41.23 29.94
C ARG B 244 -3.53 39.91 30.23
N ILE B 245 -3.61 39.38 31.46
CA ILE B 245 -3.06 38.06 31.72
C ILE B 245 -4.11 36.97 31.60
N ARG B 246 -5.37 37.34 31.31
CA ARG B 246 -6.47 36.38 31.30
C ARG B 246 -6.24 35.28 30.27
N LEU B 247 -5.99 35.66 29.00
CA LEU B 247 -5.80 34.65 27.96
C LEU B 247 -4.61 33.76 28.27
N SER B 248 -3.54 34.36 28.81
CA SER B 248 -2.39 33.57 29.25
C SER B 248 -2.81 32.64 30.37
N LEU B 249 -3.74 33.09 31.24
CA LEU B 249 -4.22 32.27 32.35
C LEU B 249 -5.12 31.14 31.85
N GLU B 250 -5.98 31.43 30.89
CA GLU B 250 -6.86 30.40 30.31
C GLU B 250 -6.02 29.31 29.62
N ILE B 251 -5.09 29.73 28.76
CA ILE B 251 -4.29 28.75 28.04
C ILE B 251 -3.53 27.86 29.02
N SER B 252 -3.17 28.40 30.17
CA SER B 252 -2.44 27.62 31.16
C SER B 252 -3.33 26.54 31.77
N GLN B 253 -4.55 26.92 32.16
CA GLN B 253 -5.50 25.96 32.69
C GLN B 253 -5.87 24.92 31.63
N LEU B 254 -6.30 25.39 30.45
CA LEU B 254 -6.59 24.46 29.35
C LEU B 254 -5.47 23.46 29.09
N THR B 255 -4.22 23.95 29.06
CA THR B 255 -3.08 23.07 28.79
C THR B 255 -2.90 22.03 29.89
N ARG B 256 -3.06 22.45 31.15
CA ARG B 256 -3.02 21.52 32.27
C ARG B 256 -4.15 20.51 32.19
N ASP B 257 -5.36 21.01 31.94
CA ASP B 257 -6.53 20.16 31.97
C ASP B 257 -6.45 19.07 30.90
N THR B 258 -5.74 19.34 29.80
CA THR B 258 -5.65 18.34 28.73
C THR B 258 -4.57 17.29 28.98
N VAL B 259 -3.43 17.67 29.57
CA VAL B 259 -2.36 16.71 29.79
C VAL B 259 -2.49 15.92 31.10
N GLY B 260 -3.40 16.31 31.99
CA GLY B 260 -3.56 15.58 33.22
C GLY B 260 -2.67 16.06 34.36
N PRO B 261 -2.59 15.26 35.43
CA PRO B 261 -1.86 15.69 36.63
C PRO B 261 -0.37 15.34 36.63
N ASN B 262 0.09 14.50 35.69
CA ASN B 262 1.48 14.07 35.65
C ASN B 262 2.32 14.79 34.61
N MET B 263 1.70 15.62 33.76
CA MET B 263 2.69 16.07 32.77
C MET B 263 3.16 17.47 33.10
N PRO B 264 4.48 17.67 33.01
CA PRO B 264 5.04 19.02 33.20
C PRO B 264 4.55 20.00 32.14
N VAL B 265 4.19 21.20 32.58
CA VAL B 265 3.77 22.29 31.70
C VAL B 265 4.62 23.51 32.06
N PHE B 266 5.31 24.08 31.06
CA PHE B 266 6.12 25.28 31.24
C PHE B 266 5.43 26.49 30.62
N LEU B 267 5.85 27.66 31.03
CA LEU B 267 5.44 28.89 30.34
C LEU B 267 6.64 29.83 30.33
N ARG B 268 7.04 30.26 29.13
CA ARG B 268 8.13 31.23 28.94
C ARG B 268 7.54 32.63 28.77
N VAL B 269 8.09 33.59 29.51
CA VAL B 269 7.60 34.96 29.48
C VAL B 269 8.78 35.90 29.31
N SER B 270 8.54 37.05 28.70
CA SER B 270 9.55 38.10 28.58
C SER B 270 9.43 39.02 29.80
N ALA B 271 10.44 38.99 30.66
CA ALA B 271 10.37 39.72 31.93
C ALA B 271 10.29 41.23 31.72
N THR B 272 10.93 41.76 30.68
CA THR B 272 10.86 43.20 30.42
C THR B 272 10.86 43.43 28.92
N ASP B 273 10.29 44.56 28.52
CA ASP B 273 10.30 44.99 27.13
C ASP B 273 11.53 45.83 26.81
N TRP B 274 12.38 46.09 27.81
CA TRP B 274 13.64 46.80 27.64
C TRP B 274 13.45 48.22 27.13
N LEU B 275 12.40 48.89 27.59
CA LEU B 275 12.15 50.30 27.25
C LEU B 275 12.46 51.23 28.41
N GLU B 276 13.10 50.73 29.47
CA GLU B 276 13.30 51.54 30.67
C GLU B 276 14.01 52.85 30.36
N LYS B 277 15.10 52.77 29.58
CA LYS B 277 15.85 53.95 29.18
C LYS B 277 15.36 54.50 27.85
N SER B 278 15.03 53.62 26.89
CA SER B 278 14.74 54.09 25.55
C SER B 278 13.35 54.74 25.45
N MET B 279 12.38 54.27 26.23
CA MET B 279 11.01 54.82 26.18
C MET B 279 10.39 54.78 27.56
N PRO B 280 10.89 55.62 28.49
CA PRO B 280 10.45 55.51 29.89
C PRO B 280 9.01 55.92 30.11
N GLU B 281 8.41 56.69 29.20
CA GLU B 281 7.04 57.15 29.36
C GLU B 281 6.01 56.15 28.86
N GLU B 282 6.44 55.02 28.33
CA GLU B 282 5.52 54.00 27.82
C GLU B 282 5.15 53.05 28.96
N LYS B 283 3.87 53.01 29.30
CA LYS B 283 3.34 51.95 30.16
C LYS B 283 3.42 50.66 29.36
N GLY B 284 4.46 49.89 29.60
CA GLY B 284 4.66 48.66 28.88
C GLY B 284 4.67 47.47 29.81
N TRP B 285 5.75 46.70 29.80
CA TRP B 285 5.81 45.44 30.54
C TRP B 285 7.20 45.32 31.15
N LYS B 286 7.27 45.44 32.48
CA LYS B 286 8.53 45.50 33.22
C LYS B 286 8.62 44.32 34.20
N LEU B 287 9.75 44.26 34.92
CA LEU B 287 9.94 43.18 35.88
C LEU B 287 8.86 43.20 36.95
N GLU B 288 8.37 44.39 37.31
CA GLU B 288 7.27 44.47 38.27
C GLU B 288 6.02 43.77 37.73
N ASP B 289 5.74 43.94 36.43
CA ASP B 289 4.57 43.30 35.83
C ASP B 289 4.75 41.79 35.76
N THR B 290 5.95 41.36 35.37
CA THR B 290 6.22 39.93 35.30
C THR B 290 6.14 39.28 36.67
N VAL B 291 6.48 40.01 37.74
CA VAL B 291 6.44 39.38 39.06
C VAL B 291 5.00 39.19 39.52
N GLU B 292 4.14 40.20 39.31
CA GLU B 292 2.72 40.05 39.61
C GLU B 292 2.09 38.96 38.75
N PHE B 293 2.57 38.81 37.51
CA PHE B 293 2.10 37.75 36.62
C PHE B 293 2.46 36.37 37.13
N SER B 294 3.71 36.19 37.57
CA SER B 294 4.10 34.90 38.13
C SER B 294 3.37 34.59 39.42
N ARG B 295 2.90 35.62 40.13
CA ARG B 295 2.10 35.39 41.35
C ARG B 295 0.74 34.78 41.02
N ALA B 296 0.10 35.28 39.97
CA ALA B 296 -1.15 34.66 39.53
C ALA B 296 -0.94 33.22 39.06
N LEU B 297 0.19 32.94 38.39
CA LEU B 297 0.41 31.60 37.84
C LEU B 297 0.78 30.59 38.90
N ALA B 298 1.47 31.00 39.95
CA ALA B 298 1.76 30.08 41.04
C ALA B 298 0.50 29.86 41.87
N ALA B 299 -0.29 30.92 42.07
CA ALA B 299 -1.58 30.79 42.75
C ALA B 299 -2.52 29.85 41.99
N GLN B 300 -2.52 29.94 40.64
CA GLN B 300 -3.45 29.14 39.83
C GLN B 300 -3.09 27.65 39.91
N GLY B 301 -1.81 27.34 39.97
CA GLY B 301 -1.35 25.99 40.21
C GLY B 301 -1.33 25.04 39.04
N ALA B 302 -1.57 25.50 37.80
CA ALA B 302 -1.50 24.61 36.63
C ALA B 302 -0.10 24.51 36.02
N ILE B 303 0.61 25.64 35.92
CA ILE B 303 1.94 25.68 35.31
C ILE B 303 2.97 25.26 36.36
N ASP B 304 3.97 24.46 35.94
CA ASP B 304 5.03 24.00 36.85
C ASP B 304 6.29 24.85 36.83
N LEU B 305 6.67 25.41 35.69
CA LEU B 305 7.96 26.07 35.56
C LEU B 305 7.80 27.32 34.71
N ILE B 306 8.31 28.43 35.22
CA ILE B 306 8.35 29.68 34.47
C ILE B 306 9.75 29.84 33.88
N ASP B 307 9.80 29.96 32.57
CA ASP B 307 11.03 30.16 31.81
C ASP B 307 11.12 31.65 31.54
N ILE B 308 12.08 32.33 32.16
CA ILE B 308 12.16 33.77 32.09
C ILE B 308 13.08 34.14 30.93
N SER B 309 12.55 34.92 29.99
CA SER B 309 13.31 35.50 28.90
C SER B 309 12.99 36.98 28.95
N THR B 310 13.41 37.77 27.96
CA THR B 310 13.09 39.19 27.93
C THR B 310 12.94 39.65 26.49
N GLY B 311 12.33 40.83 26.32
CA GLY B 311 12.38 41.54 25.07
C GLY B 311 11.61 40.88 23.94
N GLY B 312 11.66 41.51 22.77
CA GLY B 312 10.83 41.15 21.64
C GLY B 312 9.46 41.79 21.68
N VAL B 313 9.13 42.42 22.80
CA VAL B 313 7.78 42.93 23.06
C VAL B 313 7.58 44.25 22.37
N HIS B 314 8.65 45.03 22.20
CA HIS B 314 8.54 46.37 21.63
C HIS B 314 9.72 46.61 20.70
N ALA B 315 9.46 47.27 19.57
CA ALA B 315 10.52 47.48 18.58
C ALA B 315 11.58 48.43 19.11
N ALA B 316 11.18 49.39 19.95
CA ALA B 316 12.08 50.37 20.53
C ALA B 316 12.83 49.84 21.71
N GLN B 317 12.91 48.52 21.86
CA GLN B 317 13.65 47.94 22.97
C GLN B 317 15.11 48.33 22.88
N LYS B 318 15.73 48.43 24.05
CA LYS B 318 17.16 48.67 24.16
C LYS B 318 17.63 47.58 25.11
N VAL B 319 18.24 46.55 24.55
CA VAL B 319 18.60 45.35 25.28
C VAL B 319 20.01 45.52 25.83
N THR B 320 20.14 45.48 27.15
CA THR B 320 21.46 45.51 27.78
C THR B 320 22.00 44.09 27.84
N SER B 321 22.73 43.68 26.81
CA SER B 321 23.19 42.30 26.75
C SER B 321 24.40 42.12 27.66
N GLY B 322 24.98 40.92 27.63
CA GLY B 322 26.13 40.61 28.46
C GLY B 322 26.05 39.20 28.97
N VAL B 323 27.06 38.77 29.73
CA VAL B 323 27.06 37.39 30.22
C VAL B 323 25.96 37.25 31.24
N GLY B 324 25.06 36.28 31.03
CA GLY B 324 23.98 36.06 31.98
C GLY B 324 23.08 37.27 32.16
N PHE B 325 22.79 37.99 31.08
CA PHE B 325 22.12 39.29 31.20
C PHE B 325 20.64 39.19 31.55
N GLN B 326 20.08 37.98 31.64
CA GLN B 326 18.69 37.81 32.03
C GLN B 326 18.55 37.09 33.36
N VAL B 327 19.68 36.77 34.01
CA VAL B 327 19.63 36.16 35.34
C VAL B 327 18.98 37.07 36.38
N PRO B 328 19.25 38.38 36.41
CA PRO B 328 18.58 39.22 37.42
C PRO B 328 17.08 39.08 37.45
N PHE B 329 16.44 38.93 36.29
CA PHE B 329 14.99 38.80 36.28
C PHE B 329 14.54 37.43 36.81
N ALA B 330 15.22 36.36 36.43
CA ALA B 330 14.88 35.05 36.99
C ALA B 330 15.11 35.00 38.49
N LYS B 331 16.15 35.69 38.99
CA LYS B 331 16.44 35.68 40.42
C LYS B 331 15.32 36.34 41.20
N ALA B 332 14.81 37.47 40.71
CA ALA B 332 13.73 38.18 41.38
C ALA B 332 12.40 37.44 41.31
N VAL B 333 12.16 36.67 40.25
CA VAL B 333 10.91 35.93 40.11
C VAL B 333 10.93 34.70 41.00
N LYS B 334 12.05 33.98 41.05
CA LYS B 334 12.19 32.90 42.03
C LYS B 334 11.98 33.44 43.43
N GLU B 335 12.49 34.64 43.72
CA GLU B 335 12.26 35.25 45.02
C GLU B 335 10.78 35.50 45.27
N ALA B 336 10.00 35.77 44.22
CA ALA B 336 8.59 36.09 44.38
C ALA B 336 7.74 34.86 44.65
N VAL B 337 8.11 33.69 44.15
CA VAL B 337 7.26 32.50 44.20
C VAL B 337 7.88 31.37 44.99
N GLY B 338 9.12 31.55 45.46
CA GLY B 338 9.86 30.51 46.13
C GLY B 338 9.81 29.17 45.45
N GLN B 339 9.32 28.17 46.18
CA GLN B 339 9.16 26.79 45.72
C GLN B 339 7.78 26.51 45.11
N LYS B 340 6.88 27.49 45.11
CA LYS B 340 5.56 27.24 44.53
C LYS B 340 5.68 27.01 43.03
N MET B 341 6.66 27.64 42.41
CA MET B 341 6.93 27.51 40.99
C MET B 341 8.42 27.29 40.83
N LEU B 342 8.82 26.45 39.88
CA LEU B 342 10.22 26.42 39.51
C LEU B 342 10.49 27.55 38.53
N VAL B 343 11.75 27.94 38.42
CA VAL B 343 12.15 29.00 37.50
C VAL B 343 13.40 28.54 36.77
N SER B 344 13.45 28.80 35.47
CA SER B 344 14.64 28.53 34.68
C SER B 344 15.25 29.85 34.21
N ALA B 345 16.55 29.82 33.97
CA ALA B 345 17.25 30.99 33.46
C ALA B 345 17.89 30.65 32.12
N VAL B 346 17.97 31.65 31.26
CA VAL B 346 18.53 31.49 29.93
C VAL B 346 19.09 32.85 29.49
N GLY B 347 20.18 32.81 28.73
CA GLY B 347 20.68 34.02 28.08
C GLY B 347 22.15 34.29 28.32
N THR B 348 22.98 33.86 27.37
CA THR B 348 24.43 34.06 27.43
C THR B 348 25.00 33.40 28.68
N ILE B 349 24.62 32.14 28.90
CA ILE B 349 25.19 31.32 29.96
C ILE B 349 26.05 30.23 29.36
N ASN B 350 27.34 30.50 29.16
CA ASN B 350 28.15 29.67 28.26
C ASN B 350 29.27 28.94 28.97
N SER B 351 29.26 28.90 30.30
CA SER B 351 30.17 28.06 31.08
C SER B 351 29.36 27.23 32.06
N GLY B 352 29.87 26.04 32.35
CA GLY B 352 29.24 25.22 33.38
C GLY B 352 29.36 25.84 34.74
N ASN B 353 30.45 26.58 34.99
CA ASN B 353 30.70 27.16 36.31
C ASN B 353 29.70 28.26 36.61
N LEU B 354 29.46 29.15 35.64
CA LEU B 354 28.44 30.18 35.81
C LEU B 354 27.04 29.58 35.92
N ALA B 355 26.78 28.50 35.18
CA ALA B 355 25.50 27.83 35.31
C ALA B 355 25.30 27.38 36.76
N GLU B 356 26.28 26.68 37.31
CA GLU B 356 26.24 26.27 38.71
C GLU B 356 26.16 27.49 39.63
N LYS B 357 26.89 28.55 39.29
CA LYS B 357 26.82 29.78 40.10
C LYS B 357 25.40 30.33 40.14
N ILE B 358 24.68 30.26 39.02
CA ILE B 358 23.32 30.79 38.97
C ILE B 358 22.38 29.93 39.81
N LEU B 359 22.55 28.61 39.78
CA LEU B 359 21.66 27.73 40.52
C LEU B 359 21.79 27.94 42.02
N ASN B 360 23.00 28.16 42.51
CA ASN B 360 23.23 28.27 43.94
C ASN B 360 23.00 29.68 44.47
N GLU B 361 23.50 30.70 43.78
CA GLU B 361 23.38 32.03 44.36
C GLU B 361 22.04 32.68 44.07
N ASP B 362 21.39 32.29 42.97
CA ASP B 362 20.12 32.89 42.61
C ASP B 362 18.94 31.94 42.79
N ASP B 363 19.20 30.70 43.20
CA ASP B 363 18.15 29.75 43.54
C ASP B 363 17.32 29.38 42.34
N VAL B 364 17.91 29.47 41.15
CA VAL B 364 17.24 29.06 39.92
C VAL B 364 17.20 27.53 39.88
N ASP B 365 16.21 26.99 39.18
CA ASP B 365 15.94 25.56 39.20
C ASP B 365 16.53 24.82 38.00
N VAL B 366 16.53 25.47 36.83
CA VAL B 366 16.96 24.86 35.57
C VAL B 366 17.83 25.86 34.83
N ILE B 367 18.88 25.39 34.19
CA ILE B 367 19.72 26.25 33.35
C ILE B 367 19.50 25.88 31.89
N LEU B 368 18.95 26.80 31.11
CA LEU B 368 18.77 26.62 29.68
C LEU B 368 19.87 27.32 28.91
N VAL B 369 20.34 26.69 27.83
CA VAL B 369 21.31 27.30 26.93
C VAL B 369 20.81 27.13 25.51
N GLY B 370 20.87 28.21 24.71
CA GLY B 370 20.46 28.20 23.31
C GLY B 370 21.58 28.05 22.29
N ARG B 371 22.02 29.17 21.68
CA ARG B 371 23.01 29.14 20.58
C ARG B 371 24.11 28.11 20.78
N ALA B 372 24.67 28.05 21.97
CA ALA B 372 25.81 27.18 22.20
C ALA B 372 25.52 25.74 21.85
N PHE B 373 24.24 25.34 21.89
CA PHE B 373 23.93 23.97 21.49
C PHE B 373 23.97 23.81 19.99
N GLN B 374 23.83 24.90 19.23
CA GLN B 374 24.09 24.81 17.79
C GLN B 374 25.57 24.59 17.54
N ARG B 375 26.42 25.26 18.34
CA ARG B 375 27.86 25.08 18.20
C ARG B 375 28.31 23.76 18.79
N ASP B 376 27.89 23.46 20.02
CA ASP B 376 28.31 22.23 20.69
C ASP B 376 27.07 21.38 20.89
N SER B 377 26.87 20.36 20.04
CA SER B 377 25.77 19.47 20.32
C SER B 377 25.99 18.72 21.63
N GLY B 378 27.24 18.60 22.07
CA GLY B 378 27.60 18.04 23.36
C GLY B 378 27.92 19.06 24.43
N LEU B 379 27.15 20.16 24.51
CA LEU B 379 27.46 21.18 25.52
C LEU B 379 27.31 20.65 26.94
N ALA B 380 26.41 19.69 27.16
CA ALA B 380 26.34 19.04 28.46
C ALA B 380 27.65 18.35 28.79
N TRP B 381 28.31 17.82 27.77
CA TRP B 381 29.65 17.27 27.96
C TRP B 381 30.60 18.38 28.36
N ALA B 382 30.39 19.58 27.80
CA ALA B 382 31.27 20.70 28.09
C ALA B 382 31.08 21.21 29.51
N PHE B 383 29.81 21.40 29.91
CA PHE B 383 29.54 21.91 31.25
C PHE B 383 29.97 20.94 32.34
N ALA B 384 29.86 19.64 32.09
CA ALA B 384 30.36 18.66 33.04
C ALA B 384 31.88 18.75 33.19
N LYS B 385 32.59 18.96 32.07
CA LYS B 385 34.03 19.18 32.13
C LYS B 385 34.34 20.51 32.83
N ASP B 386 33.59 21.55 32.52
CA ASP B 386 33.76 22.80 33.26
C ASP B 386 33.65 22.59 34.76
N LEU B 387 32.83 21.62 35.18
CA LEU B 387 32.58 21.35 36.59
C LEU B 387 33.24 20.05 37.07
N ASP B 388 33.98 19.37 36.21
CA ASP B 388 34.71 18.15 36.56
C ASP B 388 33.79 17.03 37.04
N VAL B 389 32.59 16.94 36.46
CA VAL B 389 31.61 15.93 36.84
C VAL B 389 31.80 14.70 35.95
N GLU B 390 32.08 13.56 36.57
CA GLU B 390 32.17 12.30 35.84
C GLU B 390 30.75 11.84 35.52
N ILE B 391 30.40 11.82 34.23
CA ILE B 391 29.03 11.63 33.77
C ILE B 391 28.94 10.42 32.85
N ALA B 392 27.72 9.93 32.70
CA ALA B 392 27.44 8.84 31.76
C ALA B 392 27.34 9.40 30.35
N MET B 393 27.82 8.61 29.39
CA MET B 393 27.73 8.96 27.97
C MET B 393 27.45 7.68 27.19
N ALA B 394 26.86 7.87 26.02
CA ALA B 394 26.51 6.76 25.13
C ALA B 394 27.71 5.85 24.88
N GLY B 395 27.46 4.54 24.96
CA GLY B 395 28.52 3.58 24.75
C GLY B 395 29.16 3.69 23.38
N GLN B 396 28.44 4.27 22.42
CA GLN B 396 29.00 4.46 21.09
C GLN B 396 30.03 5.59 21.10
N ILE B 397 29.77 6.64 21.88
CA ILE B 397 30.69 7.76 21.97
C ILE B 397 31.82 7.49 22.96
N ARG B 398 31.49 6.88 24.11
CA ARG B 398 32.41 6.96 25.23
C ARG B 398 33.61 6.05 25.08
N TRP B 399 33.52 4.97 24.30
CA TRP B 399 34.52 3.92 24.42
C TRP B 399 35.89 4.32 23.87
N GLY B 400 35.97 5.39 23.09
CA GLY B 400 37.23 5.90 22.59
C GLY B 400 37.84 7.01 23.44
N PHE B 401 37.16 7.38 24.53
CA PHE B 401 37.61 8.37 25.49
C PHE B 401 37.94 7.74 26.84
N THR B 402 38.18 6.44 26.89
CA THR B 402 38.45 5.73 28.14
C THR B 402 39.41 4.61 27.83
N SER B 403 39.83 3.89 28.85
CA SER B 403 40.87 2.90 28.63
C SER B 403 40.29 1.64 28.01
N PHE B 404 41.19 0.70 27.70
CA PHE B 404 40.85 -0.48 26.94
C PHE B 404 39.79 -1.31 27.64
N ARG B 405 39.91 -1.48 28.96
CA ARG B 405 38.99 -2.32 29.74
C ARG B 405 37.52 -2.02 29.49
N SER B 408 34.49 1.49 31.99
CA SER B 408 33.49 2.16 32.80
C SER B 408 32.41 2.87 31.96
N GLU B 409 31.22 2.98 32.54
CA GLU B 409 30.05 3.55 31.86
C GLU B 409 30.06 5.08 31.92
N TYR B 410 30.96 5.65 32.69
CA TYR B 410 31.02 7.08 32.92
C TYR B 410 32.30 7.63 32.30
N ILE B 411 32.30 8.92 32.01
CA ILE B 411 33.44 9.61 31.42
C ILE B 411 34.01 10.56 32.45
N GLN B 412 35.26 10.33 32.83
CA GLN B 412 35.97 11.32 33.62
C GLN B 412 36.48 12.36 32.64
N PRO B 413 35.82 13.52 32.54
CA PRO B 413 36.14 14.46 31.46
C PRO B 413 37.51 15.10 31.70
N THR C 2 -19.41 31.52 -28.93
CA THR C 2 -20.10 30.39 -29.55
C THR C 2 -19.15 29.43 -30.27
N TRP C 3 -17.96 29.28 -29.74
CA TRP C 3 -16.92 28.52 -30.43
C TRP C 3 -17.35 27.07 -30.62
N PRO C 4 -17.00 26.44 -31.74
CA PRO C 4 -17.30 25.02 -31.94
C PRO C 4 -16.55 24.16 -30.95
N ASP C 5 -17.11 22.98 -30.66
CA ASP C 5 -16.50 22.07 -29.70
C ASP C 5 -15.54 21.14 -30.43
N VAL C 6 -14.27 21.19 -30.07
CA VAL C 6 -13.25 20.38 -30.73
C VAL C 6 -12.46 19.61 -29.67
N PRO C 7 -12.77 18.32 -29.45
CA PRO C 7 -11.99 17.50 -28.51
C PRO C 7 -10.77 16.87 -29.15
N ILE C 8 -9.84 16.45 -28.30
CA ILE C 8 -8.64 15.70 -28.68
C ILE C 8 -8.91 14.24 -28.37
N ALA C 9 -9.19 13.43 -29.40
CA ALA C 9 -9.47 12.02 -29.18
C ALA C 9 -8.30 11.34 -28.49
N ALA C 10 -8.60 10.42 -27.59
CA ALA C 10 -7.61 9.73 -26.78
C ALA C 10 -7.43 8.29 -27.25
N ALA C 11 -6.27 7.73 -26.95
CA ALA C 11 -6.07 6.31 -27.18
C ALA C 11 -6.90 5.50 -26.19
N PRO C 12 -7.46 4.36 -26.62
CA PRO C 12 -8.41 3.61 -25.78
C PRO C 12 -7.76 2.63 -24.84
N GLY C 13 -8.41 2.40 -23.70
CA GLY C 13 -8.05 1.26 -22.87
C GLY C 13 -6.77 1.38 -22.05
N ILE C 14 -6.35 2.59 -21.71
CA ILE C 14 -5.10 2.79 -20.98
C ILE C 14 -5.29 3.80 -19.86
N SER C 15 -4.36 3.78 -18.90
CA SER C 15 -4.53 4.61 -17.70
C SER C 15 -4.15 6.07 -17.90
N TYR C 16 -3.55 6.45 -19.04
CA TYR C 16 -3.19 7.85 -19.27
C TYR C 16 -3.83 8.41 -20.54
N PHE C 17 -4.13 9.72 -20.51
CA PHE C 17 -4.52 10.42 -21.73
C PHE C 17 -3.34 10.44 -22.68
N THR C 18 -3.58 10.05 -23.94
CA THR C 18 -2.61 10.32 -24.97
C THR C 18 -3.41 10.40 -26.27
N PRO C 19 -3.10 11.37 -27.14
CA PRO C 19 -3.83 11.49 -28.40
C PRO C 19 -3.70 10.25 -29.29
N ALA C 20 -4.82 9.89 -29.92
CA ALA C 20 -4.91 8.76 -30.85
C ALA C 20 -4.41 9.11 -32.24
N GLN C 21 -3.80 8.12 -32.89
CA GLN C 21 -3.35 8.26 -34.27
C GLN C 21 -4.27 7.41 -35.16
N SER C 22 -5.19 8.08 -35.85
CA SER C 22 -6.03 7.42 -36.85
C SER C 22 -5.86 8.12 -38.19
N PRO C 23 -5.13 7.54 -39.17
CA PRO C 23 -4.46 6.23 -39.14
C PRO C 23 -3.09 6.24 -38.48
N PRO C 24 -2.58 5.06 -38.11
CA PRO C 24 -1.25 4.98 -37.50
C PRO C 24 -0.22 5.66 -38.37
N ALA C 25 0.79 6.23 -37.71
CA ALA C 25 1.89 6.85 -38.42
C ALA C 25 2.57 5.83 -39.33
N GLY C 26 3.01 6.30 -40.50
CA GLY C 26 3.64 5.44 -41.48
C GLY C 26 2.70 4.79 -42.46
N THR C 27 1.42 5.17 -42.44
CA THR C 27 0.41 4.63 -43.34
C THR C 27 0.34 5.52 -44.57
N ALA C 28 0.54 4.90 -45.74
CA ALA C 28 0.43 5.64 -47.00
C ALA C 28 -1.00 6.11 -47.24
N ARG C 29 -1.17 7.40 -47.57
CA ARG C 29 -2.49 7.83 -48.02
C ARG C 29 -2.87 7.00 -49.23
N ASN C 30 -4.15 6.61 -49.29
CA ASN C 30 -4.68 5.80 -50.38
C ASN C 30 -5.97 6.43 -50.85
N PRO C 31 -6.00 7.06 -52.04
CA PRO C 31 -4.91 7.17 -53.03
C PRO C 31 -3.97 8.33 -52.73
N GLN C 32 -2.73 8.18 -53.16
CA GLN C 32 -1.74 9.25 -53.01
C GLN C 32 -2.20 10.52 -53.68
N THR C 33 -1.93 11.66 -53.02
CA THR C 33 -2.24 12.95 -53.64
C THR C 33 -1.44 13.14 -54.91
N SER C 34 -0.22 12.58 -54.96
CA SER C 34 0.59 12.60 -56.16
C SER C 34 -0.05 11.83 -57.29
N GLY C 35 -1.09 11.05 -56.99
CA GLY C 35 -1.68 10.19 -57.97
C GLY C 35 -0.85 8.98 -58.29
N LYS C 36 0.37 8.90 -57.78
CA LYS C 36 1.28 7.82 -58.12
C LYS C 36 0.90 6.54 -57.37
N ALA C 37 1.35 5.42 -57.91
CA ALA C 37 1.04 4.16 -57.29
C ALA C 37 1.77 4.03 -55.96
N ILE C 38 1.20 3.21 -55.08
CA ILE C 38 1.79 2.97 -53.76
C ILE C 38 2.79 1.84 -53.90
N PRO C 39 4.06 2.05 -53.57
CA PRO C 39 5.04 0.97 -53.69
C PRO C 39 4.78 -0.14 -52.70
N LYS C 40 5.33 -1.30 -53.00
CA LYS C 40 5.13 -2.48 -52.16
C LYS C 40 5.53 -2.21 -50.71
N LEU C 41 6.47 -1.29 -50.48
CA LEU C 41 7.00 -1.08 -49.12
C LEU C 41 5.96 -0.50 -48.19
N PHE C 42 5.03 0.32 -48.69
CA PHE C 42 3.99 0.96 -47.88
C PHE C 42 2.61 0.43 -48.23
N GLN C 43 2.56 -0.76 -48.76
CA GLN C 43 1.37 -1.56 -48.95
C GLN C 43 1.23 -2.50 -47.75
N PRO C 44 0.10 -2.48 -47.06
CA PRO C 44 -0.04 -3.26 -45.82
C PRO C 44 0.16 -4.76 -46.03
N LEU C 45 0.42 -5.47 -44.93
CA LEU C 45 0.61 -6.92 -44.91
C LEU C 45 -0.17 -7.50 -43.74
N THR C 46 -0.89 -8.60 -43.99
CA THR C 46 -1.70 -9.26 -42.98
C THR C 46 -1.18 -10.67 -42.76
N ILE C 47 -0.81 -10.98 -41.52
CA ILE C 47 -0.49 -12.36 -41.13
C ILE C 47 -1.46 -12.74 -40.01
N ARG C 48 -2.32 -13.73 -40.30
CA ARG C 48 -3.39 -14.14 -39.41
C ARG C 48 -4.11 -12.93 -38.81
N GLY C 49 -4.05 -12.75 -37.50
CA GLY C 49 -4.91 -11.75 -36.90
C GLY C 49 -4.49 -10.31 -36.96
N HIS C 50 -3.34 -9.99 -37.58
CA HIS C 50 -2.75 -8.67 -37.51
C HIS C 50 -2.43 -8.14 -38.91
N THR C 51 -2.55 -6.82 -39.05
CA THR C 51 -2.25 -6.07 -40.25
C THR C 51 -1.16 -5.06 -39.91
N PHE C 52 -0.04 -5.08 -40.63
CA PHE C 52 1.00 -4.09 -40.44
C PHE C 52 0.84 -3.02 -41.52
N GLN C 53 0.90 -1.74 -41.11
CA GLN C 53 0.56 -0.66 -42.05
C GLN C 53 1.61 -0.49 -43.16
N ASN C 54 2.79 -1.09 -43.03
CA ASN C 54 3.76 -1.15 -44.10
C ASN C 54 4.73 -2.28 -43.76
N ARG C 55 5.68 -2.54 -44.66
CA ARG C 55 6.50 -3.76 -44.58
C ARG C 55 7.96 -3.50 -44.18
N LEU C 56 8.28 -2.29 -43.72
CA LEU C 56 9.59 -2.02 -43.14
C LEU C 56 9.47 -2.20 -41.63
N GLY C 57 10.16 -3.21 -41.09
CA GLY C 57 10.13 -3.52 -39.67
C GLY C 57 11.48 -3.26 -39.01
N VAL C 58 11.46 -2.95 -37.71
CA VAL C 58 12.68 -2.76 -36.94
C VAL C 58 13.22 -4.13 -36.55
N ALA C 59 14.40 -4.47 -37.05
CA ALA C 59 15.00 -5.75 -36.73
C ALA C 59 15.33 -5.83 -35.23
N PRO C 60 15.38 -7.04 -34.67
CA PRO C 60 15.71 -7.19 -33.25
C PRO C 60 17.10 -6.68 -32.91
N MET C 61 17.19 -5.82 -31.88
CA MET C 61 18.46 -5.21 -31.49
C MET C 61 18.61 -5.20 -29.97
N CYS C 62 19.48 -6.07 -29.46
CA CYS C 62 19.85 -6.09 -28.05
C CYS C 62 20.35 -4.72 -27.59
N GLN C 63 19.80 -4.25 -26.46
CA GLN C 63 20.23 -3.00 -25.85
C GLN C 63 21.19 -3.21 -24.69
N TYR C 64 21.31 -4.43 -24.19
CA TYR C 64 22.21 -4.73 -23.07
C TYR C 64 21.96 -3.82 -21.88
N SER C 65 20.71 -3.33 -21.75
CA SER C 65 20.36 -2.34 -20.75
C SER C 65 19.21 -2.78 -19.83
N ALA C 66 18.95 -4.08 -19.70
CA ALA C 66 17.90 -4.55 -18.81
C ALA C 66 18.43 -4.84 -17.40
N ASP C 67 17.57 -4.67 -16.42
CA ASP C 67 17.96 -4.82 -15.01
C ASP C 67 17.38 -6.15 -14.54
N ASP C 68 18.21 -7.20 -14.55
CA ASP C 68 17.74 -8.55 -14.26
C ASP C 68 16.54 -8.88 -15.15
N GLY C 69 16.71 -8.62 -16.46
CA GLY C 69 15.68 -8.94 -17.44
C GLY C 69 14.57 -7.92 -17.56
N HIS C 70 14.56 -6.90 -16.71
CA HIS C 70 13.47 -5.93 -16.65
C HIS C 70 13.77 -4.75 -17.56
N LEU C 71 12.76 -4.34 -18.30
CA LEU C 71 12.91 -3.13 -19.08
C LEU C 71 12.99 -1.93 -18.14
N THR C 72 13.66 -0.88 -18.61
CA THR C 72 13.90 0.33 -17.84
C THR C 72 13.41 1.49 -18.70
N PRO C 73 13.47 2.74 -18.23
CA PRO C 73 13.12 3.87 -19.13
C PRO C 73 14.05 4.00 -20.32
N TRP C 74 15.17 3.29 -20.34
CA TRP C 74 15.97 3.25 -21.55
C TRP C 74 15.16 2.66 -22.70
N HIS C 75 14.47 1.55 -22.43
CA HIS C 75 13.70 0.86 -23.45
C HIS C 75 12.47 1.64 -23.85
N MET C 76 11.91 2.43 -22.92
CA MET C 76 10.77 3.27 -23.22
C MET C 76 11.15 4.45 -24.09
N ALA C 77 12.34 5.02 -23.86
CA ALA C 77 12.82 6.10 -24.71
C ALA C 77 13.18 5.56 -26.08
N HIS C 78 13.86 4.41 -26.11
CA HIS C 78 14.30 3.74 -27.32
C HIS C 78 13.16 3.20 -28.16
N TYR C 79 12.47 2.15 -27.68
CA TYR C 79 11.39 1.56 -28.45
C TYR C 79 10.24 2.54 -28.64
N GLY C 80 9.95 3.36 -27.62
CA GLY C 80 8.83 4.28 -27.69
C GLY C 80 9.03 5.46 -28.62
N GLY C 81 10.27 5.92 -28.78
CA GLY C 81 10.53 6.98 -29.75
C GLY C 81 10.42 6.52 -31.19
N ILE C 82 10.76 5.26 -31.46
CA ILE C 82 10.54 4.65 -32.76
C ILE C 82 9.04 4.53 -33.07
N ALA C 83 8.26 3.98 -32.12
CA ALA C 83 6.82 3.77 -32.30
C ALA C 83 6.09 5.07 -32.65
N GLN C 84 6.62 6.20 -32.22
CA GLN C 84 6.01 7.46 -32.59
C GLN C 84 6.23 7.80 -34.04
N ARG C 85 7.08 7.03 -34.73
CA ARG C 85 7.56 7.40 -36.05
C ARG C 85 7.22 6.34 -37.10
N GLY C 86 6.21 5.54 -36.84
CA GLY C 86 5.49 4.79 -37.84
C GLY C 86 6.21 3.68 -38.60
N PRO C 87 7.03 2.87 -37.95
CA PRO C 87 7.54 1.67 -38.62
C PRO C 87 6.42 0.66 -38.82
N GLY C 88 6.69 -0.35 -39.66
CA GLY C 88 5.69 -1.35 -39.94
C GLY C 88 5.53 -2.36 -38.82
N MET C 89 6.64 -2.73 -38.19
CA MET C 89 6.64 -3.61 -37.04
C MET C 89 7.89 -3.31 -36.23
N ILE C 90 7.89 -3.72 -34.96
CA ILE C 90 9.06 -3.59 -34.09
C ILE C 90 9.27 -4.94 -33.46
N ILE C 91 10.45 -5.52 -33.65
CA ILE C 91 10.78 -6.79 -33.03
C ILE C 91 11.66 -6.51 -31.81
N ILE C 92 11.09 -6.62 -30.62
CA ILE C 92 11.87 -6.41 -29.41
C ILE C 92 13.02 -7.43 -29.37
N GLU C 93 14.17 -6.99 -28.83
CA GLU C 93 15.42 -7.74 -28.79
C GLU C 93 15.32 -9.15 -28.24
N ALA C 94 16.39 -9.93 -28.42
CA ALA C 94 16.48 -11.26 -27.84
C ALA C 94 16.23 -11.22 -26.35
N THR C 95 15.22 -11.97 -25.90
CA THR C 95 14.75 -12.01 -24.52
C THR C 95 14.98 -13.42 -23.99
N GLY C 96 15.83 -13.55 -22.98
CA GLY C 96 16.17 -14.87 -22.47
C GLY C 96 14.97 -15.50 -21.78
N VAL C 97 14.75 -16.79 -22.06
CA VAL C 97 13.65 -17.53 -21.45
C VAL C 97 14.05 -18.17 -20.13
N VAL C 98 15.34 -18.29 -19.85
CA VAL C 98 15.86 -18.65 -18.54
C VAL C 98 16.96 -17.65 -18.19
N PRO C 99 17.27 -17.48 -16.90
CA PRO C 99 18.37 -16.56 -16.53
C PRO C 99 19.65 -16.83 -17.30
N GLU C 100 20.12 -18.08 -17.29
CA GLU C 100 21.33 -18.49 -17.97
C GLU C 100 21.21 -18.51 -19.47
N GLY C 101 20.10 -18.05 -20.06
CA GLY C 101 19.93 -17.97 -21.50
C GLY C 101 20.07 -16.58 -22.07
N ARG C 102 20.28 -15.57 -21.23
CA ARG C 102 20.79 -14.30 -21.69
C ARG C 102 22.21 -14.45 -22.23
N ILE C 103 22.60 -13.50 -23.08
CA ILE C 103 24.00 -13.39 -23.51
C ILE C 103 24.82 -12.65 -22.47
N THR C 104 24.29 -11.54 -21.97
CA THR C 104 24.96 -10.63 -21.08
C THR C 104 24.12 -10.43 -19.83
N PRO C 105 24.73 -9.97 -18.73
CA PRO C 105 23.93 -9.59 -17.53
C PRO C 105 22.92 -8.46 -17.76
N GLY C 106 22.94 -7.77 -18.90
CA GLY C 106 22.01 -6.69 -19.18
C GLY C 106 20.88 -7.02 -20.14
N CYS C 107 20.70 -8.28 -20.49
CA CYS C 107 19.68 -8.68 -21.45
C CYS C 107 18.29 -8.74 -20.83
N VAL C 108 17.29 -8.45 -21.64
CA VAL C 108 15.91 -8.63 -21.20
C VAL C 108 15.65 -10.11 -20.97
N GLY C 109 14.65 -10.41 -20.14
CA GLY C 109 14.22 -11.78 -19.88
C GLY C 109 12.72 -11.82 -19.68
N LEU C 110 12.18 -13.03 -19.79
CA LEU C 110 10.76 -13.29 -19.43
C LEU C 110 10.66 -14.68 -18.81
N TRP C 111 11.55 -14.98 -17.88
CA TRP C 111 11.50 -16.23 -17.11
C TRP C 111 10.75 -16.08 -15.79
N LYS C 112 10.08 -14.95 -15.59
CA LYS C 112 9.66 -14.52 -14.28
C LYS C 112 8.49 -13.55 -14.44
N ASP C 113 7.53 -13.60 -13.51
CA ASP C 113 6.36 -12.74 -13.62
C ASP C 113 6.64 -11.25 -13.34
N SER C 114 7.71 -10.93 -12.59
CA SER C 114 8.02 -9.51 -12.40
C SER C 114 8.42 -8.85 -13.71
N GLN C 115 8.85 -9.62 -14.70
CA GLN C 115 9.30 -9.05 -15.96
C GLN C 115 8.17 -8.65 -16.90
N ILE C 116 6.91 -9.01 -16.61
CA ILE C 116 5.82 -8.75 -17.54
C ILE C 116 5.42 -7.28 -17.54
N ALA C 117 5.23 -6.71 -16.36
CA ALA C 117 4.71 -5.34 -16.30
C ALA C 117 5.65 -4.33 -16.93
N PRO C 118 6.98 -4.40 -16.80
CA PRO C 118 7.83 -3.48 -17.57
C PRO C 118 7.62 -3.62 -19.07
N LEU C 119 7.61 -4.86 -19.58
CA LEU C 119 7.34 -5.09 -21.01
C LEU C 119 5.98 -4.55 -21.40
N LYS C 120 4.96 -4.80 -20.57
CA LYS C 120 3.61 -4.34 -20.89
C LYS C 120 3.51 -2.82 -20.97
N GLN C 121 4.28 -2.10 -20.15
CA GLN C 121 4.22 -0.63 -20.15
C GLN C 121 4.69 -0.07 -21.47
N VAL C 122 5.72 -0.66 -22.06
CA VAL C 122 6.23 -0.21 -23.33
C VAL C 122 5.28 -0.62 -24.46
N VAL C 123 4.95 -1.92 -24.53
CA VAL C 123 3.98 -2.43 -25.49
C VAL C 123 2.71 -1.61 -25.45
N GLU C 124 2.23 -1.29 -24.26
CA GLU C 124 0.99 -0.54 -24.19
C GLU C 124 1.17 0.86 -24.77
N PHE C 125 2.37 1.43 -24.66
CA PHE C 125 2.56 2.76 -25.24
C PHE C 125 2.63 2.66 -26.76
N ALA C 126 3.36 1.65 -27.26
CA ALA C 126 3.37 1.37 -28.68
C ALA C 126 1.94 1.30 -29.20
N HIS C 127 1.11 0.48 -28.55
CA HIS C 127 -0.27 0.33 -28.99
C HIS C 127 -1.06 1.63 -28.87
N SER C 128 -0.68 2.56 -28.01
CA SER C 128 -1.25 3.94 -27.96
C SER C 128 -1.10 4.65 -29.31
N GLN C 129 -0.09 4.25 -30.06
CA GLN C 129 0.22 4.90 -31.33
C GLN C 129 -0.29 4.12 -32.55
N GLY C 130 -0.95 2.99 -32.33
CA GLY C 130 -1.38 2.14 -33.41
C GLY C 130 -0.27 1.32 -34.02
N GLN C 131 0.83 1.14 -33.30
CA GLN C 131 1.96 0.35 -33.79
C GLN C 131 1.86 -1.10 -33.35
N LYS C 132 2.42 -1.98 -34.18
CA LYS C 132 2.47 -3.40 -33.93
C LYS C 132 3.84 -3.75 -33.38
N ILE C 133 3.88 -4.53 -32.31
CA ILE C 133 5.12 -4.80 -31.61
C ILE C 133 5.11 -6.24 -31.17
N GLY C 134 6.23 -6.91 -31.37
CA GLY C 134 6.36 -8.29 -30.96
C GLY C 134 7.70 -8.46 -30.28
N ILE C 135 8.11 -9.68 -30.01
CA ILE C 135 9.30 -9.90 -29.22
C ILE C 135 10.00 -11.12 -29.76
N GLN C 136 11.32 -11.07 -29.72
CA GLN C 136 12.15 -12.19 -30.11
C GLN C 136 12.58 -12.93 -28.85
N LEU C 137 12.05 -14.12 -28.64
CA LEU C 137 12.47 -14.95 -27.52
C LEU C 137 13.73 -15.72 -27.89
N ALA C 138 14.59 -15.95 -26.90
CA ALA C 138 15.94 -16.39 -27.21
C ALA C 138 16.51 -17.24 -26.09
N HIS C 139 17.60 -17.91 -26.42
CA HIS C 139 18.42 -18.62 -25.44
C HIS C 139 19.83 -18.55 -25.99
N ALA C 140 20.70 -17.79 -25.33
CA ALA C 140 22.03 -17.56 -25.91
C ALA C 140 22.88 -18.81 -25.98
N GLY C 141 22.47 -19.91 -25.34
CA GLY C 141 23.17 -21.16 -25.53
C GLY C 141 24.61 -21.11 -25.06
N ARG C 142 25.52 -21.61 -25.90
CA ARG C 142 26.94 -21.66 -25.59
C ARG C 142 27.65 -20.33 -25.75
N LYS C 143 26.96 -19.29 -26.23
CA LYS C 143 27.55 -17.97 -26.32
C LYS C 143 27.04 -17.06 -25.22
N ALA C 144 26.50 -17.65 -24.16
CA ALA C 144 25.91 -16.89 -23.07
C ALA C 144 26.99 -16.49 -22.07
N SER C 145 26.63 -15.51 -21.23
CA SER C 145 27.50 -15.00 -20.17
C SER C 145 28.74 -14.34 -20.78
N THR C 146 28.49 -13.27 -21.53
CA THR C 146 29.56 -12.45 -22.06
C THR C 146 29.23 -11.01 -21.70
N VAL C 147 30.17 -10.11 -21.96
CA VAL C 147 29.91 -8.72 -21.59
C VAL C 147 29.35 -8.00 -22.82
N PRO C 148 28.77 -6.82 -22.68
CA PRO C 148 28.23 -6.13 -23.84
C PRO C 148 29.29 -5.94 -24.91
N PRO C 149 28.89 -5.67 -26.16
CA PRO C 149 29.89 -5.58 -27.22
C PRO C 149 30.79 -4.35 -27.10
N TRP C 150 30.30 -3.23 -26.58
CA TRP C 150 31.19 -2.09 -26.39
C TRP C 150 32.26 -2.36 -25.34
N LEU C 151 32.17 -3.49 -24.62
CA LEU C 151 33.20 -3.93 -23.71
C LEU C 151 33.94 -5.15 -24.24
N GLY C 152 33.87 -5.37 -25.54
CA GLY C 152 34.63 -6.42 -26.18
C GLY C 152 33.90 -7.73 -26.33
N GLY C 153 32.71 -7.86 -25.75
CA GLY C 153 31.94 -9.08 -25.79
C GLY C 153 32.60 -10.28 -25.16
N VAL C 154 33.59 -10.08 -24.28
CA VAL C 154 34.35 -11.17 -23.71
C VAL C 154 33.52 -11.85 -22.62
N THR C 155 33.98 -13.00 -22.12
CA THR C 155 33.24 -13.70 -21.07
C THR C 155 33.02 -12.78 -19.87
N ALA C 156 31.80 -12.79 -19.34
CA ALA C 156 31.48 -12.14 -18.07
C ALA C 156 31.67 -13.16 -16.96
N THR C 157 32.69 -12.94 -16.13
CA THR C 157 32.94 -13.81 -14.98
C THR C 157 31.83 -13.63 -13.94
N ASN C 158 31.79 -14.54 -12.97
CA ASN C 158 30.70 -14.51 -11.99
C ASN C 158 30.70 -13.24 -11.16
N ALA C 159 31.89 -12.69 -10.87
CA ALA C 159 32.01 -11.50 -10.05
C ALA C 159 31.34 -10.27 -10.66
N VAL C 160 31.18 -10.24 -11.98
CA VAL C 160 30.70 -9.05 -12.66
C VAL C 160 29.30 -9.25 -13.24
N GLY C 161 28.60 -10.29 -12.78
CA GLY C 161 27.24 -10.58 -13.19
C GLY C 161 27.11 -11.82 -14.06
N GLY C 162 28.20 -12.54 -14.30
CA GLY C 162 28.14 -13.69 -15.18
C GLY C 162 27.56 -14.92 -14.50
N TRP C 163 27.69 -16.05 -15.20
CA TRP C 163 27.26 -17.37 -14.75
C TRP C 163 28.04 -18.46 -15.48
N THR C 164 29.36 -18.37 -15.46
CA THR C 164 30.18 -19.21 -16.35
C THR C 164 30.02 -20.70 -16.06
N GLU C 165 29.37 -21.08 -14.95
CA GLU C 165 29.16 -22.48 -14.58
C GLU C 165 27.76 -22.97 -14.92
N ASN C 166 26.89 -22.10 -15.44
CA ASN C 166 25.55 -22.51 -15.84
C ASN C 166 25.28 -22.20 -17.32
N VAL C 167 26.31 -22.31 -18.16
CA VAL C 167 26.21 -22.07 -19.60
C VAL C 167 25.98 -23.41 -20.29
N LYS C 168 24.89 -23.51 -21.06
CA LYS C 168 24.45 -24.79 -21.61
C LYS C 168 24.31 -24.72 -23.12
N GLY C 169 24.75 -25.79 -23.80
CA GLY C 169 24.56 -25.94 -25.22
C GLY C 169 24.33 -27.40 -25.63
N PRO C 170 24.11 -27.64 -26.93
CA PRO C 170 23.93 -29.02 -27.40
C PRO C 170 25.08 -29.93 -27.05
N SER C 171 26.31 -29.42 -27.06
CA SER C 171 27.49 -30.22 -26.76
C SER C 171 28.51 -29.37 -26.03
N ALA C 172 29.46 -30.04 -25.40
CA ALA C 172 30.52 -29.39 -24.62
C ALA C 172 31.62 -28.93 -25.58
N ILE C 173 31.29 -27.89 -26.35
CA ILE C 173 32.16 -27.35 -27.40
C ILE C 173 32.19 -25.83 -27.21
N PRO C 174 33.33 -25.23 -26.85
CA PRO C 174 33.35 -23.78 -26.68
C PRO C 174 33.20 -23.10 -28.02
N PHE C 175 32.62 -21.89 -28.01
CA PHE C 175 32.47 -21.14 -29.26
C PHE C 175 33.83 -20.85 -29.88
N ALA C 176 34.82 -20.49 -29.05
CA ALA C 176 36.21 -20.34 -29.44
C ALA C 176 37.07 -20.89 -28.33
N GLU C 177 38.36 -21.07 -28.61
CA GLU C 177 39.29 -21.50 -27.58
C GLU C 177 39.42 -20.43 -26.50
N GLY C 178 39.38 -20.85 -25.23
CA GLY C 178 39.37 -19.94 -24.10
C GLY C 178 37.99 -19.50 -23.63
N GLU C 179 36.95 -19.74 -24.41
CA GLU C 179 35.60 -19.39 -24.02
C GLU C 179 35.04 -20.41 -23.03
N ILE C 180 33.84 -20.13 -22.52
CA ILE C 180 33.18 -21.09 -21.66
C ILE C 180 32.91 -22.36 -22.44
N VAL C 181 33.32 -23.50 -21.89
CA VAL C 181 32.89 -24.78 -22.42
C VAL C 181 31.46 -24.99 -21.92
N PRO C 182 30.46 -24.94 -22.79
CA PRO C 182 29.09 -25.14 -22.31
C PRO C 182 28.95 -26.57 -21.84
N LYS C 183 28.01 -26.78 -20.93
CA LYS C 183 27.69 -28.13 -20.50
C LYS C 183 26.78 -28.76 -21.55
N ALA C 184 27.09 -30.00 -21.92
CA ALA C 184 26.25 -30.72 -22.88
C ALA C 184 24.89 -31.01 -22.23
N MET C 185 23.83 -30.40 -22.76
CA MET C 185 22.51 -30.52 -22.17
C MET C 185 22.04 -31.96 -22.13
N THR C 186 21.45 -32.34 -20.98
CA THR C 186 20.78 -33.62 -20.84
C THR C 186 19.39 -33.55 -21.46
N LYS C 187 18.72 -34.71 -21.55
CA LYS C 187 17.33 -34.69 -22.01
C LYS C 187 16.46 -33.83 -21.09
N GLU C 188 16.68 -33.90 -19.78
CA GLU C 188 15.90 -33.05 -18.88
C GLU C 188 16.24 -31.57 -19.04
N ASP C 189 17.50 -31.27 -19.36
CA ASP C 189 17.85 -29.89 -19.68
C ASP C 189 17.09 -29.42 -20.90
N ILE C 190 17.02 -30.26 -21.93
CA ILE C 190 16.27 -29.90 -23.13
C ILE C 190 14.79 -29.79 -22.81
N GLU C 191 14.26 -30.72 -22.01
CA GLU C 191 12.87 -30.60 -21.56
C GLU C 191 12.69 -29.35 -20.70
N GLU C 192 13.71 -29.00 -19.92
CA GLU C 192 13.68 -27.77 -19.13
C GLU C 192 13.61 -26.54 -20.02
N VAL C 193 14.30 -26.59 -21.16
CA VAL C 193 14.28 -25.47 -22.12
C VAL C 193 12.88 -25.27 -22.67
N LYS C 194 12.23 -26.37 -23.06
CA LYS C 194 10.86 -26.29 -23.59
C LYS C 194 9.88 -25.73 -22.57
N THR C 195 9.98 -26.17 -21.31
CA THR C 195 9.09 -25.67 -20.27
C THR C 195 9.17 -24.15 -20.16
N ALA C 196 10.39 -23.61 -20.10
CA ALA C 196 10.58 -22.17 -19.98
C ALA C 196 10.10 -21.41 -21.22
N TRP C 197 10.26 -22.00 -22.40
CA TRP C 197 9.83 -21.31 -23.61
C TRP C 197 8.32 -21.07 -23.58
N VAL C 198 7.54 -22.10 -23.21
CA VAL C 198 6.10 -21.92 -23.09
C VAL C 198 5.78 -20.84 -22.04
N ALA C 199 6.45 -20.89 -20.89
CA ALA C 199 6.21 -19.88 -19.86
C ALA C 199 6.55 -18.48 -20.37
N ALA C 200 7.72 -18.33 -21.02
CA ALA C 200 8.09 -17.01 -21.56
C ALA C 200 7.10 -16.56 -22.63
N VAL C 201 6.60 -17.49 -23.45
CA VAL C 201 5.60 -17.13 -24.45
C VAL C 201 4.34 -16.62 -23.77
N GLU C 202 3.87 -17.33 -22.74
CA GLU C 202 2.68 -16.90 -22.03
C GLU C 202 2.84 -15.50 -21.44
N ARG C 203 4.01 -15.21 -20.87
CA ARG C 203 4.21 -13.90 -20.28
C ARG C 203 4.20 -12.81 -21.34
N ALA C 204 4.84 -13.07 -22.48
CA ALA C 204 4.75 -12.12 -23.61
C ALA C 204 3.31 -11.95 -24.03
N VAL C 205 2.55 -13.06 -24.07
CA VAL C 205 1.12 -12.97 -24.34
C VAL C 205 0.42 -12.11 -23.29
N ALA C 206 0.81 -12.28 -22.01
CA ALA C 206 0.21 -11.44 -20.97
C ALA C 206 0.58 -9.97 -21.14
N ALA C 207 1.78 -9.68 -21.64
CA ALA C 207 2.15 -8.29 -21.88
C ALA C 207 1.43 -7.67 -23.08
N GLY C 208 0.92 -8.49 -24.00
CA GLY C 208 0.17 -7.96 -25.12
C GLY C 208 0.92 -7.89 -26.44
N VAL C 209 2.04 -8.61 -26.58
CA VAL C 209 2.80 -8.55 -27.82
C VAL C 209 1.94 -9.05 -28.98
N ASP C 210 2.17 -8.49 -30.17
CA ASP C 210 1.40 -8.88 -31.34
C ASP C 210 1.96 -10.11 -32.04
N PHE C 211 3.21 -10.46 -31.77
CA PHE C 211 3.81 -11.62 -32.40
C PHE C 211 5.03 -12.03 -31.58
N ILE C 212 5.55 -13.21 -31.91
CA ILE C 212 6.73 -13.80 -31.29
C ILE C 212 7.66 -14.19 -32.42
N GLU C 213 8.96 -13.90 -32.28
CA GLU C 213 9.96 -14.44 -33.19
C GLU C 213 10.87 -15.39 -32.42
N ILE C 214 11.18 -16.52 -33.02
CA ILE C 214 12.03 -17.52 -32.40
C ILE C 214 13.46 -17.28 -32.85
N HIS C 215 14.37 -17.09 -31.89
CA HIS C 215 15.76 -16.82 -32.21
C HIS C 215 16.49 -18.11 -32.52
N ASN C 216 16.59 -18.43 -33.81
CA ASN C 216 17.29 -19.62 -34.27
C ASN C 216 18.58 -19.27 -35.02
N ALA C 217 19.11 -18.06 -34.84
CA ALA C 217 20.24 -17.56 -35.63
C ALA C 217 21.47 -17.33 -34.74
N HIS C 218 22.58 -17.02 -35.40
CA HIS C 218 23.77 -16.38 -34.83
C HIS C 218 24.48 -17.26 -33.79
N GLY C 219 24.37 -18.58 -33.90
CA GLY C 219 25.14 -19.45 -33.03
C GLY C 219 24.64 -19.60 -31.62
N TYR C 220 23.48 -19.01 -31.29
CA TYR C 220 22.88 -19.20 -29.98
C TYR C 220 22.31 -20.61 -29.87
N LEU C 221 21.44 -20.87 -28.88
CA LEU C 221 21.15 -22.26 -28.53
C LEU C 221 20.59 -23.04 -29.71
N LEU C 222 19.48 -22.56 -30.28
CA LEU C 222 18.84 -23.31 -31.36
C LEU C 222 19.70 -23.33 -32.62
N SER C 223 20.31 -22.19 -32.96
CA SER C 223 21.25 -22.13 -34.09
C SER C 223 22.38 -23.13 -33.92
N SER C 224 22.87 -23.34 -32.70
CA SER C 224 23.95 -24.29 -32.47
C SER C 224 23.47 -25.73 -32.56
N PHE C 225 22.15 -25.96 -32.47
CA PHE C 225 21.65 -27.31 -32.68
C PHE C 225 21.67 -27.69 -34.16
N LEU C 226 21.33 -26.73 -35.02
CA LEU C 226 21.30 -26.97 -36.46
C LEU C 226 22.65 -27.37 -36.98
N SER C 227 23.70 -26.66 -36.57
CA SER C 227 25.03 -26.84 -37.16
C SER C 227 25.76 -28.04 -36.57
N PRO C 228 26.33 -28.91 -37.41
CA PRO C 228 27.20 -29.98 -36.89
C PRO C 228 28.50 -29.49 -36.30
N SER C 229 28.84 -28.21 -36.43
CA SER C 229 30.04 -27.68 -35.77
C SER C 229 29.90 -27.65 -34.26
N SER C 230 28.74 -27.20 -33.77
CA SER C 230 28.43 -27.07 -32.35
C SER C 230 27.65 -28.25 -31.78
N ASN C 231 27.01 -29.05 -32.63
CA ASN C 231 26.12 -30.12 -32.21
C ASN C 231 26.77 -31.44 -32.58
N GLN C 232 27.24 -32.17 -31.57
CA GLN C 232 27.76 -33.52 -31.73
C GLN C 232 26.98 -34.52 -30.87
N ARG C 233 25.69 -34.25 -30.64
CA ARG C 233 24.90 -35.17 -29.82
C ARG C 233 24.78 -36.53 -30.49
N THR C 234 24.57 -37.56 -29.68
CA THR C 234 24.37 -38.91 -30.20
C THR C 234 22.98 -39.45 -29.85
N ASP C 235 22.06 -38.55 -29.49
CA ASP C 235 20.66 -38.85 -29.19
C ASP C 235 19.81 -38.28 -30.33
N ASP C 236 18.50 -38.06 -30.07
CA ASP C 236 17.56 -37.60 -31.10
C ASP C 236 17.82 -36.17 -31.57
N TYR C 237 18.83 -35.48 -31.07
CA TYR C 237 19.00 -34.07 -31.37
C TYR C 237 20.29 -33.74 -32.10
N GLY C 238 21.08 -34.75 -32.45
CA GLY C 238 22.28 -34.55 -33.22
C GLY C 238 22.44 -35.70 -34.20
N GLY C 239 23.42 -35.53 -35.09
CA GLY C 239 23.63 -36.51 -36.14
C GLY C 239 22.89 -36.14 -37.42
N SER C 240 21.77 -36.81 -37.67
CA SER C 240 21.00 -36.62 -38.90
C SER C 240 20.46 -35.21 -39.01
N PHE C 241 20.11 -34.83 -40.25
CA PHE C 241 19.50 -33.53 -40.48
C PHE C 241 18.16 -33.41 -39.75
N GLU C 242 17.34 -34.47 -39.79
CA GLU C 242 16.06 -34.42 -39.10
C GLU C 242 16.25 -34.20 -37.61
N ASN C 243 17.25 -34.86 -37.03
CA ASN C 243 17.55 -34.71 -35.61
C ASN C 243 18.09 -33.33 -35.29
N ARG C 244 18.97 -32.79 -36.12
CA ARG C 244 19.59 -31.52 -35.78
C ARG C 244 18.59 -30.37 -35.85
N ILE C 245 17.53 -30.50 -36.65
CA ILE C 245 16.49 -29.49 -36.71
C ILE C 245 15.30 -29.81 -35.81
N ARG C 246 15.34 -30.94 -35.11
CA ARG C 246 14.17 -31.41 -34.36
C ARG C 246 13.71 -30.40 -33.31
N LEU C 247 14.62 -29.98 -32.42
CA LEU C 247 14.23 -29.09 -31.32
C LEU C 247 13.66 -27.79 -31.84
N SER C 248 14.23 -27.27 -32.93
CA SER C 248 13.73 -26.02 -33.53
C SER C 248 12.30 -26.17 -34.02
N LEU C 249 11.94 -27.36 -34.53
CA LEU C 249 10.57 -27.61 -34.97
C LEU C 249 9.62 -27.77 -33.79
N GLU C 250 10.07 -28.45 -32.73
CA GLU C 250 9.26 -28.57 -31.52
C GLU C 250 8.91 -27.20 -30.96
N ILE C 251 9.91 -26.33 -30.84
CA ILE C 251 9.69 -25.00 -30.27
C ILE C 251 8.72 -24.18 -31.11
N SER C 252 8.71 -24.39 -32.43
CA SER C 252 7.81 -23.65 -33.31
C SER C 252 6.36 -24.10 -33.13
N GLN C 253 6.13 -25.42 -33.04
CA GLN C 253 4.76 -25.86 -32.78
C GLN C 253 4.31 -25.46 -31.39
N LEU C 254 5.13 -25.75 -30.37
CA LEU C 254 4.81 -25.34 -29.00
C LEU C 254 4.46 -23.85 -28.95
N THR C 255 5.25 -23.01 -29.63
CA THR C 255 4.94 -21.58 -29.66
C THR C 255 3.64 -21.32 -30.40
N ARG C 256 3.41 -22.03 -31.52
CA ARG C 256 2.17 -21.84 -32.26
C ARG C 256 0.97 -22.17 -31.38
N ASP C 257 0.99 -23.37 -30.78
CA ASP C 257 -0.12 -23.83 -29.96
C ASP C 257 -0.32 -22.95 -28.74
N THR C 258 0.75 -22.35 -28.22
CA THR C 258 0.64 -21.54 -27.00
C THR C 258 0.06 -20.18 -27.31
N VAL C 259 0.46 -19.57 -28.43
CA VAL C 259 -0.07 -18.25 -28.78
C VAL C 259 -1.42 -18.38 -29.48
N GLY C 260 -1.76 -19.57 -29.97
CA GLY C 260 -2.99 -19.84 -30.68
C GLY C 260 -2.82 -19.59 -32.17
N PRO C 261 -3.92 -19.66 -32.93
CA PRO C 261 -3.80 -19.62 -34.39
C PRO C 261 -3.88 -18.24 -35.01
N ASN C 262 -4.19 -17.20 -34.22
CA ASN C 262 -4.40 -15.86 -34.76
C ASN C 262 -3.15 -14.98 -34.70
N MET C 263 -2.09 -15.43 -34.09
CA MET C 263 -0.92 -14.59 -33.84
C MET C 263 0.21 -14.94 -34.79
N PRO C 264 0.86 -13.92 -35.36
CA PRO C 264 2.04 -14.17 -36.19
C PRO C 264 3.20 -14.73 -35.37
N VAL C 265 3.86 -15.75 -35.92
CA VAL C 265 5.06 -16.33 -35.31
C VAL C 265 6.17 -16.38 -36.36
N PHE C 266 7.30 -15.74 -36.05
CA PHE C 266 8.47 -15.65 -36.92
C PHE C 266 9.58 -16.60 -36.44
N LEU C 267 10.50 -16.92 -37.35
CA LEU C 267 11.68 -17.67 -36.96
C LEU C 267 12.88 -17.12 -37.72
N ARG C 268 13.89 -16.69 -36.98
CA ARG C 268 15.12 -16.14 -37.54
C ARG C 268 16.18 -17.23 -37.60
N VAL C 269 16.84 -17.38 -38.74
CA VAL C 269 17.86 -18.40 -38.89
C VAL C 269 19.11 -17.81 -39.54
N SER C 270 20.26 -18.41 -39.26
CA SER C 270 21.50 -18.07 -39.95
C SER C 270 21.55 -18.90 -41.22
N ALA C 271 21.35 -18.25 -42.38
CA ALA C 271 21.31 -19.01 -43.62
C ALA C 271 22.65 -19.65 -43.93
N THR C 272 23.76 -19.04 -43.49
CA THR C 272 25.08 -19.64 -43.69
C THR C 272 25.99 -19.29 -42.51
N ASP C 273 26.99 -20.15 -42.29
CA ASP C 273 28.03 -19.91 -41.30
C ASP C 273 29.24 -19.18 -41.87
N TRP C 274 29.22 -18.82 -43.15
CA TRP C 274 30.32 -18.10 -43.80
C TRP C 274 31.63 -18.88 -43.70
N LEU C 275 31.55 -20.21 -43.74
CA LEU C 275 32.71 -21.07 -43.69
C LEU C 275 33.06 -21.66 -45.04
N GLU C 276 32.35 -21.23 -46.10
CA GLU C 276 32.54 -21.79 -47.43
C GLU C 276 33.97 -21.58 -47.92
N LYS C 277 34.51 -20.38 -47.71
CA LYS C 277 35.87 -20.04 -48.12
C LYS C 277 36.88 -20.29 -47.01
N SER C 278 36.53 -19.99 -45.76
CA SER C 278 37.53 -20.08 -44.69
C SER C 278 37.77 -21.50 -44.20
N MET C 279 36.76 -22.37 -44.22
CA MET C 279 36.91 -23.74 -43.70
C MET C 279 36.07 -24.71 -44.55
N PRO C 280 36.49 -24.96 -45.79
CA PRO C 280 35.64 -25.73 -46.73
C PRO C 280 35.42 -27.17 -46.31
N GLU C 281 36.26 -27.73 -45.45
CA GLU C 281 36.14 -29.12 -45.02
C GLU C 281 35.19 -29.29 -43.83
N GLU C 282 34.60 -28.20 -43.34
CA GLU C 282 33.74 -28.27 -42.17
C GLU C 282 32.31 -28.59 -42.58
N LYS C 283 31.82 -29.75 -42.13
CA LYS C 283 30.38 -30.02 -42.21
C LYS C 283 29.70 -29.06 -41.24
N GLY C 284 29.17 -27.97 -41.76
CA GLY C 284 28.46 -26.99 -40.97
C GLY C 284 27.05 -26.71 -41.41
N TRP C 285 26.77 -25.43 -41.66
CA TRP C 285 25.42 -24.96 -41.94
C TRP C 285 25.49 -23.96 -43.09
N LYS C 286 24.98 -24.36 -44.25
CA LYS C 286 25.06 -23.59 -45.48
C LYS C 286 23.65 -23.27 -45.98
N LEU C 287 23.59 -22.57 -47.12
CA LEU C 287 22.31 -22.16 -47.66
C LEU C 287 21.41 -23.34 -48.03
N GLU C 288 22.01 -24.44 -48.47
CA GLU C 288 21.20 -25.61 -48.81
C GLU C 288 20.48 -26.17 -47.57
N ASP C 289 21.16 -26.19 -46.42
CA ASP C 289 20.51 -26.69 -45.22
C ASP C 289 19.39 -25.77 -44.79
N THR C 290 19.63 -24.46 -44.82
CA THR C 290 18.59 -23.52 -44.47
C THR C 290 17.41 -23.62 -45.43
N VAL C 291 17.67 -24.08 -46.65
CA VAL C 291 16.60 -24.26 -47.62
C VAL C 291 15.79 -25.53 -47.31
N GLU C 292 16.46 -26.64 -46.99
CA GLU C 292 15.72 -27.83 -46.59
C GLU C 292 14.97 -27.61 -45.29
N PHE C 293 15.57 -26.82 -44.38
CA PHE C 293 14.97 -26.43 -43.10
C PHE C 293 13.79 -25.48 -43.32
N SER C 294 13.93 -24.52 -44.24
CA SER C 294 12.80 -23.65 -44.59
C SER C 294 11.68 -24.45 -45.24
N ARG C 295 12.04 -25.56 -45.89
CA ARG C 295 11.04 -26.49 -46.42
C ARG C 295 10.38 -27.30 -45.30
N ALA C 296 11.15 -27.71 -44.28
CA ALA C 296 10.56 -28.39 -43.12
C ALA C 296 9.59 -27.49 -42.35
N LEU C 297 9.93 -26.21 -42.20
CA LEU C 297 9.02 -25.28 -41.50
C LEU C 297 7.83 -24.91 -42.36
N ALA C 298 7.98 -24.94 -43.69
CA ALA C 298 6.84 -24.68 -44.56
C ALA C 298 5.86 -25.84 -44.53
N ALA C 299 6.39 -27.08 -44.50
CA ALA C 299 5.56 -28.26 -44.33
C ALA C 299 4.89 -28.27 -42.96
N GLN C 300 5.60 -27.82 -41.92
CA GLN C 300 5.06 -27.88 -40.57
C GLN C 300 3.86 -26.96 -40.40
N GLY C 301 3.92 -25.77 -40.98
CA GLY C 301 2.76 -24.89 -40.96
C GLY C 301 2.57 -24.15 -39.67
N ALA C 302 3.52 -24.21 -38.74
CA ALA C 302 3.45 -23.45 -37.50
C ALA C 302 4.00 -22.04 -37.67
N ILE C 303 5.10 -21.92 -38.40
CA ILE C 303 5.80 -20.64 -38.57
C ILE C 303 5.16 -19.84 -39.70
N ASP C 304 5.06 -18.53 -39.51
CA ASP C 304 4.51 -17.61 -40.49
C ASP C 304 5.54 -16.90 -41.35
N LEU C 305 6.75 -16.66 -40.83
CA LEU C 305 7.76 -15.89 -41.52
C LEU C 305 9.11 -16.49 -41.18
N ILE C 306 9.96 -16.71 -42.18
CA ILE C 306 11.36 -17.08 -41.96
C ILE C 306 12.19 -15.81 -42.10
N ASP C 307 12.87 -15.44 -41.04
CA ASP C 307 13.67 -14.23 -41.00
C ASP C 307 15.11 -14.64 -41.31
N ILE C 308 15.60 -14.18 -42.46
CA ILE C 308 16.87 -14.64 -43.02
C ILE C 308 17.98 -13.69 -42.52
N SER C 309 18.94 -14.27 -41.78
CA SER C 309 20.16 -13.58 -41.38
C SER C 309 21.33 -14.49 -41.75
N THR C 310 22.54 -14.13 -41.31
CA THR C 310 23.71 -14.97 -41.55
C THR C 310 24.66 -14.86 -40.36
N GLY C 311 25.61 -15.79 -40.32
CA GLY C 311 26.74 -15.71 -39.42
C GLY C 311 26.38 -15.95 -37.98
N GLY C 312 27.41 -15.88 -37.14
CA GLY C 312 27.31 -16.21 -35.73
C GLY C 312 27.48 -17.67 -35.38
N VAL C 313 27.50 -18.57 -36.36
CA VAL C 313 27.43 -20.00 -36.06
C VAL C 313 28.78 -20.56 -35.65
N HIS C 314 29.86 -20.00 -36.21
CA HIS C 314 31.22 -20.50 -36.06
C HIS C 314 32.13 -19.30 -35.92
N ALA C 315 33.18 -19.44 -35.10
CA ALA C 315 34.08 -18.32 -34.85
C ALA C 315 34.92 -17.99 -36.08
N ALA C 316 35.25 -19.01 -36.88
CA ALA C 316 36.10 -18.90 -38.06
C ALA C 316 35.33 -18.46 -39.29
N GLN C 317 34.15 -17.88 -39.12
CA GLN C 317 33.40 -17.35 -40.24
C GLN C 317 34.18 -16.23 -40.91
N LYS C 318 33.92 -16.04 -42.22
CA LYS C 318 34.42 -14.90 -42.99
C LYS C 318 33.22 -14.27 -43.70
N VAL C 319 32.73 -13.17 -43.15
CA VAL C 319 31.49 -12.58 -43.63
C VAL C 319 31.85 -11.68 -44.80
N THR C 320 31.35 -12.03 -45.99
CA THR C 320 31.56 -11.19 -47.17
C THR C 320 30.52 -10.08 -47.12
N SER C 321 30.89 -9.00 -46.47
CA SER C 321 29.96 -7.92 -46.22
C SER C 321 29.71 -7.11 -47.49
N GLY C 322 28.91 -6.05 -47.35
CA GLY C 322 28.54 -5.19 -48.45
C GLY C 322 27.09 -4.76 -48.33
N VAL C 323 26.65 -3.88 -49.22
CA VAL C 323 25.28 -3.37 -49.19
C VAL C 323 24.30 -4.46 -49.59
N GLY C 324 23.30 -4.72 -48.74
CA GLY C 324 22.34 -5.78 -49.01
C GLY C 324 22.96 -7.17 -49.06
N PHE C 325 23.93 -7.46 -48.22
CA PHE C 325 24.73 -8.66 -48.34
C PHE C 325 24.04 -9.94 -47.88
N GLN C 326 22.81 -9.87 -47.37
CA GLN C 326 22.09 -11.12 -46.97
C GLN C 326 20.82 -11.28 -47.80
N VAL C 327 20.59 -10.39 -48.76
CA VAL C 327 19.43 -10.57 -49.65
C VAL C 327 19.52 -11.85 -50.45
N PRO C 328 20.70 -12.28 -50.98
CA PRO C 328 20.76 -13.52 -51.77
C PRO C 328 20.11 -14.75 -51.14
N PHE C 329 20.30 -14.96 -49.85
CA PHE C 329 19.69 -16.12 -49.18
C PHE C 329 18.19 -15.92 -49.03
N ALA C 330 17.75 -14.70 -48.74
CA ALA C 330 16.33 -14.39 -48.69
C ALA C 330 15.65 -14.59 -50.04
N LYS C 331 16.37 -14.34 -51.15
CA LYS C 331 15.79 -14.62 -52.47
C LYS C 331 15.68 -16.13 -52.71
N ALA C 332 16.74 -16.88 -52.37
CA ALA C 332 16.77 -18.32 -52.60
C ALA C 332 15.79 -19.08 -51.74
N VAL C 333 15.54 -18.62 -50.50
CA VAL C 333 14.65 -19.32 -49.59
C VAL C 333 13.20 -19.16 -50.05
N LYS C 334 12.86 -17.98 -50.57
CA LYS C 334 11.55 -17.78 -51.20
C LYS C 334 11.31 -18.81 -52.29
N GLU C 335 12.33 -19.07 -53.13
CA GLU C 335 12.22 -20.07 -54.19
C GLU C 335 11.94 -21.45 -53.63
N ALA C 336 12.39 -21.71 -52.40
CA ALA C 336 12.18 -22.98 -51.74
C ALA C 336 10.77 -23.13 -51.15
N VAL C 337 10.09 -22.02 -50.84
CA VAL C 337 8.83 -22.06 -50.11
C VAL C 337 7.71 -21.29 -50.78
N GLY C 338 7.96 -20.67 -51.93
CA GLY C 338 7.00 -19.78 -52.59
C GLY C 338 6.03 -18.98 -51.74
N GLN C 339 4.73 -19.18 -51.98
CA GLN C 339 3.67 -18.47 -51.29
C GLN C 339 3.24 -19.17 -50.00
N LYS C 340 3.85 -20.31 -49.66
CA LYS C 340 3.45 -21.03 -48.45
C LYS C 340 3.88 -20.28 -47.18
N MET C 341 5.03 -19.63 -47.24
CA MET C 341 5.66 -18.97 -46.10
C MET C 341 6.11 -17.58 -46.51
N LEU C 342 5.99 -16.63 -45.59
CA LEU C 342 6.56 -15.30 -45.80
C LEU C 342 8.06 -15.31 -45.52
N VAL C 343 8.76 -14.33 -46.09
CA VAL C 343 10.21 -14.19 -45.94
C VAL C 343 10.52 -12.73 -45.66
N SER C 344 11.44 -12.47 -44.72
CA SER C 344 11.93 -11.13 -44.44
C SER C 344 13.42 -11.04 -44.77
N ALA C 345 13.87 -9.84 -45.13
CA ALA C 345 15.27 -9.62 -45.45
C ALA C 345 15.86 -8.52 -44.56
N VAL C 346 17.14 -8.69 -44.21
CA VAL C 346 17.81 -7.75 -43.32
C VAL C 346 19.30 -7.70 -43.67
N GLY C 347 19.90 -6.54 -43.44
CA GLY C 347 21.35 -6.44 -43.57
C GLY C 347 21.82 -5.35 -44.51
N THR C 348 22.12 -4.18 -43.94
CA THR C 348 22.65 -3.02 -44.67
C THR C 348 21.73 -2.61 -45.83
N ILE C 349 20.43 -2.53 -45.54
CA ILE C 349 19.46 -1.99 -46.48
C ILE C 349 18.99 -0.64 -45.96
N ASN C 350 19.63 0.44 -46.43
CA ASN C 350 19.55 1.74 -45.77
C ASN C 350 18.86 2.82 -46.60
N SER C 351 18.30 2.48 -47.75
CA SER C 351 17.47 3.41 -48.48
C SER C 351 16.17 2.72 -48.81
N GLY C 352 15.09 3.48 -48.89
CA GLY C 352 13.83 2.90 -49.27
C GLY C 352 13.86 2.36 -50.68
N ASN C 353 14.66 2.99 -51.55
CA ASN C 353 14.75 2.55 -52.94
C ASN C 353 15.39 1.17 -53.04
N LEU C 354 16.49 0.96 -52.31
CA LEU C 354 17.12 -0.35 -52.29
C LEU C 354 16.17 -1.38 -51.65
N ALA C 355 15.42 -0.97 -50.63
CA ALA C 355 14.46 -1.87 -50.02
C ALA C 355 13.42 -2.34 -51.02
N GLU C 356 12.75 -1.39 -51.70
CA GLU C 356 11.71 -1.73 -52.67
C GLU C 356 12.22 -2.66 -53.76
N LYS C 357 13.45 -2.42 -54.25
CA LYS C 357 14.03 -3.29 -55.27
C LYS C 357 14.10 -4.71 -54.78
N ILE C 358 14.40 -4.89 -53.50
CA ILE C 358 14.46 -6.23 -52.95
C ILE C 358 13.08 -6.86 -52.92
N LEU C 359 12.06 -6.09 -52.55
CA LEU C 359 10.72 -6.65 -52.39
C LEU C 359 10.15 -7.16 -53.72
N ASN C 360 10.31 -6.38 -54.80
CA ASN C 360 9.74 -6.73 -56.09
C ASN C 360 10.67 -7.64 -56.90
N GLU C 361 11.98 -7.34 -56.93
CA GLU C 361 12.88 -8.13 -57.76
C GLU C 361 13.30 -9.43 -57.12
N ASP C 362 13.31 -9.48 -55.78
CA ASP C 362 13.71 -10.69 -55.08
C ASP C 362 12.56 -11.38 -54.34
N ASP C 363 11.37 -10.78 -54.36
CA ASP C 363 10.15 -11.40 -53.87
C ASP C 363 10.15 -11.65 -52.37
N VAL C 364 10.93 -10.89 -51.61
CA VAL C 364 10.86 -11.00 -50.17
C VAL C 364 9.62 -10.26 -49.72
N ASP C 365 9.11 -10.64 -48.55
CA ASP C 365 7.83 -10.09 -48.14
C ASP C 365 7.96 -8.88 -47.22
N VAL C 366 8.98 -8.87 -46.35
CA VAL C 366 9.17 -7.82 -45.37
C VAL C 366 10.65 -7.43 -45.36
N ILE C 367 10.92 -6.13 -45.27
CA ILE C 367 12.27 -5.57 -45.23
C ILE C 367 12.56 -5.12 -43.80
N LEU C 368 13.51 -5.77 -43.16
CA LEU C 368 13.91 -5.44 -41.80
C LEU C 368 15.16 -4.56 -41.80
N VAL C 369 15.21 -3.60 -40.86
CA VAL C 369 16.37 -2.72 -40.71
C VAL C 369 16.77 -2.60 -39.24
N GLY C 370 18.07 -2.73 -38.96
CA GLY C 370 18.66 -2.55 -37.65
C GLY C 370 19.33 -1.20 -37.46
N ARG C 371 20.67 -1.18 -37.57
CA ARG C 371 21.49 0.02 -37.28
C ARG C 371 20.87 1.33 -37.69
N ALA C 372 20.33 1.41 -38.91
CA ALA C 372 19.78 2.68 -39.39
C ALA C 372 18.68 3.20 -38.48
N PHE C 373 17.96 2.31 -37.77
CA PHE C 373 16.97 2.75 -36.79
C PHE C 373 17.62 3.26 -35.51
N GLN C 374 18.83 2.80 -35.20
CA GLN C 374 19.56 3.35 -34.06
C GLN C 374 19.94 4.79 -34.31
N ARG C 375 20.30 5.12 -35.56
CA ARG C 375 20.61 6.49 -35.92
C ARG C 375 19.33 7.31 -36.13
N ASP C 376 18.41 6.77 -36.93
CA ASP C 376 17.18 7.46 -37.30
C ASP C 376 15.97 6.70 -36.72
N SER C 377 15.44 7.21 -35.60
CA SER C 377 14.20 6.68 -35.07
C SER C 377 13.01 6.98 -35.98
N GLY C 378 13.12 8.01 -36.83
CA GLY C 378 12.10 8.24 -37.83
C GLY C 378 12.50 7.67 -39.17
N LEU C 379 13.13 6.49 -39.19
CA LEU C 379 13.61 5.91 -40.44
C LEU C 379 12.46 5.54 -41.39
N ALA C 380 11.28 5.22 -40.85
CA ALA C 380 10.12 5.01 -41.71
C ALA C 380 9.82 6.27 -42.52
N TRP C 381 10.08 7.43 -41.92
CA TRP C 381 9.97 8.70 -42.61
C TRP C 381 11.02 8.84 -43.71
N ALA C 382 12.24 8.40 -43.45
CA ALA C 382 13.31 8.57 -44.44
C ALA C 382 13.00 7.75 -45.69
N PHE C 383 12.58 6.48 -45.50
CA PHE C 383 12.26 5.60 -46.60
C PHE C 383 11.02 6.10 -47.35
N ALA C 384 10.10 6.74 -46.64
CA ALA C 384 8.97 7.37 -47.31
C ALA C 384 9.43 8.47 -48.26
N LYS C 385 10.43 9.26 -47.83
CA LYS C 385 11.00 10.30 -48.68
C LYS C 385 11.72 9.71 -49.88
N ASP C 386 12.48 8.63 -49.66
CA ASP C 386 13.17 7.91 -50.73
C ASP C 386 12.24 7.51 -51.86
N LEU C 387 10.98 7.20 -51.55
CA LEU C 387 10.01 6.76 -52.54
C LEU C 387 8.93 7.79 -52.84
N ASP C 388 9.03 9.00 -52.26
CA ASP C 388 8.06 10.08 -52.47
C ASP C 388 6.64 9.67 -52.09
N VAL C 389 6.51 8.82 -51.05
CA VAL C 389 5.21 8.33 -50.59
C VAL C 389 4.69 9.21 -49.46
N GLU C 390 3.49 9.75 -49.64
CA GLU C 390 2.81 10.53 -48.61
C GLU C 390 2.33 9.58 -47.51
N ILE C 391 2.84 9.75 -46.29
CA ILE C 391 2.60 8.79 -45.22
C ILE C 391 1.91 9.51 -44.07
N ALA C 392 1.26 8.73 -43.21
CA ALA C 392 0.64 9.30 -42.02
C ALA C 392 1.67 9.53 -40.93
N MET C 393 1.47 10.61 -40.17
CA MET C 393 2.35 10.92 -39.04
C MET C 393 1.56 11.49 -37.85
N ALA C 394 2.11 11.25 -36.66
CA ALA C 394 1.57 11.72 -35.39
C ALA C 394 1.33 13.23 -35.41
N GLY C 395 0.15 13.64 -34.96
CA GLY C 395 -0.20 15.05 -34.96
C GLY C 395 0.73 15.89 -34.12
N GLN C 396 1.40 15.29 -33.15
CA GLN C 396 2.37 16.00 -32.32
C GLN C 396 3.65 16.26 -33.07
N ILE C 397 4.05 15.32 -33.93
CA ILE C 397 5.24 15.52 -34.76
C ILE C 397 4.90 16.31 -36.01
N ARG C 398 3.76 16.00 -36.64
CA ARG C 398 3.60 16.35 -38.05
C ARG C 398 3.27 17.81 -38.29
N TRP C 399 2.63 18.49 -37.34
CA TRP C 399 1.94 19.72 -37.69
C TRP C 399 2.86 20.90 -37.98
N GLY C 400 4.15 20.81 -37.62
CA GLY C 400 5.10 21.86 -37.90
C GLY C 400 5.84 21.65 -39.20
N PHE C 401 5.51 20.55 -39.89
CA PHE C 401 6.07 20.22 -41.18
C PHE C 401 5.04 20.40 -42.30
N THR C 402 4.00 21.21 -42.05
CA THR C 402 2.94 21.44 -43.03
C THR C 402 2.32 22.83 -42.86
N SER C 408 -4.10 17.95 -42.93
CA SER C 408 -4.21 16.53 -43.23
C SER C 408 -3.49 15.71 -42.16
N GLU C 409 -3.87 14.44 -42.02
CA GLU C 409 -3.16 13.51 -41.15
C GLU C 409 -1.92 12.91 -41.83
N TYR C 410 -1.69 13.25 -43.09
CA TYR C 410 -0.63 12.68 -43.90
C TYR C 410 0.43 13.73 -44.15
N ILE C 411 1.64 13.25 -44.40
CA ILE C 411 2.79 14.10 -44.69
C ILE C 411 3.36 13.72 -46.05
N GLN C 412 3.39 14.67 -46.98
CA GLN C 412 4.13 14.52 -48.24
C GLN C 412 5.59 14.84 -47.96
N PRO C 413 6.46 13.83 -47.86
CA PRO C 413 7.78 14.01 -47.23
C PRO C 413 8.76 14.91 -47.99
N ASN C 414 8.37 15.48 -49.12
CA ASN C 414 9.32 16.09 -50.05
C ASN C 414 8.89 17.49 -50.43
N SER C 415 8.53 18.29 -49.42
CA SER C 415 8.47 19.74 -49.58
C SER C 415 8.54 20.40 -48.22
N TRP D 3 39.32 -16.03 -17.09
CA TRP D 3 38.92 -14.80 -17.79
C TRP D 3 38.97 -13.60 -16.85
N PRO D 4 39.35 -12.44 -17.39
CA PRO D 4 39.36 -11.22 -16.58
C PRO D 4 37.96 -10.72 -16.21
N ASP D 5 37.89 -10.04 -15.08
CA ASP D 5 36.67 -9.52 -14.53
C ASP D 5 36.45 -8.13 -15.10
N VAL D 6 35.36 -7.94 -15.87
CA VAL D 6 35.03 -6.70 -16.56
C VAL D 6 33.61 -6.24 -16.26
N PRO D 7 33.41 -5.31 -15.33
CA PRO D 7 32.04 -4.85 -15.00
C PRO D 7 31.49 -3.79 -15.95
N ILE D 8 30.16 -3.68 -15.93
CA ILE D 8 29.41 -2.68 -16.67
C ILE D 8 29.04 -1.59 -15.67
N ALA D 9 29.81 -0.50 -15.68
CA ALA D 9 29.51 0.60 -14.78
C ALA D 9 28.12 1.13 -15.07
N ALA D 10 27.40 1.44 -14.00
CA ALA D 10 26.02 1.93 -14.05
C ALA D 10 26.00 3.40 -13.66
N ALA D 11 24.94 4.07 -14.07
CA ALA D 11 24.71 5.44 -13.63
C ALA D 11 24.37 5.49 -12.14
N PRO D 12 24.86 6.49 -11.41
CA PRO D 12 24.71 6.52 -9.96
C PRO D 12 23.40 7.18 -9.52
N GLY D 13 22.98 6.81 -8.30
CA GLY D 13 21.92 7.53 -7.61
C GLY D 13 20.52 7.24 -8.13
N ILE D 14 20.33 6.08 -8.78
CA ILE D 14 19.05 5.71 -9.36
C ILE D 14 18.73 4.25 -9.01
N SER D 15 17.43 3.94 -9.03
CA SER D 15 16.95 2.65 -8.54
C SER D 15 17.03 1.53 -9.56
N TYR D 16 17.28 1.85 -10.84
CA TYR D 16 17.43 0.84 -11.88
C TYR D 16 18.80 0.94 -12.52
N PHE D 17 19.34 -0.22 -12.91
CA PHE D 17 20.56 -0.24 -13.69
C PHE D 17 20.32 0.36 -15.06
N THR D 18 21.27 1.19 -15.50
CA THR D 18 21.42 1.58 -16.89
C THR D 18 22.91 1.89 -17.00
N PRO D 19 23.57 1.47 -18.09
CA PRO D 19 25.02 1.73 -18.21
C PRO D 19 25.35 3.21 -18.14
N ALA D 20 26.46 3.52 -17.48
CA ALA D 20 26.95 4.89 -17.40
C ALA D 20 27.65 5.26 -18.70
N GLN D 21 27.48 6.51 -19.14
CA GLN D 21 28.07 7.05 -20.36
C GLN D 21 29.18 8.03 -19.98
N SER D 22 30.42 7.57 -20.07
CA SER D 22 31.61 8.39 -19.82
C SER D 22 32.43 8.47 -21.09
N PRO D 23 32.51 9.61 -21.77
CA PRO D 23 31.90 10.91 -21.46
C PRO D 23 30.45 10.98 -21.93
N PRO D 24 29.64 11.95 -21.51
CA PRO D 24 28.27 12.05 -22.03
C PRO D 24 28.28 12.07 -23.55
N ALA D 25 27.21 11.51 -24.13
CA ALA D 25 27.04 11.49 -25.59
C ALA D 25 26.93 12.90 -26.17
N GLY D 26 27.52 13.07 -27.37
CA GLY D 26 27.54 14.39 -28.00
C GLY D 26 28.72 15.25 -27.60
N THR D 27 29.71 14.66 -26.92
CA THR D 27 30.91 15.36 -26.49
C THR D 27 32.01 15.15 -27.52
N ALA D 28 32.47 16.25 -28.11
CA ALA D 28 33.56 16.19 -29.07
C ALA D 28 34.82 15.70 -28.38
N ARG D 29 35.46 14.71 -28.98
CA ARG D 29 36.75 14.27 -28.48
C ARG D 29 37.77 15.41 -28.48
N ASN D 30 38.60 15.44 -27.44
CA ASN D 30 39.65 16.44 -27.29
C ASN D 30 40.96 15.76 -26.91
N PRO D 31 41.96 15.69 -27.80
CA PRO D 31 42.03 16.30 -29.14
C PRO D 31 41.36 15.41 -30.19
N GLN D 32 40.83 16.01 -31.24
CA GLN D 32 40.26 15.24 -32.34
C GLN D 32 41.31 14.34 -32.97
N THR D 33 40.89 13.14 -33.34
CA THR D 33 41.79 12.23 -34.05
C THR D 33 42.28 12.83 -35.36
N SER D 34 41.47 13.68 -35.98
CA SER D 34 41.85 14.42 -37.17
C SER D 34 42.92 15.44 -36.93
N GLY D 35 43.22 15.78 -35.67
CA GLY D 35 44.07 16.92 -35.39
C GLY D 35 43.36 18.24 -35.59
N LYS D 36 42.12 18.22 -36.09
CA LYS D 36 41.42 19.45 -36.43
C LYS D 36 40.92 20.17 -35.17
N ALA D 37 40.70 21.46 -35.33
CA ALA D 37 40.13 22.24 -34.25
C ALA D 37 38.65 21.90 -34.10
N ILE D 38 38.16 22.09 -32.89
CA ILE D 38 36.76 21.82 -32.57
C ILE D 38 35.99 23.09 -32.86
N PRO D 39 34.95 23.05 -33.69
CA PRO D 39 34.19 24.28 -33.99
C PRO D 39 33.50 24.76 -32.73
N LYS D 40 33.11 26.03 -32.72
CA LYS D 40 32.55 26.59 -31.52
C LYS D 40 31.35 25.78 -31.03
N LEU D 41 30.62 25.13 -31.95
CA LEU D 41 29.39 24.42 -31.57
C LEU D 41 29.66 23.24 -30.65
N PHE D 42 30.83 22.63 -30.73
CA PHE D 42 31.11 21.48 -29.86
C PHE D 42 32.21 21.75 -28.83
N GLN D 43 32.41 23.03 -28.48
CA GLN D 43 33.20 23.50 -27.36
C GLN D 43 32.25 23.74 -26.18
N PRO D 44 32.53 23.16 -25.02
CA PRO D 44 31.58 23.24 -23.91
C PRO D 44 31.23 24.67 -23.54
N LEU D 45 30.13 24.81 -22.81
CA LEU D 45 29.69 26.10 -22.30
C LEU D 45 29.37 25.94 -20.83
N THR D 46 29.85 26.87 -20.01
CA THR D 46 29.59 26.85 -18.58
C THR D 46 28.75 28.08 -18.27
N ILE D 47 27.59 27.83 -17.66
CA ILE D 47 26.73 28.87 -17.11
C ILE D 47 26.65 28.55 -15.63
N ARG D 48 27.17 29.47 -14.81
CA ARG D 48 27.18 29.31 -13.36
C ARG D 48 27.55 27.89 -12.97
N GLY D 49 26.64 27.19 -12.31
CA GLY D 49 27.09 25.93 -11.75
C GLY D 49 27.16 24.76 -12.69
N HIS D 50 26.83 24.94 -13.97
CA HIS D 50 26.62 23.81 -14.89
C HIS D 50 27.45 23.92 -16.14
N THR D 51 27.85 22.76 -16.66
CA THR D 51 28.60 22.66 -17.90
C THR D 51 27.79 21.87 -18.92
N PHE D 52 27.60 22.45 -20.09
CA PHE D 52 26.99 21.79 -21.24
C PHE D 52 28.09 21.31 -22.19
N GLN D 53 28.00 20.07 -22.66
CA GLN D 53 29.10 19.51 -23.45
C GLN D 53 29.18 20.10 -24.86
N ASN D 54 28.13 20.75 -25.32
CA ASN D 54 28.21 21.46 -26.59
C ASN D 54 27.05 22.44 -26.59
N ARG D 55 26.92 23.20 -27.69
CA ARG D 55 26.03 24.35 -27.72
C ARG D 55 24.81 24.12 -28.59
N LEU D 56 24.55 22.87 -28.95
CA LEU D 56 23.32 22.53 -29.64
C LEU D 56 22.30 22.14 -28.58
N GLY D 57 21.26 22.97 -28.46
CA GLY D 57 20.18 22.75 -27.51
C GLY D 57 18.88 22.45 -28.22
N VAL D 58 18.01 21.69 -27.55
CA VAL D 58 16.66 21.42 -28.03
C VAL D 58 15.75 22.54 -27.53
N ALA D 59 15.16 23.29 -28.46
CA ALA D 59 14.25 24.38 -28.14
C ALA D 59 12.97 23.86 -27.50
N PRO D 60 12.27 24.69 -26.71
CA PRO D 60 11.03 24.24 -26.08
C PRO D 60 9.99 23.88 -27.14
N MET D 61 9.41 22.67 -27.03
CA MET D 61 8.45 22.19 -28.04
C MET D 61 7.27 21.48 -27.40
N CYS D 62 6.12 22.15 -27.36
CA CYS D 62 4.88 21.57 -26.86
C CYS D 62 4.51 20.30 -27.60
N GLN D 63 4.23 19.27 -26.81
CA GLN D 63 3.85 17.94 -27.27
C GLN D 63 2.37 17.69 -27.16
N TYR D 64 1.64 18.59 -26.49
CA TYR D 64 0.19 18.55 -26.40
C TYR D 64 -0.33 17.18 -25.96
N SER D 65 0.49 16.45 -25.18
CA SER D 65 0.14 15.09 -24.78
C SER D 65 0.15 14.88 -23.27
N ALA D 66 0.02 15.92 -22.46
CA ALA D 66 0.05 15.71 -21.01
C ALA D 66 -1.36 15.42 -20.48
N ASP D 67 -1.40 14.69 -19.37
CA ASP D 67 -2.65 14.27 -18.77
C ASP D 67 -2.89 15.10 -17.51
N ASP D 68 -3.73 16.12 -17.62
CA ASP D 68 -3.96 16.99 -16.50
C ASP D 68 -2.60 17.48 -15.98
N GLY D 69 -1.74 17.87 -16.92
CA GLY D 69 -0.42 18.41 -16.65
C GLY D 69 0.67 17.39 -16.40
N HIS D 70 0.35 16.12 -16.31
CA HIS D 70 1.31 15.10 -15.97
C HIS D 70 1.97 14.50 -17.21
N LEU D 71 3.28 14.36 -17.16
CA LEU D 71 3.98 13.69 -18.25
C LEU D 71 3.53 12.25 -18.32
N THR D 72 3.58 11.70 -19.52
CA THR D 72 3.12 10.34 -19.75
C THR D 72 4.28 9.65 -20.45
N PRO D 73 4.15 8.37 -20.84
CA PRO D 73 5.22 7.77 -21.64
C PRO D 73 5.43 8.45 -22.98
N TRP D 74 4.54 9.34 -23.41
CA TRP D 74 4.82 10.13 -24.61
C TRP D 74 6.08 10.96 -24.43
N HIS D 75 6.18 11.63 -23.28
CA HIS D 75 7.34 12.47 -23.04
C HIS D 75 8.56 11.62 -22.74
N MET D 76 8.37 10.42 -22.20
CA MET D 76 9.53 9.58 -21.96
C MET D 76 10.15 9.14 -23.28
N ALA D 77 9.30 8.86 -24.27
CA ALA D 77 9.79 8.50 -25.59
C ALA D 77 10.39 9.70 -26.33
N HIS D 78 9.74 10.86 -26.22
CA HIS D 78 10.18 12.09 -26.89
C HIS D 78 11.52 12.59 -26.35
N TYR D 79 11.52 13.10 -25.12
CA TYR D 79 12.76 13.65 -24.55
C TYR D 79 13.82 12.59 -24.35
N GLY D 80 13.41 11.37 -23.98
CA GLY D 80 14.40 10.35 -23.66
C GLY D 80 15.16 9.80 -24.86
N GLY D 81 14.49 9.72 -26.02
CA GLY D 81 15.20 9.32 -27.22
C GLY D 81 16.13 10.40 -27.71
N ILE D 82 15.76 11.66 -27.52
CA ILE D 82 16.65 12.79 -27.77
C ILE D 82 17.83 12.73 -26.80
N ALA D 83 17.54 12.48 -25.50
CA ALA D 83 18.58 12.43 -24.48
C ALA D 83 19.64 11.38 -24.77
N GLN D 84 19.26 10.28 -25.41
CA GLN D 84 20.24 9.24 -25.68
C GLN D 84 21.25 9.64 -26.75
N ARG D 85 21.03 10.76 -27.44
CA ARG D 85 21.83 11.10 -28.63
C ARG D 85 22.52 12.47 -28.52
N GLY D 86 22.68 12.98 -27.30
CA GLY D 86 23.64 13.99 -26.96
C GLY D 86 23.49 15.45 -27.38
N PRO D 87 22.31 16.06 -27.25
CA PRO D 87 22.26 17.51 -27.35
C PRO D 87 22.87 18.12 -26.11
N GLY D 88 23.34 19.36 -26.23
CA GLY D 88 24.02 19.99 -25.12
C GLY D 88 23.08 20.35 -23.99
N MET D 89 21.83 20.64 -24.35
CA MET D 89 20.74 20.88 -23.42
C MET D 89 19.43 20.51 -24.09
N ILE D 90 18.41 20.25 -23.27
CA ILE D 90 17.04 20.00 -23.69
C ILE D 90 16.15 20.93 -22.87
N ILE D 91 15.35 21.75 -23.53
CA ILE D 91 14.38 22.60 -22.84
C ILE D 91 13.01 21.94 -22.95
N ILE D 92 12.51 21.41 -21.83
CA ILE D 92 11.17 20.86 -21.81
C ILE D 92 10.17 21.98 -22.12
N GLU D 93 9.10 21.63 -22.82
CA GLU D 93 8.09 22.54 -23.35
C GLU D 93 7.52 23.54 -22.36
N ALA D 94 6.83 24.57 -22.88
CA ALA D 94 6.15 25.54 -22.04
C ALA D 94 5.24 24.85 -21.03
N THR D 95 5.51 25.08 -19.74
CA THR D 95 4.85 24.38 -18.65
C THR D 95 4.03 25.37 -17.82
N GLY D 96 2.72 25.15 -17.78
CA GLY D 96 1.85 26.11 -17.10
C GLY D 96 2.08 26.14 -15.60
N VAL D 97 2.11 27.35 -15.05
CA VAL D 97 2.26 27.54 -13.61
C VAL D 97 0.91 27.60 -12.90
N VAL D 98 -0.17 27.86 -13.62
CA VAL D 98 -1.53 27.75 -13.10
C VAL D 98 -2.32 26.92 -14.10
N PRO D 99 -3.40 26.26 -13.64
CA PRO D 99 -4.23 25.47 -14.57
C PRO D 99 -4.66 26.27 -15.79
N GLU D 100 -5.24 27.46 -15.58
CA GLU D 100 -5.72 28.37 -16.61
C GLU D 100 -4.60 29.07 -17.40
N GLY D 101 -3.33 28.72 -17.15
CA GLY D 101 -2.18 29.23 -17.87
C GLY D 101 -1.56 28.19 -18.78
N ARG D 102 -2.10 26.98 -18.79
CA ARG D 102 -1.79 26.03 -19.85
C ARG D 102 -2.27 26.58 -21.17
N ILE D 103 -1.68 26.12 -22.27
CA ILE D 103 -2.28 26.51 -23.54
C ILE D 103 -3.46 25.60 -23.86
N THR D 104 -3.25 24.29 -23.82
CA THR D 104 -4.22 23.27 -24.24
C THR D 104 -4.44 22.28 -23.10
N PRO D 105 -5.50 21.45 -23.20
CA PRO D 105 -5.68 20.37 -22.20
C PRO D 105 -4.55 19.37 -22.12
N GLY D 106 -3.62 19.36 -23.08
CA GLY D 106 -2.50 18.44 -23.08
C GLY D 106 -1.18 19.04 -22.65
N CYS D 107 -1.20 20.27 -22.16
CA CYS D 107 0.03 20.94 -21.77
C CYS D 107 0.51 20.48 -20.38
N VAL D 108 1.84 20.44 -20.25
CA VAL D 108 2.43 20.14 -18.96
C VAL D 108 2.09 21.23 -17.95
N GLY D 109 2.15 20.86 -16.68
CA GLY D 109 1.95 21.79 -15.59
C GLY D 109 2.78 21.43 -14.38
N LEU D 110 2.97 22.43 -13.51
CA LEU D 110 3.55 22.26 -12.19
C LEU D 110 2.85 23.22 -11.23
N TRP D 111 1.52 23.23 -11.26
CA TRP D 111 0.75 23.99 -10.28
C TRP D 111 0.37 23.11 -9.08
N LYS D 112 0.94 21.91 -9.02
CA LYS D 112 0.47 20.82 -8.18
C LYS D 112 1.65 19.93 -7.90
N ASP D 113 1.72 19.41 -6.67
CA ASP D 113 2.85 18.56 -6.31
C ASP D 113 2.80 17.20 -6.99
N SER D 114 1.61 16.74 -7.39
CA SER D 114 1.51 15.47 -8.11
C SER D 114 2.19 15.54 -9.47
N GLN D 115 2.37 16.75 -9.99
CA GLN D 115 2.99 16.91 -11.28
C GLN D 115 4.52 16.78 -11.21
N ILE D 116 5.09 16.71 -10.00
CA ILE D 116 6.56 16.65 -9.86
C ILE D 116 7.10 15.29 -10.25
N ALA D 117 6.49 14.21 -9.76
CA ALA D 117 7.06 12.89 -9.99
C ALA D 117 7.08 12.48 -11.47
N PRO D 118 6.03 12.72 -12.28
CA PRO D 118 6.17 12.42 -13.72
C PRO D 118 7.29 13.20 -14.38
N LEU D 119 7.48 14.48 -14.03
CA LEU D 119 8.62 15.25 -14.52
C LEU D 119 9.94 14.66 -14.07
N LYS D 120 10.06 14.30 -12.78
CA LYS D 120 11.31 13.79 -12.26
C LYS D 120 11.72 12.49 -12.93
N GLN D 121 10.75 11.66 -13.30
CA GLN D 121 11.10 10.43 -13.99
C GLN D 121 11.75 10.71 -15.33
N VAL D 122 11.34 11.79 -15.99
CA VAL D 122 11.99 12.17 -17.24
C VAL D 122 13.35 12.79 -16.97
N VAL D 123 13.40 13.81 -16.09
CA VAL D 123 14.67 14.40 -15.74
C VAL D 123 15.65 13.35 -15.28
N GLU D 124 15.20 12.39 -14.49
CA GLU D 124 16.13 11.38 -13.97
C GLU D 124 16.69 10.53 -15.08
N PHE D 125 15.94 10.30 -16.17
CA PHE D 125 16.52 9.51 -17.25
C PHE D 125 17.54 10.30 -18.05
N ALA D 126 17.22 11.56 -18.38
CA ALA D 126 18.21 12.43 -19.01
C ALA D 126 19.51 12.45 -18.23
N HIS D 127 19.43 12.72 -16.92
CA HIS D 127 20.65 12.74 -16.11
C HIS D 127 21.34 11.37 -16.05
N SER D 128 20.63 10.26 -16.27
CA SER D 128 21.32 8.97 -16.34
C SER D 128 22.30 8.90 -17.50
N GLN D 129 22.10 9.73 -18.54
CA GLN D 129 22.95 9.79 -19.71
C GLN D 129 23.96 10.92 -19.62
N GLY D 130 23.97 11.64 -18.49
CA GLY D 130 24.81 12.80 -18.34
C GLY D 130 24.35 14.00 -19.13
N GLN D 131 23.09 14.01 -19.56
CA GLN D 131 22.58 15.11 -20.37
C GLN D 131 22.00 16.20 -19.49
N LYS D 132 22.01 17.42 -19.99
CA LYS D 132 21.46 18.55 -19.26
C LYS D 132 20.07 18.85 -19.77
N ILE D 133 19.12 18.96 -18.84
CA ILE D 133 17.70 19.08 -19.15
C ILE D 133 17.10 20.04 -18.14
N GLY D 134 16.34 21.03 -18.63
CA GLY D 134 15.70 22.03 -17.80
C GLY D 134 14.31 22.31 -18.32
N ILE D 135 13.64 23.36 -17.88
CA ILE D 135 12.24 23.53 -18.23
C ILE D 135 11.92 24.98 -18.48
N GLN D 136 11.01 25.20 -19.44
CA GLN D 136 10.50 26.53 -19.73
C GLN D 136 9.18 26.64 -19.00
N LEU D 137 9.17 27.42 -17.92
CA LEU D 137 7.94 27.67 -17.20
C LEU D 137 7.18 28.77 -17.91
N ALA D 138 5.85 28.67 -17.89
CA ALA D 138 5.08 29.47 -18.83
C ALA D 138 3.70 29.76 -18.27
N HIS D 139 3.05 30.75 -18.88
CA HIS D 139 1.67 31.09 -18.60
C HIS D 139 1.10 31.65 -19.90
N ALA D 140 0.18 30.91 -20.52
CA ALA D 140 -0.29 31.19 -21.87
C ALA D 140 -1.07 32.49 -21.99
N GLY D 141 -1.46 33.11 -20.89
CA GLY D 141 -2.07 34.43 -20.94
C GLY D 141 -3.39 34.44 -21.69
N ARG D 142 -3.55 35.44 -22.57
CA ARG D 142 -4.76 35.56 -23.37
C ARG D 142 -4.79 34.59 -24.55
N LYS D 143 -3.73 33.80 -24.76
CA LYS D 143 -3.67 32.77 -25.78
C LYS D 143 -3.89 31.37 -25.22
N ALA D 144 -4.45 31.26 -24.02
CA ALA D 144 -4.69 29.99 -23.36
C ALA D 144 -6.04 29.42 -23.78
N SER D 145 -6.23 28.13 -23.48
CA SER D 145 -7.52 27.47 -23.71
C SER D 145 -7.84 27.39 -25.20
N THR D 146 -6.94 26.78 -25.93
CA THR D 146 -7.10 26.50 -27.33
C THR D 146 -6.78 25.03 -27.53
N VAL D 147 -7.04 24.53 -28.73
CA VAL D 147 -6.83 23.12 -29.03
C VAL D 147 -5.46 22.99 -29.72
N PRO D 148 -4.92 21.79 -29.84
CA PRO D 148 -3.60 21.63 -30.47
C PRO D 148 -3.51 22.17 -31.89
N PRO D 149 -2.30 22.38 -32.39
CA PRO D 149 -2.17 22.91 -33.76
C PRO D 149 -2.57 21.93 -34.85
N TRP D 150 -2.39 20.62 -34.65
CA TRP D 150 -2.92 19.72 -35.65
C TRP D 150 -4.45 19.71 -35.70
N LEU D 151 -5.15 20.40 -34.78
CA LEU D 151 -6.59 20.60 -34.85
C LEU D 151 -6.97 22.06 -35.07
N GLY D 152 -6.04 22.87 -35.56
CA GLY D 152 -6.32 24.24 -35.94
C GLY D 152 -6.02 25.29 -34.90
N GLY D 153 -5.70 24.90 -33.66
CA GLY D 153 -5.45 25.86 -32.61
C GLY D 153 -6.61 26.75 -32.26
N VAL D 154 -7.84 26.34 -32.56
CA VAL D 154 -9.01 27.18 -32.31
C VAL D 154 -9.37 27.11 -30.83
N THR D 155 -10.28 27.97 -30.37
CA THR D 155 -10.72 27.97 -28.97
C THR D 155 -11.25 26.59 -28.57
N ALA D 156 -10.83 26.12 -27.40
CA ALA D 156 -11.41 24.94 -26.76
C ALA D 156 -12.49 25.43 -25.80
N THR D 157 -13.75 25.07 -26.09
CA THR D 157 -14.84 25.38 -25.19
C THR D 157 -14.73 24.52 -23.93
N ASN D 158 -15.55 24.85 -22.93
CA ASN D 158 -15.49 24.10 -21.68
C ASN D 158 -15.87 22.64 -21.85
N ALA D 159 -16.75 22.32 -22.82
CA ALA D 159 -17.14 20.94 -23.06
C ALA D 159 -15.98 20.07 -23.51
N VAL D 160 -14.94 20.66 -24.07
CA VAL D 160 -13.84 19.88 -24.61
C VAL D 160 -12.58 20.07 -23.79
N GLY D 161 -12.70 20.66 -22.61
CA GLY D 161 -11.59 20.78 -21.68
C GLY D 161 -11.08 22.20 -21.48
N GLY D 162 -11.71 23.18 -22.09
CA GLY D 162 -11.24 24.54 -22.00
C GLY D 162 -11.63 25.19 -20.68
N TRP D 163 -11.42 26.49 -20.62
CA TRP D 163 -11.73 27.29 -19.45
C TRP D 163 -12.03 28.70 -19.91
N THR D 164 -12.98 28.82 -20.85
CA THR D 164 -13.22 30.06 -21.54
C THR D 164 -13.61 31.21 -20.59
N GLU D 165 -13.91 30.90 -19.34
CA GLU D 165 -14.27 31.93 -18.36
C GLU D 165 -13.13 32.23 -17.40
N ASN D 166 -12.01 31.54 -17.52
CA ASN D 166 -10.86 31.72 -16.66
C ASN D 166 -9.62 32.10 -17.46
N VAL D 167 -9.77 32.81 -18.58
CA VAL D 167 -8.64 33.25 -19.40
C VAL D 167 -8.31 34.71 -19.05
N LYS D 168 -7.07 34.97 -18.64
CA LYS D 168 -6.66 36.27 -18.12
C LYS D 168 -5.40 36.77 -18.84
N GLY D 169 -5.39 38.07 -19.12
CA GLY D 169 -4.24 38.75 -19.68
C GLY D 169 -4.12 40.16 -19.14
N PRO D 170 -3.11 40.91 -19.61
CA PRO D 170 -2.97 42.31 -19.15
C PRO D 170 -4.20 43.14 -19.39
N SER D 171 -4.89 42.94 -20.50
CA SER D 171 -6.03 43.76 -20.88
C SER D 171 -7.11 42.89 -21.51
N ALA D 172 -8.34 43.39 -21.49
CA ALA D 172 -9.48 42.63 -22.01
C ALA D 172 -9.59 42.86 -23.52
N ILE D 173 -8.59 42.34 -24.22
CA ILE D 173 -8.41 42.53 -25.67
C ILE D 173 -8.13 41.16 -26.26
N PRO D 174 -9.03 40.59 -27.06
CA PRO D 174 -8.78 39.25 -27.60
C PRO D 174 -7.61 39.27 -28.56
N PHE D 175 -6.92 38.13 -28.66
CA PHE D 175 -5.77 38.05 -29.54
C PHE D 175 -6.18 38.31 -30.98
N ALA D 176 -7.32 37.78 -31.39
CA ALA D 176 -7.88 38.00 -32.72
C ALA D 176 -9.39 38.15 -32.62
N GLU D 177 -10.00 38.53 -33.74
CA GLU D 177 -11.46 38.57 -33.81
C GLU D 177 -12.02 37.16 -33.73
N GLY D 178 -13.06 36.98 -32.93
CA GLY D 178 -13.61 35.67 -32.73
C GLY D 178 -12.97 34.89 -31.60
N GLU D 179 -11.84 35.35 -31.08
CA GLU D 179 -11.19 34.69 -29.95
C GLU D 179 -11.81 35.12 -28.62
N ILE D 180 -11.43 34.41 -27.55
CA ILE D 180 -11.89 34.73 -26.20
C ILE D 180 -11.42 36.13 -25.79
N VAL D 181 -12.33 36.95 -25.28
CA VAL D 181 -11.92 38.21 -24.66
C VAL D 181 -11.36 37.93 -23.27
N PRO D 182 -10.07 38.12 -23.04
CA PRO D 182 -9.53 37.83 -21.71
C PRO D 182 -10.07 38.75 -20.64
N LYS D 183 -10.01 38.28 -19.40
CA LYS D 183 -10.30 39.11 -18.25
C LYS D 183 -9.08 39.98 -17.97
N ALA D 184 -9.32 41.26 -17.75
CA ALA D 184 -8.24 42.16 -17.36
C ALA D 184 -7.77 41.83 -15.95
N MET D 185 -6.52 41.38 -15.84
CA MET D 185 -5.97 40.92 -14.57
C MET D 185 -5.97 42.04 -13.52
N THR D 186 -6.48 41.73 -12.33
CA THR D 186 -6.34 42.63 -11.20
C THR D 186 -4.97 42.42 -10.56
N LYS D 187 -4.61 43.31 -9.63
CA LYS D 187 -3.36 43.16 -8.90
C LYS D 187 -3.27 41.83 -8.19
N GLU D 188 -4.39 41.34 -7.64
CA GLU D 188 -4.38 40.05 -6.97
C GLU D 188 -4.09 38.92 -7.95
N ASP D 189 -4.57 39.05 -9.20
CA ASP D 189 -4.24 38.07 -10.24
C ASP D 189 -2.75 38.05 -10.53
N ILE D 190 -2.14 39.24 -10.63
CA ILE D 190 -0.70 39.29 -10.90
C ILE D 190 0.08 38.73 -9.70
N GLU D 191 -0.28 39.14 -8.49
CA GLU D 191 0.39 38.57 -7.32
C GLU D 191 0.13 37.08 -7.21
N GLU D 192 -1.11 36.65 -7.50
CA GLU D 192 -1.39 35.21 -7.53
C GLU D 192 -0.58 34.52 -8.61
N VAL D 193 -0.35 35.20 -9.75
CA VAL D 193 0.54 34.63 -10.76
C VAL D 193 1.96 34.55 -10.20
N LYS D 194 2.41 35.64 -9.56
CA LYS D 194 3.73 35.64 -8.93
C LYS D 194 3.84 34.57 -7.87
N THR D 195 2.79 34.41 -7.04
CA THR D 195 2.77 33.32 -6.06
C THR D 195 2.88 31.98 -6.77
N ALA D 196 2.12 31.81 -7.85
CA ALA D 196 2.13 30.55 -8.59
C ALA D 196 3.45 30.28 -9.26
N TRP D 197 4.12 31.34 -9.79
CA TRP D 197 5.40 31.13 -10.46
C TRP D 197 6.48 30.66 -9.50
N VAL D 198 6.57 31.29 -8.32
CA VAL D 198 7.55 30.88 -7.32
C VAL D 198 7.33 29.41 -6.98
N ALA D 199 6.06 29.02 -6.81
CA ALA D 199 5.72 27.64 -6.48
C ALA D 199 6.15 26.68 -7.58
N ALA D 200 5.85 27.04 -8.82
CA ALA D 200 6.18 26.17 -9.94
C ALA D 200 7.68 25.93 -10.03
N VAL D 201 8.48 26.96 -9.72
CA VAL D 201 9.95 26.84 -9.75
C VAL D 201 10.44 25.82 -8.73
N GLU D 202 9.90 25.88 -7.51
CA GLU D 202 10.27 24.90 -6.49
C GLU D 202 9.97 23.48 -6.94
N ARG D 203 8.83 23.28 -7.61
CA ARG D 203 8.48 21.94 -8.08
C ARG D 203 9.48 21.43 -9.11
N ALA D 204 9.84 22.26 -10.10
CA ALA D 204 10.87 21.87 -11.07
C ALA D 204 12.20 21.62 -10.37
N VAL D 205 12.56 22.49 -9.44
CA VAL D 205 13.76 22.25 -8.64
C VAL D 205 13.63 20.93 -7.90
N ALA D 206 12.41 20.59 -7.43
CA ALA D 206 12.21 19.30 -6.76
C ALA D 206 12.41 18.13 -7.71
N ALA D 207 11.99 18.26 -8.98
CA ALA D 207 12.26 17.18 -9.93
C ALA D 207 13.72 17.12 -10.33
N GLY D 208 14.47 18.20 -10.13
CA GLY D 208 15.90 18.18 -10.37
C GLY D 208 16.36 18.85 -11.65
N VAL D 209 15.57 19.76 -12.23
CA VAL D 209 15.95 20.35 -13.51
C VAL D 209 17.29 21.05 -13.34
N ASP D 210 18.06 21.09 -14.44
CA ASP D 210 19.34 21.75 -14.40
C ASP D 210 19.22 23.25 -14.67
N PHE D 211 18.10 23.69 -15.24
CA PHE D 211 17.90 25.12 -15.50
C PHE D 211 16.41 25.38 -15.66
N ILE D 212 16.06 26.67 -15.64
CA ILE D 212 14.69 27.12 -15.82
C ILE D 212 14.67 28.22 -16.87
N GLU D 213 13.76 28.13 -17.82
CA GLU D 213 13.57 29.22 -18.75
C GLU D 213 12.22 29.84 -18.49
N ILE D 214 12.17 31.15 -18.63
CA ILE D 214 10.94 31.92 -18.54
C ILE D 214 10.40 32.11 -19.95
N HIS D 215 9.16 31.72 -20.18
CA HIS D 215 8.56 31.98 -21.48
C HIS D 215 8.03 33.40 -21.47
N ASN D 216 8.79 34.30 -22.08
CA ASN D 216 8.45 35.71 -22.22
C ASN D 216 8.11 36.06 -23.66
N ALA D 217 7.84 35.07 -24.50
CA ALA D 217 7.70 35.26 -25.94
C ALA D 217 6.30 34.87 -26.43
N HIS D 218 6.13 35.08 -27.74
CA HIS D 218 5.09 34.44 -28.56
C HIS D 218 3.68 34.85 -28.14
N GLY D 219 3.52 36.05 -27.59
CA GLY D 219 2.20 36.57 -27.28
C GLY D 219 1.54 36.01 -26.05
N TYR D 220 2.20 35.12 -25.32
CA TYR D 220 1.64 34.59 -24.07
C TYR D 220 1.73 35.65 -22.97
N LEU D 221 1.51 35.27 -21.71
CA LEU D 221 1.13 36.26 -20.71
C LEU D 221 2.20 37.34 -20.55
N LEU D 222 3.44 36.95 -20.25
CA LEU D 222 4.50 37.93 -20.07
C LEU D 222 4.80 38.69 -21.37
N SER D 223 4.83 37.98 -22.49
CA SER D 223 5.03 38.63 -23.78
C SER D 223 4.02 39.74 -24.00
N SER D 224 2.78 39.55 -23.56
CA SER D 224 1.71 40.51 -23.82
C SER D 224 1.80 41.75 -22.93
N PHE D 225 2.55 41.68 -21.83
CA PHE D 225 2.78 42.85 -21.00
C PHE D 225 3.74 43.84 -21.67
N LEU D 226 4.73 43.33 -22.41
CA LEU D 226 5.69 44.16 -23.11
C LEU D 226 5.03 45.07 -24.15
N SER D 227 4.20 44.48 -25.04
CA SER D 227 3.70 45.21 -26.21
C SER D 227 2.50 46.09 -25.85
N PRO D 228 2.48 47.35 -26.29
CA PRO D 228 1.29 48.17 -26.05
C PRO D 228 0.07 47.73 -26.83
N SER D 229 0.18 46.81 -27.79
CA SER D 229 -1.00 46.32 -28.48
C SER D 229 -1.88 45.48 -27.57
N SER D 230 -1.27 44.61 -26.77
CA SER D 230 -2.01 43.74 -25.88
C SER D 230 -2.16 44.32 -24.48
N ASN D 231 -1.32 45.27 -24.11
CA ASN D 231 -1.29 45.83 -22.76
C ASN D 231 -1.75 47.28 -22.85
N GLN D 232 -2.95 47.57 -22.35
CA GLN D 232 -3.43 48.94 -22.23
C GLN D 232 -3.73 49.29 -20.77
N ARG D 233 -3.01 48.64 -19.85
CA ARG D 233 -3.18 48.94 -18.43
C ARG D 233 -2.73 50.36 -18.12
N THR D 234 -3.31 50.93 -17.06
CA THR D 234 -2.99 52.28 -16.60
C THR D 234 -2.41 52.29 -15.19
N ASP D 235 -1.92 51.15 -14.70
CA ASP D 235 -1.31 51.04 -13.40
C ASP D 235 0.20 50.87 -13.61
N ASP D 236 0.89 50.33 -12.60
CA ASP D 236 2.33 50.19 -12.69
C ASP D 236 2.76 49.17 -13.72
N TYR D 237 1.81 48.54 -14.42
CA TYR D 237 2.07 47.44 -15.34
C TYR D 237 1.68 47.76 -16.77
N GLY D 238 1.26 48.99 -17.04
CA GLY D 238 0.97 49.40 -18.39
C GLY D 238 1.38 50.84 -18.62
N GLY D 239 1.39 51.23 -19.88
CA GLY D 239 1.80 52.56 -20.26
C GLY D 239 3.26 52.64 -20.67
N SER D 240 4.09 53.18 -19.77
CA SER D 240 5.50 53.38 -20.07
C SER D 240 6.21 52.05 -20.30
N PHE D 241 7.37 52.14 -20.96
CA PHE D 241 8.22 50.96 -21.14
C PHE D 241 8.65 50.42 -19.79
N GLU D 242 8.91 51.31 -18.83
CA GLU D 242 9.27 50.89 -17.49
C GLU D 242 8.20 50.00 -16.88
N ASN D 243 6.92 50.38 -17.05
CA ASN D 243 5.83 49.58 -16.50
C ASN D 243 5.66 48.28 -17.28
N ARG D 244 5.73 48.33 -18.61
CA ARG D 244 5.42 47.16 -19.42
C ARG D 244 6.43 46.03 -19.24
N ILE D 245 7.66 46.34 -18.85
CA ILE D 245 8.65 45.30 -18.54
C ILE D 245 8.73 44.96 -17.06
N ARG D 246 7.93 45.63 -16.21
CA ARG D 246 8.03 45.44 -14.77
C ARG D 246 7.81 43.97 -14.39
N LEU D 247 6.73 43.36 -14.87
CA LEU D 247 6.43 41.97 -14.52
C LEU D 247 7.55 41.02 -14.95
N SER D 248 8.09 41.21 -16.16
CA SER D 248 9.16 40.34 -16.64
C SER D 248 10.41 40.45 -15.78
N LEU D 249 10.71 41.66 -15.30
CA LEU D 249 11.88 41.83 -14.45
C LEU D 249 11.64 41.21 -13.08
N GLU D 250 10.43 41.38 -12.51
CA GLU D 250 10.09 40.73 -11.25
C GLU D 250 10.15 39.21 -11.37
N ILE D 251 9.51 38.65 -12.39
CA ILE D 251 9.49 37.19 -12.56
C ILE D 251 10.90 36.62 -12.69
N SER D 252 11.82 37.39 -13.27
CA SER D 252 13.21 36.95 -13.45
C SER D 252 13.97 36.93 -12.12
N GLN D 253 13.79 37.98 -11.32
CA GLN D 253 14.44 38.07 -10.00
C GLN D 253 13.95 36.96 -9.06
N LEU D 254 12.62 36.85 -8.90
CA LEU D 254 12.04 35.77 -8.10
C LEU D 254 12.59 34.41 -8.52
N THR D 255 12.68 34.16 -9.82
CA THR D 255 13.23 32.88 -10.30
C THR D 255 14.68 32.72 -9.88
N ARG D 256 15.46 33.81 -10.00
CA ARG D 256 16.84 33.79 -9.54
C ARG D 256 16.89 33.50 -8.05
N ASP D 257 16.13 34.29 -7.27
CA ASP D 257 16.14 34.17 -5.81
C ASP D 257 15.66 32.80 -5.35
N THR D 258 14.75 32.17 -6.11
CA THR D 258 14.19 30.89 -5.74
C THR D 258 15.14 29.75 -6.11
N VAL D 259 15.81 29.86 -7.26
CA VAL D 259 16.74 28.80 -7.64
C VAL D 259 18.13 28.98 -7.07
N GLY D 260 18.46 30.16 -6.58
CA GLY D 260 19.77 30.44 -6.05
C GLY D 260 20.75 30.87 -7.14
N PRO D 261 22.01 31.04 -6.76
CA PRO D 261 22.98 31.66 -7.67
C PRO D 261 23.70 30.68 -8.58
N ASN D 262 23.53 29.38 -8.39
CA ASN D 262 24.27 28.41 -9.18
C ASN D 262 23.46 27.84 -10.34
N MET D 263 22.17 28.17 -10.44
CA MET D 263 21.37 27.57 -11.51
C MET D 263 21.17 28.59 -12.62
N PRO D 264 21.43 28.20 -13.86
CA PRO D 264 21.18 29.10 -14.98
C PRO D 264 19.69 29.40 -15.09
N VAL D 265 19.38 30.65 -15.40
CA VAL D 265 18.02 31.09 -15.64
C VAL D 265 18.03 31.69 -17.04
N PHE D 266 17.15 31.19 -17.93
CA PHE D 266 17.03 31.67 -19.30
C PHE D 266 15.78 32.49 -19.45
N LEU D 267 15.73 33.31 -20.48
CA LEU D 267 14.51 34.04 -20.81
C LEU D 267 14.39 34.09 -22.32
N ARG D 268 13.24 33.65 -22.84
CA ARG D 268 12.94 33.73 -24.27
C ARG D 268 12.05 34.92 -24.54
N VAL D 269 12.40 35.72 -25.56
CA VAL D 269 11.60 36.89 -25.92
C VAL D 269 11.34 36.87 -27.42
N SER D 270 10.22 37.49 -27.81
CA SER D 270 9.89 37.75 -29.20
C SER D 270 10.52 39.10 -29.59
N ALA D 271 11.52 39.05 -30.47
CA ALA D 271 12.25 40.28 -30.78
C ALA D 271 11.35 41.30 -31.48
N THR D 272 10.44 40.85 -32.33
CA THR D 272 9.52 41.76 -32.99
C THR D 272 8.16 41.11 -33.17
N ASP D 273 7.15 41.98 -33.28
CA ASP D 273 5.77 41.59 -33.57
C ASP D 273 5.49 41.49 -35.06
N TRP D 274 6.48 41.77 -35.91
CA TRP D 274 6.36 41.63 -37.37
C TRP D 274 5.27 42.53 -37.96
N LEU D 275 5.12 43.74 -37.44
CA LEU D 275 4.18 44.71 -37.99
C LEU D 275 4.88 45.82 -38.76
N GLU D 276 6.20 45.74 -38.97
CA GLU D 276 6.93 46.85 -39.57
C GLU D 276 6.33 47.22 -40.92
N LYS D 277 6.04 46.22 -41.73
CA LYS D 277 5.43 46.47 -43.03
C LYS D 277 3.91 46.39 -42.97
N SER D 278 3.34 45.44 -42.21
CA SER D 278 1.89 45.24 -42.28
C SER D 278 1.08 46.26 -41.49
N MET D 279 1.62 46.81 -40.39
CA MET D 279 0.88 47.76 -39.57
C MET D 279 1.88 48.76 -38.99
N PRO D 280 2.43 49.66 -39.83
CA PRO D 280 3.66 50.37 -39.44
C PRO D 280 3.53 51.38 -38.29
N GLU D 281 2.39 52.00 -38.01
CA GLU D 281 2.34 52.84 -36.82
C GLU D 281 1.50 52.26 -35.70
N GLU D 282 1.43 50.94 -35.59
CA GLU D 282 1.01 50.33 -34.34
C GLU D 282 2.27 50.25 -33.51
N LYS D 283 2.32 51.02 -32.41
CA LYS D 283 3.41 50.86 -31.44
C LYS D 283 3.26 49.48 -30.83
N GLY D 284 4.05 48.56 -31.32
CA GLY D 284 4.02 47.22 -30.82
C GLY D 284 5.37 46.91 -30.22
N TRP D 285 6.03 45.88 -30.70
CA TRP D 285 7.26 45.42 -30.08
C TRP D 285 8.24 45.13 -31.21
N LYS D 286 9.29 45.96 -31.32
CA LYS D 286 10.26 45.91 -32.40
C LYS D 286 11.65 45.60 -31.84
N LEU D 287 12.63 45.52 -32.74
CA LEU D 287 13.99 45.22 -32.29
C LEU D 287 14.56 46.34 -31.42
N GLU D 288 14.15 47.60 -31.65
CA GLU D 288 14.59 48.69 -30.78
C GLU D 288 14.09 48.46 -29.36
N ASP D 289 12.84 47.97 -29.20
CA ASP D 289 12.31 47.68 -27.89
C ASP D 289 12.97 46.48 -27.25
N THR D 290 13.17 45.42 -28.03
CA THR D 290 13.83 44.22 -27.51
C THR D 290 15.28 44.50 -27.11
N VAL D 291 15.94 45.48 -27.75
CA VAL D 291 17.31 45.81 -27.37
C VAL D 291 17.33 46.53 -26.04
N GLU D 292 16.43 47.49 -25.84
CA GLU D 292 16.35 48.16 -24.54
C GLU D 292 15.92 47.18 -23.44
N PHE D 293 15.02 46.25 -23.75
CA PHE D 293 14.59 45.24 -22.79
C PHE D 293 15.74 44.30 -22.41
N SER D 294 16.55 43.90 -23.37
CA SER D 294 17.71 43.11 -22.99
C SER D 294 18.71 43.93 -22.16
N ARG D 295 18.74 45.24 -22.37
CA ARG D 295 19.68 46.07 -21.62
C ARG D 295 19.27 46.16 -20.15
N ALA D 296 17.98 46.33 -19.87
CA ALA D 296 17.49 46.34 -18.50
C ALA D 296 17.71 44.99 -17.81
N LEU D 297 17.60 43.88 -18.54
CA LEU D 297 17.80 42.57 -17.92
C LEU D 297 19.27 42.30 -17.62
N ALA D 298 20.17 42.84 -18.43
CA ALA D 298 21.59 42.69 -18.15
C ALA D 298 21.96 43.49 -16.92
N ALA D 299 21.35 44.66 -16.79
CA ALA D 299 21.51 45.46 -15.59
C ALA D 299 20.97 44.72 -14.37
N GLN D 300 19.88 43.96 -14.54
CA GLN D 300 19.29 43.29 -13.39
C GLN D 300 20.22 42.20 -12.86
N GLY D 301 20.89 41.49 -13.75
CA GLY D 301 21.87 40.48 -13.38
C GLY D 301 21.29 39.16 -12.94
N ALA D 302 19.98 38.99 -13.05
CA ALA D 302 19.31 37.74 -12.67
C ALA D 302 19.30 36.72 -13.80
N ILE D 303 19.05 37.17 -15.02
CA ILE D 303 18.96 36.29 -16.19
C ILE D 303 20.36 36.03 -16.73
N ASP D 304 20.61 34.79 -17.14
CA ASP D 304 21.89 34.39 -17.71
C ASP D 304 21.89 34.35 -19.23
N LEU D 305 20.73 34.08 -19.85
CA LEU D 305 20.62 33.91 -21.29
C LEU D 305 19.30 34.50 -21.74
N ILE D 306 19.35 35.33 -22.78
CA ILE D 306 18.16 35.80 -23.47
C ILE D 306 18.01 34.90 -24.67
N ASP D 307 16.90 34.20 -24.73
CA ASP D 307 16.60 33.28 -25.83
C ASP D 307 15.76 34.10 -26.81
N ILE D 308 16.32 34.39 -27.98
CA ILE D 308 15.69 35.33 -28.90
C ILE D 308 14.85 34.55 -29.90
N SER D 309 13.55 34.83 -29.90
CA SER D 309 12.62 34.34 -30.92
C SER D 309 11.85 35.55 -31.42
N THR D 310 10.82 35.34 -32.25
CA THR D 310 10.06 36.47 -32.79
C THR D 310 8.60 36.08 -32.92
N GLY D 311 7.75 37.12 -33.07
CA GLY D 311 6.37 36.95 -33.51
C GLY D 311 5.48 36.27 -32.49
N GLY D 312 4.21 36.07 -32.90
CA GLY D 312 3.21 35.55 -31.99
C GLY D 312 2.54 36.60 -31.14
N VAL D 313 3.04 37.83 -31.16
CA VAL D 313 2.61 38.91 -30.28
C VAL D 313 1.35 39.57 -30.81
N HIS D 314 1.18 39.58 -32.14
CA HIS D 314 0.08 40.31 -32.77
C HIS D 314 -0.48 39.46 -33.90
N ALA D 315 -1.80 39.53 -34.09
CA ALA D 315 -2.42 38.67 -35.11
C ALA D 315 -2.04 39.10 -36.52
N ALA D 316 -1.84 40.40 -36.75
CA ALA D 316 -1.55 40.88 -38.09
C ALA D 316 -0.09 40.72 -38.50
N GLN D 317 0.68 39.93 -37.77
CA GLN D 317 2.06 39.70 -38.17
C GLN D 317 2.10 39.02 -39.53
N LYS D 318 3.19 39.27 -40.27
CA LYS D 318 3.52 38.53 -41.48
C LYS D 318 5.00 38.18 -41.40
N VAL D 319 5.30 36.91 -41.18
CA VAL D 319 6.67 36.51 -40.88
C VAL D 319 7.44 36.34 -42.18
N THR D 320 8.50 37.13 -42.34
CA THR D 320 9.40 36.94 -43.47
C THR D 320 10.34 35.84 -43.04
N SER D 321 9.86 34.62 -43.21
CA SER D 321 10.53 33.41 -42.78
C SER D 321 11.62 33.00 -43.76
N GLY D 322 12.24 31.87 -43.51
CA GLY D 322 13.32 31.43 -44.37
C GLY D 322 14.42 30.80 -43.55
N VAL D 323 15.53 30.44 -44.21
CA VAL D 323 16.64 29.84 -43.49
C VAL D 323 17.24 30.90 -42.56
N GLY D 324 17.25 30.61 -41.26
CA GLY D 324 17.80 31.52 -40.27
C GLY D 324 17.15 32.88 -40.19
N PHE D 325 15.84 32.95 -40.34
CA PHE D 325 15.16 34.23 -40.52
C PHE D 325 15.04 35.07 -39.25
N GLN D 326 15.40 34.52 -38.09
CA GLN D 326 15.36 35.26 -36.84
C GLN D 326 16.76 35.51 -36.28
N VAL D 327 17.78 35.03 -36.98
CA VAL D 327 19.15 35.23 -36.51
C VAL D 327 19.55 36.69 -36.49
N PRO D 328 19.19 37.54 -37.48
CA PRO D 328 19.61 38.96 -37.41
C PRO D 328 19.27 39.65 -36.09
N PHE D 329 18.13 39.31 -35.49
CA PHE D 329 17.78 39.95 -34.23
C PHE D 329 18.74 39.54 -33.12
N ALA D 330 19.14 38.27 -33.09
CA ALA D 330 20.05 37.76 -32.06
C ALA D 330 21.44 38.40 -32.17
N LYS D 331 21.91 38.67 -33.37
CA LYS D 331 23.24 39.26 -33.52
C LYS D 331 23.28 40.65 -32.94
N ALA D 332 22.26 41.47 -33.23
CA ALA D 332 22.17 42.85 -32.74
C ALA D 332 21.90 42.90 -31.25
N VAL D 333 21.18 41.90 -30.73
CA VAL D 333 20.88 41.86 -29.30
C VAL D 333 22.12 41.46 -28.50
N LYS D 334 22.85 40.45 -28.96
CA LYS D 334 24.10 40.11 -28.30
C LYS D 334 25.05 41.31 -28.31
N GLU D 335 25.15 41.96 -29.48
CA GLU D 335 25.97 43.16 -29.61
C GLU D 335 25.48 44.26 -28.69
N ALA D 336 24.18 44.28 -28.37
CA ALA D 336 23.65 45.30 -27.48
C ALA D 336 24.06 45.06 -26.02
N VAL D 337 24.34 43.82 -25.64
CA VAL D 337 24.66 43.50 -24.25
C VAL D 337 26.02 42.83 -24.11
N GLY D 338 26.71 42.58 -25.22
CA GLY D 338 27.99 41.87 -25.19
C GLY D 338 27.95 40.62 -24.35
N GLN D 339 28.98 40.45 -23.51
CA GLN D 339 29.17 39.29 -22.65
C GLN D 339 28.46 39.41 -21.31
N LYS D 340 27.81 40.55 -21.02
CA LYS D 340 27.06 40.63 -19.78
C LYS D 340 25.93 39.60 -19.80
N MET D 341 25.43 39.27 -20.99
CA MET D 341 24.36 38.29 -21.15
C MET D 341 24.73 37.35 -22.28
N LEU D 342 24.41 36.07 -22.12
CA LEU D 342 24.50 35.17 -23.26
C LEU D 342 23.25 35.31 -24.11
N VAL D 343 23.35 34.89 -25.36
CA VAL D 343 22.21 34.90 -26.29
C VAL D 343 22.25 33.59 -27.08
N SER D 344 21.07 33.00 -27.28
CA SER D 344 20.91 31.81 -28.11
C SER D 344 20.13 32.19 -29.35
N ALA D 345 20.32 31.39 -30.41
CA ALA D 345 19.64 31.60 -31.68
C ALA D 345 18.76 30.40 -31.99
N VAL D 346 17.65 30.65 -32.67
CA VAL D 346 16.70 29.60 -33.02
C VAL D 346 16.02 29.95 -34.33
N GLY D 347 15.75 28.95 -35.15
CA GLY D 347 14.95 29.23 -36.34
C GLY D 347 15.56 28.77 -37.65
N THR D 348 15.09 27.63 -38.15
CA THR D 348 15.45 27.14 -39.47
C THR D 348 16.97 27.12 -39.62
N ILE D 349 17.63 26.60 -38.59
CA ILE D 349 19.07 26.37 -38.55
C ILE D 349 19.26 24.87 -38.63
N ASN D 350 19.50 24.33 -39.82
CA ASN D 350 19.35 22.89 -40.00
C ASN D 350 20.65 22.19 -40.36
N SER D 351 21.79 22.87 -40.33
CA SER D 351 23.08 22.22 -40.56
C SER D 351 24.08 22.65 -39.50
N GLY D 352 25.06 21.79 -39.23
CA GLY D 352 26.11 22.18 -38.31
C GLY D 352 26.92 23.36 -38.82
N ASN D 353 27.07 23.47 -40.14
CA ASN D 353 27.83 24.58 -40.71
C ASN D 353 27.08 25.90 -40.53
N LEU D 354 25.78 25.92 -40.79
CA LEU D 354 25.02 27.13 -40.53
C LEU D 354 25.00 27.47 -39.05
N ALA D 355 24.88 26.46 -38.20
CA ALA D 355 24.98 26.67 -36.76
C ALA D 355 26.34 27.25 -36.40
N GLU D 356 27.41 26.57 -36.81
CA GLU D 356 28.77 27.04 -36.52
C GLU D 356 29.01 28.44 -37.08
N LYS D 357 28.57 28.70 -38.31
CA LYS D 357 28.70 30.04 -38.86
C LYS D 357 27.96 31.05 -38.01
N ILE D 358 26.78 30.66 -37.51
CA ILE D 358 25.99 31.58 -36.70
C ILE D 358 26.73 31.92 -35.41
N LEU D 359 27.38 30.94 -34.81
CA LEU D 359 28.02 31.16 -33.52
C LEU D 359 29.15 32.19 -33.61
N ASN D 360 30.01 32.06 -34.63
CA ASN D 360 31.20 32.91 -34.72
C ASN D 360 30.89 34.24 -35.40
N GLU D 361 30.18 34.21 -36.52
CA GLU D 361 30.01 35.43 -37.28
C GLU D 361 28.94 36.34 -36.69
N ASP D 362 28.02 35.80 -35.89
CA ASP D 362 27.01 36.62 -35.24
C ASP D 362 27.21 36.77 -33.74
N ASP D 363 28.24 36.14 -33.16
CA ASP D 363 28.57 36.28 -31.74
C ASP D 363 27.53 35.61 -30.84
N VAL D 364 26.86 34.58 -31.36
CA VAL D 364 25.89 33.82 -30.56
C VAL D 364 26.59 32.77 -29.71
N ASP D 365 25.93 32.37 -28.61
CA ASP D 365 26.46 31.41 -27.65
C ASP D 365 25.87 30.00 -27.80
N VAL D 366 24.59 29.90 -28.15
CA VAL D 366 23.83 28.65 -28.22
C VAL D 366 22.94 28.67 -29.47
N ILE D 367 22.84 27.54 -30.14
CA ILE D 367 21.93 27.35 -31.29
C ILE D 367 20.83 26.39 -30.87
N LEU D 368 19.59 26.88 -30.80
CA LEU D 368 18.45 26.04 -30.48
C LEU D 368 17.76 25.59 -31.76
N VAL D 369 17.36 24.31 -31.80
CA VAL D 369 16.68 23.76 -32.96
C VAL D 369 15.40 23.08 -32.50
N GLY D 370 14.29 23.40 -33.18
CA GLY D 370 12.99 22.81 -32.89
C GLY D 370 12.62 21.66 -33.83
N ARG D 371 11.76 21.98 -34.83
CA ARG D 371 11.16 20.99 -35.74
C ARG D 371 12.12 19.87 -36.14
N ALA D 372 13.35 20.23 -36.53
CA ALA D 372 14.29 19.21 -37.02
C ALA D 372 14.55 18.13 -35.99
N PHE D 373 14.42 18.45 -34.69
CA PHE D 373 14.64 17.44 -33.66
C PHE D 373 13.47 16.46 -33.56
N GLN D 374 12.27 16.89 -33.99
CA GLN D 374 11.12 15.99 -34.07
C GLN D 374 11.34 14.94 -35.14
N ARG D 375 11.96 15.34 -36.27
CA ARG D 375 12.26 14.38 -37.34
C ARG D 375 13.49 13.55 -36.99
N ASP D 376 14.58 14.20 -36.61
CA ASP D 376 15.83 13.52 -36.30
C ASP D 376 16.13 13.75 -34.82
N SER D 377 15.86 12.73 -34.00
CA SER D 377 16.21 12.79 -32.59
C SER D 377 17.72 12.75 -32.39
N GLY D 378 18.47 12.23 -33.35
CA GLY D 378 19.92 12.24 -33.30
C GLY D 378 20.53 13.42 -34.05
N LEU D 379 19.92 14.60 -33.91
CA LEU D 379 20.39 15.77 -34.63
C LEU D 379 21.78 16.24 -34.17
N ALA D 380 22.15 16.03 -32.89
CA ALA D 380 23.52 16.32 -32.47
C ALA D 380 24.50 15.50 -33.27
N TRP D 381 24.09 14.29 -33.62
CA TRP D 381 24.84 13.44 -34.54
C TRP D 381 24.85 14.03 -35.95
N ALA D 382 23.73 14.63 -36.38
CA ALA D 382 23.66 15.18 -37.72
C ALA D 382 24.60 16.38 -37.86
N PHE D 383 24.61 17.28 -36.88
CA PHE D 383 25.49 18.43 -36.96
C PHE D 383 26.96 18.04 -36.85
N ALA D 384 27.27 16.96 -36.14
CA ALA D 384 28.64 16.48 -36.10
C ALA D 384 29.11 16.04 -37.49
N LYS D 385 28.26 15.33 -38.24
CA LYS D 385 28.66 14.94 -39.60
C LYS D 385 28.81 16.18 -40.50
N ASP D 386 27.87 17.13 -40.40
CA ASP D 386 28.03 18.40 -41.11
C ASP D 386 29.36 19.05 -40.82
N LEU D 387 29.91 18.86 -39.62
CA LEU D 387 31.17 19.46 -39.24
C LEU D 387 32.32 18.46 -39.08
N ASP D 388 32.08 17.17 -39.33
CA ASP D 388 33.07 16.10 -39.21
C ASP D 388 33.67 16.02 -37.80
N VAL D 389 32.83 16.25 -36.79
CA VAL D 389 33.25 16.23 -35.40
C VAL D 389 33.10 14.81 -34.84
N GLU D 390 34.21 14.28 -34.36
CA GLU D 390 34.22 13.00 -33.68
C GLU D 390 33.69 13.22 -32.28
N ILE D 391 32.54 12.64 -31.97
CA ILE D 391 31.82 12.90 -30.72
C ILE D 391 31.64 11.59 -29.98
N ALA D 392 31.37 11.72 -28.68
CA ALA D 392 31.01 10.58 -27.85
C ALA D 392 29.56 10.20 -28.09
N MET D 393 29.29 8.89 -28.08
CA MET D 393 27.93 8.40 -28.19
C MET D 393 27.74 7.15 -27.34
N ALA D 394 26.47 6.93 -26.98
CA ALA D 394 26.05 5.80 -26.14
C ALA D 394 26.59 4.48 -26.63
N GLY D 395 27.14 3.69 -25.69
CA GLY D 395 27.77 2.41 -26.02
C GLY D 395 26.84 1.37 -26.63
N GLN D 396 25.53 1.48 -26.34
CA GLN D 396 24.51 0.64 -26.95
C GLN D 396 24.23 1.08 -28.38
N ILE D 397 24.35 2.38 -28.64
CA ILE D 397 24.15 2.92 -29.99
C ILE D 397 25.41 2.74 -30.84
N ARG D 398 26.59 2.96 -30.26
CA ARG D 398 27.77 3.18 -31.08
C ARG D 398 28.39 1.89 -31.59
N TRP D 399 28.19 0.77 -30.89
CA TRP D 399 29.08 -0.37 -31.12
C TRP D 399 28.89 -0.99 -32.51
N GLY D 400 27.82 -0.62 -33.21
CA GLY D 400 27.58 -1.06 -34.57
C GLY D 400 28.03 -0.10 -35.64
N PHE D 401 28.60 1.06 -35.27
CA PHE D 401 29.14 2.03 -36.21
C PHE D 401 30.66 2.09 -36.16
N THR D 402 31.28 1.06 -35.60
CA THR D 402 32.73 1.01 -35.42
C THR D 402 33.13 -0.45 -35.47
N SER D 403 34.42 -0.71 -35.31
CA SER D 403 34.93 -2.07 -35.43
C SER D 403 34.63 -2.90 -34.19
N SER D 408 37.83 5.03 -28.22
CA SER D 408 36.82 4.15 -28.82
C SER D 408 35.42 4.34 -28.20
N GLU D 409 35.20 5.49 -27.58
CA GLU D 409 33.89 5.94 -27.11
C GLU D 409 33.29 6.96 -28.05
N TYR D 410 34.04 7.34 -29.07
CA TYR D 410 33.67 8.44 -29.95
C TYR D 410 33.24 7.92 -31.31
N ILE D 411 32.48 8.75 -32.01
CA ILE D 411 31.98 8.41 -33.34
C ILE D 411 32.60 9.36 -34.35
N GLN D 412 33.41 8.81 -35.28
CA GLN D 412 33.93 9.50 -36.46
C GLN D 412 32.89 9.48 -37.58
N PRO D 413 32.13 10.55 -37.80
CA PRO D 413 30.96 10.45 -38.68
C PRO D 413 31.30 10.23 -40.16
N ASN D 414 32.57 10.18 -40.55
CA ASN D 414 32.95 9.69 -41.87
C ASN D 414 33.15 8.18 -41.77
N SER D 415 32.55 7.46 -42.73
CA SER D 415 32.53 6.01 -42.75
C SER D 415 31.80 5.45 -41.54
N TRP E 3 5.13 -38.38 -24.84
CA TRP E 3 3.84 -37.72 -24.95
C TRP E 3 3.90 -36.43 -25.75
N PRO E 4 2.86 -36.15 -26.52
CA PRO E 4 2.77 -34.84 -27.21
C PRO E 4 2.55 -33.69 -26.24
N ASP E 5 3.03 -32.51 -26.65
CA ASP E 5 2.90 -31.29 -25.85
C ASP E 5 1.64 -30.55 -26.27
N VAL E 6 0.71 -30.36 -25.32
CA VAL E 6 -0.59 -29.74 -25.57
C VAL E 6 -0.81 -28.59 -24.60
N PRO E 7 -0.54 -27.35 -24.99
CA PRO E 7 -0.77 -26.22 -24.08
C PRO E 7 -2.21 -25.72 -24.13
N ILE E 8 -2.59 -25.03 -23.06
CA ILE E 8 -3.90 -24.39 -22.97
C ILE E 8 -3.68 -22.92 -23.28
N ALA E 9 -3.96 -22.53 -24.53
CA ALA E 9 -3.75 -21.15 -24.95
C ALA E 9 -4.60 -20.21 -24.11
N ALA E 10 -4.00 -19.07 -23.74
CA ALA E 10 -4.62 -18.12 -22.84
C ALA E 10 -5.06 -16.88 -23.60
N ALA E 11 -6.02 -16.15 -23.00
CA ALA E 11 -6.41 -14.87 -23.54
C ALA E 11 -5.28 -13.85 -23.36
N PRO E 12 -5.07 -12.96 -24.33
CA PRO E 12 -3.90 -12.06 -24.28
C PRO E 12 -4.14 -10.75 -23.54
N GLY E 13 -3.04 -10.22 -23.01
CA GLY E 13 -3.03 -8.85 -22.54
C GLY E 13 -3.73 -8.60 -21.22
N ILE E 14 -3.87 -9.63 -20.39
CA ILE E 14 -4.57 -9.56 -19.11
C ILE E 14 -3.72 -10.25 -18.06
N SER E 15 -3.97 -9.90 -16.80
CA SER E 15 -3.13 -10.38 -15.71
C SER E 15 -3.51 -11.77 -15.21
N TYR E 16 -4.65 -12.34 -15.64
CA TYR E 16 -5.07 -13.66 -15.18
C TYR E 16 -5.15 -14.65 -16.33
N PHE E 17 -4.91 -15.91 -16.02
CA PHE E 17 -5.17 -16.97 -16.98
C PHE E 17 -6.67 -17.12 -17.19
N THR E 18 -7.06 -17.26 -18.46
CA THR E 18 -8.35 -17.81 -18.79
C THR E 18 -8.15 -18.41 -20.17
N PRO E 19 -8.72 -19.58 -20.45
CA PRO E 19 -8.52 -20.19 -21.76
C PRO E 19 -9.01 -19.28 -22.88
N ALA E 20 -8.23 -19.26 -23.97
CA ALA E 20 -8.60 -18.46 -25.13
C ALA E 20 -9.66 -19.19 -25.93
N GLN E 21 -10.62 -18.43 -26.46
CA GLN E 21 -11.72 -18.98 -27.24
C GLN E 21 -11.51 -18.59 -28.71
N SER E 22 -11.04 -19.56 -29.49
CA SER E 22 -10.81 -19.37 -30.93
C SER E 22 -11.65 -20.36 -31.72
N PRO E 23 -12.67 -19.90 -32.46
CA PRO E 23 -13.12 -18.51 -32.58
C PRO E 23 -14.04 -18.10 -31.43
N PRO E 24 -14.32 -16.82 -31.25
CA PRO E 24 -15.23 -16.41 -30.18
C PRO E 24 -16.54 -17.17 -30.22
N ALA E 25 -17.07 -17.46 -29.04
CA ALA E 25 -18.34 -18.17 -28.93
C ALA E 25 -19.45 -17.45 -29.67
N GLY E 26 -20.32 -18.21 -30.33
CA GLY E 26 -21.36 -17.61 -31.13
C GLY E 26 -20.97 -17.36 -32.57
N THR E 27 -19.83 -17.89 -33.02
CA THR E 27 -19.38 -17.73 -34.39
C THR E 27 -19.85 -18.93 -35.19
N ALA E 28 -20.64 -18.65 -36.23
CA ALA E 28 -21.10 -19.68 -37.13
C ALA E 28 -19.91 -20.30 -37.86
N ARG E 29 -19.86 -21.62 -37.90
CA ARG E 29 -18.89 -22.32 -38.73
C ARG E 29 -19.09 -21.95 -40.21
N ASN E 30 -17.98 -21.76 -40.92
CA ASN E 30 -18.01 -21.43 -42.35
C ASN E 30 -17.00 -22.30 -43.09
N PRO E 31 -17.45 -23.37 -43.79
CA PRO E 31 -18.84 -23.77 -44.03
C PRO E 31 -19.42 -24.62 -42.90
N GLN E 32 -20.75 -24.58 -42.77
CA GLN E 32 -21.44 -25.47 -41.86
C GLN E 32 -21.10 -26.93 -42.18
N THR E 33 -21.03 -27.76 -41.14
CA THR E 33 -20.91 -29.18 -41.41
C THR E 33 -22.14 -29.67 -42.16
N SER E 34 -23.31 -29.12 -41.84
CA SER E 34 -24.57 -29.47 -42.52
C SER E 34 -24.61 -29.06 -43.99
N GLY E 35 -23.68 -28.23 -44.44
CA GLY E 35 -23.70 -27.68 -45.79
C GLY E 35 -24.69 -26.56 -46.02
N LYS E 36 -25.57 -26.25 -45.08
CA LYS E 36 -26.59 -25.24 -45.33
C LYS E 36 -26.00 -23.82 -45.21
N ALA E 37 -26.71 -22.87 -45.81
CA ALA E 37 -26.31 -21.48 -45.75
C ALA E 37 -26.51 -20.93 -44.35
N ILE E 38 -25.74 -19.89 -44.03
CA ILE E 38 -25.80 -19.25 -42.72
C ILE E 38 -26.87 -18.17 -42.77
N PRO E 39 -27.83 -18.18 -41.85
CA PRO E 39 -28.84 -17.13 -41.83
C PRO E 39 -28.21 -15.78 -41.46
N LYS E 40 -28.92 -14.71 -41.80
CA LYS E 40 -28.41 -13.37 -41.58
C LYS E 40 -28.07 -13.10 -40.11
N LEU E 41 -28.68 -13.84 -39.18
CA LEU E 41 -28.39 -13.63 -37.76
C LEU E 41 -26.99 -14.09 -37.40
N PHE E 42 -26.44 -15.08 -38.07
CA PHE E 42 -25.13 -15.57 -37.72
C PHE E 42 -24.07 -15.21 -38.75
N GLN E 43 -24.32 -14.14 -39.50
CA GLN E 43 -23.42 -13.47 -40.41
C GLN E 43 -22.76 -12.27 -39.73
N PRO E 44 -21.45 -12.16 -39.73
CA PRO E 44 -20.81 -11.04 -39.05
C PRO E 44 -21.25 -9.69 -39.58
N LEU E 45 -21.00 -8.68 -38.77
CA LEU E 45 -21.31 -7.32 -39.10
C LEU E 45 -20.12 -6.47 -38.72
N THR E 46 -19.71 -5.57 -39.61
CA THR E 46 -18.61 -4.66 -39.34
C THR E 46 -19.15 -3.24 -39.28
N ILE E 47 -18.88 -2.55 -38.19
CA ILE E 47 -19.16 -1.12 -38.07
C ILE E 47 -17.84 -0.43 -37.80
N ARG E 48 -17.41 0.44 -38.72
CA ARG E 48 -16.15 1.14 -38.63
C ARG E 48 -15.05 0.19 -38.15
N GLY E 49 -14.44 0.45 -36.99
CA GLY E 49 -13.28 -0.38 -36.67
C GLY E 49 -13.55 -1.77 -36.11
N HIS E 50 -14.80 -2.18 -35.92
CA HIS E 50 -15.11 -3.39 -35.17
C HIS E 50 -16.04 -4.33 -35.95
N THR E 51 -15.86 -5.61 -35.72
CA THR E 51 -16.70 -6.66 -36.30
C THR E 51 -17.34 -7.48 -35.19
N PHE E 52 -18.66 -7.64 -35.28
CA PHE E 52 -19.43 -8.48 -34.37
C PHE E 52 -19.72 -9.83 -35.03
N GLN E 53 -19.44 -10.94 -34.32
CA GLN E 53 -19.48 -12.26 -34.94
C GLN E 53 -20.89 -12.72 -35.28
N ASN E 54 -21.91 -12.02 -34.80
CA ASN E 54 -23.29 -12.28 -35.21
C ASN E 54 -24.08 -11.04 -34.85
N ARG E 55 -25.34 -10.99 -35.26
CA ARG E 55 -26.18 -9.78 -35.11
C ARG E 55 -27.17 -9.87 -33.93
N LEU E 56 -26.95 -10.83 -33.04
CA LEU E 56 -27.75 -10.93 -31.82
C LEU E 56 -27.05 -10.18 -30.69
N GLY E 57 -27.68 -9.11 -30.22
CA GLY E 57 -27.14 -8.30 -29.15
C GLY E 57 -28.00 -8.35 -27.89
N VAL E 58 -27.35 -8.17 -26.74
CA VAL E 58 -28.06 -8.02 -25.48
C VAL E 58 -28.43 -6.55 -25.33
N ALA E 59 -29.73 -6.28 -25.27
CA ALA E 59 -30.21 -4.92 -25.11
C ALA E 59 -29.78 -4.37 -23.76
N PRO E 60 -29.65 -3.05 -23.63
CA PRO E 60 -29.24 -2.51 -22.33
C PRO E 60 -30.29 -2.83 -21.29
N MET E 61 -29.85 -3.41 -20.16
CA MET E 61 -30.80 -3.77 -19.12
C MET E 61 -30.27 -3.35 -17.76
N CYS E 62 -30.86 -2.29 -17.22
CA CYS E 62 -30.57 -1.82 -15.87
C CYS E 62 -30.71 -2.94 -14.85
N GLN E 63 -29.68 -3.08 -14.01
CA GLN E 63 -29.67 -4.02 -12.92
C GLN E 63 -29.95 -3.36 -11.57
N TYR E 64 -29.94 -2.04 -11.51
CA TYR E 64 -30.26 -1.29 -10.29
C TYR E 64 -29.43 -1.77 -9.09
N SER E 65 -28.27 -2.37 -9.35
CA SER E 65 -27.47 -2.99 -8.31
C SER E 65 -26.06 -2.42 -8.25
N ALA E 66 -25.86 -1.19 -8.73
CA ALA E 66 -24.56 -0.55 -8.68
C ALA E 66 -24.44 0.22 -7.38
N ASP E 67 -23.19 0.40 -6.93
CA ASP E 67 -22.88 1.04 -5.65
C ASP E 67 -22.28 2.42 -5.94
N ASP E 68 -23.11 3.45 -5.84
CA ASP E 68 -22.66 4.81 -6.16
C ASP E 68 -22.03 4.81 -7.55
N GLY E 69 -22.76 4.21 -8.51
CA GLY E 69 -22.36 4.13 -9.89
C GLY E 69 -21.36 3.06 -10.19
N HIS E 70 -20.84 2.40 -9.17
CA HIS E 70 -19.75 1.43 -9.33
C HIS E 70 -20.32 0.05 -9.58
N LEU E 71 -19.68 -0.68 -10.49
CA LEU E 71 -20.04 -2.07 -10.69
C LEU E 71 -19.62 -2.88 -9.47
N THR E 72 -20.38 -3.94 -9.20
CA THR E 72 -20.12 -4.81 -8.07
C THR E 72 -20.01 -6.18 -8.70
N PRO E 73 -19.71 -7.25 -7.95
CA PRO E 73 -19.72 -8.57 -8.57
C PRO E 73 -21.06 -9.01 -9.14
N TRP E 74 -22.16 -8.34 -8.79
CA TRP E 74 -23.43 -8.64 -9.45
C TRP E 74 -23.30 -8.46 -10.95
N HIS E 75 -22.71 -7.35 -11.39
CA HIS E 75 -22.59 -7.08 -12.82
C HIS E 75 -21.57 -7.99 -13.48
N MET E 76 -20.60 -8.50 -12.71
CA MET E 76 -19.67 -9.48 -13.26
C MET E 76 -20.37 -10.81 -13.50
N ALA E 77 -21.25 -11.21 -12.58
CA ALA E 77 -22.02 -12.45 -12.73
C ALA E 77 -23.07 -12.32 -13.83
N HIS E 78 -23.72 -11.16 -13.89
CA HIS E 78 -24.71 -10.87 -14.91
C HIS E 78 -24.05 -10.81 -16.29
N TYR E 79 -23.26 -9.76 -16.54
CA TYR E 79 -22.68 -9.57 -17.86
C TYR E 79 -21.71 -10.68 -18.23
N GLY E 80 -20.92 -11.17 -17.28
CA GLY E 80 -19.91 -12.14 -17.63
C GLY E 80 -20.48 -13.50 -17.97
N GLY E 81 -21.60 -13.88 -17.35
CA GLY E 81 -22.23 -15.14 -17.68
C GLY E 81 -22.89 -15.14 -19.05
N ILE E 82 -23.43 -13.99 -19.45
CA ILE E 82 -23.89 -13.83 -20.81
C ILE E 82 -22.72 -13.87 -21.79
N ALA E 83 -21.64 -13.14 -21.46
CA ALA E 83 -20.49 -13.06 -22.35
C ALA E 83 -19.90 -14.41 -22.63
N GLN E 84 -20.02 -15.36 -21.70
CA GLN E 84 -19.45 -16.68 -21.95
C GLN E 84 -20.23 -17.47 -22.99
N ARG E 85 -21.40 -16.99 -23.40
CA ARG E 85 -22.37 -17.80 -24.15
C ARG E 85 -22.73 -17.18 -25.50
N GLY E 86 -21.85 -16.35 -26.04
CA GLY E 86 -21.79 -16.01 -27.45
C GLY E 86 -22.88 -15.14 -28.08
N PRO E 87 -23.30 -14.06 -27.42
CA PRO E 87 -24.05 -13.03 -28.16
C PRO E 87 -23.10 -12.25 -29.06
N GLY E 88 -23.68 -11.55 -30.03
CA GLY E 88 -22.85 -10.78 -30.93
C GLY E 88 -22.29 -9.53 -30.30
N MET E 89 -23.06 -8.92 -29.41
CA MET E 89 -22.63 -7.76 -28.66
C MET E 89 -23.38 -7.73 -27.35
N ILE E 90 -22.85 -6.97 -26.39
CA ILE E 90 -23.49 -6.71 -25.11
C ILE E 90 -23.55 -5.21 -24.95
N ILE E 91 -24.75 -4.67 -24.74
CA ILE E 91 -24.93 -3.25 -24.47
C ILE E 91 -25.18 -3.08 -22.98
N ILE E 92 -24.18 -2.59 -22.25
CA ILE E 92 -24.31 -2.38 -20.81
C ILE E 92 -25.41 -1.36 -20.54
N GLU E 93 -26.13 -1.57 -19.45
CA GLU E 93 -27.27 -0.75 -19.04
C GLU E 93 -27.00 0.74 -19.02
N ALA E 94 -28.06 1.54 -18.97
CA ALA E 94 -27.94 2.99 -18.87
C ALA E 94 -27.02 3.40 -17.72
N THR E 95 -25.99 4.18 -18.05
CA THR E 95 -24.98 4.62 -17.10
C THR E 95 -25.06 6.14 -17.02
N GLY E 96 -25.42 6.66 -15.85
CA GLY E 96 -25.64 8.10 -15.73
C GLY E 96 -24.34 8.88 -15.87
N VAL E 97 -24.39 9.98 -16.63
CA VAL E 97 -23.18 10.77 -16.81
C VAL E 97 -23.00 11.79 -15.69
N VAL E 98 -24.06 12.09 -14.92
CA VAL E 98 -23.99 12.89 -13.71
C VAL E 98 -24.81 12.19 -12.62
N PRO E 99 -24.52 12.47 -11.33
CA PRO E 99 -25.28 11.80 -10.26
C PRO E 99 -26.79 11.91 -10.40
N GLU E 100 -27.30 13.12 -10.61
CA GLU E 100 -28.72 13.36 -10.82
C GLU E 100 -29.21 12.91 -12.19
N GLY E 101 -28.34 12.29 -12.97
CA GLY E 101 -28.69 11.77 -14.27
C GLY E 101 -28.86 10.28 -14.27
N ARG E 102 -28.59 9.63 -13.12
CA ARG E 102 -29.08 8.28 -12.87
C ARG E 102 -30.61 8.28 -12.73
N ILE E 103 -31.21 7.12 -12.97
CA ILE E 103 -32.62 6.98 -12.65
C ILE E 103 -32.79 6.70 -11.15
N THR E 104 -32.05 5.71 -10.64
CA THR E 104 -32.17 5.22 -9.27
C THR E 104 -30.81 5.26 -8.59
N PRO E 105 -30.78 5.23 -7.25
CA PRO E 105 -29.51 5.11 -6.54
C PRO E 105 -28.70 3.86 -6.88
N GLY E 106 -29.26 2.89 -7.58
CA GLY E 106 -28.52 1.71 -7.95
C GLY E 106 -28.02 1.75 -9.38
N CYS E 107 -28.18 2.87 -10.06
CA CYS E 107 -27.79 2.97 -11.45
C CYS E 107 -26.28 3.15 -11.58
N VAL E 108 -25.73 2.60 -12.66
CA VAL E 108 -24.35 2.86 -12.96
C VAL E 108 -24.18 4.34 -13.29
N GLY E 109 -22.96 4.83 -13.11
CA GLY E 109 -22.62 6.20 -13.43
C GLY E 109 -21.19 6.25 -13.92
N LEU E 110 -20.87 7.34 -14.60
CA LEU E 110 -19.49 7.62 -15.04
C LEU E 110 -19.21 9.12 -14.95
N TRP E 111 -19.56 9.72 -13.84
CA TRP E 111 -19.26 11.11 -13.57
C TRP E 111 -17.96 11.30 -12.83
N LYS E 112 -17.19 10.22 -12.66
CA LYS E 112 -16.10 10.17 -11.70
C LYS E 112 -15.09 9.15 -12.16
N ASP E 113 -13.81 9.45 -11.95
CA ASP E 113 -12.77 8.54 -12.39
C ASP E 113 -12.73 7.25 -11.57
N SER E 114 -13.23 7.27 -10.32
CA SER E 114 -13.25 6.05 -9.52
C SER E 114 -14.14 4.98 -10.15
N GLN E 115 -15.06 5.40 -11.03
CA GLN E 115 -16.01 4.49 -11.64
C GLN E 115 -15.44 3.73 -12.85
N ILE E 116 -14.25 4.08 -13.33
CA ILE E 116 -13.70 3.47 -14.54
C ILE E 116 -13.22 2.05 -14.27
N ALA E 117 -12.47 1.86 -13.20
CA ALA E 117 -11.81 0.57 -12.98
C ALA E 117 -12.79 -0.59 -12.80
N PRO E 118 -13.91 -0.47 -12.09
CA PRO E 118 -14.86 -1.61 -12.05
C PRO E 118 -15.41 -1.99 -13.41
N LEU E 119 -15.87 -1.01 -14.18
CA LEU E 119 -16.35 -1.27 -15.53
C LEU E 119 -15.25 -1.93 -16.36
N LYS E 120 -14.00 -1.46 -16.22
CA LYS E 120 -12.91 -2.06 -16.98
C LYS E 120 -12.74 -3.52 -16.58
N GLN E 121 -13.01 -3.86 -15.33
CA GLN E 121 -12.90 -5.26 -14.93
C GLN E 121 -13.91 -6.11 -15.70
N VAL E 122 -15.11 -5.57 -15.91
CA VAL E 122 -16.14 -6.30 -16.62
C VAL E 122 -15.82 -6.36 -18.11
N VAL E 123 -15.55 -5.19 -18.71
CA VAL E 123 -15.16 -5.13 -20.12
C VAL E 123 -14.01 -6.08 -20.41
N GLU E 124 -12.99 -6.08 -19.54
CA GLU E 124 -11.80 -6.87 -19.81
C GLU E 124 -12.08 -8.35 -19.78
N PHE E 125 -13.02 -8.81 -18.94
CA PHE E 125 -13.34 -10.24 -18.94
C PHE E 125 -14.14 -10.62 -20.18
N ALA E 126 -15.11 -9.80 -20.55
CA ALA E 126 -15.78 -9.98 -21.83
C ALA E 126 -14.77 -10.15 -22.95
N HIS E 127 -13.77 -9.26 -23.00
CA HIS E 127 -12.74 -9.32 -24.04
C HIS E 127 -11.89 -10.57 -23.93
N SER E 128 -11.77 -11.17 -22.73
CA SER E 128 -11.12 -12.49 -22.61
C SER E 128 -11.91 -13.56 -23.33
N GLN E 129 -13.18 -13.31 -23.62
CA GLN E 129 -14.02 -14.24 -24.33
C GLN E 129 -14.12 -13.88 -25.81
N GLY E 130 -13.46 -12.81 -26.23
CA GLY E 130 -13.57 -12.34 -27.59
C GLY E 130 -14.91 -11.69 -27.83
N GLN E 131 -15.60 -11.27 -26.79
CA GLN E 131 -16.93 -10.70 -26.90
C GLN E 131 -16.84 -9.21 -27.11
N LYS E 132 -17.84 -8.68 -27.80
CA LYS E 132 -17.96 -7.25 -28.05
C LYS E 132 -18.95 -6.65 -27.07
N ILE E 133 -18.53 -5.61 -26.36
CA ILE E 133 -19.31 -5.08 -25.25
C ILE E 133 -19.16 -3.56 -25.25
N GLY E 134 -20.29 -2.87 -25.14
CA GLY E 134 -20.30 -1.43 -25.12
C GLY E 134 -21.27 -1.00 -24.05
N ILE E 135 -21.61 0.29 -23.99
CA ILE E 135 -22.36 0.80 -22.87
C ILE E 135 -23.26 1.93 -23.35
N GLN E 136 -24.41 2.06 -22.71
CA GLN E 136 -25.36 3.10 -22.99
C GLN E 136 -25.18 4.23 -21.97
N LEU E 137 -24.70 5.39 -22.44
CA LEU E 137 -24.58 6.57 -21.61
C LEU E 137 -25.93 7.26 -21.54
N ALA E 138 -26.24 7.83 -20.38
CA ALA E 138 -27.63 8.19 -20.13
C ALA E 138 -27.71 9.39 -19.20
N HIS E 139 -28.88 10.01 -19.18
CA HIS E 139 -29.22 11.05 -18.22
C HIS E 139 -30.73 10.97 -18.04
N ALA E 140 -31.18 10.50 -16.87
CA ALA E 140 -32.59 10.19 -16.68
C ALA E 140 -33.51 11.40 -16.74
N GLY E 141 -32.98 12.61 -16.69
CA GLY E 141 -33.85 13.78 -16.85
C GLY E 141 -34.89 13.93 -15.74
N ARG E 142 -36.13 14.20 -16.12
CA ARG E 142 -37.23 14.35 -15.17
C ARG E 142 -37.77 13.02 -14.65
N LYS E 143 -37.26 11.88 -15.15
CA LYS E 143 -37.64 10.57 -14.64
C LYS E 143 -36.58 10.02 -13.68
N ALA E 144 -35.72 10.91 -13.18
CA ALA E 144 -34.64 10.57 -12.26
C ALA E 144 -35.13 10.63 -10.82
N SER E 145 -34.35 10.01 -9.94
CA SER E 145 -34.61 9.97 -8.50
C SER E 145 -35.86 9.14 -8.24
N THR E 146 -35.83 7.90 -8.68
CA THR E 146 -36.89 6.93 -8.46
C THR E 146 -36.27 5.64 -7.94
N VAL E 147 -37.10 4.72 -7.48
CA VAL E 147 -36.61 3.47 -6.90
C VAL E 147 -36.67 2.40 -7.97
N PRO E 148 -36.00 1.26 -7.81
CA PRO E 148 -36.03 0.23 -8.82
C PRO E 148 -37.44 -0.22 -9.12
N PRO E 149 -37.65 -0.82 -10.29
CA PRO E 149 -39.02 -1.14 -10.72
C PRO E 149 -39.67 -2.22 -9.89
N TRP E 150 -38.92 -3.16 -9.33
CA TRP E 150 -39.56 -4.11 -8.42
C TRP E 150 -40.04 -3.46 -7.13
N LEU E 151 -39.71 -2.19 -6.90
CA LEU E 151 -40.28 -1.42 -5.79
C LEU E 151 -41.29 -0.40 -6.28
N GLY E 152 -41.79 -0.58 -7.51
CA GLY E 152 -42.82 0.25 -8.06
C GLY E 152 -42.32 1.39 -8.92
N GLY E 153 -41.01 1.62 -8.93
CA GLY E 153 -40.45 2.73 -9.68
C GLY E 153 -40.92 4.09 -9.23
N VAL E 154 -41.38 4.21 -7.98
CA VAL E 154 -41.91 5.45 -7.42
C VAL E 154 -40.79 6.43 -7.09
N THR E 155 -41.14 7.66 -6.72
CA THR E 155 -40.15 8.66 -6.34
C THR E 155 -39.26 8.12 -5.23
N ALA E 156 -37.95 8.34 -5.36
CA ALA E 156 -36.99 8.06 -4.29
C ALA E 156 -36.81 9.34 -3.49
N THR E 157 -37.32 9.35 -2.26
CA THR E 157 -37.15 10.55 -1.44
C THR E 157 -35.69 10.70 -1.02
N ASN E 158 -35.37 11.89 -0.52
CA ASN E 158 -33.99 12.15 -0.11
C ASN E 158 -33.57 11.25 1.04
N ALA E 159 -34.52 10.81 1.88
CA ALA E 159 -34.19 9.96 3.01
C ALA E 159 -33.62 8.61 2.58
N VAL E 160 -34.00 8.13 1.40
CA VAL E 160 -33.58 6.81 0.95
C VAL E 160 -32.66 6.87 -0.26
N GLY E 161 -32.07 8.03 -0.53
CA GLY E 161 -31.07 8.16 -1.58
C GLY E 161 -31.46 8.98 -2.79
N GLY E 162 -32.62 9.62 -2.80
CA GLY E 162 -33.05 10.37 -3.95
C GLY E 162 -32.39 11.73 -4.00
N TRP E 163 -32.87 12.56 -4.93
CA TRP E 163 -32.33 13.90 -5.09
C TRP E 163 -33.44 14.78 -5.65
N THR E 164 -34.58 14.76 -4.97
CA THR E 164 -35.82 15.35 -5.47
C THR E 164 -35.72 16.85 -5.71
N GLU E 165 -34.65 17.49 -5.26
CA GLU E 165 -34.44 18.90 -5.53
C GLU E 165 -33.41 19.13 -6.63
N ASN E 166 -32.79 18.05 -7.12
CA ASN E 166 -31.75 18.11 -8.15
C ASN E 166 -32.13 17.33 -9.41
N VAL E 167 -33.43 17.21 -9.69
CA VAL E 167 -33.93 16.55 -10.88
C VAL E 167 -34.23 17.63 -11.91
N LYS E 168 -33.62 17.51 -13.09
CA LYS E 168 -33.65 18.59 -14.08
C LYS E 168 -34.21 18.08 -15.40
N GLY E 169 -35.01 18.91 -16.05
CA GLY E 169 -35.44 18.59 -17.39
C GLY E 169 -35.55 19.82 -18.27
N PRO E 170 -35.88 19.62 -19.54
CA PRO E 170 -36.10 20.77 -20.44
C PRO E 170 -37.15 21.74 -19.94
N SER E 171 -38.17 21.26 -19.24
CA SER E 171 -39.21 22.16 -18.77
C SER E 171 -39.75 21.71 -17.41
N ALA E 172 -40.42 22.64 -16.72
CA ALA E 172 -40.95 22.40 -15.38
C ALA E 172 -42.27 21.64 -15.47
N ILE E 173 -42.18 20.39 -15.92
CA ILE E 173 -43.36 19.56 -16.14
C ILE E 173 -43.08 18.16 -15.61
N PRO E 174 -43.75 17.72 -14.55
CA PRO E 174 -43.50 16.38 -14.01
C PRO E 174 -44.00 15.32 -14.98
N PHE E 175 -43.34 14.16 -14.95
CA PHE E 175 -43.73 13.10 -15.89
C PHE E 175 -45.20 12.74 -15.72
N ALA E 176 -45.66 12.67 -14.48
CA ALA E 176 -47.07 12.53 -14.18
C ALA E 176 -47.33 13.41 -12.98
N GLU E 177 -48.60 13.66 -12.70
CA GLU E 177 -48.93 14.42 -11.50
C GLU E 177 -48.60 13.59 -10.26
N GLY E 178 -48.06 14.26 -9.25
CA GLY E 178 -47.52 13.65 -8.08
C GLY E 178 -46.04 13.34 -8.17
N GLU E 179 -45.48 13.35 -9.38
CA GLU E 179 -44.07 13.11 -9.56
C GLU E 179 -43.28 14.41 -9.28
N ILE E 180 -41.96 14.30 -9.25
CA ILE E 180 -41.13 15.48 -9.04
C ILE E 180 -41.32 16.46 -10.19
N VAL E 181 -41.55 17.73 -9.84
CA VAL E 181 -41.50 18.81 -10.83
C VAL E 181 -40.01 19.07 -11.07
N PRO E 182 -39.48 18.72 -12.24
CA PRO E 182 -38.05 18.93 -12.48
C PRO E 182 -37.74 20.41 -12.63
N LYS E 183 -36.47 20.74 -12.44
CA LYS E 183 -36.05 22.10 -12.74
C LYS E 183 -35.88 22.23 -14.24
N ALA E 184 -36.45 23.29 -14.82
CA ALA E 184 -36.26 23.58 -16.23
C ALA E 184 -34.81 24.00 -16.47
N MET E 185 -34.07 23.20 -17.23
CA MET E 185 -32.65 23.42 -17.40
C MET E 185 -32.35 24.81 -17.96
N THR E 186 -31.35 25.47 -17.37
CA THR E 186 -30.80 26.69 -17.93
C THR E 186 -29.77 26.37 -19.01
N LYS E 187 -29.38 27.41 -19.75
CA LYS E 187 -28.34 27.24 -20.77
C LYS E 187 -27.06 26.68 -20.15
N GLU E 188 -26.67 27.16 -18.97
CA GLU E 188 -25.51 26.59 -18.29
C GLU E 188 -25.80 25.16 -17.83
N ASP E 189 -27.06 24.87 -17.47
CA ASP E 189 -27.39 23.47 -17.15
C ASP E 189 -27.18 22.59 -18.37
N ILE E 190 -27.58 23.06 -19.55
CA ILE E 190 -27.38 22.26 -20.76
C ILE E 190 -25.90 22.11 -21.07
N GLU E 191 -25.13 23.18 -20.91
CA GLU E 191 -23.67 23.15 -21.14
C GLU E 191 -22.98 22.20 -20.15
N GLU E 192 -23.46 22.15 -18.91
CA GLU E 192 -22.92 21.21 -17.94
C GLU E 192 -23.16 19.78 -18.38
N VAL E 193 -24.34 19.52 -18.99
CA VAL E 193 -24.64 18.17 -19.50
C VAL E 193 -23.69 17.79 -20.62
N LYS E 194 -23.50 18.70 -21.59
CA LYS E 194 -22.58 18.43 -22.68
C LYS E 194 -21.15 18.21 -22.16
N THR E 195 -20.72 19.04 -21.21
CA THR E 195 -19.42 18.84 -20.58
C THR E 195 -19.32 17.46 -19.94
N ALA E 196 -20.35 17.06 -19.19
CA ALA E 196 -20.36 15.78 -18.49
C ALA E 196 -20.40 14.60 -19.44
N TRP E 197 -21.13 14.75 -20.55
CA TRP E 197 -21.23 13.66 -21.51
C TRP E 197 -19.89 13.33 -22.12
N VAL E 198 -19.14 14.35 -22.57
CA VAL E 198 -17.81 14.11 -23.11
C VAL E 198 -16.91 13.48 -22.07
N ALA E 199 -16.94 13.99 -20.84
CA ALA E 199 -16.14 13.41 -19.77
C ALA E 199 -16.52 11.94 -19.56
N ALA E 200 -17.82 11.65 -19.59
CA ALA E 200 -18.27 10.27 -19.47
C ALA E 200 -17.77 9.40 -20.62
N VAL E 201 -17.76 9.94 -21.85
CA VAL E 201 -17.29 9.14 -23.00
C VAL E 201 -15.83 8.72 -22.83
N GLU E 202 -14.96 9.65 -22.42
CA GLU E 202 -13.56 9.28 -22.23
C GLU E 202 -13.38 8.17 -21.18
N ARG E 203 -14.14 8.23 -20.08
CA ARG E 203 -14.03 7.20 -19.05
C ARG E 203 -14.42 5.84 -19.59
N ALA E 204 -15.48 5.81 -20.42
CA ALA E 204 -15.86 4.59 -21.11
C ALA E 204 -14.74 4.11 -22.05
N VAL E 205 -14.15 5.04 -22.81
CA VAL E 205 -13.03 4.70 -23.71
C VAL E 205 -11.84 4.15 -22.95
N ALA E 206 -11.48 4.78 -21.82
CA ALA E 206 -10.37 4.26 -21.01
C ALA E 206 -10.73 2.91 -20.38
N ALA E 207 -12.01 2.69 -20.06
CA ALA E 207 -12.43 1.38 -19.54
C ALA E 207 -12.34 0.28 -20.59
N GLY E 208 -12.27 0.62 -21.87
CA GLY E 208 -12.03 -0.33 -22.93
C GLY E 208 -13.24 -0.73 -23.76
N VAL E 209 -14.33 0.04 -23.72
CA VAL E 209 -15.54 -0.33 -24.44
C VAL E 209 -15.30 -0.37 -25.94
N ASP E 210 -16.07 -1.21 -26.64
CA ASP E 210 -15.99 -1.32 -28.08
C ASP E 210 -16.87 -0.32 -28.82
N PHE E 211 -17.90 0.21 -28.17
CA PHE E 211 -18.80 1.17 -28.79
C PHE E 211 -19.57 1.87 -27.70
N ILE E 212 -20.30 2.91 -28.08
CA ILE E 212 -21.12 3.68 -27.17
C ILE E 212 -22.50 3.88 -27.78
N GLU E 213 -23.56 3.75 -26.97
CA GLU E 213 -24.91 4.12 -27.38
C GLU E 213 -25.37 5.34 -26.61
N ILE E 214 -26.02 6.26 -27.29
CA ILE E 214 -26.58 7.46 -26.67
C ILE E 214 -28.03 7.14 -26.34
N HIS E 215 -28.39 7.28 -25.06
CA HIS E 215 -29.76 7.00 -24.66
C HIS E 215 -30.63 8.21 -24.93
N ASN E 216 -31.31 8.19 -26.08
CA ASN E 216 -32.22 9.25 -26.48
C ASN E 216 -33.67 8.78 -26.43
N ALA E 217 -33.96 7.71 -25.69
CA ALA E 217 -35.28 7.08 -25.71
C ALA E 217 -35.97 7.15 -24.34
N HIS E 218 -37.22 6.67 -24.32
CA HIS E 218 -37.95 6.26 -23.12
C HIS E 218 -38.27 7.43 -22.20
N GLY E 219 -38.37 8.64 -22.75
CA GLY E 219 -38.81 9.78 -21.99
C GLY E 219 -37.77 10.38 -21.05
N TYR E 220 -36.54 9.84 -21.03
CA TYR E 220 -35.46 10.39 -20.22
C TYR E 220 -34.99 11.70 -20.86
N LEU E 221 -33.82 12.20 -20.48
CA LEU E 221 -33.52 13.61 -20.74
C LEU E 221 -33.56 13.95 -22.22
N LEU E 222 -32.80 13.21 -23.04
CA LEU E 222 -32.73 13.55 -24.45
C LEU E 222 -34.06 13.28 -25.15
N SER E 223 -34.68 12.15 -24.82
CA SER E 223 -36.02 11.83 -25.33
C SER E 223 -37.03 12.92 -25.00
N SER E 224 -36.89 13.55 -23.83
CA SER E 224 -37.86 14.57 -23.42
C SER E 224 -37.69 15.88 -24.17
N PHE E 225 -36.51 16.12 -24.77
CA PHE E 225 -36.31 17.29 -25.60
C PHE E 225 -37.03 17.17 -26.94
N LEU E 226 -37.12 15.94 -27.46
CA LEU E 226 -37.83 15.70 -28.72
C LEU E 226 -39.30 16.09 -28.64
N SER E 227 -40.03 15.59 -27.60
CA SER E 227 -41.49 15.73 -27.59
C SER E 227 -41.91 17.10 -27.06
N PRO E 228 -42.90 17.74 -27.72
CA PRO E 228 -43.48 18.97 -27.18
C PRO E 228 -44.35 18.75 -25.95
N SER E 229 -44.65 17.50 -25.61
CA SER E 229 -45.38 17.21 -24.37
C SER E 229 -44.50 17.50 -23.15
N SER E 230 -43.21 17.16 -23.21
CA SER E 230 -42.26 17.42 -22.14
C SER E 230 -41.40 18.66 -22.34
N ASN E 231 -41.30 19.20 -23.57
CA ASN E 231 -40.41 20.34 -23.87
C ASN E 231 -41.23 21.57 -24.24
N GLN E 232 -41.22 22.57 -23.36
CA GLN E 232 -41.85 23.86 -23.62
C GLN E 232 -40.83 25.00 -23.58
N ARG E 233 -39.58 24.71 -23.91
CA ARG E 233 -38.56 25.75 -23.96
C ARG E 233 -38.90 26.75 -25.04
N THR E 234 -38.41 27.98 -24.86
CA THR E 234 -38.59 29.06 -25.82
C THR E 234 -37.25 29.57 -26.34
N ASP E 235 -36.18 28.79 -26.17
CA ASP E 235 -34.84 29.11 -26.62
C ASP E 235 -34.49 28.18 -27.78
N ASP E 236 -33.19 28.00 -28.02
CA ASP E 236 -32.73 27.21 -29.15
C ASP E 236 -32.98 25.73 -29.01
N TYR E 237 -33.54 25.29 -27.89
CA TYR E 237 -33.62 23.87 -27.62
C TYR E 237 -35.05 23.36 -27.53
N GLY E 238 -36.04 24.20 -27.78
CA GLY E 238 -37.43 23.78 -27.82
C GLY E 238 -38.17 24.59 -28.87
N GLY E 239 -39.41 24.17 -29.13
CA GLY E 239 -40.27 24.79 -30.13
C GLY E 239 -40.22 24.08 -31.47
N SER E 240 -39.54 24.68 -32.44
CA SER E 240 -39.48 24.12 -33.78
C SER E 240 -38.85 22.74 -33.74
N PHE E 241 -39.10 21.97 -34.80
CA PHE E 241 -38.50 20.63 -34.89
C PHE E 241 -36.99 20.72 -34.89
N GLU E 242 -36.42 21.72 -35.57
CA GLU E 242 -34.97 21.88 -35.56
C GLU E 242 -34.46 22.08 -34.13
N ASN E 243 -35.18 22.89 -33.35
CA ASN E 243 -34.78 23.19 -31.99
C ASN E 243 -34.89 21.95 -31.10
N ARG E 244 -35.97 21.17 -31.24
CA ARG E 244 -36.19 20.05 -30.34
C ARG E 244 -35.19 18.92 -30.56
N ILE E 245 -34.61 18.80 -31.76
CA ILE E 245 -33.59 17.78 -31.98
C ILE E 245 -32.17 18.32 -31.79
N ARG E 246 -32.04 19.61 -31.44
CA ARG E 246 -30.74 20.27 -31.43
C ARG E 246 -29.76 19.58 -30.51
N LEU E 247 -30.13 19.40 -29.24
CA LEU E 247 -29.19 18.81 -28.28
C LEU E 247 -28.79 17.41 -28.69
N SER E 248 -29.73 16.63 -29.24
CA SER E 248 -29.42 15.26 -29.66
C SER E 248 -28.35 15.23 -30.74
N LEU E 249 -28.35 16.19 -31.65
CA LEU E 249 -27.32 16.20 -32.70
C LEU E 249 -25.97 16.61 -32.13
N GLU E 250 -25.95 17.58 -31.22
CA GLU E 250 -24.74 17.97 -30.54
C GLU E 250 -24.15 16.81 -29.73
N ILE E 251 -24.99 16.13 -28.94
CA ILE E 251 -24.49 15.01 -28.13
C ILE E 251 -23.88 13.95 -29.03
N SER E 252 -24.52 13.70 -30.18
CA SER E 252 -24.00 12.70 -31.11
C SER E 252 -22.73 13.19 -31.76
N GLN E 253 -22.71 14.48 -32.15
CA GLN E 253 -21.50 15.07 -32.72
C GLN E 253 -20.36 15.03 -31.71
N LEU E 254 -20.59 15.55 -30.50
CA LEU E 254 -19.60 15.47 -29.42
C LEU E 254 -19.09 14.06 -29.20
N THR E 255 -19.99 13.08 -29.17
CA THR E 255 -19.57 11.69 -28.91
C THR E 255 -18.71 11.14 -30.03
N ARG E 256 -19.08 11.41 -31.28
CA ARG E 256 -18.27 10.93 -32.40
C ARG E 256 -16.88 11.53 -32.34
N ASP E 257 -16.80 12.85 -32.21
CA ASP E 257 -15.50 13.52 -32.24
C ASP E 257 -14.63 13.05 -31.09
N THR E 258 -15.25 12.64 -29.98
CA THR E 258 -14.49 12.17 -28.82
C THR E 258 -14.04 10.73 -28.98
N VAL E 259 -14.88 9.86 -29.59
CA VAL E 259 -14.43 8.48 -29.74
C VAL E 259 -13.54 8.33 -30.95
N GLY E 260 -13.53 9.32 -31.84
CA GLY E 260 -12.73 9.26 -33.04
C GLY E 260 -13.52 8.58 -34.12
N PRO E 261 -12.87 8.27 -35.25
CA PRO E 261 -13.62 7.78 -36.42
C PRO E 261 -13.76 6.26 -36.52
N ASN E 262 -13.05 5.50 -35.71
CA ASN E 262 -13.09 4.05 -35.81
C ASN E 262 -14.03 3.38 -34.81
N MET E 263 -14.66 4.15 -33.88
CA MET E 263 -15.49 3.50 -32.87
C MET E 263 -16.95 3.70 -33.20
N PRO E 264 -17.75 2.62 -33.17
CA PRO E 264 -19.17 2.73 -33.42
C PRO E 264 -19.87 3.58 -32.36
N VAL E 265 -20.82 4.40 -32.82
CA VAL E 265 -21.70 5.21 -31.99
C VAL E 265 -23.13 4.85 -32.38
N PHE E 266 -23.93 4.42 -31.40
CA PHE E 266 -25.34 4.06 -31.58
C PHE E 266 -26.19 5.17 -30.98
N LEU E 267 -27.47 5.20 -31.39
CA LEU E 267 -28.43 6.11 -30.76
C LEU E 267 -29.76 5.39 -30.64
N ARG E 268 -30.31 5.35 -29.42
CA ARG E 268 -31.59 4.72 -29.14
C ARG E 268 -32.68 5.78 -29.10
N VAL E 269 -33.82 5.51 -29.76
CA VAL E 269 -34.95 6.45 -29.72
C VAL E 269 -36.25 5.68 -29.54
N SER E 270 -37.25 6.36 -28.96
CA SER E 270 -38.63 5.87 -28.88
C SER E 270 -39.37 6.35 -30.13
N ALA E 271 -39.75 5.42 -31.01
CA ALA E 271 -40.32 5.81 -32.31
C ALA E 271 -41.64 6.55 -32.18
N THR E 272 -42.43 6.27 -31.14
CA THR E 272 -43.69 6.97 -30.89
C THR E 272 -43.90 7.11 -29.39
N ASP E 273 -44.70 8.12 -29.02
CA ASP E 273 -45.12 8.30 -27.64
C ASP E 273 -46.40 7.54 -27.31
N TRP E 274 -46.97 6.84 -28.30
CA TRP E 274 -48.16 6.01 -28.15
C TRP E 274 -49.39 6.82 -27.74
N LEU E 275 -49.53 8.05 -28.26
CA LEU E 275 -50.70 8.87 -27.98
C LEU E 275 -51.68 8.93 -29.15
N GLU E 276 -51.47 8.12 -30.19
CA GLU E 276 -52.30 8.14 -31.38
C GLU E 276 -53.77 7.91 -31.02
N LYS E 277 -54.03 6.90 -30.18
CA LYS E 277 -55.39 6.63 -29.75
C LYS E 277 -55.73 7.30 -28.42
N SER E 278 -54.81 7.29 -27.45
CA SER E 278 -55.15 7.74 -26.10
C SER E 278 -55.25 9.24 -25.99
N MET E 279 -54.47 9.98 -26.78
CA MET E 279 -54.46 11.45 -26.74
C MET E 279 -54.27 11.95 -28.17
N PRO E 280 -55.25 11.70 -29.04
CA PRO E 280 -55.02 11.95 -30.48
C PRO E 280 -54.87 13.42 -30.80
N GLU E 281 -55.42 14.28 -29.95
CA GLU E 281 -55.37 15.72 -30.16
C GLU E 281 -54.08 16.32 -29.65
N GLU E 282 -53.21 15.49 -29.08
CA GLU E 282 -51.91 15.91 -28.57
C GLU E 282 -50.84 15.74 -29.65
N LYS E 283 -50.25 16.85 -30.07
CA LYS E 283 -49.02 16.79 -30.85
C LYS E 283 -47.89 16.32 -29.95
N GLY E 284 -47.48 15.08 -30.11
CA GLY E 284 -46.39 14.59 -29.32
C GLY E 284 -45.25 14.27 -30.25
N TRP E 285 -44.83 13.01 -30.25
CA TRP E 285 -43.69 12.56 -31.04
C TRP E 285 -44.06 11.21 -31.62
N LYS E 286 -44.28 11.16 -32.94
CA LYS E 286 -44.75 9.96 -33.64
C LYS E 286 -43.69 9.51 -34.64
N LEU E 287 -44.02 8.45 -35.38
CA LEU E 287 -43.04 7.88 -36.29
C LEU E 287 -42.59 8.86 -37.36
N GLU E 288 -43.48 9.76 -37.81
CA GLU E 288 -43.07 10.75 -38.80
C GLU E 288 -42.00 11.67 -38.22
N ASP E 289 -42.08 11.99 -36.93
CA ASP E 289 -41.04 12.79 -36.29
C ASP E 289 -39.74 12.01 -36.18
N THR E 290 -39.82 10.73 -35.78
CA THR E 290 -38.62 9.91 -35.67
C THR E 290 -37.94 9.68 -37.01
N VAL E 291 -38.71 9.58 -38.09
CA VAL E 291 -38.11 9.38 -39.40
C VAL E 291 -37.45 10.66 -39.87
N GLU E 292 -38.10 11.81 -39.63
CA GLU E 292 -37.48 13.09 -39.91
C GLU E 292 -36.23 13.29 -39.05
N PHE E 293 -36.29 12.85 -37.79
CA PHE E 293 -35.13 12.91 -36.91
C PHE E 293 -34.03 11.96 -37.40
N SER E 294 -34.42 10.77 -37.87
CA SER E 294 -33.44 9.85 -38.42
C SER E 294 -32.79 10.40 -39.70
N ARG E 295 -33.50 11.25 -40.43
CA ARG E 295 -32.91 11.88 -41.62
C ARG E 295 -31.86 12.91 -41.22
N ALA E 296 -32.15 13.67 -40.16
CA ALA E 296 -31.18 14.62 -39.62
C ALA E 296 -29.92 13.92 -39.11
N LEU E 297 -30.08 12.74 -38.51
CA LEU E 297 -28.92 11.97 -38.06
C LEU E 297 -28.20 11.29 -39.22
N ALA E 298 -28.92 10.91 -40.28
CA ALA E 298 -28.26 10.33 -41.44
C ALA E 298 -27.51 11.38 -42.23
N ALA E 299 -28.11 12.58 -42.36
CA ALA E 299 -27.45 13.72 -42.98
C ALA E 299 -26.19 14.13 -42.21
N GLN E 300 -26.24 14.08 -40.87
CA GLN E 300 -25.09 14.48 -40.08
C GLN E 300 -23.93 13.49 -40.21
N GLY E 301 -24.21 12.20 -40.25
CA GLY E 301 -23.14 11.25 -40.48
C GLY E 301 -22.28 10.90 -39.30
N ALA E 302 -22.62 11.32 -38.07
CA ALA E 302 -21.86 10.93 -36.88
C ALA E 302 -22.29 9.58 -36.30
N ILE E 303 -23.61 9.31 -36.32
CA ILE E 303 -24.21 8.11 -35.74
C ILE E 303 -24.11 6.96 -36.73
N ASP E 304 -23.84 5.74 -36.24
CA ASP E 304 -23.77 4.57 -37.10
C ASP E 304 -25.03 3.72 -37.10
N LEU E 305 -25.75 3.64 -35.98
CA LEU E 305 -26.86 2.70 -35.84
C LEU E 305 -27.96 3.37 -35.05
N ILE E 306 -29.20 3.29 -35.53
CA ILE E 306 -30.38 3.77 -34.79
C ILE E 306 -31.09 2.58 -34.16
N ASP E 307 -31.16 2.59 -32.81
CA ASP E 307 -31.82 1.55 -32.02
C ASP E 307 -33.25 2.02 -31.72
N ILE E 308 -34.23 1.38 -32.34
CA ILE E 308 -35.61 1.83 -32.26
C ILE E 308 -36.30 1.12 -31.11
N SER E 309 -36.83 1.88 -30.17
CA SER E 309 -37.65 1.39 -29.07
C SER E 309 -38.92 2.23 -29.15
N THR E 310 -39.80 2.17 -28.15
CA THR E 310 -41.04 2.94 -28.19
C THR E 310 -41.41 3.37 -26.79
N GLY E 311 -42.30 4.36 -26.70
CA GLY E 311 -42.94 4.65 -25.43
C GLY E 311 -41.97 5.22 -24.40
N GLY E 312 -42.51 5.44 -23.21
CA GLY E 312 -41.81 6.10 -22.13
C GLY E 312 -41.88 7.60 -22.22
N VAL E 313 -42.35 8.13 -23.35
CA VAL E 313 -42.26 9.55 -23.65
C VAL E 313 -43.35 10.32 -22.94
N HIS E 314 -44.50 9.67 -22.73
CA HIS E 314 -45.68 10.31 -22.17
C HIS E 314 -46.38 9.37 -21.20
N ALA E 315 -46.92 9.92 -20.11
CA ALA E 315 -47.50 9.09 -19.07
C ALA E 315 -48.76 8.38 -19.54
N ALA E 316 -49.53 9.04 -20.41
CA ALA E 316 -50.81 8.57 -20.92
C ALA E 316 -50.68 7.67 -22.15
N GLN E 317 -49.49 7.14 -22.42
CA GLN E 317 -49.31 6.24 -23.54
C GLN E 317 -50.24 5.03 -23.42
N LYS E 318 -50.56 4.45 -24.57
CA LYS E 318 -51.33 3.22 -24.64
C LYS E 318 -50.55 2.23 -25.51
N VAL E 319 -49.81 1.33 -24.87
CA VAL E 319 -48.87 0.48 -25.59
C VAL E 319 -49.60 -0.75 -26.09
N THR E 320 -49.69 -0.88 -27.41
CA THR E 320 -50.25 -2.08 -28.05
C THR E 320 -49.12 -3.10 -28.17
N SER E 321 -48.94 -3.89 -27.12
CA SER E 321 -47.83 -4.83 -27.08
C SER E 321 -48.16 -6.05 -27.95
N GLY E 322 -47.30 -7.06 -27.91
CA GLY E 322 -47.49 -8.23 -28.74
C GLY E 322 -46.15 -8.71 -29.23
N VAL E 323 -46.14 -9.76 -30.04
CA VAL E 323 -44.88 -10.32 -30.55
C VAL E 323 -44.29 -9.34 -31.57
N GLY E 324 -43.05 -8.91 -31.34
CA GLY E 324 -42.36 -8.00 -32.25
C GLY E 324 -43.08 -6.68 -32.43
N PHE E 325 -43.69 -6.15 -31.38
CA PHE E 325 -44.53 -4.93 -31.52
C PHE E 325 -43.79 -3.63 -31.93
N GLN E 326 -42.46 -3.62 -32.03
CA GLN E 326 -41.74 -2.36 -32.32
C GLN E 326 -41.04 -2.48 -33.69
N VAL E 327 -41.12 -3.64 -34.31
CA VAL E 327 -40.53 -3.88 -35.65
C VAL E 327 -41.17 -2.92 -36.69
N PRO E 328 -42.50 -2.74 -36.78
CA PRO E 328 -43.01 -1.82 -37.79
C PRO E 328 -42.31 -0.49 -37.80
N PHE E 329 -41.96 0.00 -36.59
CA PHE E 329 -41.31 1.30 -36.48
C PHE E 329 -39.87 1.24 -36.97
N ALA E 330 -39.16 0.17 -36.63
CA ALA E 330 -37.81 -0.03 -37.13
C ALA E 330 -37.79 -0.25 -38.64
N LYS E 331 -38.83 -0.92 -39.15
CA LYS E 331 -38.92 -1.18 -40.58
C LYS E 331 -39.09 0.12 -41.35
N ALA E 332 -39.94 1.02 -40.83
CA ALA E 332 -40.17 2.30 -41.49
C ALA E 332 -38.93 3.21 -41.47
N VAL E 333 -38.12 3.12 -40.42
CA VAL E 333 -36.92 3.96 -40.36
C VAL E 333 -35.86 3.43 -41.30
N LYS E 334 -35.66 2.11 -41.33
CA LYS E 334 -34.75 1.52 -42.30
C LYS E 334 -35.13 1.90 -43.72
N GLU E 335 -36.43 1.93 -44.04
CA GLU E 335 -36.85 2.31 -45.37
C GLU E 335 -36.44 3.73 -45.72
N ALA E 336 -36.49 4.64 -44.73
CA ALA E 336 -36.20 6.05 -45.03
C ALA E 336 -34.72 6.37 -45.15
N VAL E 337 -33.84 5.70 -44.41
CA VAL E 337 -32.43 6.08 -44.36
C VAL E 337 -31.47 4.92 -44.48
N GLY E 338 -31.96 3.69 -44.65
CA GLY E 338 -31.14 2.49 -44.47
C GLY E 338 -29.94 2.33 -45.38
N GLN E 339 -29.83 3.10 -46.46
CA GLN E 339 -28.65 2.95 -47.33
C GLN E 339 -27.45 3.69 -46.79
N LYS E 340 -27.67 4.52 -45.78
CA LYS E 340 -26.72 5.34 -45.06
C LYS E 340 -26.54 4.92 -43.61
N MET E 341 -27.58 4.37 -42.97
CA MET E 341 -27.60 4.12 -41.53
C MET E 341 -28.07 2.70 -41.19
N LEU E 342 -27.45 2.08 -40.19
CA LEU E 342 -27.95 0.81 -39.67
C LEU E 342 -29.13 1.03 -38.72
N VAL E 343 -29.93 -0.01 -38.53
CA VAL E 343 -31.11 0.04 -37.67
C VAL E 343 -31.18 -1.28 -36.91
N SER E 344 -31.54 -1.21 -35.63
CA SER E 344 -31.74 -2.40 -34.81
C SER E 344 -33.19 -2.53 -34.41
N ALA E 345 -33.61 -3.77 -34.18
CA ALA E 345 -34.96 -4.05 -33.73
C ALA E 345 -34.93 -4.68 -32.35
N VAL E 346 -35.93 -4.36 -31.54
CA VAL E 346 -36.05 -4.88 -30.17
C VAL E 346 -37.52 -4.86 -29.79
N GLY E 347 -37.93 -5.80 -28.94
CA GLY E 347 -39.25 -5.73 -28.34
C GLY E 347 -40.00 -7.03 -28.59
N THR E 348 -39.93 -7.96 -27.64
CA THR E 348 -40.62 -9.23 -27.75
C THR E 348 -40.21 -9.96 -29.03
N ILE E 349 -38.90 -10.03 -29.28
CA ILE E 349 -38.37 -10.83 -30.38
C ILE E 349 -37.68 -12.03 -29.74
N ASN E 350 -38.41 -13.12 -29.58
CA ASN E 350 -37.96 -14.10 -28.61
C ASN E 350 -37.65 -15.46 -29.21
N SER E 351 -37.66 -15.58 -30.54
CA SER E 351 -37.23 -16.79 -31.22
C SER E 351 -36.26 -16.42 -32.32
N GLY E 352 -35.34 -17.35 -32.63
CA GLY E 352 -34.39 -17.08 -33.69
C GLY E 352 -35.05 -16.96 -35.04
N ASN E 353 -36.15 -17.68 -35.24
CA ASN E 353 -36.87 -17.67 -36.51
C ASN E 353 -37.55 -16.33 -36.77
N LEU E 354 -38.18 -15.75 -35.76
CA LEU E 354 -38.70 -14.40 -35.91
C LEU E 354 -37.56 -13.40 -36.12
N ALA E 355 -36.41 -13.66 -35.49
CA ALA E 355 -35.24 -12.80 -35.65
C ALA E 355 -34.78 -12.74 -37.11
N GLU E 356 -34.47 -13.88 -37.71
CA GLU E 356 -34.05 -13.88 -39.11
C GLU E 356 -35.11 -13.27 -40.02
N LYS E 357 -36.38 -13.58 -39.78
CA LYS E 357 -37.47 -13.07 -40.60
C LYS E 357 -37.53 -11.55 -40.57
N ILE E 358 -37.37 -10.96 -39.38
CA ILE E 358 -37.33 -9.50 -39.27
C ILE E 358 -36.10 -8.95 -39.98
N LEU E 359 -34.98 -9.65 -39.85
CA LEU E 359 -33.74 -9.21 -40.48
C LEU E 359 -33.88 -9.18 -41.98
N ASN E 360 -34.50 -10.20 -42.54
CA ASN E 360 -34.58 -10.34 -43.99
C ASN E 360 -35.75 -9.58 -44.57
N GLU E 361 -36.93 -9.71 -43.98
CA GLU E 361 -38.09 -9.13 -44.61
C GLU E 361 -38.20 -7.65 -44.36
N ASP E 362 -37.58 -7.14 -43.29
CA ASP E 362 -37.61 -5.72 -42.97
C ASP E 362 -36.26 -5.04 -43.14
N ASP E 363 -35.23 -5.79 -43.51
CA ASP E 363 -33.90 -5.27 -43.79
C ASP E 363 -33.27 -4.64 -42.55
N VAL E 364 -33.62 -5.14 -41.38
CA VAL E 364 -32.96 -4.66 -40.17
C VAL E 364 -31.60 -5.36 -40.05
N ASP E 365 -30.65 -4.68 -39.39
CA ASP E 365 -29.27 -5.16 -39.34
C ASP E 365 -28.90 -5.87 -38.06
N VAL E 366 -29.52 -5.49 -36.93
CA VAL E 366 -29.17 -5.99 -35.62
C VAL E 366 -30.46 -6.27 -34.87
N ILE E 367 -30.51 -7.43 -34.19
CA ILE E 367 -31.65 -7.80 -33.33
C ILE E 367 -31.19 -7.76 -31.88
N LEU E 368 -31.77 -6.87 -31.09
CA LEU E 368 -31.53 -6.78 -29.66
C LEU E 368 -32.65 -7.47 -28.90
N VAL E 369 -32.30 -8.14 -27.81
CA VAL E 369 -33.27 -8.80 -26.95
C VAL E 369 -33.05 -8.40 -25.50
N GLY E 370 -34.14 -8.13 -24.77
CA GLY E 370 -34.03 -7.79 -23.37
C GLY E 370 -34.32 -8.92 -22.39
N ARG E 371 -35.50 -8.90 -21.76
CA ARG E 371 -35.86 -9.83 -20.69
C ARG E 371 -35.32 -11.24 -20.90
N ALA E 372 -35.46 -11.76 -22.12
CA ALA E 372 -35.05 -13.14 -22.38
C ALA E 372 -33.60 -13.40 -22.03
N PHE E 373 -32.75 -12.36 -22.07
CA PHE E 373 -31.37 -12.58 -21.67
C PHE E 373 -31.24 -12.65 -20.15
N GLN E 374 -32.17 -12.03 -19.41
CA GLN E 374 -32.22 -12.21 -17.96
C GLN E 374 -32.62 -13.63 -17.59
N ARG E 375 -33.50 -14.25 -18.37
CA ARG E 375 -33.87 -15.63 -18.09
C ARG E 375 -32.82 -16.61 -18.62
N ASP E 376 -32.44 -16.47 -19.89
CA ASP E 376 -31.50 -17.40 -20.51
C ASP E 376 -30.25 -16.63 -20.92
N SER E 377 -29.20 -16.76 -20.11
CA SER E 377 -27.92 -16.15 -20.44
C SER E 377 -27.32 -16.74 -21.72
N GLY E 378 -27.74 -17.95 -22.11
CA GLY E 378 -27.36 -18.55 -23.37
C GLY E 378 -28.40 -18.42 -24.48
N LEU E 379 -29.06 -17.27 -24.58
CA LEU E 379 -30.11 -17.09 -25.59
C LEU E 379 -29.54 -17.13 -27.00
N ALA E 380 -28.29 -16.67 -27.18
CA ALA E 380 -27.63 -16.80 -28.48
C ALA E 380 -27.49 -18.25 -28.87
N TRP E 381 -27.34 -19.12 -27.89
CA TRP E 381 -27.35 -20.55 -28.16
C TRP E 381 -28.74 -20.99 -28.62
N ALA E 382 -29.79 -20.48 -27.97
CA ALA E 382 -31.15 -20.85 -28.35
C ALA E 382 -31.45 -20.40 -29.79
N PHE E 383 -31.03 -19.19 -30.14
CA PHE E 383 -31.26 -18.68 -31.48
C PHE E 383 -30.43 -19.42 -32.53
N ALA E 384 -29.23 -19.88 -32.19
CA ALA E 384 -28.55 -20.80 -33.09
C ALA E 384 -29.32 -22.11 -33.19
N LYS E 385 -29.88 -22.54 -32.06
CA LYS E 385 -30.70 -23.74 -31.96
C LYS E 385 -31.98 -23.60 -32.78
N ASP E 386 -32.68 -22.47 -32.60
CA ASP E 386 -33.85 -22.19 -33.42
C ASP E 386 -33.53 -22.22 -34.91
N LEU E 387 -32.30 -21.83 -35.28
CA LEU E 387 -31.93 -21.74 -36.68
C LEU E 387 -31.03 -22.87 -37.12
N ASP E 388 -30.77 -23.84 -36.23
CA ASP E 388 -29.96 -25.01 -36.53
C ASP E 388 -28.55 -24.65 -37.01
N VAL E 389 -28.01 -23.58 -36.45
CA VAL E 389 -26.68 -23.11 -36.81
C VAL E 389 -25.67 -23.71 -35.86
N GLU E 390 -24.69 -24.40 -36.40
CA GLU E 390 -23.54 -24.86 -35.64
C GLU E 390 -22.65 -23.66 -35.33
N ILE E 391 -22.44 -23.38 -34.04
CA ILE E 391 -21.72 -22.19 -33.57
C ILE E 391 -20.53 -22.66 -32.74
N ALA E 392 -19.55 -21.78 -32.60
CA ALA E 392 -18.41 -22.04 -31.73
C ALA E 392 -18.82 -21.79 -30.28
N MET E 393 -18.21 -22.54 -29.35
CA MET E 393 -18.53 -22.33 -27.95
C MET E 393 -17.28 -22.41 -27.08
N ALA E 394 -17.37 -21.76 -25.92
CA ALA E 394 -16.31 -21.76 -24.93
C ALA E 394 -15.92 -23.19 -24.59
N GLY E 395 -14.62 -23.49 -24.64
CA GLY E 395 -14.17 -24.86 -24.50
C GLY E 395 -14.61 -25.51 -23.20
N GLN E 396 -14.84 -24.70 -22.16
CA GLN E 396 -15.27 -25.23 -20.87
C GLN E 396 -16.71 -25.72 -20.93
N ILE E 397 -17.54 -25.04 -21.73
CA ILE E 397 -18.95 -25.41 -21.89
C ILE E 397 -19.12 -26.53 -22.90
N ARG E 398 -18.38 -26.50 -24.01
CA ARG E 398 -18.83 -27.28 -25.16
C ARG E 398 -18.53 -28.76 -24.99
N TRP E 399 -17.53 -29.12 -24.23
CA TRP E 399 -17.01 -30.47 -24.37
C TRP E 399 -17.98 -31.52 -23.84
N GLY E 400 -18.99 -31.13 -23.08
CA GLY E 400 -19.95 -32.09 -22.59
C GLY E 400 -21.17 -32.26 -23.44
N PHE E 401 -21.25 -31.50 -24.54
CA PHE E 401 -22.33 -31.56 -25.52
C PHE E 401 -21.86 -32.07 -26.89
N THR E 402 -20.75 -32.81 -26.93
CA THR E 402 -20.19 -33.31 -28.17
C THR E 402 -19.46 -34.61 -27.85
N SER E 403 -18.88 -35.22 -28.87
CA SER E 403 -18.26 -36.54 -28.76
C SER E 403 -16.85 -36.56 -28.15
N SER E 408 -15.20 -31.06 -31.34
CA SER E 408 -15.27 -29.92 -32.25
C SER E 408 -14.89 -28.65 -31.52
N GLU E 409 -14.65 -27.57 -32.26
CA GLU E 409 -14.71 -26.23 -31.71
C GLU E 409 -16.13 -25.68 -31.76
N TYR E 410 -17.03 -26.37 -32.46
CA TYR E 410 -18.40 -25.91 -32.66
C TYR E 410 -19.40 -26.89 -32.07
N ILE E 411 -20.61 -26.38 -31.86
CA ILE E 411 -21.71 -27.20 -31.37
C ILE E 411 -22.77 -27.26 -32.45
N GLN E 412 -23.03 -28.46 -32.98
CA GLN E 412 -24.18 -28.67 -33.86
C GLN E 412 -25.36 -28.85 -32.92
N PRO E 413 -26.20 -27.83 -32.80
CA PRO E 413 -27.14 -27.74 -31.67
C PRO E 413 -28.29 -28.78 -31.66
N ASN E 414 -28.59 -29.45 -32.77
CA ASN E 414 -29.82 -30.27 -32.83
C ASN E 414 -29.57 -31.77 -32.80
N THR F 2 -44.91 15.49 -1.49
CA THR F 2 -45.24 14.53 -0.42
C THR F 2 -45.19 13.12 -0.98
N TRP F 3 -44.16 12.36 -0.63
CA TRP F 3 -43.96 11.04 -1.19
C TRP F 3 -43.55 10.06 -0.09
N PRO F 4 -43.97 8.81 -0.18
CA PRO F 4 -43.50 7.80 0.78
C PRO F 4 -42.03 7.47 0.57
N ASP F 5 -41.38 7.09 1.67
CA ASP F 5 -39.98 6.70 1.65
C ASP F 5 -39.90 5.19 1.42
N VAL F 6 -39.25 4.79 0.32
CA VAL F 6 -39.17 3.39 -0.05
C VAL F 6 -37.70 3.03 -0.22
N PRO F 7 -37.08 2.45 0.81
CA PRO F 7 -35.65 2.09 0.72
C PRO F 7 -35.42 0.76 0.03
N ILE F 8 -34.17 0.60 -0.43
CA ILE F 8 -33.70 -0.63 -1.04
C ILE F 8 -32.88 -1.35 0.02
N ALA F 9 -33.45 -2.37 0.65
CA ALA F 9 -32.72 -3.17 1.61
C ALA F 9 -31.49 -3.78 0.94
N ALA F 10 -30.40 -3.83 1.67
CA ALA F 10 -29.13 -4.33 1.15
C ALA F 10 -28.83 -5.69 1.76
N ALA F 11 -27.97 -6.45 1.09
CA ALA F 11 -27.46 -7.67 1.70
C ALA F 11 -26.55 -7.29 2.87
N PRO F 12 -26.59 -8.05 3.97
CA PRO F 12 -25.85 -7.64 5.17
C PRO F 12 -24.40 -8.11 5.17
N GLY F 13 -23.57 -7.32 5.85
CA GLY F 13 -22.23 -7.76 6.18
C GLY F 13 -21.19 -7.73 5.07
N ILE F 14 -21.38 -6.92 4.02
CA ILE F 14 -20.43 -6.86 2.91
C ILE F 14 -20.16 -5.39 2.60
N SER F 15 -19.02 -5.15 1.94
CA SER F 15 -18.56 -3.80 1.69
C SER F 15 -19.19 -3.14 0.46
N TYR F 16 -19.91 -3.88 -0.38
CA TYR F 16 -20.59 -3.27 -1.51
C TYR F 16 -22.10 -3.47 -1.41
N PHE F 17 -22.82 -2.47 -1.87
CA PHE F 17 -24.28 -2.55 -1.95
C PHE F 17 -24.70 -3.57 -3.00
N THR F 18 -25.67 -4.40 -2.64
CA THR F 18 -26.41 -5.20 -3.59
C THR F 18 -27.79 -5.41 -2.98
N PRO F 19 -28.86 -5.34 -3.78
CA PRO F 19 -30.20 -5.54 -3.22
C PRO F 19 -30.36 -6.92 -2.63
N ALA F 20 -30.98 -6.97 -1.46
CA ALA F 20 -31.27 -8.23 -0.79
C ALA F 20 -32.52 -8.86 -1.39
N GLN F 21 -32.52 -10.18 -1.48
CA GLN F 21 -33.65 -10.95 -2.00
C GLN F 21 -34.31 -11.64 -0.82
N SER F 22 -35.50 -11.18 -0.44
CA SER F 22 -36.29 -11.79 0.63
C SER F 22 -37.61 -12.30 0.06
N PRO F 23 -37.84 -13.62 -0.03
CA PRO F 23 -36.95 -14.71 0.33
C PRO F 23 -35.97 -15.01 -0.79
N PRO F 24 -34.92 -15.78 -0.53
CA PRO F 24 -33.96 -16.12 -1.59
C PRO F 24 -34.63 -16.70 -2.84
N ALA F 25 -34.01 -16.45 -3.98
CA ALA F 25 -34.48 -17.05 -5.23
C ALA F 25 -34.43 -18.56 -5.15
N GLY F 26 -35.43 -19.20 -5.77
CA GLY F 26 -35.58 -20.64 -5.71
C GLY F 26 -36.44 -21.14 -4.58
N THR F 27 -37.12 -20.25 -3.88
CA THR F 27 -38.02 -20.60 -2.79
C THR F 27 -39.43 -20.70 -3.35
N ALA F 28 -40.04 -21.86 -3.19
CA ALA F 28 -41.44 -22.01 -3.55
C ALA F 28 -42.29 -21.13 -2.64
N ARG F 29 -43.21 -20.36 -3.21
CA ARG F 29 -44.18 -19.67 -2.36
C ARG F 29 -44.93 -20.69 -1.51
N ASN F 30 -45.13 -20.38 -0.23
CA ASN F 30 -45.91 -21.23 0.67
C ASN F 30 -46.87 -20.35 1.48
N PRO F 31 -48.18 -20.37 1.18
CA PRO F 31 -48.86 -21.25 0.22
C PRO F 31 -48.81 -20.73 -1.19
N GLN F 32 -48.82 -21.60 -2.18
CA GLN F 32 -48.99 -21.18 -3.57
C GLN F 32 -50.34 -20.51 -3.77
N THR F 33 -50.38 -19.50 -4.63
CA THR F 33 -51.69 -18.98 -5.02
C THR F 33 -52.50 -20.07 -5.72
N SER F 34 -51.84 -21.02 -6.38
CA SER F 34 -52.48 -22.14 -7.05
C SER F 34 -53.19 -23.10 -6.11
N GLY F 35 -52.95 -23.03 -4.80
CA GLY F 35 -53.52 -23.98 -3.88
C GLY F 35 -52.90 -25.36 -3.89
N LYS F 36 -51.97 -25.64 -4.81
CA LYS F 36 -51.42 -26.98 -4.87
C LYS F 36 -50.39 -27.20 -3.78
N ALA F 37 -50.17 -28.46 -3.44
CA ALA F 37 -49.11 -28.79 -2.52
C ALA F 37 -47.79 -28.57 -3.24
N ILE F 38 -46.74 -28.31 -2.46
CA ILE F 38 -45.42 -28.03 -3.03
C ILE F 38 -44.70 -29.34 -3.29
N PRO F 39 -44.21 -29.60 -4.50
CA PRO F 39 -43.53 -30.88 -4.76
C PRO F 39 -42.27 -30.99 -3.92
N LYS F 40 -41.84 -32.25 -3.73
CA LYS F 40 -40.69 -32.52 -2.89
C LYS F 40 -39.44 -31.77 -3.36
N LEU F 41 -39.36 -31.46 -4.66
CA LEU F 41 -38.19 -30.77 -5.19
C LEU F 41 -38.08 -29.35 -4.64
N PHE F 42 -39.20 -28.73 -4.28
CA PHE F 42 -39.15 -27.37 -3.76
C PHE F 42 -39.51 -27.28 -2.28
N GLN F 43 -39.33 -28.37 -1.57
CA GLN F 43 -39.42 -28.45 -0.12
C GLN F 43 -38.03 -28.28 0.47
N PRO F 44 -37.84 -27.37 1.43
CA PRO F 44 -36.48 -27.17 1.95
C PRO F 44 -35.93 -28.45 2.56
N LEU F 45 -34.61 -28.46 2.73
CA LEU F 45 -33.91 -29.56 3.37
C LEU F 45 -32.91 -28.96 4.35
N THR F 46 -32.88 -29.49 5.56
CA THR F 46 -31.95 -29.06 6.58
C THR F 46 -31.01 -30.22 6.87
N ILE F 47 -29.72 -29.96 6.76
CA ILE F 47 -28.68 -30.89 7.21
C ILE F 47 -27.90 -30.17 8.30
N ARG F 48 -27.93 -30.72 9.51
CA ARG F 48 -27.34 -30.10 10.68
C ARG F 48 -27.68 -28.61 10.73
N GLY F 49 -26.68 -27.74 10.69
CA GLY F 49 -26.87 -26.33 10.92
C GLY F 49 -27.35 -25.48 9.77
N HIS F 50 -27.57 -26.06 8.60
CA HIS F 50 -27.92 -25.28 7.39
C HIS F 50 -29.21 -25.74 6.69
N THR F 51 -29.95 -24.78 6.17
CA THR F 51 -31.17 -25.12 5.40
C THR F 51 -31.07 -24.69 3.94
N PHE F 52 -31.37 -25.59 3.04
CA PHE F 52 -31.41 -25.35 1.58
C PHE F 52 -32.86 -25.11 1.17
N GLN F 53 -33.17 -23.99 0.50
CA GLN F 53 -34.54 -23.60 0.18
C GLN F 53 -35.22 -24.51 -0.83
N ASN F 54 -34.47 -25.38 -1.50
CA ASN F 54 -35.05 -26.41 -2.37
C ASN F 54 -33.97 -27.46 -2.57
N ARG F 55 -34.29 -28.52 -3.33
CA ARG F 55 -33.46 -29.73 -3.42
C ARG F 55 -32.79 -29.92 -4.78
N LEU F 56 -32.75 -28.88 -5.60
CA LEU F 56 -31.97 -28.92 -6.84
C LEU F 56 -30.58 -28.35 -6.58
N GLY F 57 -29.56 -29.19 -6.74
CA GLY F 57 -28.18 -28.78 -6.52
C GLY F 57 -27.35 -28.79 -7.80
N VAL F 58 -26.39 -27.88 -7.85
CA VAL F 58 -25.44 -27.85 -8.96
C VAL F 58 -24.36 -28.89 -8.68
N ALA F 59 -24.29 -29.92 -9.51
CA ALA F 59 -23.26 -30.92 -9.32
C ALA F 59 -21.89 -30.31 -9.56
N PRO F 60 -20.84 -30.80 -8.90
CA PRO F 60 -19.52 -30.20 -9.07
C PRO F 60 -19.06 -30.31 -10.52
N MET F 61 -18.59 -29.19 -11.08
CA MET F 61 -18.18 -29.19 -12.47
C MET F 61 -16.89 -28.40 -12.67
N CYS F 62 -15.79 -29.14 -12.89
CA CYS F 62 -14.50 -28.55 -13.20
C CYS F 62 -14.59 -27.58 -14.38
N GLN F 63 -14.05 -26.38 -14.18
CA GLN F 63 -14.01 -25.33 -15.18
C GLN F 63 -12.65 -25.18 -15.84
N TYR F 64 -11.61 -25.85 -15.31
CA TYR F 64 -10.27 -25.88 -15.92
C TYR F 64 -9.74 -24.49 -16.27
N SER F 65 -10.19 -23.47 -15.52
CA SER F 65 -9.87 -22.07 -15.77
C SER F 65 -9.22 -21.35 -14.57
N ALA F 66 -8.59 -22.09 -13.67
CA ALA F 66 -7.92 -21.48 -12.51
C ALA F 66 -6.45 -21.22 -12.81
N ASP F 67 -5.93 -20.18 -12.16
CA ASP F 67 -4.56 -19.71 -12.33
C ASP F 67 -3.80 -20.11 -11.07
N ASP F 68 -3.03 -21.21 -11.15
CA ASP F 68 -2.33 -21.76 -10.00
C ASP F 68 -3.31 -22.00 -8.84
N GLY F 69 -4.43 -22.62 -9.18
CA GLY F 69 -5.46 -22.93 -8.23
C GLY F 69 -6.35 -21.77 -7.91
N HIS F 70 -6.04 -20.58 -8.40
CA HIS F 70 -6.78 -19.39 -8.02
C HIS F 70 -7.96 -19.18 -8.94
N LEU F 71 -9.09 -18.85 -8.33
CA LEU F 71 -10.27 -18.46 -9.09
C LEU F 71 -9.99 -17.14 -9.77
N THR F 72 -10.67 -16.92 -10.90
CA THR F 72 -10.53 -15.75 -11.76
C THR F 72 -11.93 -15.20 -11.99
N PRO F 73 -12.10 -14.09 -12.72
CA PRO F 73 -13.46 -13.64 -13.05
C PRO F 73 -14.24 -14.62 -13.92
N TRP F 74 -13.60 -15.65 -14.48
CA TRP F 74 -14.39 -16.69 -15.12
C TRP F 74 -15.34 -17.33 -14.11
N HIS F 75 -14.83 -17.68 -12.93
CA HIS F 75 -15.64 -18.35 -11.93
C HIS F 75 -16.65 -17.40 -11.32
N MET F 76 -16.35 -16.10 -11.27
CA MET F 76 -17.35 -15.16 -10.77
C MET F 76 -18.51 -15.02 -11.74
N ALA F 77 -18.23 -15.04 -13.04
CA ALA F 77 -19.31 -14.99 -14.03
C ALA F 77 -20.12 -16.30 -14.03
N HIS F 78 -19.44 -17.44 -13.93
CA HIS F 78 -20.03 -18.77 -13.92
C HIS F 78 -20.90 -19.06 -12.70
N TYR F 79 -20.27 -19.19 -11.51
CA TYR F 79 -21.04 -19.51 -10.30
C TYR F 79 -22.00 -18.41 -9.90
N GLY F 80 -21.61 -17.14 -10.11
CA GLY F 80 -22.43 -16.04 -9.63
C GLY F 80 -23.70 -15.84 -10.41
N GLY F 81 -23.68 -16.13 -11.71
CA GLY F 81 -24.91 -16.07 -12.49
C GLY F 81 -25.85 -17.21 -12.17
N ILE F 82 -25.30 -18.39 -11.85
CA ILE F 82 -26.14 -19.45 -11.31
C ILE F 82 -26.69 -19.04 -9.95
N ALA F 83 -25.82 -18.52 -9.08
CA ALA F 83 -26.22 -18.08 -7.76
C ALA F 83 -27.34 -17.06 -7.82
N GLN F 84 -27.42 -16.30 -8.92
CA GLN F 84 -28.48 -15.32 -9.09
C GLN F 84 -29.83 -15.98 -9.39
N ARG F 85 -29.84 -17.28 -9.69
CA ARG F 85 -31.03 -17.90 -10.24
C ARG F 85 -31.52 -19.08 -9.40
N GLY F 86 -31.11 -19.13 -8.14
CA GLY F 86 -31.80 -19.87 -7.11
C GLY F 86 -31.79 -21.40 -7.14
N PRO F 87 -30.65 -22.03 -7.39
CA PRO F 87 -30.58 -23.47 -7.16
C PRO F 87 -30.68 -23.73 -5.66
N GLY F 88 -30.95 -24.98 -5.30
CA GLY F 88 -31.06 -25.28 -3.88
C GLY F 88 -29.72 -25.25 -3.19
N MET F 89 -28.67 -25.63 -3.90
CA MET F 89 -27.29 -25.58 -3.44
C MET F 89 -26.39 -25.51 -4.66
N ILE F 90 -25.15 -25.06 -4.45
CA ILE F 90 -24.12 -25.04 -5.50
C ILE F 90 -22.90 -25.77 -4.96
N ILE F 91 -22.44 -26.77 -5.71
CA ILE F 91 -21.20 -27.47 -5.36
C ILE F 91 -20.10 -27.00 -6.33
N ILE F 92 -19.14 -26.24 -5.81
CA ILE F 92 -17.96 -25.86 -6.57
C ILE F 92 -17.18 -27.12 -6.95
N GLU F 93 -16.54 -27.07 -8.11
CA GLU F 93 -15.77 -28.14 -8.74
C GLU F 93 -14.72 -28.83 -7.89
N ALA F 94 -14.21 -29.96 -8.37
CA ALA F 94 -13.11 -30.64 -7.71
C ALA F 94 -11.96 -29.66 -7.46
N THR F 95 -11.58 -29.56 -6.19
CA THR F 95 -10.59 -28.61 -5.71
C THR F 95 -9.40 -29.41 -5.19
N GLY F 96 -8.24 -29.24 -5.80
CA GLY F 96 -7.08 -30.03 -5.41
C GLY F 96 -6.56 -29.59 -4.05
N VAL F 97 -6.33 -30.56 -3.18
CA VAL F 97 -5.80 -30.24 -1.85
C VAL F 97 -4.29 -30.10 -1.88
N VAL F 98 -3.63 -30.61 -2.91
CA VAL F 98 -2.21 -30.32 -3.15
C VAL F 98 -2.04 -29.97 -4.62
N PRO F 99 -0.97 -29.24 -4.96
CA PRO F 99 -0.75 -28.87 -6.38
C PRO F 99 -0.78 -30.07 -7.30
N GLU F 100 -0.03 -31.13 -6.98
CA GLU F 100 -0.01 -32.37 -7.76
C GLU F 100 -1.28 -33.18 -7.62
N GLY F 101 -2.28 -32.68 -6.90
CA GLY F 101 -3.57 -33.31 -6.73
C GLY F 101 -4.67 -32.67 -7.54
N ARG F 102 -4.38 -31.62 -8.29
CA ARG F 102 -5.26 -31.14 -9.35
C ARG F 102 -5.34 -32.17 -10.48
N ILE F 103 -6.40 -32.05 -11.28
CA ILE F 103 -6.46 -32.84 -12.52
C ILE F 103 -5.59 -32.20 -13.59
N THR F 104 -5.75 -30.89 -13.81
CA THR F 104 -5.10 -30.13 -14.87
C THR F 104 -4.40 -28.90 -14.33
N PRO F 105 -3.54 -28.27 -15.16
CA PRO F 105 -2.99 -26.95 -14.78
C PRO F 105 -4.04 -25.85 -14.58
N GLY F 106 -5.28 -26.04 -14.98
CA GLY F 106 -6.30 -25.03 -14.75
C GLY F 106 -7.23 -25.35 -13.60
N CYS F 107 -6.95 -26.40 -12.83
CA CYS F 107 -7.85 -26.81 -11.76
C CYS F 107 -7.72 -25.91 -10.53
N VAL F 108 -8.86 -25.73 -9.84
CA VAL F 108 -8.88 -25.04 -8.57
C VAL F 108 -8.06 -25.82 -7.54
N GLY F 109 -7.57 -25.11 -6.53
CA GLY F 109 -6.83 -25.71 -5.44
C GLY F 109 -7.07 -24.93 -4.16
N LEU F 110 -6.75 -25.58 -3.04
CA LEU F 110 -6.73 -24.92 -1.73
C LEU F 110 -5.56 -25.47 -0.91
N TRP F 111 -4.38 -25.50 -1.52
CA TRP F 111 -3.17 -25.85 -0.80
C TRP F 111 -2.44 -24.64 -0.26
N LYS F 112 -3.02 -23.45 -0.37
CA LYS F 112 -2.24 -22.24 -0.22
C LYS F 112 -3.14 -21.10 0.21
N ASP F 113 -2.63 -20.27 1.13
CA ASP F 113 -3.44 -19.19 1.69
C ASP F 113 -3.77 -18.12 0.67
N SER F 114 -2.98 -17.99 -0.40
CA SER F 114 -3.36 -17.04 -1.45
C SER F 114 -4.64 -17.46 -2.17
N GLN F 115 -4.98 -18.77 -2.11
CA GLN F 115 -6.16 -19.29 -2.80
C GLN F 115 -7.47 -19.01 -2.08
N ILE F 116 -7.42 -18.53 -0.82
CA ILE F 116 -8.63 -18.32 -0.03
C ILE F 116 -9.41 -17.13 -0.55
N ALA F 117 -8.71 -16.01 -0.81
CA ALA F 117 -9.40 -14.78 -1.21
C ALA F 117 -10.16 -14.89 -2.53
N PRO F 118 -9.68 -15.57 -3.58
CA PRO F 118 -10.53 -15.78 -4.76
C PRO F 118 -11.80 -16.56 -4.46
N LEU F 119 -11.69 -17.64 -3.70
CA LEU F 119 -12.86 -18.40 -3.28
C LEU F 119 -13.82 -17.52 -2.49
N LYS F 120 -13.30 -16.68 -1.59
CA LYS F 120 -14.16 -15.89 -0.73
C LYS F 120 -15.02 -14.91 -1.51
N GLN F 121 -14.50 -14.38 -2.61
CA GLN F 121 -15.31 -13.43 -3.37
C GLN F 121 -16.55 -14.08 -3.96
N VAL F 122 -16.42 -15.33 -4.39
CA VAL F 122 -17.54 -16.06 -4.98
C VAL F 122 -18.54 -16.49 -3.91
N VAL F 123 -18.03 -17.15 -2.86
CA VAL F 123 -18.84 -17.48 -1.69
C VAL F 123 -19.56 -16.24 -1.17
N GLU F 124 -18.85 -15.11 -1.10
CA GLU F 124 -19.46 -13.90 -0.58
C GLU F 124 -20.55 -13.39 -1.50
N PHE F 125 -20.41 -13.55 -2.82
CA PHE F 125 -21.47 -13.10 -3.71
C PHE F 125 -22.67 -14.03 -3.65
N ALA F 126 -22.41 -15.34 -3.65
CA ALA F 126 -23.48 -16.30 -3.46
C ALA F 126 -24.34 -15.96 -2.25
N HIS F 127 -23.70 -15.74 -1.09
CA HIS F 127 -24.42 -15.46 0.15
C HIS F 127 -25.13 -14.12 0.14
N SER F 128 -24.67 -13.14 -0.65
CA SER F 128 -25.47 -11.91 -0.79
C SER F 128 -26.82 -12.20 -1.41
N GLN F 129 -26.93 -13.34 -2.08
CA GLN F 129 -28.17 -13.77 -2.72
C GLN F 129 -28.92 -14.77 -1.86
N GLY F 130 -28.41 -15.06 -0.67
CA GLY F 130 -29.00 -16.08 0.18
C GLY F 130 -28.73 -17.47 -0.31
N GLN F 131 -27.66 -17.66 -1.08
CA GLN F 131 -27.41 -18.96 -1.67
C GLN F 131 -26.60 -19.83 -0.73
N LYS F 132 -26.81 -21.13 -0.83
CA LYS F 132 -26.00 -22.08 -0.08
C LYS F 132 -24.99 -22.63 -1.06
N ILE F 133 -23.72 -22.56 -0.68
CA ILE F 133 -22.62 -22.89 -1.58
C ILE F 133 -21.57 -23.62 -0.77
N GLY F 134 -21.04 -24.69 -1.34
CA GLY F 134 -20.02 -25.49 -0.71
C GLY F 134 -18.99 -25.83 -1.75
N ILE F 135 -18.09 -26.78 -1.45
CA ILE F 135 -16.98 -27.08 -2.34
C ILE F 135 -16.65 -28.55 -2.23
N GLN F 136 -16.22 -29.14 -3.35
CA GLN F 136 -15.75 -30.52 -3.40
C GLN F 136 -14.22 -30.56 -3.38
N LEU F 137 -13.65 -30.99 -2.26
CA LEU F 137 -12.20 -31.17 -2.16
C LEU F 137 -11.79 -32.52 -2.74
N ALA F 138 -10.65 -32.55 -3.43
CA ALA F 138 -10.35 -33.68 -4.29
C ALA F 138 -8.84 -33.88 -4.40
N HIS F 139 -8.48 -35.05 -4.90
CA HIS F 139 -7.09 -35.38 -5.21
C HIS F 139 -7.11 -36.33 -6.39
N ALA F 140 -6.69 -35.85 -7.57
CA ALA F 140 -6.86 -36.57 -8.81
C ALA F 140 -6.08 -37.87 -8.86
N GLY F 141 -5.15 -38.10 -7.95
CA GLY F 141 -4.49 -39.40 -7.92
C GLY F 141 -3.71 -39.69 -9.20
N ARG F 142 -3.87 -40.90 -9.72
CA ARG F 142 -3.15 -41.35 -10.91
C ARG F 142 -3.71 -40.75 -12.20
N LYS F 143 -4.80 -39.99 -12.13
CA LYS F 143 -5.36 -39.28 -13.27
C LYS F 143 -4.98 -37.81 -13.27
N ALA F 144 -3.92 -37.46 -12.53
CA ALA F 144 -3.42 -36.10 -12.42
C ALA F 144 -2.47 -35.79 -13.57
N SER F 145 -2.24 -34.49 -13.79
CA SER F 145 -1.34 -33.99 -14.83
C SER F 145 -1.89 -34.32 -16.21
N THR F 146 -3.08 -33.83 -16.54
CA THR F 146 -3.65 -33.95 -17.87
C THR F 146 -4.19 -32.60 -18.29
N VAL F 147 -4.60 -32.51 -19.55
CA VAL F 147 -5.08 -31.27 -20.16
C VAL F 147 -6.61 -31.25 -20.15
N PRO F 148 -7.26 -30.09 -20.36
CA PRO F 148 -8.72 -30.04 -20.32
C PRO F 148 -9.37 -31.02 -21.28
N PRO F 149 -10.65 -31.35 -21.07
CA PRO F 149 -11.27 -32.37 -21.91
C PRO F 149 -11.48 -31.92 -23.34
N TRP F 150 -11.73 -30.63 -23.58
CA TRP F 150 -11.82 -30.12 -24.95
C TRP F 150 -10.49 -30.16 -25.67
N LEU F 151 -9.40 -30.52 -25.00
CA LEU F 151 -8.14 -30.82 -25.67
C LEU F 151 -7.84 -32.31 -25.62
N GLY F 152 -8.86 -33.14 -25.37
CA GLY F 152 -8.69 -34.58 -25.42
C GLY F 152 -8.41 -35.23 -24.08
N GLY F 153 -8.19 -34.47 -23.02
CA GLY F 153 -7.87 -35.05 -21.73
C GLY F 153 -6.59 -35.86 -21.71
N VAL F 154 -5.68 -35.61 -22.65
CA VAL F 154 -4.42 -36.34 -22.69
C VAL F 154 -3.48 -35.77 -21.63
N THR F 155 -2.35 -36.45 -21.41
CA THR F 155 -1.36 -36.01 -20.44
C THR F 155 -0.92 -34.58 -20.69
N ALA F 156 -0.79 -33.81 -19.61
CA ALA F 156 -0.13 -32.51 -19.64
C ALA F 156 1.32 -32.74 -19.24
N THR F 157 2.23 -32.68 -20.22
CA THR F 157 3.65 -32.83 -19.95
C THR F 157 4.18 -31.61 -19.22
N ASN F 158 5.39 -31.73 -18.68
CA ASN F 158 5.95 -30.61 -17.94
C ASN F 158 6.07 -29.37 -18.82
N ALA F 159 6.30 -29.57 -20.13
CA ALA F 159 6.40 -28.45 -21.06
C ALA F 159 5.12 -27.64 -21.16
N VAL F 160 3.98 -28.24 -20.85
CA VAL F 160 2.70 -27.54 -20.96
C VAL F 160 2.05 -27.38 -19.59
N GLY F 161 2.82 -27.54 -18.53
CA GLY F 161 2.37 -27.26 -17.18
C GLY F 161 2.15 -28.45 -16.28
N GLY F 162 2.50 -29.65 -16.72
CA GLY F 162 2.21 -30.85 -15.95
C GLY F 162 3.21 -31.08 -14.84
N TRP F 163 3.11 -32.27 -14.27
CA TRP F 163 3.98 -32.69 -13.18
C TRP F 163 4.09 -34.21 -13.27
N THR F 164 4.48 -34.71 -14.45
CA THR F 164 4.38 -36.12 -14.78
C THR F 164 5.20 -37.02 -13.87
N GLU F 165 6.08 -36.45 -13.04
CA GLU F 165 6.85 -37.25 -12.11
C GLU F 165 6.35 -37.17 -10.67
N ASN F 166 5.34 -36.33 -10.41
CA ASN F 166 4.77 -36.14 -9.08
C ASN F 166 3.31 -36.58 -9.11
N VAL F 167 3.03 -37.64 -9.85
CA VAL F 167 1.73 -38.28 -9.91
C VAL F 167 1.76 -39.48 -8.98
N LYS F 168 0.86 -39.49 -8.00
CA LYS F 168 0.85 -40.51 -6.96
C LYS F 168 -0.54 -41.14 -6.88
N GLY F 169 -0.58 -42.45 -6.70
CA GLY F 169 -1.81 -43.16 -6.49
C GLY F 169 -1.58 -44.28 -5.50
N PRO F 170 -2.62 -45.07 -5.19
CA PRO F 170 -2.39 -46.21 -4.28
C PRO F 170 -1.35 -47.19 -4.79
N SER F 171 -1.30 -47.45 -6.10
CA SER F 171 -0.34 -48.41 -6.61
C SER F 171 0.20 -47.91 -7.95
N ALA F 172 1.36 -48.44 -8.31
CA ALA F 172 2.09 -48.02 -9.50
C ALA F 172 1.50 -48.71 -10.74
N ILE F 173 0.27 -48.31 -11.07
CA ILE F 173 -0.51 -48.90 -12.14
C ILE F 173 -1.13 -47.77 -12.97
N PRO F 174 -0.73 -47.57 -14.22
CA PRO F 174 -1.26 -46.45 -14.99
C PRO F 174 -2.75 -46.61 -15.25
N PHE F 175 -3.46 -45.47 -15.35
CA PHE F 175 -4.91 -45.55 -15.54
C PHE F 175 -5.29 -46.28 -16.82
N ALA F 176 -4.61 -45.98 -17.92
CA ALA F 176 -4.78 -46.68 -19.18
C ALA F 176 -3.40 -46.86 -19.79
N GLU F 177 -3.32 -47.67 -20.85
CA GLU F 177 -2.05 -47.83 -21.54
C GLU F 177 -1.62 -46.49 -22.15
N GLY F 178 -0.37 -46.12 -21.94
CA GLY F 178 0.12 -44.84 -22.37
C GLY F 178 -0.03 -43.72 -21.38
N GLU F 179 -0.83 -43.91 -20.32
CA GLU F 179 -0.98 -42.84 -19.34
C GLU F 179 0.23 -42.84 -18.39
N ILE F 180 0.31 -41.77 -17.57
CA ILE F 180 1.39 -41.68 -16.58
C ILE F 180 1.29 -42.83 -15.60
N VAL F 181 2.43 -43.49 -15.35
CA VAL F 181 2.53 -44.45 -14.26
C VAL F 181 2.72 -43.69 -12.95
N PRO F 182 1.72 -43.68 -12.07
CA PRO F 182 1.86 -42.97 -10.80
C PRO F 182 2.85 -43.66 -9.87
N LYS F 183 3.39 -42.90 -8.94
CA LYS F 183 4.24 -43.46 -7.90
C LYS F 183 3.38 -43.99 -6.75
N ALA F 184 3.72 -45.20 -6.27
CA ALA F 184 3.01 -45.80 -5.15
C ALA F 184 3.28 -45.04 -3.86
N MET F 185 2.22 -44.46 -3.27
CA MET F 185 2.37 -43.65 -2.07
C MET F 185 2.96 -44.46 -0.93
N THR F 186 3.91 -43.84 -0.22
CA THR F 186 4.44 -44.32 1.04
C THR F 186 3.51 -43.91 2.19
N LYS F 187 3.78 -44.45 3.38
CA LYS F 187 3.04 -44.01 4.56
C LYS F 187 3.13 -42.51 4.74
N GLU F 188 4.31 -41.94 4.48
CA GLU F 188 4.52 -40.51 4.60
C GLU F 188 3.72 -39.73 3.56
N ASP F 189 3.57 -40.28 2.36
CA ASP F 189 2.71 -39.63 1.37
C ASP F 189 1.27 -39.58 1.85
N ILE F 190 0.77 -40.70 2.39
CA ILE F 190 -0.62 -40.75 2.83
C ILE F 190 -0.86 -39.81 4.01
N GLU F 191 0.09 -39.74 4.95
CA GLU F 191 -0.04 -38.77 6.05
C GLU F 191 0.03 -37.33 5.53
N GLU F 192 0.86 -37.09 4.52
CA GLU F 192 0.96 -35.75 3.94
C GLU F 192 -0.37 -35.31 3.34
N VAL F 193 -1.12 -36.26 2.74
CA VAL F 193 -2.42 -35.94 2.15
C VAL F 193 -3.44 -35.56 3.22
N LYS F 194 -3.51 -36.35 4.30
CA LYS F 194 -4.45 -36.03 5.37
C LYS F 194 -4.15 -34.67 5.97
N THR F 195 -2.86 -34.39 6.20
CA THR F 195 -2.47 -33.07 6.69
C THR F 195 -2.95 -31.98 5.73
N ALA F 196 -2.71 -32.16 4.42
CA ALA F 196 -3.16 -31.18 3.42
C ALA F 196 -4.68 -31.14 3.34
N TRP F 197 -5.34 -32.31 3.51
CA TRP F 197 -6.80 -32.34 3.48
C TRP F 197 -7.34 -31.54 4.64
N VAL F 198 -6.77 -31.72 5.83
CA VAL F 198 -7.17 -30.86 6.95
C VAL F 198 -6.87 -29.40 6.61
N ALA F 199 -5.68 -29.14 6.06
CA ALA F 199 -5.33 -27.77 5.68
C ALA F 199 -6.32 -27.23 4.65
N ALA F 200 -6.61 -28.02 3.62
CA ALA F 200 -7.59 -27.59 2.62
C ALA F 200 -8.99 -27.44 3.23
N VAL F 201 -9.37 -28.32 4.17
CA VAL F 201 -10.67 -28.17 4.83
C VAL F 201 -10.74 -26.88 5.64
N GLU F 202 -9.72 -26.61 6.47
CA GLU F 202 -9.73 -25.37 7.24
C GLU F 202 -9.77 -24.14 6.34
N ARG F 203 -9.06 -24.19 5.21
CA ARG F 203 -9.06 -23.06 4.28
C ARG F 203 -10.42 -22.85 3.66
N ALA F 204 -11.11 -23.95 3.30
CA ALA F 204 -12.50 -23.86 2.86
C ALA F 204 -13.37 -23.25 3.95
N VAL F 205 -13.15 -23.64 5.21
CA VAL F 205 -13.85 -23.02 6.33
C VAL F 205 -13.56 -21.52 6.39
N ALA F 206 -12.30 -21.13 6.15
CA ALA F 206 -11.92 -19.71 6.20
C ALA F 206 -12.58 -18.89 5.11
N ALA F 207 -12.74 -19.47 3.91
CA ALA F 207 -13.45 -18.74 2.86
C ALA F 207 -14.95 -18.65 3.12
N GLY F 208 -15.50 -19.51 3.97
CA GLY F 208 -16.89 -19.41 4.37
C GLY F 208 -17.87 -20.37 3.76
N VAL F 209 -17.42 -21.47 3.16
CA VAL F 209 -18.36 -22.39 2.51
C VAL F 209 -19.33 -22.94 3.56
N ASP F 210 -20.55 -23.24 3.10
CA ASP F 210 -21.60 -23.78 3.95
C ASP F 210 -21.54 -25.29 4.10
N PHE F 211 -20.80 -25.99 3.25
CA PHE F 211 -20.64 -27.43 3.40
C PHE F 211 -19.43 -27.81 2.58
N ILE F 212 -18.97 -29.05 2.77
CA ILE F 212 -17.84 -29.56 2.04
C ILE F 212 -18.17 -30.95 1.51
N GLU F 213 -17.76 -31.25 0.27
CA GLU F 213 -17.87 -32.61 -0.27
C GLU F 213 -16.52 -33.27 -0.45
N ILE F 214 -16.45 -34.55 -0.12
CA ILE F 214 -15.26 -35.36 -0.33
C ILE F 214 -15.39 -36.03 -1.68
N HIS F 215 -14.41 -35.81 -2.56
CA HIS F 215 -14.48 -36.45 -3.87
C HIS F 215 -13.90 -37.85 -3.75
N ASN F 216 -14.78 -38.84 -3.62
CA ASN F 216 -14.36 -40.24 -3.53
C ASN F 216 -14.74 -41.04 -4.78
N ALA F 217 -14.97 -40.35 -5.89
CA ALA F 217 -15.48 -40.94 -7.12
C ALA F 217 -14.46 -40.83 -8.24
N HIS F 218 -14.82 -41.41 -9.40
CA HIS F 218 -14.24 -41.10 -10.71
C HIS F 218 -12.78 -41.49 -10.87
N GLY F 219 -12.28 -42.48 -10.12
CA GLY F 219 -10.95 -42.97 -10.33
C GLY F 219 -9.83 -42.11 -9.77
N TYR F 220 -10.14 -41.00 -9.09
CA TYR F 220 -9.11 -40.18 -8.46
C TYR F 220 -8.56 -40.86 -7.21
N LEU F 221 -7.88 -40.13 -6.32
CA LEU F 221 -7.05 -40.82 -5.33
C LEU F 221 -7.89 -41.76 -4.46
N LEU F 222 -8.93 -41.22 -3.82
CA LEU F 222 -9.71 -42.02 -2.88
C LEU F 222 -10.48 -43.13 -3.60
N SER F 223 -11.12 -42.80 -4.74
CA SER F 223 -11.79 -43.83 -5.54
C SER F 223 -10.82 -44.93 -5.97
N SER F 224 -9.56 -44.59 -6.27
CA SER F 224 -8.62 -45.61 -6.71
C SER F 224 -8.18 -46.49 -5.53
N PHE F 225 -8.33 -46.01 -4.31
CA PHE F 225 -8.10 -46.86 -3.15
C PHE F 225 -9.24 -47.85 -2.99
N LEU F 226 -10.47 -47.43 -3.32
CA LEU F 226 -11.62 -48.33 -3.22
C LEU F 226 -11.45 -49.55 -4.13
N SER F 227 -11.18 -49.33 -5.41
CA SER F 227 -11.21 -50.44 -6.35
C SER F 227 -9.92 -51.23 -6.31
N PRO F 228 -10.00 -52.57 -6.22
CA PRO F 228 -8.79 -53.40 -6.31
C PRO F 228 -8.15 -53.41 -7.70
N SER F 229 -8.79 -52.83 -8.71
CA SER F 229 -8.11 -52.68 -9.99
C SER F 229 -6.94 -51.73 -9.86
N SER F 230 -7.13 -50.64 -9.12
CA SER F 230 -6.09 -49.65 -8.92
C SER F 230 -5.28 -49.85 -7.64
N ASN F 231 -5.79 -50.58 -6.65
CA ASN F 231 -5.15 -50.69 -5.34
C ASN F 231 -4.67 -52.12 -5.12
N GLN F 232 -3.37 -52.31 -5.25
CA GLN F 232 -2.73 -53.61 -4.99
C GLN F 232 -1.72 -53.46 -3.83
N ARG F 233 -1.99 -52.53 -2.90
CA ARG F 233 -1.14 -52.36 -1.74
C ARG F 233 -1.23 -53.57 -0.82
N THR F 234 -0.18 -53.77 -0.05
CA THR F 234 -0.14 -54.85 0.93
C THR F 234 0.01 -54.30 2.35
N ASP F 235 -0.28 -53.02 2.57
CA ASP F 235 -0.16 -52.45 3.90
C ASP F 235 -1.56 -52.23 4.49
N ASP F 236 -1.68 -51.31 5.45
CA ASP F 236 -2.96 -51.14 6.13
C ASP F 236 -4.03 -50.58 5.23
N TYR F 237 -3.69 -50.26 3.98
CA TYR F 237 -4.58 -49.54 3.07
C TYR F 237 -4.94 -50.35 1.83
N GLY F 238 -4.56 -51.62 1.78
CA GLY F 238 -4.91 -52.47 0.67
C GLY F 238 -5.19 -53.88 1.14
N GLY F 239 -5.69 -54.70 0.20
CA GLY F 239 -6.04 -56.07 0.53
C GLY F 239 -7.52 -56.17 0.88
N SER F 240 -7.78 -56.27 2.17
CA SER F 240 -9.15 -56.44 2.64
C SER F 240 -9.98 -55.23 2.27
N PHE F 241 -11.29 -55.44 2.20
CA PHE F 241 -12.23 -54.37 1.92
C PHE F 241 -12.13 -53.29 3.00
N GLU F 242 -11.99 -53.73 4.26
CA GLU F 242 -11.84 -52.79 5.38
C GLU F 242 -10.62 -51.89 5.18
N ASN F 243 -9.51 -52.48 4.71
CA ASN F 243 -8.32 -51.69 4.46
C ASN F 243 -8.53 -50.76 3.27
N ARG F 244 -9.20 -51.24 2.21
CA ARG F 244 -9.36 -50.46 0.99
C ARG F 244 -10.30 -49.27 1.17
N ILE F 245 -11.21 -49.33 2.15
CA ILE F 245 -12.04 -48.17 2.46
C ILE F 245 -11.46 -47.37 3.60
N ARG F 246 -10.34 -47.82 4.17
CA ARG F 246 -9.78 -47.18 5.38
C ARG F 246 -9.49 -45.71 5.14
N LEU F 247 -8.75 -45.39 4.06
CA LEU F 247 -8.40 -43.99 3.80
C LEU F 247 -9.65 -43.14 3.63
N SER F 248 -10.66 -43.67 2.94
CA SER F 248 -11.93 -42.95 2.80
C SER F 248 -12.59 -42.69 4.15
N LEU F 249 -12.46 -43.62 5.10
CA LEU F 249 -13.07 -43.43 6.41
C LEU F 249 -12.29 -42.43 7.25
N GLU F 250 -10.96 -42.49 7.22
CA GLU F 250 -10.15 -41.51 7.93
C GLU F 250 -10.43 -40.10 7.42
N ILE F 251 -10.40 -39.91 6.08
CA ILE F 251 -10.67 -38.59 5.51
C ILE F 251 -12.05 -38.10 5.88
N SER F 252 -13.01 -39.01 6.00
CA SER F 252 -14.35 -38.58 6.36
C SER F 252 -14.38 -38.11 7.79
N GLN F 253 -13.74 -38.84 8.71
CA GLN F 253 -13.66 -38.39 10.09
C GLN F 253 -12.89 -37.09 10.21
N LEU F 254 -11.70 -37.01 9.59
CA LEU F 254 -10.92 -35.77 9.60
C LEU F 254 -11.75 -34.56 9.17
N THR F 255 -12.48 -34.69 8.07
CA THR F 255 -13.29 -33.58 7.60
C THR F 255 -14.34 -33.22 8.64
N ARG F 256 -15.00 -34.24 9.20
CA ARG F 256 -15.99 -33.98 10.25
C ARG F 256 -15.33 -33.35 11.47
N ASP F 257 -14.24 -33.94 11.94
CA ASP F 257 -13.60 -33.46 13.15
C ASP F 257 -13.13 -32.02 12.99
N THR F 258 -12.79 -31.61 11.77
CA THR F 258 -12.33 -30.24 11.55
C THR F 258 -13.48 -29.26 11.38
N VAL F 259 -14.53 -29.64 10.66
CA VAL F 259 -15.59 -28.65 10.47
C VAL F 259 -16.55 -28.54 11.64
N GLY F 260 -16.60 -29.54 12.52
CA GLY F 260 -17.49 -29.50 13.65
C GLY F 260 -18.88 -30.00 13.32
N PRO F 261 -19.84 -29.79 14.23
CA PRO F 261 -21.16 -30.40 14.08
C PRO F 261 -22.22 -29.59 13.33
N ASN F 262 -21.97 -28.35 12.95
CA ASN F 262 -23.04 -27.63 12.26
C ASN F 262 -22.93 -27.71 10.74
N MET F 263 -21.85 -28.31 10.19
CA MET F 263 -21.62 -28.24 8.74
C MET F 263 -21.99 -29.53 8.06
N PRO F 264 -22.78 -29.47 6.98
CA PRO F 264 -23.03 -30.66 6.18
C PRO F 264 -21.76 -31.11 5.46
N VAL F 265 -21.53 -32.41 5.48
CA VAL F 265 -20.40 -33.00 4.78
C VAL F 265 -20.90 -34.12 3.87
N PHE F 266 -20.60 -34.00 2.59
CA PHE F 266 -21.01 -34.95 1.56
C PHE F 266 -19.80 -35.77 1.14
N LEU F 267 -20.08 -36.92 0.53
CA LEU F 267 -19.04 -37.73 -0.08
C LEU F 267 -19.61 -38.26 -1.38
N ARG F 268 -18.90 -38.02 -2.48
CA ARG F 268 -19.31 -38.52 -3.78
C ARG F 268 -18.53 -39.80 -4.03
N VAL F 269 -19.22 -40.85 -4.47
CA VAL F 269 -18.56 -42.11 -4.75
C VAL F 269 -19.02 -42.58 -6.13
N SER F 270 -18.17 -43.36 -6.78
CA SER F 270 -18.53 -44.02 -8.03
C SER F 270 -19.19 -45.32 -7.65
N ALA F 271 -20.50 -45.41 -7.88
CA ALA F 271 -21.26 -46.57 -7.42
C ALA F 271 -20.82 -47.85 -8.12
N THR F 272 -20.34 -47.74 -9.36
CA THR F 272 -19.85 -48.91 -10.08
C THR F 272 -18.72 -48.51 -11.00
N ASP F 273 -17.88 -49.50 -11.35
CA ASP F 273 -16.85 -49.31 -12.35
C ASP F 273 -17.31 -49.68 -13.76
N TRP F 274 -18.55 -50.15 -13.91
CA TRP F 274 -19.14 -50.49 -15.22
C TRP F 274 -18.34 -51.57 -15.96
N LEU F 275 -17.81 -52.53 -15.22
CA LEU F 275 -17.08 -53.64 -15.81
C LEU F 275 -17.89 -54.94 -15.80
N GLU F 276 -19.18 -54.84 -15.45
CA GLU F 276 -20.03 -56.02 -15.31
C GLU F 276 -20.11 -56.84 -16.59
N LYS F 277 -20.31 -56.17 -17.74
CA LYS F 277 -20.36 -56.91 -19.00
C LYS F 277 -19.02 -56.96 -19.71
N SER F 278 -18.23 -55.86 -19.72
CA SER F 278 -17.05 -55.83 -20.59
C SER F 278 -15.86 -56.60 -20.01
N MET F 279 -15.71 -56.67 -18.69
CA MET F 279 -14.55 -57.32 -18.07
C MET F 279 -14.98 -58.05 -16.80
N PRO F 280 -15.78 -59.11 -16.97
CA PRO F 280 -16.43 -59.74 -15.81
C PRO F 280 -15.48 -60.49 -14.87
N GLU F 281 -14.30 -60.91 -15.33
CA GLU F 281 -13.44 -61.64 -14.41
C GLU F 281 -12.63 -60.73 -13.50
N GLU F 282 -12.83 -59.42 -13.60
CA GLU F 282 -12.13 -58.45 -12.78
C GLU F 282 -12.90 -58.15 -11.49
N LYS F 283 -12.28 -58.47 -10.36
CA LYS F 283 -12.76 -57.92 -9.08
C LYS F 283 -12.42 -56.43 -9.09
N GLY F 284 -13.44 -55.60 -9.34
CA GLY F 284 -13.30 -54.16 -9.34
C GLY F 284 -14.16 -53.54 -8.28
N TRP F 285 -15.06 -52.66 -8.66
CA TRP F 285 -15.86 -51.90 -7.71
C TRP F 285 -17.28 -51.85 -8.26
N LYS F 286 -18.21 -52.52 -7.58
CA LYS F 286 -19.59 -52.73 -8.02
C LYS F 286 -20.55 -52.13 -7.01
N LEU F 287 -21.86 -52.25 -7.32
CA LEU F 287 -22.88 -51.65 -6.47
C LEU F 287 -22.94 -52.30 -5.09
N GLU F 288 -22.69 -53.61 -5.01
CA GLU F 288 -22.69 -54.26 -3.70
C GLU F 288 -21.54 -53.71 -2.85
N ASP F 289 -20.41 -53.41 -3.47
CA ASP F 289 -19.28 -52.82 -2.77
C ASP F 289 -19.61 -51.41 -2.32
N THR F 290 -20.26 -50.63 -3.18
CA THR F 290 -20.69 -49.29 -2.82
C THR F 290 -21.71 -49.32 -1.69
N VAL F 291 -22.46 -50.43 -1.57
CA VAL F 291 -23.49 -50.56 -0.53
C VAL F 291 -22.85 -50.83 0.82
N GLU F 292 -21.87 -51.75 0.88
CA GLU F 292 -21.16 -51.98 2.14
C GLU F 292 -20.39 -50.73 2.55
N PHE F 293 -19.79 -50.03 1.58
CA PHE F 293 -19.06 -48.81 1.89
C PHE F 293 -20.02 -47.77 2.46
N SER F 294 -21.23 -47.68 1.90
CA SER F 294 -22.22 -46.78 2.48
C SER F 294 -22.67 -47.25 3.85
N ARG F 295 -22.60 -48.56 4.12
CA ARG F 295 -22.93 -49.07 5.45
C ARG F 295 -21.87 -48.68 6.47
N ALA F 296 -20.59 -48.77 6.09
CA ALA F 296 -19.50 -48.35 6.95
C ALA F 296 -19.55 -46.87 7.25
N LEU F 297 -19.96 -46.06 6.27
CA LEU F 297 -20.04 -44.61 6.48
C LEU F 297 -21.23 -44.21 7.34
N ALA F 298 -22.31 -44.99 7.35
CA ALA F 298 -23.45 -44.64 8.21
C ALA F 298 -23.17 -44.97 9.67
N ALA F 299 -22.54 -46.12 9.94
CA ALA F 299 -22.12 -46.45 11.30
C ALA F 299 -21.11 -45.44 11.82
N GLN F 300 -20.22 -44.96 10.94
CA GLN F 300 -19.17 -44.03 11.37
C GLN F 300 -19.74 -42.69 11.81
N GLY F 301 -20.76 -42.20 11.10
CA GLY F 301 -21.44 -40.98 11.50
C GLY F 301 -20.79 -39.67 11.12
N ALA F 302 -19.75 -39.68 10.31
CA ALA F 302 -19.14 -38.40 9.91
C ALA F 302 -19.83 -37.77 8.70
N ILE F 303 -20.18 -38.57 7.70
CA ILE F 303 -20.73 -38.07 6.45
C ILE F 303 -22.23 -37.85 6.60
N ASP F 304 -22.74 -36.78 5.98
CA ASP F 304 -24.17 -36.48 6.02
C ASP F 304 -24.91 -37.03 4.83
N LEU F 305 -24.26 -37.07 3.68
CA LEU F 305 -24.91 -37.35 2.41
C LEU F 305 -23.93 -38.13 1.56
N ILE F 306 -24.39 -39.21 0.95
CA ILE F 306 -23.60 -39.91 -0.05
C ILE F 306 -24.08 -39.45 -1.41
N ASP F 307 -23.15 -38.88 -2.19
CA ASP F 307 -23.43 -38.37 -3.52
C ASP F 307 -23.09 -39.50 -4.49
N ILE F 308 -24.11 -40.08 -5.12
CA ILE F 308 -23.94 -41.31 -5.89
C ILE F 308 -23.62 -40.93 -7.34
N SER F 309 -22.47 -41.41 -7.82
CA SER F 309 -22.05 -41.28 -9.21
C SER F 309 -21.65 -42.67 -9.70
N THR F 310 -21.09 -42.76 -10.91
CA THR F 310 -20.66 -44.04 -11.46
C THR F 310 -19.43 -43.81 -12.33
N GLY F 311 -18.69 -44.87 -12.61
CA GLY F 311 -17.65 -44.83 -13.61
C GLY F 311 -16.46 -43.99 -13.18
N GLY F 312 -15.50 -43.89 -14.11
CA GLY F 312 -14.22 -43.26 -13.87
C GLY F 312 -13.21 -44.19 -13.24
N VAL F 313 -13.65 -45.35 -12.79
CA VAL F 313 -12.80 -46.25 -12.02
C VAL F 313 -11.93 -47.10 -12.93
N HIS F 314 -12.39 -47.39 -14.15
CA HIS F 314 -11.64 -48.28 -15.02
C HIS F 314 -11.72 -47.86 -16.48
N ALA F 315 -10.60 -48.00 -17.19
CA ALA F 315 -10.55 -47.59 -18.59
C ALA F 315 -11.39 -48.51 -19.47
N ALA F 316 -11.52 -49.78 -19.08
CA ALA F 316 -12.27 -50.77 -19.84
C ALA F 316 -13.76 -50.75 -19.53
N GLN F 317 -14.25 -49.71 -18.86
CA GLN F 317 -15.66 -49.61 -18.53
C GLN F 317 -16.51 -49.57 -19.79
N LYS F 318 -17.75 -50.06 -19.67
CA LYS F 318 -18.74 -49.91 -20.72
C LYS F 318 -19.99 -49.30 -20.08
N VAL F 319 -20.18 -48.00 -20.26
CA VAL F 319 -21.21 -47.25 -19.55
C VAL F 319 -22.52 -47.28 -20.32
N THR F 320 -23.55 -47.84 -19.70
CA THR F 320 -24.89 -47.82 -20.27
C THR F 320 -25.55 -46.50 -19.88
N SER F 321 -25.35 -45.45 -20.69
CA SER F 321 -25.88 -44.13 -20.35
C SER F 321 -27.37 -44.10 -20.67
N GLY F 322 -27.98 -42.93 -20.52
CA GLY F 322 -29.40 -42.79 -20.76
C GLY F 322 -30.03 -41.82 -19.80
N VAL F 323 -31.33 -41.60 -19.91
CA VAL F 323 -32.01 -40.64 -19.05
C VAL F 323 -32.10 -41.21 -17.64
N GLY F 324 -31.57 -40.47 -16.67
CA GLY F 324 -31.57 -40.92 -15.27
C GLY F 324 -30.81 -42.21 -15.05
N PHE F 325 -29.65 -42.36 -15.70
CA PHE F 325 -28.93 -43.62 -15.77
C PHE F 325 -28.18 -43.99 -14.49
N GLN F 326 -28.14 -43.14 -13.48
CA GLN F 326 -27.48 -43.51 -12.22
C GLN F 326 -28.44 -43.63 -11.05
N VAL F 327 -29.74 -43.47 -11.28
CA VAL F 327 -30.73 -43.60 -10.21
C VAL F 327 -30.75 -44.98 -9.57
N PRO F 328 -30.61 -46.10 -10.30
CA PRO F 328 -30.65 -47.41 -9.63
C PRO F 328 -29.69 -47.54 -8.46
N PHE F 329 -28.50 -46.97 -8.60
CA PHE F 329 -27.52 -47.06 -7.53
C PHE F 329 -27.90 -46.16 -6.36
N ALA F 330 -28.36 -44.94 -6.65
CA ALA F 330 -28.84 -44.08 -5.59
C ALA F 330 -30.08 -44.67 -4.91
N LYS F 331 -30.93 -45.33 -5.70
CA LYS F 331 -32.11 -45.98 -5.14
C LYS F 331 -31.73 -47.15 -4.25
N ALA F 332 -30.76 -47.98 -4.69
CA ALA F 332 -30.34 -49.12 -3.88
C ALA F 332 -29.56 -48.69 -2.65
N VAL F 333 -28.79 -47.61 -2.75
CA VAL F 333 -28.01 -47.17 -1.61
C VAL F 333 -28.92 -46.54 -0.57
N LYS F 334 -29.88 -45.73 -1.00
CA LYS F 334 -30.87 -45.18 -0.08
C LYS F 334 -31.61 -46.29 0.67
N GLU F 335 -31.94 -47.39 -0.01
CA GLU F 335 -32.64 -48.47 0.65
C GLU F 335 -31.82 -49.11 1.78
N ALA F 336 -30.50 -49.23 1.59
CA ALA F 336 -29.68 -49.90 2.59
C ALA F 336 -29.35 -49.04 3.81
N VAL F 337 -29.22 -47.73 3.65
CA VAL F 337 -28.75 -46.86 4.74
C VAL F 337 -29.57 -45.59 4.87
N GLY F 338 -30.60 -45.41 4.04
CA GLY F 338 -31.31 -44.16 3.93
C GLY F 338 -31.94 -43.64 5.20
N GLN F 339 -31.95 -44.42 6.28
CA GLN F 339 -32.51 -43.86 7.50
C GLN F 339 -31.46 -43.06 8.27
N LYS F 340 -30.20 -43.51 8.22
CA LYS F 340 -29.06 -42.77 8.78
C LYS F 340 -28.50 -41.72 7.81
N MET F 341 -28.63 -41.92 6.49
CA MET F 341 -27.90 -41.13 5.51
C MET F 341 -28.79 -40.52 4.42
N LEU F 342 -28.47 -39.30 3.99
CA LEU F 342 -29.09 -38.72 2.81
C LEU F 342 -28.42 -39.24 1.55
N VAL F 343 -29.13 -39.18 0.42
CA VAL F 343 -28.62 -39.63 -0.87
C VAL F 343 -29.07 -38.64 -1.93
N SER F 344 -28.16 -38.33 -2.85
CA SER F 344 -28.44 -37.51 -4.02
C SER F 344 -28.28 -38.36 -5.28
N ALA F 345 -28.99 -37.95 -6.33
CA ALA F 345 -28.89 -38.60 -7.64
C ALA F 345 -28.46 -37.59 -8.70
N VAL F 346 -27.70 -38.06 -9.69
CA VAL F 346 -27.13 -37.21 -10.74
C VAL F 346 -26.97 -38.03 -12.02
N GLY F 347 -27.10 -37.35 -13.16
CA GLY F 347 -26.78 -38.00 -14.43
C GLY F 347 -27.93 -37.95 -15.41
N THR F 348 -27.93 -36.99 -16.36
CA THR F 348 -28.97 -36.91 -17.37
C THR F 348 -30.36 -36.86 -16.73
N ILE F 349 -30.51 -35.96 -15.74
CA ILE F 349 -31.79 -35.65 -15.10
C ILE F 349 -32.19 -34.26 -15.56
N ASN F 350 -32.96 -34.19 -16.63
CA ASN F 350 -33.04 -32.94 -17.38
C ASN F 350 -34.45 -32.33 -17.44
N SER F 351 -35.42 -32.86 -16.67
CA SER F 351 -36.74 -32.24 -16.56
C SER F 351 -37.14 -32.09 -15.10
N GLY F 352 -37.99 -31.09 -14.81
CA GLY F 352 -38.52 -30.95 -13.46
C GLY F 352 -39.39 -32.11 -13.04
N ASN F 353 -40.09 -32.73 -14.00
CA ASN F 353 -40.96 -33.86 -13.68
C ASN F 353 -40.16 -35.11 -13.32
N LEU F 354 -39.12 -35.41 -14.09
CA LEU F 354 -38.27 -36.58 -13.80
C LEU F 354 -37.58 -36.43 -12.46
N ALA F 355 -37.16 -35.20 -12.13
CA ALA F 355 -36.52 -34.92 -10.84
C ALA F 355 -37.45 -35.31 -9.70
N GLU F 356 -38.70 -34.85 -9.76
CA GLU F 356 -39.69 -35.22 -8.76
C GLU F 356 -39.88 -36.73 -8.68
N LYS F 357 -39.92 -37.42 -9.81
CA LYS F 357 -40.14 -38.88 -9.75
C LYS F 357 -39.07 -39.57 -8.93
N ILE F 358 -37.80 -39.19 -9.12
CA ILE F 358 -36.71 -39.79 -8.36
C ILE F 358 -36.80 -39.44 -6.88
N LEU F 359 -37.19 -38.21 -6.54
CA LEU F 359 -37.21 -37.81 -5.13
C LEU F 359 -38.19 -38.67 -4.35
N ASN F 360 -39.39 -38.86 -4.89
CA ASN F 360 -40.45 -39.60 -4.21
C ASN F 360 -40.33 -41.12 -4.43
N GLU F 361 -40.10 -41.57 -5.67
CA GLU F 361 -40.16 -42.99 -5.95
C GLU F 361 -38.91 -43.75 -5.57
N ASP F 362 -37.77 -43.08 -5.50
CA ASP F 362 -36.54 -43.73 -5.04
C ASP F 362 -36.11 -43.20 -3.69
N ASP F 363 -36.84 -42.21 -3.19
CA ASP F 363 -36.67 -41.64 -1.86
C ASP F 363 -35.34 -40.94 -1.68
N VAL F 364 -34.76 -40.44 -2.79
CA VAL F 364 -33.56 -39.63 -2.67
C VAL F 364 -33.94 -38.22 -2.23
N ASP F 365 -32.97 -37.54 -1.62
CA ASP F 365 -33.19 -36.27 -0.95
C ASP F 365 -32.77 -35.06 -1.78
N VAL F 366 -31.79 -35.22 -2.67
CA VAL F 366 -31.22 -34.13 -3.45
C VAL F 366 -31.02 -34.58 -4.90
N ILE F 367 -31.36 -33.71 -5.85
CA ILE F 367 -31.14 -33.97 -7.27
C ILE F 367 -30.04 -33.05 -7.79
N LEU F 368 -28.93 -33.63 -8.26
CA LEU F 368 -27.84 -32.82 -8.76
C LEU F 368 -27.89 -32.72 -10.29
N VAL F 369 -27.59 -31.52 -10.80
CA VAL F 369 -27.56 -31.25 -12.23
C VAL F 369 -26.27 -30.52 -12.60
N GLY F 370 -25.59 -31.01 -13.63
CA GLY F 370 -24.43 -30.36 -14.19
C GLY F 370 -24.67 -29.65 -15.53
N ARG F 371 -24.24 -30.27 -16.62
CA ARG F 371 -24.26 -29.63 -17.94
C ARG F 371 -25.48 -28.77 -18.14
N ALA F 372 -26.65 -29.30 -17.78
CA ALA F 372 -27.85 -28.50 -17.99
C ALA F 372 -27.73 -27.14 -17.31
N PHE F 373 -26.97 -27.07 -16.19
CA PHE F 373 -26.74 -25.79 -15.52
C PHE F 373 -25.67 -24.96 -16.24
N GLN F 374 -24.76 -25.62 -16.98
CA GLN F 374 -23.84 -24.89 -17.85
C GLN F 374 -24.57 -24.23 -18.99
N ARG F 375 -25.58 -24.89 -19.52
CA ARG F 375 -26.38 -24.31 -20.60
C ARG F 375 -27.36 -23.29 -20.07
N ASP F 376 -28.14 -23.65 -19.05
CA ASP F 376 -29.15 -22.74 -18.47
C ASP F 376 -28.77 -22.45 -17.02
N SER F 377 -28.22 -21.25 -16.78
CA SER F 377 -27.87 -20.90 -15.42
C SER F 377 -29.10 -20.73 -14.53
N GLY F 378 -30.27 -20.51 -15.12
CA GLY F 378 -31.51 -20.46 -14.39
C GLY F 378 -32.34 -21.73 -14.44
N LEU F 379 -31.67 -22.89 -14.36
CA LEU F 379 -32.36 -24.17 -14.42
C LEU F 379 -33.29 -24.40 -13.23
N ALA F 380 -33.02 -23.79 -12.08
CA ALA F 380 -33.98 -23.90 -10.98
C ALA F 380 -35.33 -23.36 -11.40
N TRP F 381 -35.31 -22.32 -12.24
CA TRP F 381 -36.52 -21.78 -12.81
C TRP F 381 -37.15 -22.73 -13.82
N ALA F 382 -36.32 -23.35 -14.66
CA ALA F 382 -36.88 -24.24 -15.68
C ALA F 382 -37.61 -25.40 -15.03
N PHE F 383 -37.04 -25.98 -13.97
CA PHE F 383 -37.71 -27.07 -13.28
C PHE F 383 -38.95 -26.60 -12.52
N ALA F 384 -38.93 -25.37 -11.98
CA ALA F 384 -40.12 -24.81 -11.36
C ALA F 384 -41.24 -24.64 -12.39
N LYS F 385 -40.86 -24.20 -13.58
CA LYS F 385 -41.81 -24.13 -14.69
C LYS F 385 -42.27 -25.52 -15.12
N ASP F 386 -41.34 -26.46 -15.20
CA ASP F 386 -41.70 -27.85 -15.51
C ASP F 386 -42.77 -28.40 -14.56
N LEU F 387 -42.74 -27.98 -13.29
CA LEU F 387 -43.66 -28.50 -12.27
C LEU F 387 -44.69 -27.47 -11.84
N ASP F 388 -44.72 -26.31 -12.47
CA ASP F 388 -45.65 -25.22 -12.13
C ASP F 388 -45.49 -24.76 -10.67
N VAL F 389 -44.25 -24.72 -10.20
CA VAL F 389 -43.96 -24.28 -8.84
C VAL F 389 -43.70 -22.80 -8.93
N GLU F 390 -44.52 -22.01 -8.23
CA GLU F 390 -44.32 -20.58 -8.14
C GLU F 390 -43.19 -20.28 -7.16
N ILE F 391 -42.12 -19.65 -7.65
CA ILE F 391 -40.90 -19.49 -6.87
C ILE F 391 -40.54 -18.01 -6.79
N ALA F 392 -39.71 -17.69 -5.79
CA ALA F 392 -39.16 -16.35 -5.66
C ALA F 392 -38.00 -16.16 -6.62
N MET F 393 -37.87 -14.94 -7.12
CA MET F 393 -36.76 -14.64 -8.02
C MET F 393 -36.23 -13.26 -7.68
N ALA F 394 -34.93 -13.07 -7.97
CA ALA F 394 -34.25 -11.81 -7.70
C ALA F 394 -35.05 -10.64 -8.26
N GLY F 395 -35.21 -9.60 -7.46
CA GLY F 395 -35.97 -8.45 -7.91
C GLY F 395 -35.41 -7.86 -9.18
N GLN F 396 -34.12 -8.09 -9.44
CA GLN F 396 -33.50 -7.63 -10.68
C GLN F 396 -33.95 -8.47 -11.86
N ILE F 397 -34.11 -9.78 -11.66
CA ILE F 397 -34.59 -10.63 -12.74
C ILE F 397 -36.09 -10.53 -12.89
N ARG F 398 -36.82 -10.34 -11.78
CA ARG F 398 -38.23 -10.65 -11.75
C ARG F 398 -39.10 -9.62 -12.43
N TRP F 399 -38.70 -8.35 -12.42
CA TRP F 399 -39.73 -7.35 -12.63
C TRP F 399 -40.22 -7.30 -14.07
N GLY F 400 -39.53 -7.93 -15.01
CA GLY F 400 -39.95 -7.98 -16.39
C GLY F 400 -40.78 -9.18 -16.76
N PHE F 401 -41.07 -10.07 -15.80
CA PHE F 401 -41.91 -11.25 -16.01
C PHE F 401 -43.22 -11.20 -15.24
N THR F 402 -43.65 -10.00 -14.84
CA THR F 402 -44.87 -9.79 -14.07
C THR F 402 -45.42 -8.43 -14.50
N SER F 403 -46.55 -8.03 -13.94
CA SER F 403 -47.25 -6.84 -14.40
C SER F 403 -46.60 -5.56 -13.87
N PHE F 404 -47.22 -4.43 -14.22
CA PHE F 404 -46.71 -3.13 -13.80
C PHE F 404 -46.85 -2.95 -12.30
N ARG F 405 -48.02 -3.29 -11.75
CA ARG F 405 -48.13 -3.43 -10.32
C ARG F 405 -47.15 -4.49 -9.84
N ASN F 406 -46.82 -4.46 -8.55
CA ASN F 406 -45.67 -5.22 -8.09
C ASN F 406 -45.96 -6.15 -6.92
N ALA F 407 -45.41 -5.79 -5.76
CA ALA F 407 -45.72 -6.36 -4.45
C ALA F 407 -45.79 -7.89 -4.50
N SER F 408 -44.70 -8.47 -5.01
CA SER F 408 -44.62 -9.93 -5.16
C SER F 408 -43.24 -10.32 -5.64
N GLU F 409 -42.55 -11.07 -4.80
CA GLU F 409 -41.21 -11.58 -5.06
C GLU F 409 -41.19 -12.86 -5.87
N TYR F 410 -42.36 -13.39 -6.21
CA TYR F 410 -42.45 -14.70 -6.85
C TYR F 410 -42.88 -14.58 -8.31
N ILE F 411 -42.48 -15.59 -9.08
CA ILE F 411 -42.80 -15.67 -10.49
C ILE F 411 -43.61 -16.94 -10.70
N GLN F 412 -44.86 -16.77 -11.17
CA GLN F 412 -45.64 -17.92 -11.60
C GLN F 412 -45.16 -18.29 -12.99
N PRO F 413 -44.34 -19.33 -13.12
CA PRO F 413 -43.61 -19.59 -14.37
C PRO F 413 -44.50 -20.00 -15.55
N MET G 1 -24.05 31.17 27.03
CA MET G 1 -22.76 31.17 26.35
C MET G 1 -21.64 30.74 27.29
N THR G 2 -21.87 30.93 28.58
CA THR G 2 -20.83 30.83 29.60
C THR G 2 -20.83 29.43 30.19
N TRP G 3 -19.82 28.62 29.82
CA TRP G 3 -19.63 27.29 30.35
C TRP G 3 -18.14 27.04 30.56
N PRO G 4 -17.76 26.31 31.61
CA PRO G 4 -16.35 25.95 31.79
C PRO G 4 -15.85 24.94 30.77
N ASP G 5 -14.54 24.99 30.51
CA ASP G 5 -13.89 24.11 29.58
C ASP G 5 -13.45 22.88 30.34
N VAL G 6 -13.95 21.72 29.94
CA VAL G 6 -13.66 20.44 30.59
C VAL G 6 -13.14 19.52 29.50
N PRO G 7 -11.82 19.37 29.35
CA PRO G 7 -11.31 18.42 28.37
C PRO G 7 -11.26 17.01 28.93
N ILE G 8 -11.27 16.06 28.01
CA ILE G 8 -11.15 14.65 28.30
C ILE G 8 -9.70 14.31 28.02
N ALA G 9 -8.91 14.21 29.08
CA ALA G 9 -7.50 13.88 28.94
C ALA G 9 -7.39 12.55 28.22
N ALA G 10 -6.38 12.45 27.34
CA ALA G 10 -6.13 11.28 26.54
C ALA G 10 -4.89 10.54 27.06
N ALA G 11 -4.85 9.25 26.78
CA ALA G 11 -3.65 8.47 27.07
C ALA G 11 -2.53 8.83 26.09
N PRO G 12 -1.29 8.96 26.56
CA PRO G 12 -0.21 9.46 25.70
C PRO G 12 0.46 8.37 24.89
N GLY G 13 1.06 8.82 23.78
CA GLY G 13 1.97 8.01 22.98
C GLY G 13 1.34 6.97 22.09
N ILE G 14 0.05 7.14 21.74
CA ILE G 14 -0.66 6.16 20.90
C ILE G 14 -1.53 6.90 19.88
N SER G 15 -1.84 6.21 18.78
CA SER G 15 -2.55 6.77 17.64
C SER G 15 -4.06 6.77 17.81
N TYR G 16 -4.59 6.13 18.85
CA TYR G 16 -6.02 6.18 19.10
C TYR G 16 -6.27 6.85 20.43
N PHE G 17 -7.35 7.64 20.45
CA PHE G 17 -7.86 8.24 21.67
C PHE G 17 -8.45 7.18 22.57
N THR G 18 -8.10 7.26 23.86
CA THR G 18 -8.79 6.54 24.92
C THR G 18 -8.58 7.36 26.19
N PRO G 19 -9.60 7.49 27.04
CA PRO G 19 -9.42 8.28 28.26
C PRO G 19 -8.27 7.73 29.10
N ALA G 20 -7.49 8.66 29.67
CA ALA G 20 -6.37 8.33 30.55
C ALA G 20 -6.88 8.05 31.96
N GLN G 21 -6.27 7.08 32.63
CA GLN G 21 -6.66 6.73 34.00
C GLN G 21 -5.56 7.16 34.96
N SER G 22 -5.78 8.29 35.63
CA SER G 22 -4.88 8.81 36.66
C SER G 22 -5.65 8.93 37.97
N PRO G 23 -5.39 8.07 38.96
CA PRO G 23 -4.42 6.97 38.91
C PRO G 23 -4.95 5.72 38.19
N PRO G 24 -4.05 4.83 37.78
CA PRO G 24 -4.49 3.58 37.14
C PRO G 24 -5.51 2.88 38.02
N ALA G 25 -6.42 2.16 37.38
CA ALA G 25 -7.43 1.43 38.14
C ALA G 25 -6.78 0.42 39.07
N GLY G 26 -7.37 0.24 40.26
CA GLY G 26 -6.82 -0.68 41.23
C GLY G 26 -5.79 -0.11 42.18
N THR G 27 -5.61 1.19 42.19
CA THR G 27 -4.69 1.87 43.08
C THR G 27 -5.48 2.37 44.29
N ALA G 28 -5.06 1.92 45.47
CA ALA G 28 -5.74 2.29 46.71
C ALA G 28 -5.60 3.78 46.99
N ARG G 29 -6.71 4.45 47.26
CA ARG G 29 -6.58 5.83 47.71
C ARG G 29 -5.70 5.86 48.96
N ASN G 30 -4.79 6.82 49.01
CA ASN G 30 -3.89 6.98 50.15
C ASN G 30 -3.86 8.44 50.55
N PRO G 31 -4.52 8.83 51.68
CA PRO G 31 -5.20 7.98 52.68
C PRO G 31 -6.63 7.62 52.33
N GLN G 32 -7.13 6.48 52.80
CA GLN G 32 -8.55 6.18 52.65
C GLN G 32 -9.35 7.25 53.36
N THR G 33 -10.48 7.65 52.75
CA THR G 33 -11.33 8.64 53.39
C THR G 33 -11.85 8.14 54.74
N SER G 34 -12.02 6.83 54.89
CA SER G 34 -12.37 6.24 56.17
C SER G 34 -11.25 6.33 57.22
N GLY G 35 -10.04 6.74 56.85
CA GLY G 35 -8.90 6.79 57.74
C GLY G 35 -8.17 5.49 58.02
N LYS G 36 -8.64 4.34 57.54
CA LYS G 36 -7.99 3.09 57.88
C LYS G 36 -6.71 2.86 57.06
N ALA G 37 -5.85 1.98 57.58
CA ALA G 37 -4.61 1.61 56.89
C ALA G 37 -4.88 0.72 55.69
N ILE G 38 -3.97 0.80 54.73
CA ILE G 38 -4.09 0.08 53.46
C ILE G 38 -3.39 -1.27 53.59
N PRO G 39 -4.08 -2.38 53.33
CA PRO G 39 -3.47 -3.71 53.45
C PRO G 39 -2.32 -3.91 52.48
N LYS G 40 -1.50 -4.93 52.78
CA LYS G 40 -0.30 -5.20 51.99
C LYS G 40 -0.61 -5.47 50.52
N LEU G 41 -1.80 -6.00 50.21
CA LEU G 41 -2.13 -6.29 48.82
C LEU G 41 -2.27 -5.01 48.00
N PHE G 42 -2.59 -3.88 48.63
CA PHE G 42 -2.74 -2.63 47.90
C PHE G 42 -1.71 -1.57 48.28
N GLN G 43 -0.50 -2.02 48.75
CA GLN G 43 0.69 -1.17 48.89
C GLN G 43 1.55 -1.32 47.64
N PRO G 44 1.96 -0.23 46.99
CA PRO G 44 2.70 -0.38 45.73
C PRO G 44 3.96 -1.19 45.97
N LEU G 45 4.47 -1.76 44.88
CA LEU G 45 5.68 -2.56 44.90
C LEU G 45 6.53 -2.15 43.71
N THR G 46 7.82 -1.89 43.97
CA THR G 46 8.74 -1.46 42.93
C THR G 46 9.83 -2.51 42.78
N ILE G 47 9.96 -3.05 41.58
CA ILE G 47 11.07 -3.94 41.22
C ILE G 47 11.82 -3.21 40.12
N ARG G 48 13.09 -2.92 40.38
CA ARG G 48 13.95 -2.15 39.50
C ARG G 48 13.22 -0.94 38.95
N GLY G 49 13.04 -0.88 37.63
CA GLY G 49 12.51 0.33 37.02
C GLY G 49 11.02 0.50 37.06
N HIS G 50 10.26 -0.44 37.64
CA HIS G 50 8.81 -0.41 37.50
C HIS G 50 8.12 -0.41 38.85
N THR G 51 6.99 0.29 38.89
CA THR G 51 6.15 0.39 40.07
C THR G 51 4.76 -0.16 39.75
N PHE G 52 4.30 -1.08 40.58
CA PHE G 52 2.97 -1.68 40.51
C PHE G 52 2.03 -1.02 41.53
N GLN G 53 0.78 -0.78 41.10
CA GLN G 53 -0.14 -0.11 42.02
C GLN G 53 -0.66 -1.05 43.13
N ASN G 54 -0.49 -2.36 43.00
CA ASN G 54 -0.83 -3.30 44.05
C ASN G 54 -0.13 -4.62 43.75
N ARG G 55 -0.37 -5.62 44.61
CA ARG G 55 0.37 -6.88 44.58
C ARG G 55 -0.50 -8.05 44.11
N LEU G 56 -1.69 -7.77 43.58
CA LEU G 56 -2.53 -8.81 42.99
C LEU G 56 -2.20 -8.89 41.50
N GLY G 57 -1.62 -10.03 41.09
CA GLY G 57 -1.25 -10.26 39.72
C GLY G 57 -2.06 -11.35 39.05
N VAL G 58 -2.24 -11.23 37.73
CA VAL G 58 -2.89 -12.27 36.93
C VAL G 58 -1.83 -13.30 36.56
N ALA G 59 -2.02 -14.53 37.02
CA ALA G 59 -1.06 -15.59 36.74
C ALA G 59 -1.03 -15.90 35.24
N PRO G 60 0.08 -16.44 34.74
CA PRO G 60 0.15 -16.75 33.31
C PRO G 60 -0.88 -17.81 32.97
N MET G 61 -1.70 -17.55 31.95
CA MET G 61 -2.78 -18.48 31.57
C MET G 61 -2.85 -18.66 30.06
N CYS G 62 -2.37 -19.83 29.61
CA CYS G 62 -2.49 -20.24 28.23
C CYS G 62 -3.94 -20.24 27.77
N GLN G 63 -4.18 -19.56 26.65
CA GLN G 63 -5.48 -19.44 26.04
C GLN G 63 -5.64 -20.33 24.83
N TYR G 64 -4.55 -20.94 24.38
CA TYR G 64 -4.56 -21.89 23.29
C TYR G 64 -5.31 -21.35 22.06
N SER G 65 -5.39 -20.02 21.92
CA SER G 65 -6.19 -19.37 20.90
C SER G 65 -5.37 -18.47 19.96
N ALA G 66 -4.06 -18.69 19.86
CA ALA G 66 -3.24 -17.93 18.94
C ALA G 66 -3.18 -18.66 17.60
N ASP G 67 -2.97 -17.88 16.54
CA ASP G 67 -2.94 -18.36 15.16
C ASP G 67 -1.47 -18.37 14.71
N ASP G 68 -0.86 -19.55 14.65
CA ASP G 68 0.57 -19.66 14.33
C ASP G 68 1.36 -18.70 15.21
N GLY G 69 1.05 -18.73 16.50
CA GLY G 69 1.70 -17.90 17.50
C GLY G 69 1.22 -16.47 17.55
N HIS G 70 0.39 -16.04 16.61
CA HIS G 70 0.02 -14.62 16.54
C HIS G 70 -1.25 -14.36 17.37
N LEU G 71 -1.21 -13.31 18.18
CA LEU G 71 -2.38 -12.92 18.96
C LEU G 71 -3.51 -12.49 18.05
N THR G 72 -4.74 -12.64 18.53
CA THR G 72 -5.93 -12.33 17.77
C THR G 72 -6.85 -11.43 18.60
N PRO G 73 -8.03 -11.06 18.09
CA PRO G 73 -8.96 -10.31 18.96
C PRO G 73 -9.39 -11.06 20.22
N TRP G 74 -9.10 -12.36 20.31
CA TRP G 74 -9.33 -13.06 21.56
C TRP G 74 -8.50 -12.46 22.69
N HIS G 75 -7.20 -12.24 22.44
CA HIS G 75 -6.30 -11.77 23.47
C HIS G 75 -6.54 -10.31 23.85
N MET G 76 -7.03 -9.50 22.91
CA MET G 76 -7.39 -8.12 23.23
C MET G 76 -8.59 -8.08 24.13
N ALA G 77 -9.58 -8.95 23.89
CA ALA G 77 -10.74 -8.99 24.76
C ALA G 77 -10.40 -9.60 26.11
N HIS G 78 -9.60 -10.67 26.11
CA HIS G 78 -9.21 -11.34 27.35
C HIS G 78 -8.32 -10.44 28.19
N TYR G 79 -7.09 -10.22 27.73
CA TYR G 79 -6.14 -9.41 28.49
C TYR G 79 -6.65 -7.99 28.66
N GLY G 80 -7.31 -7.45 27.64
CA GLY G 80 -7.73 -6.06 27.72
C GLY G 80 -8.87 -5.83 28.70
N GLY G 81 -9.79 -6.79 28.83
CA GLY G 81 -10.89 -6.64 29.78
C GLY G 81 -10.42 -6.70 31.23
N ILE G 82 -9.38 -7.51 31.49
CA ILE G 82 -8.69 -7.45 32.78
C ILE G 82 -8.01 -6.10 32.95
N ALA G 83 -7.31 -5.64 31.91
CA ALA G 83 -6.55 -4.39 31.94
C ALA G 83 -7.43 -3.21 32.30
N GLN G 84 -8.71 -3.25 31.97
CA GLN G 84 -9.61 -2.17 32.35
C GLN G 84 -10.01 -2.19 33.81
N ARG G 85 -9.67 -3.24 34.57
CA ARG G 85 -10.21 -3.41 35.91
C ARG G 85 -9.10 -3.50 36.97
N GLY G 86 -7.90 -3.05 36.62
CA GLY G 86 -6.90 -2.65 37.58
C GLY G 86 -6.23 -3.69 38.46
N PRO G 87 -5.81 -4.83 37.91
CA PRO G 87 -4.93 -5.71 38.68
C PRO G 87 -3.54 -5.08 38.75
N GLY G 88 -2.75 -5.57 39.71
CA GLY G 88 -1.43 -4.99 39.91
C GLY G 88 -0.46 -5.37 38.81
N MET G 89 -0.61 -6.55 38.25
CA MET G 89 0.19 -6.91 37.10
C MET G 89 -0.56 -7.98 36.33
N ILE G 90 -0.15 -8.15 35.07
CA ILE G 90 -0.65 -9.20 34.18
C ILE G 90 0.55 -9.96 33.64
N ILE G 91 0.57 -11.27 33.82
CA ILE G 91 1.62 -12.13 33.24
C ILE G 91 1.02 -12.83 32.01
N ILE G 92 1.40 -12.37 30.81
CA ILE G 92 0.92 -12.98 29.58
C ILE G 92 1.36 -14.45 29.54
N GLU G 93 0.44 -15.28 29.08
CA GLU G 93 0.62 -16.74 29.02
C GLU G 93 1.94 -17.27 28.46
N ALA G 94 2.16 -18.54 28.70
CA ALA G 94 3.35 -19.16 28.15
C ALA G 94 3.46 -18.87 26.66
N THR G 95 4.60 -18.33 26.25
CA THR G 95 4.86 -17.91 24.89
C THR G 95 6.05 -18.71 24.36
N GLY G 96 5.84 -19.47 23.29
CA GLY G 96 6.91 -20.31 22.77
C GLY G 96 8.02 -19.46 22.17
N VAL G 97 9.27 -19.80 22.51
CA VAL G 97 10.42 -19.11 21.93
C VAL G 97 10.83 -19.77 20.63
N VAL G 98 10.39 -21.00 20.40
CA VAL G 98 10.53 -21.66 19.10
C VAL G 98 9.17 -22.26 18.75
N PRO G 99 8.92 -22.49 17.45
CA PRO G 99 7.65 -23.14 17.07
C PRO G 99 7.41 -24.48 17.77
N GLU G 100 8.38 -25.43 17.74
CA GLU G 100 8.25 -26.75 18.41
C GLU G 100 8.36 -26.67 19.98
N GLY G 101 8.36 -25.44 20.52
CA GLY G 101 8.36 -25.17 21.94
C GLY G 101 7.04 -24.66 22.48
N ARG G 102 6.05 -24.48 21.60
CA ARG G 102 4.66 -24.32 22.02
C ARG G 102 4.15 -25.61 22.65
N ILE G 103 3.08 -25.50 23.44
CA ILE G 103 2.43 -26.73 23.88
C ILE G 103 1.50 -27.24 22.77
N THR G 104 0.69 -26.34 22.22
CA THR G 104 -0.39 -26.62 21.28
C THR G 104 -0.27 -25.76 20.03
N PRO G 105 -0.90 -26.18 18.92
CA PRO G 105 -0.90 -25.35 17.69
C PRO G 105 -1.45 -23.96 17.89
N GLY G 106 -2.11 -23.69 19.01
CA GLY G 106 -2.64 -22.39 19.32
C GLY G 106 -1.86 -21.64 20.37
N CYS G 107 -0.68 -22.13 20.76
CA CYS G 107 0.07 -21.42 21.79
C CYS G 107 0.74 -20.18 21.18
N VAL G 108 0.92 -19.16 22.03
CA VAL G 108 1.64 -17.98 21.57
C VAL G 108 3.09 -18.33 21.24
N GLY G 109 3.70 -17.49 20.40
CA GLY G 109 5.10 -17.62 20.07
C GLY G 109 5.74 -16.26 19.83
N LEU G 110 7.07 -16.27 19.92
CA LEU G 110 7.91 -15.12 19.57
C LEU G 110 9.16 -15.64 18.87
N TRP G 111 8.97 -16.57 17.95
CA TRP G 111 10.10 -17.01 17.13
C TRP G 111 10.22 -16.21 15.83
N LYS G 112 9.43 -15.14 15.68
CA LYS G 112 9.28 -14.50 14.38
C LYS G 112 8.84 -13.07 14.60
N ASP G 113 9.40 -12.17 13.79
CA ASP G 113 9.13 -10.75 13.95
C ASP G 113 7.70 -10.37 13.61
N SER G 114 6.97 -11.19 12.83
CA SER G 114 5.57 -10.89 12.57
C SER G 114 4.74 -10.95 13.86
N GLN G 115 5.25 -11.63 14.89
CA GLN G 115 4.53 -11.80 16.14
C GLN G 115 4.58 -10.59 17.06
N ILE G 116 5.41 -9.59 16.75
CA ILE G 116 5.59 -8.44 17.65
C ILE G 116 4.39 -7.51 17.59
N ALA G 117 3.91 -7.21 16.38
CA ALA G 117 2.85 -6.21 16.28
C ALA G 117 1.55 -6.59 16.99
N PRO G 118 1.02 -7.83 16.92
CA PRO G 118 -0.17 -8.14 17.74
C PRO G 118 0.09 -7.98 19.22
N LEU G 119 1.21 -8.49 19.71
CA LEU G 119 1.59 -8.29 21.09
C LEU G 119 1.67 -6.81 21.41
N LYS G 120 2.18 -6.01 20.48
CA LYS G 120 2.30 -4.58 20.73
C LYS G 120 0.94 -3.94 20.94
N GLN G 121 -0.08 -4.35 20.18
CA GLN G 121 -1.39 -3.73 20.35
C GLN G 121 -2.00 -4.04 21.71
N VAL G 122 -1.74 -5.24 22.25
CA VAL G 122 -2.28 -5.62 23.56
C VAL G 122 -1.53 -4.92 24.68
N VAL G 123 -0.20 -5.00 24.66
CA VAL G 123 0.60 -4.24 25.61
C VAL G 123 0.21 -2.77 25.59
N GLU G 124 0.04 -2.22 24.39
CA GLU G 124 -0.20 -0.80 24.26
C GLU G 124 -1.51 -0.39 24.88
N PHE G 125 -2.50 -1.29 24.85
CA PHE G 125 -3.80 -0.96 25.43
C PHE G 125 -3.79 -1.01 26.95
N ALA G 126 -3.18 -2.05 27.53
CA ALA G 126 -2.98 -2.08 28.97
C ALA G 126 -2.35 -0.77 29.46
N HIS G 127 -1.25 -0.36 28.81
CA HIS G 127 -0.57 0.88 29.21
C HIS G 127 -1.44 2.11 29.02
N SER G 128 -2.42 2.10 28.11
CA SER G 128 -3.33 3.23 28.04
C SER G 128 -4.10 3.39 29.35
N GLN G 129 -4.21 2.29 30.12
CA GLN G 129 -4.89 2.24 31.40
C GLN G 129 -3.90 2.35 32.56
N GLY G 130 -2.64 2.64 32.26
CA GLY G 130 -1.65 2.68 33.32
C GLY G 130 -1.36 1.32 33.88
N GLN G 131 -1.64 0.26 33.13
CA GLN G 131 -1.44 -1.10 33.63
C GLN G 131 -0.03 -1.59 33.32
N LYS G 132 0.48 -2.48 34.18
CA LYS G 132 1.78 -3.13 34.01
C LYS G 132 1.55 -4.53 33.46
N ILE G 133 2.37 -4.90 32.47
CA ILE G 133 2.20 -6.12 31.67
C ILE G 133 3.57 -6.72 31.31
N GLY G 134 3.70 -8.03 31.41
CA GLY G 134 4.94 -8.69 31.01
C GLY G 134 4.62 -9.97 30.27
N ILE G 135 5.59 -10.85 30.02
CA ILE G 135 5.34 -12.03 29.20
C ILE G 135 6.14 -13.19 29.77
N GLN G 136 5.58 -14.40 29.67
CA GLN G 136 6.26 -15.61 30.11
C GLN G 136 6.85 -16.34 28.91
N LEU G 137 8.16 -16.27 28.76
CA LEU G 137 8.81 -16.98 27.66
C LEU G 137 8.97 -18.43 28.04
N ALA G 138 8.80 -19.31 27.06
CA ALA G 138 8.60 -20.70 27.41
C ALA G 138 9.09 -21.60 26.30
N HIS G 139 9.25 -22.86 26.67
CA HIS G 139 9.59 -23.94 25.76
C HIS G 139 8.93 -25.18 26.34
N ALA G 140 7.91 -25.70 25.66
CA ALA G 140 7.15 -26.81 26.21
C ALA G 140 7.95 -28.11 26.28
N GLY G 141 9.13 -28.17 25.65
CA GLY G 141 10.00 -29.33 25.85
C GLY G 141 9.40 -30.62 25.35
N ARG G 142 9.46 -31.65 26.18
CA ARG G 142 8.90 -32.94 25.85
C ARG G 142 7.38 -32.98 26.00
N LYS G 143 6.76 -31.90 26.46
CA LYS G 143 5.32 -31.80 26.54
C LYS G 143 4.72 -30.95 25.43
N ALA G 144 5.47 -30.71 24.35
CA ALA G 144 5.02 -29.96 23.21
C ALA G 144 4.32 -30.86 22.21
N SER G 145 3.57 -30.24 21.30
CA SER G 145 2.86 -30.94 20.24
C SER G 145 1.73 -31.80 20.82
N THR G 146 0.85 -31.15 21.58
CA THR G 146 -0.38 -31.76 22.10
C THR G 146 -1.53 -30.77 21.93
N VAL G 147 -2.76 -31.20 22.23
CA VAL G 147 -3.94 -30.37 22.01
C VAL G 147 -4.38 -29.66 23.30
N PRO G 148 -5.20 -28.61 23.23
CA PRO G 148 -5.62 -27.89 24.46
C PRO G 148 -6.31 -28.80 25.46
N PRO G 149 -6.36 -28.40 26.74
CA PRO G 149 -6.85 -29.35 27.75
C PRO G 149 -8.33 -29.66 27.62
N TRP G 150 -9.14 -28.73 27.14
CA TRP G 150 -10.53 -29.05 26.90
C TRP G 150 -10.72 -30.10 25.78
N LEU G 151 -9.65 -30.46 25.07
CA LEU G 151 -9.67 -31.59 24.13
C LEU G 151 -8.84 -32.75 24.66
N GLY G 152 -8.60 -32.81 25.96
CA GLY G 152 -7.94 -33.95 26.57
C GLY G 152 -6.45 -33.80 26.80
N GLY G 153 -5.85 -32.70 26.35
CA GLY G 153 -4.40 -32.59 26.43
C GLY G 153 -3.67 -33.69 25.67
N VAL G 154 -4.37 -34.35 24.75
CA VAL G 154 -3.75 -35.45 24.04
C VAL G 154 -2.87 -34.88 22.95
N THR G 155 -2.06 -35.74 22.34
CA THR G 155 -1.16 -35.37 21.26
C THR G 155 -1.93 -34.71 20.09
N ALA G 156 -1.33 -33.66 19.53
CA ALA G 156 -1.70 -33.18 18.21
C ALA G 156 -0.71 -33.81 17.22
N THR G 157 -1.20 -34.73 16.39
CA THR G 157 -0.38 -35.33 15.35
C THR G 157 -0.02 -34.30 14.29
N ASN G 158 0.92 -34.67 13.40
CA ASN G 158 1.29 -33.73 12.34
C ASN G 158 0.09 -33.43 11.47
N ALA G 159 -0.77 -34.44 11.26
CA ALA G 159 -1.97 -34.27 10.45
C ALA G 159 -2.90 -33.25 11.04
N VAL G 160 -2.74 -32.98 12.33
CA VAL G 160 -3.62 -32.09 13.06
C VAL G 160 -2.90 -30.81 13.47
N GLY G 161 -1.66 -30.66 13.02
CA GLY G 161 -0.92 -29.44 13.24
C GLY G 161 0.26 -29.58 14.16
N GLY G 162 0.59 -30.80 14.56
CA GLY G 162 1.66 -31.08 15.49
C GLY G 162 3.04 -31.17 14.86
N TRP G 163 3.97 -31.67 15.66
CA TRP G 163 5.35 -31.80 15.26
C TRP G 163 5.96 -33.00 15.99
N THR G 164 5.30 -34.15 15.84
CA THR G 164 5.63 -35.37 16.59
C THR G 164 7.05 -35.88 16.34
N GLU G 165 7.76 -35.35 15.33
CA GLU G 165 9.16 -35.72 15.10
C GLU G 165 10.14 -34.64 15.53
N ASN G 166 9.64 -33.48 15.96
CA ASN G 166 10.47 -32.37 16.39
C ASN G 166 10.18 -31.90 17.82
N VAL G 167 9.84 -32.82 18.72
CA VAL G 167 9.63 -32.49 20.12
C VAL G 167 10.93 -32.78 20.86
N LYS G 168 11.47 -31.77 21.56
CA LYS G 168 12.80 -31.86 22.13
C LYS G 168 12.78 -31.62 23.63
N GLY G 169 13.54 -32.45 24.34
CA GLY G 169 13.73 -32.34 25.77
C GLY G 169 15.12 -32.75 26.16
N PRO G 170 15.44 -32.71 27.47
CA PRO G 170 16.78 -33.12 27.92
C PRO G 170 17.15 -34.55 27.58
N SER G 171 16.21 -35.48 27.68
CA SER G 171 16.52 -36.90 27.51
C SER G 171 15.38 -37.61 26.79
N ALA G 172 15.72 -38.74 26.17
CA ALA G 172 14.78 -39.47 25.32
C ALA G 172 13.85 -40.34 26.18
N ILE G 173 13.02 -39.65 26.96
CA ILE G 173 12.09 -40.30 27.87
C ILE G 173 10.75 -39.57 27.72
N PRO G 174 9.71 -40.24 27.24
CA PRO G 174 8.42 -39.57 27.05
C PRO G 174 7.82 -39.16 28.38
N PHE G 175 6.94 -38.15 28.34
CA PHE G 175 6.37 -37.69 29.60
C PHE G 175 5.60 -38.81 30.30
N ALA G 176 4.84 -39.60 29.55
CA ALA G 176 4.21 -40.80 30.07
C ALA G 176 4.29 -41.86 29.00
N GLU G 177 4.05 -43.11 29.37
CA GLU G 177 4.04 -44.15 28.35
C GLU G 177 2.92 -43.90 27.36
N GLY G 178 3.24 -44.05 26.07
CA GLY G 178 2.35 -43.68 24.98
C GLY G 178 2.52 -42.28 24.47
N GLU G 179 3.23 -41.41 25.19
CA GLU G 179 3.44 -40.04 24.73
C GLU G 179 4.59 -39.97 23.71
N ILE G 180 4.77 -38.79 23.12
CA ILE G 180 5.86 -38.59 22.16
C ILE G 180 7.19 -38.82 22.88
N VAL G 181 8.06 -39.62 22.26
CA VAL G 181 9.44 -39.73 22.74
C VAL G 181 10.19 -38.47 22.31
N PRO G 182 10.61 -37.59 23.24
CA PRO G 182 11.37 -36.42 22.81
C PRO G 182 12.73 -36.84 22.30
N LYS G 183 13.29 -36.03 21.40
CA LYS G 183 14.64 -36.24 20.95
C LYS G 183 15.58 -35.71 22.02
N ALA G 184 16.59 -36.51 22.35
CA ALA G 184 17.58 -36.09 23.33
C ALA G 184 18.36 -34.91 22.80
N MET G 185 18.26 -33.78 23.50
CA MET G 185 18.89 -32.54 23.04
C MET G 185 20.39 -32.70 22.88
N THR G 186 20.92 -32.28 21.73
CA THR G 186 22.37 -32.21 21.60
C THR G 186 22.86 -30.89 22.17
N LYS G 187 24.18 -30.78 22.33
CA LYS G 187 24.75 -29.50 22.72
C LYS G 187 24.39 -28.44 21.68
N GLU G 188 24.40 -28.81 20.39
CA GLU G 188 24.01 -27.88 19.34
C GLU G 188 22.55 -27.47 19.48
N ASP G 189 21.69 -28.39 19.94
CA ASP G 189 20.30 -28.04 20.24
C ASP G 189 20.22 -27.04 21.37
N ILE G 190 21.02 -27.22 22.42
CA ILE G 190 20.95 -26.33 23.57
C ILE G 190 21.35 -24.91 23.17
N GLU G 191 22.37 -24.77 22.32
CA GLU G 191 22.75 -23.44 21.86
C GLU G 191 21.64 -22.75 21.08
N GLU G 192 20.90 -23.50 20.27
CA GLU G 192 19.78 -22.90 19.53
C GLU G 192 18.72 -22.36 20.48
N VAL G 193 18.49 -23.06 21.60
CA VAL G 193 17.49 -22.62 22.56
C VAL G 193 17.86 -21.26 23.12
N LYS G 194 19.13 -21.10 23.52
CA LYS G 194 19.60 -19.81 24.03
C LYS G 194 19.47 -18.72 22.98
N THR G 195 19.85 -19.03 21.74
CA THR G 195 19.69 -18.11 20.62
C THR G 195 18.23 -17.70 20.44
N ALA G 196 17.32 -18.68 20.45
CA ALA G 196 15.90 -18.36 20.36
C ALA G 196 15.40 -17.60 21.59
N TRP G 197 15.95 -17.91 22.78
CA TRP G 197 15.51 -17.19 23.98
C TRP G 197 15.90 -15.72 23.92
N VAL G 198 17.17 -15.42 23.59
CA VAL G 198 17.57 -14.02 23.47
C VAL G 198 16.71 -13.33 22.41
N ALA G 199 16.49 -13.99 21.26
CA ALA G 199 15.64 -13.42 20.22
C ALA G 199 14.23 -13.17 20.73
N ALA G 200 13.64 -14.15 21.42
CA ALA G 200 12.32 -13.98 21.99
C ALA G 200 12.31 -12.88 23.04
N VAL G 201 13.40 -12.76 23.81
CA VAL G 201 13.52 -11.63 24.72
C VAL G 201 13.53 -10.33 23.92
N GLU G 202 14.33 -10.28 22.85
CA GLU G 202 14.38 -9.08 22.03
C GLU G 202 12.99 -8.70 21.52
N ARG G 203 12.21 -9.70 21.11
CA ARG G 203 10.88 -9.41 20.62
C ARG G 203 9.98 -8.86 21.72
N ALA G 204 10.09 -9.44 22.92
CA ALA G 204 9.34 -8.93 24.06
C ALA G 204 9.73 -7.49 24.39
N VAL G 205 11.04 -7.19 24.40
CA VAL G 205 11.48 -5.81 24.64
C VAL G 205 10.93 -4.86 23.57
N ALA G 206 10.98 -5.27 22.29
CA ALA G 206 10.41 -4.42 21.23
C ALA G 206 8.89 -4.36 21.29
N ALA G 207 8.25 -5.45 21.71
CA ALA G 207 6.80 -5.46 21.88
C ALA G 207 6.34 -4.64 23.06
N GLY G 208 7.24 -4.30 23.98
CA GLY G 208 6.93 -3.33 25.02
C GLY G 208 6.60 -3.89 26.38
N VAL G 209 6.93 -5.15 26.65
CA VAL G 209 6.56 -5.75 27.92
C VAL G 209 7.30 -5.06 29.06
N ASP G 210 6.62 -5.00 30.22
CA ASP G 210 7.20 -4.36 31.39
C ASP G 210 8.11 -5.28 32.16
N PHE G 211 7.99 -6.58 31.94
CA PHE G 211 8.86 -7.55 32.59
C PHE G 211 8.76 -8.86 31.81
N ILE G 212 9.65 -9.78 32.13
CA ILE G 212 9.64 -11.10 31.53
C ILE G 212 9.70 -12.10 32.66
N GLU G 213 8.92 -13.18 32.54
CA GLU G 213 9.01 -14.31 33.46
C GLU G 213 9.55 -15.51 32.71
N ILE G 214 10.40 -16.26 33.36
CA ILE G 214 10.95 -17.46 32.78
C ILE G 214 10.05 -18.62 33.19
N HIS G 215 9.59 -19.37 32.19
CA HIS G 215 8.76 -20.55 32.48
C HIS G 215 9.71 -21.68 32.82
N ASN G 216 9.90 -21.92 34.12
CA ASN G 216 10.75 -22.99 34.61
C ASN G 216 9.96 -24.08 35.35
N ALA G 217 8.65 -24.12 35.16
CA ALA G 217 7.77 -25.01 35.92
C ALA G 217 7.06 -26.02 35.02
N HIS G 218 6.34 -26.93 35.68
CA HIS G 218 5.28 -27.74 35.06
C HIS G 218 5.81 -28.77 34.05
N GLY G 219 7.05 -29.24 34.20
CA GLY G 219 7.57 -30.34 33.40
C GLY G 219 8.05 -29.99 32.00
N TYR G 220 7.97 -28.72 31.60
CA TYR G 220 8.43 -28.32 30.28
C TYR G 220 9.95 -28.35 30.21
N LEU G 221 10.53 -27.71 29.19
CA LEU G 221 11.92 -28.00 28.88
C LEU G 221 12.84 -27.69 30.06
N LEU G 222 12.75 -26.47 30.60
CA LEU G 222 13.62 -26.04 31.70
C LEU G 222 13.35 -26.82 32.98
N SER G 223 12.07 -26.96 33.35
CA SER G 223 11.74 -27.77 34.52
C SER G 223 12.25 -29.20 34.37
N SER G 224 12.27 -29.76 33.16
CA SER G 224 12.65 -31.15 32.95
C SER G 224 14.14 -31.38 33.05
N PHE G 225 14.95 -30.32 32.99
CA PHE G 225 16.37 -30.46 33.27
C PHE G 225 16.62 -30.63 34.77
N LEU G 226 15.78 -29.99 35.59
CA LEU G 226 15.90 -30.06 37.04
C LEU G 226 15.72 -31.49 37.54
N SER G 227 14.62 -32.15 37.18
CA SER G 227 14.33 -33.43 37.79
C SER G 227 15.12 -34.54 37.09
N PRO G 228 15.81 -35.41 37.84
CA PRO G 228 16.47 -36.56 37.21
C PRO G 228 15.50 -37.59 36.64
N SER G 229 14.19 -37.44 36.87
CA SER G 229 13.22 -38.32 36.22
C SER G 229 13.17 -38.04 34.73
N SER G 230 13.17 -36.76 34.33
CA SER G 230 13.13 -36.41 32.92
C SER G 230 14.51 -36.16 32.34
N ASN G 231 15.49 -35.87 33.19
CA ASN G 231 16.85 -35.51 32.79
C ASN G 231 17.80 -36.62 33.23
N GLN G 232 18.33 -37.37 32.26
CA GLN G 232 19.34 -38.39 32.51
C GLN G 232 20.62 -38.10 31.72
N ARG G 233 20.90 -36.83 31.41
CA ARG G 233 22.08 -36.48 30.62
C ARG G 233 23.36 -36.84 31.38
N THR G 234 24.42 -37.09 30.59
CA THR G 234 25.74 -37.38 31.13
C THR G 234 26.76 -36.31 30.73
N ASP G 235 26.29 -35.14 30.29
CA ASP G 235 27.16 -34.04 29.91
C ASP G 235 27.05 -32.92 30.94
N ASP G 236 27.43 -31.70 30.56
CA ASP G 236 27.49 -30.59 31.52
C ASP G 236 26.13 -30.15 32.01
N TYR G 237 25.04 -30.74 31.53
CA TYR G 237 23.71 -30.27 31.89
C TYR G 237 22.87 -31.31 32.63
N GLY G 238 23.42 -32.48 32.93
CA GLY G 238 22.69 -33.47 33.69
C GLY G 238 23.60 -34.18 34.66
N GLY G 239 22.99 -34.97 35.53
CA GLY G 239 23.71 -35.66 36.59
C GLY G 239 23.65 -34.88 37.90
N SER G 240 24.73 -34.19 38.21
CA SER G 240 24.81 -33.46 39.46
C SER G 240 23.75 -32.36 39.52
N PHE G 241 23.45 -31.93 40.74
CA PHE G 241 22.54 -30.81 40.94
C PHE G 241 23.10 -29.56 40.29
N GLU G 242 24.44 -29.40 40.33
CA GLU G 242 25.10 -28.29 39.64
C GLU G 242 24.86 -28.35 38.14
N ASN G 243 24.99 -29.54 37.55
CA ASN G 243 24.75 -29.69 36.12
C ASN G 243 23.26 -29.57 35.80
N ARG G 244 22.40 -30.13 36.65
CA ARG G 244 20.98 -30.14 36.35
C ARG G 244 20.37 -28.73 36.44
N ILE G 245 20.96 -27.84 37.24
CA ILE G 245 20.45 -26.48 37.31
C ILE G 245 21.20 -25.51 36.40
N ARG G 246 22.19 -25.99 35.63
CA ARG G 246 23.04 -25.10 34.85
C ARG G 246 22.23 -24.28 33.85
N LEU G 247 21.42 -24.95 33.04
CA LEU G 247 20.72 -24.29 31.94
C LEU G 247 19.79 -23.19 32.42
N SER G 248 19.10 -23.42 33.54
CA SER G 248 18.21 -22.39 34.08
C SER G 248 18.99 -21.15 34.54
N LEU G 249 20.20 -21.35 35.06
CA LEU G 249 20.99 -20.20 35.51
C LEU G 249 21.50 -19.40 34.30
N GLU G 250 21.97 -20.09 33.25
CA GLU G 250 22.40 -19.38 32.06
C GLU G 250 21.25 -18.56 31.48
N ILE G 251 20.07 -19.19 31.33
CA ILE G 251 18.91 -18.51 30.76
C ILE G 251 18.51 -17.28 31.55
N SER G 252 18.68 -17.30 32.88
CA SER G 252 18.35 -16.12 33.67
C SER G 252 19.34 -14.99 33.41
N GLN G 253 20.63 -15.31 33.31
CA GLN G 253 21.64 -14.31 33.00
C GLN G 253 21.44 -13.73 31.61
N LEU G 254 21.30 -14.59 30.59
CA LEU G 254 21.01 -14.12 29.23
C LEU G 254 19.85 -13.12 29.22
N THR G 255 18.79 -13.42 29.97
CA THR G 255 17.63 -12.53 30.07
C THR G 255 17.99 -11.23 30.78
N ARG G 256 18.78 -11.32 31.87
CA ARG G 256 19.21 -10.11 32.57
C ARG G 256 20.02 -9.22 31.65
N ASP G 257 21.01 -9.81 30.96
CA ASP G 257 21.90 -9.07 30.07
C ASP G 257 21.17 -8.46 28.88
N THR G 258 20.08 -9.09 28.41
CA THR G 258 19.35 -8.58 27.25
C THR G 258 18.35 -7.48 27.62
N VAL G 259 17.66 -7.64 28.75
CA VAL G 259 16.65 -6.65 29.12
C VAL G 259 17.26 -5.46 29.83
N GLY G 260 18.50 -5.58 30.30
CA GLY G 260 19.15 -4.50 31.00
C GLY G 260 18.88 -4.55 32.48
N PRO G 261 19.26 -3.48 33.18
CA PRO G 261 19.23 -3.48 34.65
C PRO G 261 17.96 -2.92 35.27
N ASN G 262 17.05 -2.33 34.48
CA ASN G 262 15.84 -1.72 35.02
C ASN G 262 14.58 -2.56 34.85
N MET G 263 14.64 -3.71 34.13
CA MET G 263 13.43 -4.49 33.85
C MET G 263 13.33 -5.66 34.79
N PRO G 264 12.16 -5.84 35.43
CA PRO G 264 11.96 -7.01 36.28
C PRO G 264 12.02 -8.30 35.48
N VAL G 265 12.69 -9.28 36.06
CA VAL G 265 12.76 -10.62 35.49
C VAL G 265 12.27 -11.55 36.58
N PHE G 266 11.27 -12.36 36.25
CA PHE G 266 10.71 -13.36 37.17
C PHE G 266 11.14 -14.75 36.72
N LEU G 267 11.02 -15.70 37.64
CA LEU G 267 11.21 -17.09 37.29
C LEU G 267 10.12 -17.88 38.00
N ARG G 268 9.36 -18.65 37.24
CA ARG G 268 8.37 -19.55 37.81
C ARG G 268 8.97 -20.95 37.89
N VAL G 269 8.85 -21.60 39.05
CA VAL G 269 9.37 -22.95 39.26
C VAL G 269 8.27 -23.80 39.88
N SER G 270 8.33 -25.10 39.65
CA SER G 270 7.46 -26.07 40.30
C SER G 270 8.15 -26.51 41.59
N ALA G 271 7.59 -26.10 42.73
CA ALA G 271 8.27 -26.33 44.00
C ALA G 271 8.42 -27.81 44.32
N THR G 272 7.47 -28.64 43.88
CA THR G 272 7.55 -30.08 44.11
C THR G 272 6.99 -30.84 42.91
N ASP G 273 7.48 -32.06 42.71
CA ASP G 273 6.93 -32.95 41.69
C ASP G 273 5.83 -33.87 42.23
N TRP G 274 5.48 -33.75 43.51
CA TRP G 274 4.36 -34.46 44.13
C TRP G 274 4.51 -35.98 44.04
N LEU G 275 5.74 -36.46 44.18
CA LEU G 275 6.01 -37.88 44.23
C LEU G 275 6.35 -38.36 45.63
N GLU G 276 6.15 -37.51 46.66
CA GLU G 276 6.56 -37.87 48.02
C GLU G 276 5.88 -39.15 48.48
N LYS G 277 4.57 -39.24 48.28
CA LYS G 277 3.83 -40.44 48.65
C LYS G 277 3.66 -41.41 47.49
N SER G 278 3.39 -40.89 46.28
CA SER G 278 3.06 -41.79 45.18
C SER G 278 4.31 -42.50 44.67
N MET G 279 5.47 -41.86 44.78
CA MET G 279 6.73 -42.46 44.36
C MET G 279 7.83 -42.00 45.30
N PRO G 280 7.79 -42.44 46.57
CA PRO G 280 8.82 -42.01 47.52
C PRO G 280 10.20 -42.47 47.11
N GLU G 281 10.29 -43.43 46.19
CA GLU G 281 11.58 -43.95 45.72
C GLU G 281 12.19 -43.10 44.62
N GLU G 282 11.46 -42.12 44.10
CA GLU G 282 11.89 -41.45 42.88
C GLU G 282 12.83 -40.30 43.19
N LYS G 283 14.07 -40.40 42.70
CA LYS G 283 14.95 -39.24 42.66
C LYS G 283 14.36 -38.25 41.67
N GLY G 284 13.55 -37.32 42.17
CA GLY G 284 12.96 -36.30 41.35
C GLY G 284 13.35 -34.94 41.86
N TRP G 285 12.36 -34.12 42.17
CA TRP G 285 12.59 -32.73 42.55
C TRP G 285 11.61 -32.38 43.66
N LYS G 286 12.10 -32.18 44.88
CA LYS G 286 11.22 -31.89 46.00
C LYS G 286 11.53 -30.48 46.51
N LEU G 287 10.77 -30.04 47.52
CA LEU G 287 10.93 -28.67 48.01
C LEU G 287 12.34 -28.40 48.51
N GLU G 288 13.06 -29.44 48.93
CA GLU G 288 14.45 -29.24 49.33
C GLU G 288 15.29 -28.74 48.16
N ASP G 289 15.07 -29.30 46.97
CA ASP G 289 15.80 -28.88 45.77
C ASP G 289 15.49 -27.45 45.37
N THR G 290 14.22 -27.04 45.51
CA THR G 290 13.80 -25.68 45.22
C THR G 290 14.43 -24.67 46.17
N VAL G 291 14.73 -25.08 47.41
CA VAL G 291 15.36 -24.15 48.34
C VAL G 291 16.82 -23.95 47.95
N GLU G 292 17.54 -25.03 47.62
CA GLU G 292 18.89 -24.86 47.11
C GLU G 292 18.89 -24.12 45.77
N PHE G 293 17.89 -24.42 44.93
CA PHE G 293 17.78 -23.77 43.63
C PHE G 293 17.48 -22.28 43.76
N SER G 294 16.57 -21.91 44.67
CA SER G 294 16.32 -20.49 44.88
C SER G 294 17.54 -19.80 45.50
N ARG G 295 18.37 -20.52 46.24
CA ARG G 295 19.58 -19.93 46.79
C ARG G 295 20.58 -19.62 45.68
N ALA G 296 20.72 -20.55 44.73
CA ALA G 296 21.56 -20.32 43.56
C ALA G 296 21.04 -19.14 42.74
N LEU G 297 19.72 -18.99 42.65
CA LEU G 297 19.19 -17.84 41.92
C LEU G 297 19.36 -16.56 42.70
N ALA G 298 19.33 -16.63 44.04
CA ALA G 298 19.51 -15.44 44.85
C ALA G 298 20.95 -14.97 44.83
N ALA G 299 21.89 -15.93 44.87
CA ALA G 299 23.31 -15.63 44.76
C ALA G 299 23.67 -15.02 43.41
N GLN G 300 23.06 -15.53 42.33
CA GLN G 300 23.41 -15.07 41.00
C GLN G 300 23.02 -13.62 40.79
N GLY G 301 21.89 -13.19 41.36
CA GLY G 301 21.49 -11.80 41.35
C GLY G 301 20.84 -11.31 40.08
N ALA G 302 20.54 -12.20 39.13
CA ALA G 302 19.87 -11.85 37.87
C ALA G 302 18.36 -11.84 38.00
N ILE G 303 17.79 -12.82 38.72
CA ILE G 303 16.34 -12.92 38.87
C ILE G 303 15.87 -12.01 40.01
N ASP G 304 14.72 -11.37 39.83
CA ASP G 304 14.12 -10.53 40.86
C ASP G 304 13.06 -11.23 41.70
N LEU G 305 12.28 -12.15 41.11
CA LEU G 305 11.11 -12.75 41.75
C LEU G 305 11.02 -14.20 41.32
N ILE G 306 10.87 -15.12 42.27
CA ILE G 306 10.57 -16.52 41.97
C ILE G 306 9.09 -16.76 42.18
N ASP G 307 8.41 -17.16 41.10
CA ASP G 307 6.97 -17.45 41.14
C ASP G 307 6.82 -18.93 41.43
N ILE G 308 6.37 -19.26 42.63
CA ILE G 308 6.42 -20.63 43.09
C ILE G 308 5.12 -21.32 42.70
N SER G 309 5.25 -22.40 41.95
CA SER G 309 4.15 -23.28 41.60
C SER G 309 4.55 -24.68 41.99
N THR G 310 3.79 -25.69 41.57
CA THR G 310 4.10 -27.08 41.87
C THR G 310 3.64 -27.94 40.70
N GLY G 311 4.13 -29.20 40.68
CA GLY G 311 3.56 -30.23 39.81
C GLY G 311 3.82 -30.05 38.32
N GLY G 312 3.28 -30.99 37.56
CA GLY G 312 3.55 -31.10 36.14
C GLY G 312 4.83 -31.85 35.84
N VAL G 313 5.66 -32.10 36.84
CA VAL G 313 6.99 -32.61 36.59
C VAL G 313 6.97 -34.11 36.29
N HIS G 314 6.01 -34.84 36.87
CA HIS G 314 5.97 -36.31 36.74
C HIS G 314 4.54 -36.79 36.55
N ALA G 315 4.38 -37.83 35.74
CA ALA G 315 3.03 -38.36 35.48
C ALA G 315 2.45 -39.06 36.70
N ALA G 316 3.30 -39.68 37.53
CA ALA G 316 2.81 -40.40 38.71
C ALA G 316 2.59 -39.50 39.92
N GLN G 317 2.56 -38.19 39.71
CA GLN G 317 2.33 -37.23 40.79
C GLN G 317 0.95 -37.43 41.40
N LYS G 318 0.83 -37.05 42.68
CA LYS G 318 -0.45 -37.02 43.40
C LYS G 318 -0.57 -35.68 44.15
N VAL G 319 -1.38 -34.76 43.62
CA VAL G 319 -1.45 -33.37 44.07
C VAL G 319 -2.41 -33.22 45.26
N THR G 320 -1.89 -32.74 46.39
CA THR G 320 -2.70 -32.44 47.57
C THR G 320 -3.29 -31.04 47.44
N SER G 321 -4.48 -30.97 46.83
CA SER G 321 -5.12 -29.71 46.52
C SER G 321 -5.77 -29.09 47.75
N GLY G 322 -6.40 -27.95 47.56
CA GLY G 322 -7.06 -27.24 48.63
C GLY G 322 -6.84 -25.76 48.52
N VAL G 323 -7.44 -24.99 49.43
CA VAL G 323 -7.29 -23.54 49.41
C VAL G 323 -5.88 -23.20 49.88
N GLY G 324 -5.14 -22.47 49.06
CA GLY G 324 -3.76 -22.10 49.38
C GLY G 324 -2.78 -23.24 49.52
N PHE G 325 -2.87 -24.27 48.68
CA PHE G 325 -2.07 -25.49 48.82
C PHE G 325 -0.64 -25.38 48.32
N GLN G 326 -0.24 -24.24 47.75
CA GLN G 326 1.13 -24.05 47.28
C GLN G 326 1.88 -23.00 48.09
N VAL G 327 1.24 -22.44 49.11
CA VAL G 327 1.85 -21.44 49.99
C VAL G 327 3.01 -22.01 50.80
N PRO G 328 2.91 -23.24 51.38
CA PRO G 328 4.04 -23.78 52.17
C PRO G 328 5.38 -23.76 51.46
N PHE G 329 5.36 -24.01 50.17
CA PHE G 329 6.57 -23.98 49.38
C PHE G 329 7.07 -22.55 49.20
N ALA G 330 6.14 -21.61 48.99
CA ALA G 330 6.44 -20.20 48.85
C ALA G 330 6.97 -19.57 50.13
N LYS G 331 6.49 -20.00 51.30
CA LYS G 331 6.99 -19.44 52.55
C LYS G 331 8.41 -19.92 52.82
N ALA G 332 8.65 -21.22 52.64
CA ALA G 332 9.95 -21.80 52.93
C ALA G 332 11.02 -21.29 51.98
N VAL G 333 10.64 -21.02 50.73
CA VAL G 333 11.62 -20.56 49.76
C VAL G 333 12.01 -19.12 50.05
N LYS G 334 11.04 -18.28 50.40
CA LYS G 334 11.38 -16.93 50.82
C LYS G 334 12.30 -16.96 52.04
N GLU G 335 12.02 -17.85 52.99
CA GLU G 335 12.86 -17.96 54.17
C GLU G 335 14.30 -18.25 53.79
N ALA G 336 14.48 -19.06 52.74
CA ALA G 336 15.81 -19.38 52.25
C ALA G 336 16.46 -18.20 51.54
N VAL G 337 15.67 -17.23 51.06
CA VAL G 337 16.13 -16.13 50.21
C VAL G 337 15.75 -14.76 50.77
N GLY G 338 15.21 -14.71 51.99
CA GLY G 338 14.64 -13.54 52.62
C GLY G 338 14.36 -12.30 51.80
N GLN G 339 14.92 -11.14 52.20
CA GLN G 339 14.69 -9.87 51.51
C GLN G 339 15.60 -9.69 50.31
N LYS G 340 16.48 -10.66 50.07
CA LYS G 340 17.34 -10.62 48.88
C LYS G 340 16.51 -10.85 47.62
N MET G 341 15.49 -11.70 47.72
CA MET G 341 14.74 -12.16 46.57
C MET G 341 13.25 -12.01 46.83
N LEU G 342 12.51 -11.63 45.80
CA LEU G 342 11.07 -11.65 45.91
C LEU G 342 10.55 -13.05 45.67
N VAL G 343 9.36 -13.33 46.22
CA VAL G 343 8.66 -14.62 46.08
C VAL G 343 7.19 -14.31 45.89
N SER G 344 6.54 -15.07 44.99
CA SER G 344 5.09 -14.99 44.84
C SER G 344 4.48 -16.33 45.19
N ALA G 345 3.19 -16.29 45.59
CA ALA G 345 2.40 -17.50 45.87
C ALA G 345 1.20 -17.53 44.95
N VAL G 346 0.79 -18.74 44.57
CA VAL G 346 -0.36 -18.95 43.70
C VAL G 346 -0.96 -20.31 44.01
N GLY G 347 -2.28 -20.41 43.87
CA GLY G 347 -2.99 -21.67 44.01
C GLY G 347 -4.23 -21.56 44.87
N THR G 348 -5.39 -21.39 44.23
CA THR G 348 -6.68 -21.34 44.90
C THR G 348 -6.65 -20.29 46.01
N ILE G 349 -6.14 -19.11 45.67
CA ILE G 349 -6.14 -17.97 46.58
C ILE G 349 -7.24 -17.07 46.04
N ASN G 350 -8.46 -17.26 46.57
CA ASN G 350 -9.65 -16.73 45.92
C ASN G 350 -10.45 -15.78 46.82
N SER G 351 -9.89 -15.35 47.94
CA SER G 351 -10.48 -14.28 48.75
C SER G 351 -9.40 -13.25 49.04
N GLY G 352 -9.81 -11.98 49.16
CA GLY G 352 -8.85 -10.95 49.50
C GLY G 352 -8.25 -11.13 50.89
N ASN G 353 -9.05 -11.65 51.82
CA ASN G 353 -8.56 -11.82 53.18
C ASN G 353 -7.50 -12.90 53.26
N LEU G 354 -7.70 -14.05 52.60
CA LEU G 354 -6.65 -15.07 52.62
C LEU G 354 -5.38 -14.56 51.95
N ALA G 355 -5.53 -13.81 50.85
CA ALA G 355 -4.38 -13.22 50.19
C ALA G 355 -3.60 -12.34 51.16
N GLU G 356 -4.28 -11.39 51.81
CA GLU G 356 -3.65 -10.54 52.81
C GLU G 356 -3.04 -11.36 53.94
N LYS G 357 -3.75 -12.39 54.41
CA LYS G 357 -3.21 -13.27 55.43
C LYS G 357 -1.97 -13.98 54.89
N ILE G 358 -2.00 -14.38 53.63
CA ILE G 358 -0.84 -15.04 53.04
C ILE G 358 0.33 -14.07 52.95
N LEU G 359 0.04 -12.80 52.64
CA LEU G 359 1.12 -11.82 52.50
C LEU G 359 1.86 -11.64 53.82
N ASN G 360 1.12 -11.60 54.93
CA ASN G 360 1.69 -11.25 56.23
C ASN G 360 2.31 -12.42 56.98
N GLU G 361 1.58 -13.53 57.10
CA GLU G 361 2.07 -14.56 58.00
C GLU G 361 3.18 -15.40 57.37
N ASP G 362 3.23 -15.45 56.04
CA ASP G 362 4.32 -16.12 55.35
C ASP G 362 5.24 -15.14 54.65
N ASP G 363 4.88 -13.86 54.64
CA ASP G 363 5.77 -12.79 54.18
C ASP G 363 6.09 -12.94 52.70
N VAL G 364 5.11 -13.40 51.95
CA VAL G 364 5.21 -13.47 50.50
C VAL G 364 5.05 -12.04 49.96
N ASP G 365 5.62 -11.78 48.78
CA ASP G 365 5.63 -10.43 48.24
C ASP G 365 4.53 -10.17 47.23
N VAL G 366 4.15 -11.18 46.44
CA VAL G 366 3.17 -11.01 45.37
C VAL G 366 2.16 -12.15 45.43
N ILE G 367 0.88 -11.82 45.28
CA ILE G 367 -0.19 -12.80 45.24
C ILE G 367 -0.75 -12.84 43.83
N LEU G 368 -0.58 -13.99 43.17
CA LEU G 368 -1.10 -14.26 41.84
C LEU G 368 -2.43 -15.02 41.92
N VAL G 369 -3.31 -14.74 40.98
CA VAL G 369 -4.56 -15.50 40.85
C VAL G 369 -4.72 -15.91 39.39
N GLY G 370 -5.08 -17.18 39.17
CA GLY G 370 -5.33 -17.70 37.84
C GLY G 370 -6.81 -17.80 37.46
N ARG G 371 -7.37 -19.01 37.51
CA ARG G 371 -8.74 -19.29 37.08
C ARG G 371 -9.74 -18.21 37.45
N ALA G 372 -9.68 -17.74 38.70
CA ALA G 372 -10.66 -16.76 39.17
C ALA G 372 -10.67 -15.52 38.30
N PHE G 373 -9.56 -15.21 37.64
CA PHE G 373 -9.55 -14.06 36.75
C PHE G 373 -10.24 -14.37 35.43
N GLN G 374 -10.27 -15.64 35.02
CA GLN G 374 -11.08 -16.02 33.87
C GLN G 374 -12.56 -15.83 34.17
N ARG G 375 -12.96 -16.14 35.41
CA ARG G 375 -14.35 -15.96 35.82
C ARG G 375 -14.63 -14.49 36.09
N ASP G 376 -13.80 -13.86 36.91
CA ASP G 376 -14.00 -12.46 37.30
C ASP G 376 -12.82 -11.65 36.78
N SER G 377 -13.00 -10.94 35.67
CA SER G 377 -11.97 -10.04 35.20
C SER G 377 -11.79 -8.84 36.12
N GLY G 378 -12.82 -8.51 36.90
CA GLY G 378 -12.66 -7.46 37.89
C GLY G 378 -12.30 -8.03 39.26
N LEU G 379 -11.44 -9.05 39.30
CA LEU G 379 -11.11 -9.67 40.58
C LEU G 379 -10.34 -8.74 41.51
N ALA G 380 -9.52 -7.83 40.96
CA ALA G 380 -8.90 -6.81 41.80
C ALA G 380 -9.94 -5.97 42.50
N TRP G 381 -11.08 -5.78 41.85
CA TRP G 381 -12.22 -5.15 42.51
C TRP G 381 -12.78 -6.07 43.58
N ALA G 382 -12.83 -7.38 43.33
CA ALA G 382 -13.43 -8.28 44.32
C ALA G 382 -12.57 -8.36 45.57
N PHE G 383 -11.27 -8.57 45.40
CA PHE G 383 -10.39 -8.67 46.57
C PHE G 383 -10.29 -7.37 47.33
N ALA G 384 -10.39 -6.24 46.62
CA ALA G 384 -10.43 -4.95 47.30
C ALA G 384 -11.68 -4.84 48.16
N LYS G 385 -12.82 -5.35 47.66
CA LYS G 385 -14.06 -5.33 48.41
C LYS G 385 -13.99 -6.24 49.64
N ASP G 386 -13.48 -7.47 49.46
CA ASP G 386 -13.26 -8.38 50.56
C ASP G 386 -12.42 -7.76 51.67
N LEU G 387 -11.54 -6.81 51.32
CA LEU G 387 -10.67 -6.12 52.27
C LEU G 387 -11.13 -4.70 52.55
N ASP G 388 -12.28 -4.28 51.99
CA ASP G 388 -12.84 -2.95 52.20
C ASP G 388 -11.90 -1.83 51.78
N VAL G 389 -11.13 -2.05 50.70
CA VAL G 389 -10.20 -1.05 50.19
C VAL G 389 -10.87 -0.20 49.11
N GLU G 390 -10.91 1.10 49.36
CA GLU G 390 -11.40 2.09 48.39
C GLU G 390 -10.31 2.34 47.36
N ILE G 391 -10.57 1.96 46.11
CA ILE G 391 -9.55 2.00 45.07
C ILE G 391 -10.03 2.87 43.91
N ALA G 392 -9.08 3.21 43.06
CA ALA G 392 -9.37 3.91 41.82
C ALA G 392 -9.92 2.95 40.79
N MET G 393 -10.83 3.47 39.95
CA MET G 393 -11.42 2.70 38.85
C MET G 393 -11.57 3.58 37.63
N ALA G 394 -11.56 2.93 36.46
CA ALA G 394 -11.74 3.63 35.19
C ALA G 394 -12.98 4.52 35.20
N GLY G 395 -12.82 5.77 34.75
CA GLY G 395 -13.93 6.72 34.77
C GLY G 395 -15.13 6.28 33.96
N GLN G 396 -14.91 5.46 32.93
CA GLN G 396 -15.99 4.93 32.10
C GLN G 396 -16.78 3.86 32.84
N ILE G 397 -16.09 3.07 33.67
CA ILE G 397 -16.77 2.07 34.49
C ILE G 397 -17.37 2.71 35.75
N ARG G 398 -16.63 3.62 36.39
CA ARG G 398 -16.88 3.89 37.80
C ARG G 398 -18.13 4.70 38.05
N TRP G 399 -18.54 5.52 37.09
CA TRP G 399 -19.47 6.60 37.42
C TRP G 399 -20.88 6.12 37.73
N GLY G 400 -21.23 4.90 37.35
CA GLY G 400 -22.54 4.37 37.66
C GLY G 400 -22.57 3.55 38.92
N PHE G 401 -21.40 3.39 39.56
CA PHE G 401 -21.23 2.71 40.82
C PHE G 401 -20.91 3.68 41.94
N THR G 402 -21.26 4.95 41.75
CA THR G 402 -21.02 6.04 42.69
C THR G 402 -22.09 7.11 42.42
N SER G 403 -22.02 8.21 43.15
CA SER G 403 -23.00 9.27 42.97
C SER G 403 -22.68 10.05 41.70
N SER G 408 -14.84 12.32 42.60
CA SER G 408 -13.73 11.51 43.08
C SER G 408 -13.46 10.38 42.09
N GLU G 409 -12.20 9.96 41.98
CA GLU G 409 -11.80 8.89 41.08
C GLU G 409 -11.91 7.52 41.71
N TYR G 410 -12.20 7.45 42.99
CA TYR G 410 -12.08 6.20 43.73
C TYR G 410 -13.45 5.66 44.06
N ILE G 411 -13.50 4.36 44.25
CA ILE G 411 -14.74 3.64 44.53
C ILE G 411 -14.64 3.03 45.91
N GLN G 412 -15.54 3.48 46.84
CA GLN G 412 -15.73 2.87 48.16
C GLN G 412 -16.65 1.65 48.09
N PRO G 413 -16.11 0.43 48.09
CA PRO G 413 -16.94 -0.75 47.84
C PRO G 413 -17.83 -1.17 49.02
N ASN G 414 -18.67 -0.26 49.54
CA ASN G 414 -19.46 -0.60 50.72
C ASN G 414 -20.94 -0.26 50.55
N TRP H 3 -1.28 -42.48 16.98
CA TRP H 3 -2.01 -41.52 17.79
C TRP H 3 -3.32 -41.12 17.12
N PRO H 4 -4.37 -40.92 17.91
CA PRO H 4 -5.63 -40.40 17.36
C PRO H 4 -5.52 -38.95 16.96
N ASP H 5 -6.31 -38.57 15.95
CA ASP H 5 -6.31 -37.22 15.40
C ASP H 5 -7.35 -36.36 16.09
N VAL H 6 -6.92 -35.25 16.66
CA VAL H 6 -7.84 -34.36 17.37
C VAL H 6 -7.71 -32.94 16.85
N PRO H 7 -8.54 -32.51 15.91
CA PRO H 7 -8.45 -31.14 15.41
C PRO H 7 -9.20 -30.16 16.28
N ILE H 8 -8.78 -28.90 16.17
CA ILE H 8 -9.39 -27.77 16.86
C ILE H 8 -10.29 -27.10 15.83
N ALA H 9 -11.59 -27.38 15.90
CA ALA H 9 -12.49 -26.74 14.96
C ALA H 9 -12.42 -25.24 15.16
N ALA H 10 -12.33 -24.50 14.07
CA ALA H 10 -12.13 -23.06 14.10
C ALA H 10 -13.43 -22.38 13.77
N ALA H 11 -13.56 -21.13 14.19
CA ALA H 11 -14.73 -20.35 13.83
C ALA H 11 -14.71 -20.07 12.34
N PRO H 12 -15.87 -20.11 11.67
CA PRO H 12 -15.89 -20.04 10.21
C PRO H 12 -15.86 -18.63 9.66
N GLY H 13 -15.32 -18.52 8.44
CA GLY H 13 -15.49 -17.31 7.65
C GLY H 13 -14.68 -16.10 8.04
N ILE H 14 -13.56 -16.28 8.75
CA ILE H 14 -12.75 -15.14 9.16
C ILE H 14 -11.28 -15.43 8.86
N SER H 15 -10.49 -14.35 8.79
CA SER H 15 -9.09 -14.45 8.40
C SER H 15 -8.16 -14.88 9.53
N TYR H 16 -8.64 -14.95 10.77
CA TYR H 16 -7.81 -15.42 11.88
C TYR H 16 -8.42 -16.66 12.52
N PHE H 17 -7.53 -17.53 13.01
CA PHE H 17 -7.95 -18.66 13.83
C PHE H 17 -8.46 -18.19 15.18
N THR H 18 -9.62 -18.70 15.59
CA THR H 18 -10.05 -18.69 16.98
C THR H 18 -10.92 -19.93 17.09
N PRO H 19 -10.81 -20.68 18.19
CA PRO H 19 -11.61 -21.91 18.37
C PRO H 19 -13.12 -21.68 18.33
N ALA H 20 -13.83 -22.63 17.70
CA ALA H 20 -15.28 -22.63 17.66
C ALA H 20 -15.85 -23.25 18.93
N GLN H 21 -16.93 -22.68 19.43
CA GLN H 21 -17.61 -23.12 20.66
C GLN H 21 -18.93 -23.79 20.27
N SER H 22 -18.99 -25.11 20.43
CA SER H 22 -20.21 -25.87 20.19
C SER H 22 -20.72 -26.48 21.49
N PRO H 23 -21.87 -26.03 22.03
CA PRO H 23 -22.74 -24.95 21.55
C PRO H 23 -22.23 -23.61 22.06
N PRO H 24 -22.70 -22.46 21.53
CA PRO H 24 -22.19 -21.17 22.00
C PRO H 24 -22.29 -21.05 23.52
N ALA H 25 -21.35 -20.31 24.10
CA ALA H 25 -21.37 -20.06 25.53
C ALA H 25 -22.69 -19.45 25.93
N GLY H 26 -23.17 -19.83 27.12
CA GLY H 26 -24.44 -19.32 27.61
C GLY H 26 -25.64 -20.11 27.18
N THR H 27 -25.46 -21.25 26.54
CA THR H 27 -26.55 -22.12 26.12
C THR H 27 -26.78 -23.13 27.23
N ALA H 28 -28.01 -23.14 27.77
CA ALA H 28 -28.38 -24.15 28.75
C ALA H 28 -28.42 -25.52 28.10
N ARG H 29 -27.73 -26.49 28.71
CA ARG H 29 -27.86 -27.86 28.27
C ARG H 29 -29.32 -28.29 28.39
N ASN H 30 -29.81 -28.98 27.36
CA ASN H 30 -31.19 -29.49 27.32
C ASN H 30 -31.17 -30.94 26.86
N PRO H 31 -31.47 -31.90 27.77
CA PRO H 31 -31.91 -31.69 29.16
C PRO H 31 -30.76 -31.54 30.15
N GLN H 32 -31.01 -30.80 31.22
CA GLN H 32 -30.02 -30.64 32.28
C GLN H 32 -29.65 -31.99 32.90
N THR H 33 -28.36 -32.14 33.24
CA THR H 33 -27.94 -33.34 33.96
C THR H 33 -28.67 -33.45 35.29
N SER H 34 -29.00 -32.31 35.91
CA SER H 34 -29.81 -32.30 37.11
C SER H 34 -31.23 -32.79 36.84
N GLY H 35 -31.61 -32.93 35.57
CA GLY H 35 -32.97 -33.27 35.22
C GLY H 35 -33.98 -32.16 35.37
N LYS H 36 -33.59 -31.02 35.94
CA LYS H 36 -34.55 -29.95 36.22
C LYS H 36 -34.99 -29.27 34.94
N ALA H 37 -36.11 -28.58 35.05
CA ALA H 37 -36.58 -27.82 33.92
C ALA H 37 -35.68 -26.61 33.72
N ILE H 38 -35.70 -26.08 32.50
CA ILE H 38 -34.88 -24.90 32.22
C ILE H 38 -35.71 -23.67 32.57
N PRO H 39 -35.17 -22.75 33.37
CA PRO H 39 -35.91 -21.54 33.69
C PRO H 39 -36.10 -20.68 32.45
N LYS H 40 -37.12 -19.81 32.52
CA LYS H 40 -37.47 -18.96 31.38
C LYS H 40 -36.29 -18.10 30.93
N LEU H 41 -35.37 -17.79 31.84
CA LEU H 41 -34.23 -16.95 31.50
C LEU H 41 -33.26 -17.66 30.55
N PHE H 42 -33.13 -18.99 30.65
CA PHE H 42 -32.14 -19.73 29.87
C PHE H 42 -32.76 -20.66 28.84
N GLN H 43 -33.96 -20.38 28.42
CA GLN H 43 -34.67 -20.92 27.27
C GLN H 43 -34.56 -19.94 26.12
N PRO H 44 -34.13 -20.39 24.94
CA PRO H 44 -33.89 -19.47 23.80
C PRO H 44 -35.11 -18.65 23.39
N LEU H 45 -34.85 -17.61 22.58
CA LEU H 45 -35.87 -16.71 22.04
C LEU H 45 -35.61 -16.45 20.55
N THR H 46 -36.66 -16.48 19.73
CA THR H 46 -36.53 -16.22 18.30
C THR H 46 -37.30 -14.97 17.91
N ILE H 47 -36.61 -14.01 17.30
CA ILE H 47 -37.22 -12.84 16.68
C ILE H 47 -36.84 -12.84 15.21
N ARG H 48 -37.86 -12.95 14.35
CA ARG H 48 -37.72 -13.05 12.91
C ARG H 48 -36.61 -14.01 12.52
N GLY H 49 -35.57 -13.55 11.83
CA GLY H 49 -34.60 -14.52 11.33
C GLY H 49 -33.57 -15.03 12.33
N HIS H 50 -33.63 -14.59 13.59
CA HIS H 50 -32.57 -14.83 14.56
C HIS H 50 -33.13 -15.47 15.82
N THR H 51 -32.29 -16.31 16.42
CA THR H 51 -32.56 -17.01 17.66
C THR H 51 -31.48 -16.65 18.68
N PHE H 52 -31.89 -16.19 19.85
CA PHE H 52 -30.95 -15.87 20.93
C PHE H 52 -30.91 -17.02 21.90
N GLN H 53 -29.70 -17.43 22.28
CA GLN H 53 -29.59 -18.64 23.08
C GLN H 53 -30.10 -18.46 24.50
N ASN H 54 -30.32 -17.23 24.94
CA ASN H 54 -30.98 -16.96 26.21
C ASN H 54 -31.46 -15.51 26.22
N ARG H 55 -32.12 -15.14 27.32
CA ARG H 55 -32.89 -13.92 27.43
C ARG H 55 -32.26 -12.91 28.39
N LEU H 56 -31.00 -13.10 28.77
CA LEU H 56 -30.24 -12.08 29.49
C LEU H 56 -29.45 -11.28 28.46
N GLY H 57 -29.77 -10.00 28.34
CA GLY H 57 -29.10 -9.13 27.39
C GLY H 57 -28.27 -8.07 28.07
N VAL H 58 -27.21 -7.63 27.38
CA VAL H 58 -26.41 -6.49 27.85
C VAL H 58 -27.11 -5.22 27.39
N ALA H 59 -27.56 -4.41 28.35
CA ALA H 59 -28.16 -3.14 27.97
C ALA H 59 -27.11 -2.22 27.36
N PRO H 60 -27.51 -1.30 26.50
CA PRO H 60 -26.51 -0.39 25.90
C PRO H 60 -25.84 0.46 26.97
N MET H 61 -24.51 0.51 26.92
CA MET H 61 -23.72 1.27 27.89
C MET H 61 -22.61 2.01 27.17
N CYS H 62 -22.81 3.33 27.03
CA CYS H 62 -21.82 4.25 26.48
C CYS H 62 -20.50 4.19 27.22
N GLN H 63 -19.41 4.07 26.46
CA GLN H 63 -18.06 3.97 26.97
C GLN H 63 -17.27 5.27 26.90
N TYR H 64 -17.79 6.26 26.18
CA TYR H 64 -17.18 7.58 26.09
C TYR H 64 -15.70 7.49 25.70
N SER H 65 -15.35 6.42 24.98
CA SER H 65 -13.97 6.13 24.58
C SER H 65 -13.81 6.03 23.07
N ALA H 66 -14.72 6.63 22.29
CA ALA H 66 -14.58 6.58 20.84
C ALA H 66 -13.80 7.77 20.31
N ASP H 67 -13.11 7.55 19.21
CA ASP H 67 -12.22 8.53 18.60
C ASP H 67 -12.85 8.99 17.28
N ASP H 68 -13.51 10.14 17.31
CA ASP H 68 -14.22 10.63 16.14
C ASP H 68 -15.16 9.54 15.62
N GLY H 69 -15.90 8.91 16.56
CA GLY H 69 -16.88 7.88 16.29
C GLY H 69 -16.35 6.49 16.11
N HIS H 70 -15.03 6.29 16.09
CA HIS H 70 -14.43 4.99 15.79
C HIS H 70 -14.19 4.19 17.06
N LEU H 71 -14.53 2.91 16.99
CA LEU H 71 -14.18 2.00 18.06
C LEU H 71 -12.66 1.83 18.10
N THR H 72 -12.16 1.57 19.29
CA THR H 72 -10.74 1.48 19.58
C THR H 72 -10.54 0.15 20.26
N PRO H 73 -9.34 -0.20 20.73
CA PRO H 73 -9.24 -1.45 21.53
C PRO H 73 -10.02 -1.42 22.84
N TRP H 74 -10.44 -0.26 23.31
CA TRP H 74 -11.33 -0.26 24.47
C TRP H 74 -12.60 -1.05 24.17
N HIS H 75 -13.20 -0.79 23.01
CA HIS H 75 -14.45 -1.43 22.68
C HIS H 75 -14.28 -2.90 22.41
N MET H 76 -13.09 -3.30 21.94
CA MET H 76 -12.77 -4.72 21.80
C MET H 76 -12.57 -5.39 23.17
N ALA H 77 -11.90 -4.68 24.09
CA ALA H 77 -11.73 -5.23 25.44
C ALA H 77 -13.06 -5.24 26.18
N HIS H 78 -13.87 -4.17 26.02
CA HIS H 78 -15.19 -4.08 26.63
C HIS H 78 -16.21 -5.04 26.01
N TYR H 79 -16.64 -4.79 24.77
CA TYR H 79 -17.67 -5.64 24.16
C TYR H 79 -17.19 -7.07 24.01
N GLY H 80 -15.90 -7.25 23.71
CA GLY H 80 -15.36 -8.59 23.49
C GLY H 80 -15.18 -9.41 24.74
N GLY H 81 -14.95 -8.76 25.89
CA GLY H 81 -14.83 -9.51 27.15
C GLY H 81 -16.16 -10.06 27.63
N ILE H 82 -17.25 -9.33 27.37
CA ILE H 82 -18.60 -9.84 27.60
C ILE H 82 -18.91 -11.00 26.65
N ALA H 83 -18.57 -10.84 25.36
CA ALA H 83 -18.87 -11.83 24.32
C ALA H 83 -18.29 -13.20 24.64
N GLN H 84 -17.19 -13.26 25.40
CA GLN H 84 -16.61 -14.55 25.72
C GLN H 84 -17.42 -15.32 26.75
N ARG H 85 -18.41 -14.67 27.39
CA ARG H 85 -19.06 -15.23 28.57
C ARG H 85 -20.57 -15.35 28.39
N GLY H 86 -21.05 -15.34 27.15
CA GLY H 86 -22.33 -15.88 26.78
C GLY H 86 -23.60 -15.21 27.27
N PRO H 87 -23.72 -13.89 27.21
CA PRO H 87 -25.04 -13.30 27.39
C PRO H 87 -25.89 -13.66 26.17
N GLY H 88 -27.20 -13.52 26.32
CA GLY H 88 -28.09 -13.88 25.23
C GLY H 88 -28.00 -12.92 24.07
N MET H 89 -27.73 -11.65 24.36
CA MET H 89 -27.53 -10.63 23.35
C MET H 89 -26.70 -9.52 23.96
N ILE H 90 -26.11 -8.69 23.10
CA ILE H 90 -25.34 -7.50 23.49
C ILE H 90 -25.91 -6.32 22.74
N ILE H 91 -26.30 -5.29 23.44
CA ILE H 91 -26.73 -4.06 22.79
C ILE H 91 -25.58 -3.06 22.86
N ILE H 92 -24.95 -2.80 21.71
CA ILE H 92 -23.88 -1.80 21.62
C ILE H 92 -24.42 -0.42 22.02
N GLU H 93 -23.57 0.36 22.70
CA GLU H 93 -23.91 1.68 23.22
C GLU H 93 -24.52 2.63 22.20
N ALA H 94 -25.16 3.69 22.67
CA ALA H 94 -25.77 4.69 21.80
C ALA H 94 -24.78 5.24 20.78
N THR H 95 -25.15 5.10 19.49
CA THR H 95 -24.32 5.44 18.34
C THR H 95 -24.97 6.60 17.59
N GLY H 96 -24.28 7.74 17.55
CA GLY H 96 -24.85 8.91 16.90
C GLY H 96 -24.91 8.71 15.40
N VAL H 97 -26.04 9.07 14.80
CA VAL H 97 -26.22 8.94 13.36
C VAL H 97 -25.68 10.15 12.60
N VAL H 98 -25.52 11.28 13.27
CA VAL H 98 -24.83 12.45 12.72
C VAL H 98 -23.81 12.92 13.75
N PRO H 99 -22.78 13.67 13.32
CA PRO H 99 -21.78 14.17 14.29
C PRO H 99 -22.40 14.89 15.47
N GLU H 100 -23.24 15.90 15.20
CA GLU H 100 -23.90 16.62 16.28
C GLU H 100 -24.98 15.76 17.01
N GLY H 101 -25.10 14.47 16.67
CA GLY H 101 -26.03 13.55 17.31
C GLY H 101 -25.43 12.60 18.31
N ARG H 102 -24.11 12.64 18.49
CA ARG H 102 -23.47 12.08 19.66
C ARG H 102 -23.89 12.87 20.92
N ILE H 103 -23.73 12.24 22.09
CA ILE H 103 -23.85 12.99 23.33
C ILE H 103 -22.58 13.77 23.58
N THR H 104 -21.44 13.10 23.47
CA THR H 104 -20.13 13.59 23.83
C THR H 104 -19.14 13.42 22.68
N PRO H 105 -18.01 14.12 22.73
CA PRO H 105 -16.93 13.86 21.76
C PRO H 105 -16.41 12.42 21.78
N GLY H 106 -16.75 11.61 22.78
CA GLY H 106 -16.29 10.23 22.84
C GLY H 106 -17.34 9.20 22.44
N CYS H 107 -18.50 9.63 21.94
CA CYS H 107 -19.56 8.70 21.58
C CYS H 107 -19.28 8.01 20.25
N VAL H 108 -19.69 6.74 20.15
CA VAL H 108 -19.57 6.05 18.88
C VAL H 108 -20.46 6.73 17.83
N GLY H 109 -20.11 6.54 16.55
CA GLY H 109 -20.92 7.10 15.47
C GLY H 109 -20.90 6.23 14.23
N LEU H 110 -21.90 6.45 13.37
CA LEU H 110 -21.95 5.83 12.04
C LEU H 110 -22.49 6.85 11.04
N TRP H 111 -21.97 8.06 11.09
CA TRP H 111 -22.28 9.08 10.10
C TRP H 111 -21.29 9.06 8.95
N LYS H 112 -20.42 8.05 8.94
CA LYS H 112 -19.24 7.99 8.08
C LYS H 112 -18.90 6.53 7.88
N ASP H 113 -18.54 6.16 6.64
CA ASP H 113 -18.21 4.78 6.32
C ASP H 113 -16.86 4.34 6.89
N SER H 114 -15.98 5.29 7.22
CA SER H 114 -14.75 4.88 7.90
C SER H 114 -15.06 4.29 9.26
N GLN H 115 -16.23 4.62 9.82
CA GLN H 115 -16.64 4.11 11.12
C GLN H 115 -17.18 2.69 11.06
N ILE H 116 -17.39 2.13 9.87
CA ILE H 116 -17.98 0.79 9.77
C ILE H 116 -16.96 -0.25 10.18
N ALA H 117 -15.78 -0.19 9.58
CA ALA H 117 -14.78 -1.23 9.79
C ALA H 117 -14.31 -1.34 11.24
N PRO H 118 -14.15 -0.26 12.01
CA PRO H 118 -13.84 -0.44 13.44
C PRO H 118 -14.95 -1.18 14.18
N LEU H 119 -16.21 -0.79 13.94
CA LEU H 119 -17.37 -1.50 14.50
C LEU H 119 -17.41 -2.94 14.02
N LYS H 120 -17.06 -3.16 12.74
CA LYS H 120 -17.10 -4.51 12.15
C LYS H 120 -16.18 -5.50 12.87
N GLN H 121 -15.04 -5.03 13.37
CA GLN H 121 -14.13 -5.96 14.04
C GLN H 121 -14.73 -6.51 15.33
N VAL H 122 -15.53 -5.70 16.03
CA VAL H 122 -16.18 -6.20 17.24
C VAL H 122 -17.29 -7.19 16.87
N VAL H 123 -18.19 -6.80 15.96
CA VAL H 123 -19.23 -7.73 15.49
C VAL H 123 -18.61 -9.05 15.05
N GLU H 124 -17.53 -9.01 14.29
CA GLU H 124 -16.96 -10.26 13.78
C GLU H 124 -16.41 -11.10 14.92
N PHE H 125 -15.90 -10.47 15.97
CA PHE H 125 -15.39 -11.27 17.07
C PHE H 125 -16.52 -11.88 17.88
N ALA H 126 -17.56 -11.09 18.16
CA ALA H 126 -18.77 -11.61 18.77
C ALA H 126 -19.28 -12.82 18.00
N HIS H 127 -19.40 -12.69 16.67
CA HIS H 127 -19.87 -13.81 15.85
C HIS H 127 -18.90 -14.97 15.90
N SER H 128 -17.61 -14.74 16.12
CA SER H 128 -16.63 -15.84 16.31
C SER H 128 -17.01 -16.69 17.53
N GLN H 129 -17.75 -16.11 18.47
CA GLN H 129 -18.13 -16.79 19.71
C GLN H 129 -19.57 -17.25 19.73
N GLY H 130 -20.31 -17.07 18.63
CA GLY H 130 -21.72 -17.41 18.58
C GLY H 130 -22.61 -16.42 19.27
N GLN H 131 -22.14 -15.18 19.48
CA GLN H 131 -22.88 -14.14 20.20
C GLN H 131 -23.77 -13.35 19.26
N LYS H 132 -24.89 -12.86 19.77
CA LYS H 132 -25.76 -11.98 19.01
C LYS H 132 -25.51 -10.55 19.46
N ILE H 133 -25.21 -9.69 18.52
CA ILE H 133 -24.78 -8.34 18.86
C ILE H 133 -25.43 -7.38 17.88
N GLY H 134 -25.99 -6.32 18.41
CA GLY H 134 -26.63 -5.31 17.61
C GLY H 134 -26.25 -3.96 18.15
N ILE H 135 -26.94 -2.92 17.72
CA ILE H 135 -26.50 -1.57 18.00
C ILE H 135 -27.72 -0.74 18.26
N GLN H 136 -27.59 0.23 19.15
CA GLN H 136 -28.62 1.21 19.43
C GLN H 136 -28.27 2.48 18.65
N LEU H 137 -29.04 2.78 17.62
CA LEU H 137 -28.84 4.04 16.91
C LEU H 137 -29.50 5.17 17.66
N ALA H 138 -28.86 6.35 17.64
CA ALA H 138 -29.29 7.40 18.55
C ALA H 138 -28.98 8.76 17.95
N HIS H 139 -29.62 9.77 18.51
CA HIS H 139 -29.30 11.15 18.22
C HIS H 139 -29.62 11.93 19.49
N ALA H 140 -28.58 12.45 20.16
CA ALA H 140 -28.73 13.02 21.51
C ALA H 140 -29.56 14.30 21.55
N GLY H 141 -29.87 14.91 20.43
CA GLY H 141 -30.80 16.03 20.48
C GLY H 141 -30.27 17.23 21.27
N ARG H 142 -31.12 17.78 22.13
CA ARG H 142 -30.81 18.95 22.95
C ARG H 142 -29.91 18.65 24.15
N LYS H 143 -29.57 17.38 24.37
CA LYS H 143 -28.65 17.01 25.43
C LYS H 143 -27.28 16.69 24.88
N ALA H 144 -26.98 17.12 23.66
CA ALA H 144 -25.73 16.84 22.99
C ALA H 144 -24.65 17.85 23.35
N SER H 145 -23.40 17.48 23.06
CA SER H 145 -22.23 18.33 23.24
C SER H 145 -22.03 18.61 24.73
N THR H 146 -21.82 17.52 25.46
CA THR H 146 -21.48 17.53 26.87
C THR H 146 -20.28 16.63 27.06
N VAL H 147 -19.75 16.61 28.28
CA VAL H 147 -18.57 15.80 28.57
C VAL H 147 -19.00 14.48 29.21
N PRO H 148 -18.13 13.48 29.31
CA PRO H 148 -18.50 12.19 29.91
C PRO H 148 -19.10 12.36 31.30
N PRO H 149 -19.83 11.36 31.78
CA PRO H 149 -20.49 11.54 33.08
C PRO H 149 -19.54 11.58 34.27
N TRP H 150 -18.41 10.86 34.25
CA TRP H 150 -17.48 11.00 35.37
C TRP H 150 -16.83 12.38 35.42
N LEU H 151 -17.10 13.25 34.45
CA LEU H 151 -16.73 14.65 34.53
C LEU H 151 -17.95 15.54 34.71
N GLY H 152 -19.06 14.96 35.17
CA GLY H 152 -20.24 15.72 35.54
C GLY H 152 -21.31 15.83 34.46
N GLY H 153 -21.05 15.36 33.24
CA GLY H 153 -22.00 15.54 32.15
C GLY H 153 -22.24 16.98 31.78
N VAL H 154 -21.33 17.89 32.16
CA VAL H 154 -21.49 19.33 31.94
C VAL H 154 -21.24 19.60 30.46
N THR H 155 -21.55 20.81 30.02
CA THR H 155 -21.35 21.20 28.62
C THR H 155 -19.92 20.95 28.16
N ALA H 156 -19.78 20.43 26.93
CA ALA H 156 -18.51 20.45 26.21
C ALA H 156 -18.52 21.66 25.29
N THR H 157 -17.72 22.69 25.63
CA THR H 157 -17.61 23.81 24.71
C THR H 157 -16.72 23.40 23.53
N ASN H 158 -16.68 24.25 22.50
CA ASN H 158 -15.94 23.93 21.28
C ASN H 158 -14.44 23.80 21.53
N ALA H 159 -13.91 24.53 22.52
CA ALA H 159 -12.49 24.43 22.82
C ALA H 159 -12.11 23.02 23.24
N VAL H 160 -13.06 22.23 23.72
CA VAL H 160 -12.75 20.90 24.20
C VAL H 160 -13.41 19.82 23.33
N GLY H 161 -13.85 20.18 22.13
CA GLY H 161 -14.40 19.21 21.21
C GLY H 161 -15.90 19.29 21.06
N GLY H 162 -16.56 20.26 21.67
CA GLY H 162 -18.00 20.33 21.63
C GLY H 162 -18.50 20.89 20.31
N TRP H 163 -19.78 21.19 20.29
CA TRP H 163 -20.44 21.76 19.12
C TRP H 163 -21.65 22.57 19.60
N THR H 164 -21.39 23.46 20.55
CA THR H 164 -22.42 24.13 21.34
C THR H 164 -23.36 24.99 20.49
N GLU H 165 -23.04 25.23 19.22
CA GLU H 165 -23.88 26.01 18.32
C GLU H 165 -24.63 25.11 17.35
N ASN H 166 -24.36 23.82 17.38
CA ASN H 166 -24.95 22.81 16.50
C ASN H 166 -25.77 21.83 17.32
N VAL H 167 -26.45 22.36 18.33
CA VAL H 167 -27.32 21.59 19.21
C VAL H 167 -28.73 21.70 18.67
N LYS H 168 -29.33 20.55 18.34
CA LYS H 168 -30.62 20.54 17.65
C LYS H 168 -31.63 19.74 18.46
N GLY H 169 -32.81 20.30 18.64
CA GLY H 169 -33.90 19.61 19.28
C GLY H 169 -35.23 20.03 18.68
N PRO H 170 -36.33 19.45 19.18
CA PRO H 170 -37.65 19.88 18.72
C PRO H 170 -37.93 21.35 18.98
N SER H 171 -37.48 21.90 20.10
CA SER H 171 -37.80 23.28 20.42
C SER H 171 -36.63 23.96 21.14
N ALA H 172 -36.66 25.29 21.15
CA ALA H 172 -35.60 26.10 21.72
C ALA H 172 -35.78 26.19 23.24
N ILE H 173 -35.61 25.03 23.88
CA ILE H 173 -35.81 24.89 25.33
C ILE H 173 -34.63 24.10 25.87
N PRO H 174 -33.76 24.71 26.66
CA PRO H 174 -32.60 23.96 27.16
C PRO H 174 -33.05 22.88 28.12
N PHE H 175 -32.27 21.81 28.22
CA PHE H 175 -32.67 20.71 29.10
C PHE H 175 -32.87 21.21 30.51
N ALA H 176 -31.97 22.08 30.97
CA ALA H 176 -32.09 22.77 32.23
C ALA H 176 -31.60 24.20 32.02
N GLU H 177 -31.82 25.05 33.02
CA GLU H 177 -31.31 26.41 32.94
C GLU H 177 -29.78 26.38 32.92
N GLY H 178 -29.19 27.19 32.03
CA GLY H 178 -27.75 27.18 31.85
C GLY H 178 -27.22 26.23 30.80
N GLU H 179 -28.05 25.33 30.30
CA GLU H 179 -27.60 24.37 29.28
C GLU H 179 -27.48 25.06 27.93
N ILE H 180 -26.96 24.33 26.95
CA ILE H 180 -27.00 24.83 25.59
C ILE H 180 -28.45 24.90 25.15
N VAL H 181 -28.87 26.07 24.66
CA VAL H 181 -30.19 26.21 24.06
C VAL H 181 -30.16 25.61 22.65
N PRO H 182 -30.82 24.48 22.43
CA PRO H 182 -30.78 23.82 21.11
C PRO H 182 -31.53 24.64 20.07
N LYS H 183 -31.20 24.39 18.81
CA LYS H 183 -31.96 24.99 17.73
C LYS H 183 -33.26 24.20 17.51
N ALA H 184 -34.36 24.93 17.35
CA ALA H 184 -35.62 24.29 17.00
C ALA H 184 -35.53 23.80 15.55
N MET H 185 -35.56 22.48 15.37
CA MET H 185 -35.34 21.88 14.05
C MET H 185 -36.32 22.39 13.00
N THR H 186 -35.79 22.66 11.81
CA THR H 186 -36.60 22.92 10.63
C THR H 186 -37.05 21.60 10.02
N LYS H 187 -38.01 21.67 9.09
CA LYS H 187 -38.40 20.47 8.35
C LYS H 187 -37.20 19.89 7.61
N GLU H 188 -36.32 20.75 7.09
CA GLU H 188 -35.11 20.28 6.43
C GLU H 188 -34.17 19.60 7.41
N ASP H 189 -34.13 20.06 8.67
CA ASP H 189 -33.36 19.36 9.70
C ASP H 189 -33.91 17.96 9.92
N ILE H 190 -35.25 17.85 9.98
CA ILE H 190 -35.90 16.58 10.25
C ILE H 190 -35.67 15.59 9.12
N GLU H 191 -35.78 16.03 7.87
CA GLU H 191 -35.48 15.13 6.75
C GLU H 191 -34.01 14.73 6.75
N GLU H 192 -33.13 15.66 7.10
CA GLU H 192 -31.70 15.36 7.22
C GLU H 192 -31.44 14.29 8.28
N VAL H 193 -32.19 14.35 9.39
CA VAL H 193 -32.06 13.28 10.38
C VAL H 193 -32.60 11.98 9.82
N LYS H 194 -33.77 12.03 9.16
CA LYS H 194 -34.31 10.85 8.51
C LYS H 194 -33.31 10.31 7.49
N THR H 195 -32.75 11.21 6.68
CA THR H 195 -31.70 10.84 5.74
C THR H 195 -30.51 10.22 6.46
N ALA H 196 -30.06 10.85 7.54
CA ALA H 196 -28.91 10.32 8.27
C ALA H 196 -29.22 9.00 8.96
N TRP H 197 -30.44 8.85 9.49
CA TRP H 197 -30.78 7.60 10.18
C TRP H 197 -30.76 6.43 9.21
N VAL H 198 -31.36 6.60 8.03
CA VAL H 198 -31.35 5.52 7.03
C VAL H 198 -29.92 5.12 6.71
N ALA H 199 -29.05 6.11 6.48
CA ALA H 199 -27.65 5.82 6.15
C ALA H 199 -26.94 5.07 7.28
N ALA H 200 -27.12 5.53 8.52
CA ALA H 200 -26.53 4.87 9.68
C ALA H 200 -27.02 3.43 9.82
N VAL H 201 -28.29 3.17 9.46
CA VAL H 201 -28.79 1.80 9.46
C VAL H 201 -28.02 0.95 8.45
N GLU H 202 -27.81 1.50 7.25
CA GLU H 202 -27.04 0.77 6.23
C GLU H 202 -25.63 0.46 6.72
N ARG H 203 -25.01 1.40 7.44
CA ARG H 203 -23.65 1.16 7.93
C ARG H 203 -23.62 0.05 8.97
N ALA H 204 -24.56 0.09 9.91
CA ALA H 204 -24.66 -0.99 10.90
C ALA H 204 -24.97 -2.33 10.22
N VAL H 205 -25.89 -2.34 9.25
CA VAL H 205 -26.16 -3.59 8.52
C VAL H 205 -24.92 -4.10 7.81
N ALA H 206 -24.14 -3.19 7.20
CA ALA H 206 -22.90 -3.60 6.55
C ALA H 206 -21.88 -4.12 7.56
N ALA H 207 -21.94 -3.65 8.81
CA ALA H 207 -21.02 -4.13 9.83
C ALA H 207 -21.30 -5.58 10.25
N GLY H 208 -22.50 -6.08 10.02
CA GLY H 208 -22.84 -7.44 10.34
C GLY H 208 -23.69 -7.59 11.60
N VAL H 209 -24.31 -6.52 12.08
CA VAL H 209 -25.09 -6.59 13.30
C VAL H 209 -26.27 -7.56 13.14
N ASP H 210 -26.67 -8.17 14.26
CA ASP H 210 -27.81 -9.07 14.33
C ASP H 210 -29.13 -8.37 14.57
N PHE H 211 -29.11 -7.14 15.07
CA PHE H 211 -30.35 -6.41 15.29
C PHE H 211 -30.02 -4.93 15.42
N ILE H 212 -31.06 -4.10 15.44
CA ILE H 212 -30.94 -2.67 15.62
C ILE H 212 -31.96 -2.23 16.66
N GLU H 213 -31.53 -1.42 17.63
CA GLU H 213 -32.43 -0.79 18.58
C GLU H 213 -32.45 0.71 18.33
N ILE H 214 -33.63 1.29 18.47
CA ILE H 214 -33.85 2.73 18.35
C ILE H 214 -33.76 3.35 19.74
N HIS H 215 -32.87 4.31 19.92
CA HIS H 215 -32.82 4.96 21.22
C HIS H 215 -33.91 6.02 21.21
N ASN H 216 -35.07 5.70 21.79
CA ASN H 216 -36.17 6.65 21.86
C ASN H 216 -36.40 7.19 23.27
N ALA H 217 -35.41 7.03 24.14
CA ALA H 217 -35.52 7.30 25.56
C ALA H 217 -34.59 8.45 25.98
N HIS H 218 -34.67 8.77 27.28
CA HIS H 218 -33.65 9.50 28.05
C HIS H 218 -33.51 10.96 27.62
N GLY H 219 -34.57 11.56 27.09
CA GLY H 219 -34.54 12.97 26.80
C GLY H 219 -33.78 13.36 25.56
N TYR H 220 -33.23 12.38 24.82
CA TYR H 220 -32.53 12.64 23.58
C TYR H 220 -33.50 13.06 22.49
N LEU H 221 -33.11 12.96 21.21
CA LEU H 221 -33.89 13.65 20.19
C LEU H 221 -35.32 13.13 20.15
N LEU H 222 -35.47 11.82 19.95
CA LEU H 222 -36.82 11.27 19.80
C LEU H 222 -37.59 11.39 21.11
N SER H 223 -36.95 11.06 22.23
CA SER H 223 -37.60 11.16 23.53
C SER H 223 -38.17 12.55 23.76
N SER H 224 -37.46 13.60 23.31
CA SER H 224 -37.95 14.97 23.51
C SER H 224 -39.08 15.33 22.57
N PHE H 225 -39.24 14.59 21.47
CA PHE H 225 -40.40 14.80 20.60
C PHE H 225 -41.66 14.24 21.25
N LEU H 226 -41.53 13.16 22.03
CA LEU H 226 -42.68 12.59 22.75
C LEU H 226 -43.27 13.60 23.74
N SER H 227 -42.42 14.19 24.60
CA SER H 227 -42.94 14.98 25.73
C SER H 227 -43.28 16.39 25.30
N PRO H 228 -44.46 16.91 25.68
CA PRO H 228 -44.76 18.32 25.43
C PRO H 228 -43.92 19.29 26.26
N SER H 229 -43.14 18.79 27.24
CA SER H 229 -42.24 19.68 27.97
C SER H 229 -41.11 20.18 27.07
N SER H 230 -40.53 19.30 26.24
CA SER H 230 -39.45 19.66 25.34
C SER H 230 -39.91 19.97 23.92
N ASN H 231 -41.12 19.56 23.53
CA ASN H 231 -41.65 19.75 22.19
C ASN H 231 -42.85 20.71 22.29
N GLN H 232 -42.65 21.95 21.84
CA GLN H 232 -43.73 22.92 21.75
C GLN H 232 -43.94 23.35 20.30
N ARG H 233 -43.61 22.44 19.38
CA ARG H 233 -43.76 22.67 17.95
C ARG H 233 -45.21 22.94 17.61
N THR H 234 -45.42 23.66 16.51
CA THR H 234 -46.77 23.94 16.02
C THR H 234 -47.04 23.34 14.64
N ASP H 235 -46.23 22.38 14.19
CA ASP H 235 -46.38 21.74 12.89
C ASP H 235 -46.86 20.29 13.06
N ASP H 236 -46.60 19.46 12.05
CA ASP H 236 -47.03 18.06 12.09
C ASP H 236 -46.27 17.23 13.12
N TYR H 237 -45.31 17.82 13.83
CA TYR H 237 -44.46 17.06 14.74
C TYR H 237 -44.60 17.50 16.19
N GLY H 238 -45.53 18.43 16.46
CA GLY H 238 -45.80 18.85 17.82
C GLY H 238 -47.27 19.15 17.99
N GLY H 239 -47.66 19.33 19.25
CA GLY H 239 -49.04 19.53 19.65
C GLY H 239 -49.71 18.24 20.06
N SER H 240 -50.56 17.71 19.18
CA SER H 240 -51.35 16.52 19.47
C SER H 240 -50.46 15.30 19.68
N PHE H 241 -51.04 14.26 20.29
CA PHE H 241 -50.32 13.01 20.49
C PHE H 241 -49.88 12.38 19.17
N GLU H 242 -50.76 12.40 18.17
CA GLU H 242 -50.41 11.84 16.87
C GLU H 242 -49.21 12.59 16.26
N ASN H 243 -49.15 13.91 16.46
CA ASN H 243 -47.99 14.66 15.99
C ASN H 243 -46.73 14.26 16.74
N ARG H 244 -46.81 14.14 18.07
CA ARG H 244 -45.63 13.92 18.90
C ARG H 244 -45.01 12.53 18.75
N ILE H 245 -45.79 11.51 18.33
CA ILE H 245 -45.18 10.22 18.07
C ILE H 245 -44.84 10.04 16.59
N ARG H 246 -45.13 11.03 15.77
CA ARG H 246 -44.95 10.88 14.33
C ARG H 246 -43.50 10.56 13.98
N LEU H 247 -42.56 11.40 14.45
CA LEU H 247 -41.16 11.19 14.08
C LEU H 247 -40.68 9.83 14.55
N SER H 248 -41.09 9.43 15.75
CA SER H 248 -40.76 8.09 16.23
C SER H 248 -41.39 7.02 15.35
N LEU H 249 -42.60 7.28 14.82
CA LEU H 249 -43.22 6.30 13.93
C LEU H 249 -42.54 6.25 12.57
N GLU H 250 -42.18 7.41 12.01
CA GLU H 250 -41.48 7.42 10.72
C GLU H 250 -40.11 6.77 10.81
N ILE H 251 -39.31 7.14 11.81
CA ILE H 251 -37.98 6.56 11.97
C ILE H 251 -38.09 5.05 12.11
N SER H 252 -39.20 4.61 12.67
CA SER H 252 -39.40 3.16 12.92
C SER H 252 -39.61 2.39 11.60
N GLN H 253 -40.47 2.92 10.74
CA GLN H 253 -40.73 2.25 9.47
C GLN H 253 -39.47 2.22 8.62
N LEU H 254 -38.81 3.38 8.48
CA LEU H 254 -37.52 3.45 7.77
C LEU H 254 -36.53 2.40 8.25
N THR H 255 -36.44 2.18 9.57
CA THR H 255 -35.56 1.14 10.09
C THR H 255 -36.02 -0.25 9.65
N ARG H 256 -37.34 -0.51 9.68
CA ARG H 256 -37.86 -1.78 9.17
C ARG H 256 -37.61 -1.90 7.68
N ASP H 257 -38.00 -0.86 6.92
CA ASP H 257 -37.89 -0.89 5.47
C ASP H 257 -36.45 -1.07 5.02
N THR H 258 -35.48 -0.60 5.82
CA THR H 258 -34.08 -0.72 5.42
C THR H 258 -33.48 -2.07 5.77
N VAL H 259 -33.80 -2.64 6.93
CA VAL H 259 -33.16 -3.91 7.31
C VAL H 259 -33.89 -5.14 6.76
N GLY H 260 -35.12 -4.99 6.28
CA GLY H 260 -35.82 -6.11 5.74
C GLY H 260 -36.59 -6.92 6.77
N PRO H 261 -37.09 -8.09 6.36
CA PRO H 261 -38.02 -8.85 7.19
C PRO H 261 -37.38 -9.83 8.15
N ASN H 262 -36.06 -10.06 8.08
CA ASN H 262 -35.42 -11.06 8.92
C ASN H 262 -34.70 -10.49 10.15
N MET H 263 -34.58 -9.16 10.28
CA MET H 263 -33.78 -8.64 11.38
C MET H 263 -34.66 -8.02 12.45
N PRO H 264 -34.45 -8.37 13.73
CA PRO H 264 -35.19 -7.73 14.81
C PRO H 264 -34.83 -6.26 14.98
N VAL H 265 -35.84 -5.45 15.25
CA VAL H 265 -35.66 -4.04 15.57
C VAL H 265 -36.36 -3.74 16.89
N PHE H 266 -35.60 -3.16 17.85
CA PHE H 266 -36.09 -2.79 19.18
C PHE H 266 -36.34 -1.29 19.29
N LEU H 267 -37.11 -0.90 20.31
CA LEU H 267 -37.28 0.52 20.58
C LEU H 267 -37.33 0.73 22.08
N ARG H 268 -36.40 1.55 22.59
CA ARG H 268 -36.35 1.87 24.01
C ARG H 268 -37.08 3.17 24.26
N VAL H 269 -37.94 3.19 25.29
CA VAL H 269 -38.66 4.39 25.67
C VAL H 269 -38.57 4.59 27.17
N SER H 270 -38.64 5.86 27.58
CA SER H 270 -38.76 6.24 28.98
C SER H 270 -40.24 6.27 29.32
N ALA H 271 -40.68 5.34 30.16
CA ALA H 271 -42.10 5.24 30.47
C ALA H 271 -42.60 6.49 31.20
N THR H 272 -41.73 7.15 31.96
CA THR H 272 -42.15 8.35 32.68
C THR H 272 -41.03 9.38 32.69
N ASP H 273 -41.44 10.63 32.87
CA ASP H 273 -40.50 11.70 33.15
C ASP H 273 -40.27 11.87 34.65
N TRP H 274 -40.90 11.02 35.46
CA TRP H 274 -40.77 11.03 36.92
C TRP H 274 -41.19 12.37 37.50
N LEU H 275 -42.21 12.98 36.89
CA LEU H 275 -42.76 14.25 37.35
C LEU H 275 -44.10 14.11 38.05
N GLU H 276 -44.54 12.87 38.33
CA GLU H 276 -45.89 12.66 38.86
C GLU H 276 -46.11 13.44 40.14
N LYS H 277 -45.16 13.36 41.08
CA LYS H 277 -45.22 14.05 42.37
C LYS H 277 -44.48 15.39 42.40
N SER H 278 -43.33 15.49 41.71
CA SER H 278 -42.46 16.66 41.80
C SER H 278 -42.96 17.86 40.98
N MET H 279 -43.67 17.65 39.88
CA MET H 279 -44.19 18.74 39.03
C MET H 279 -45.56 18.31 38.50
N PRO H 280 -46.56 18.23 39.37
CA PRO H 280 -47.75 17.44 39.03
C PRO H 280 -48.64 18.03 37.92
N GLU H 281 -48.76 19.35 37.69
CA GLU H 281 -49.65 19.72 36.58
C GLU H 281 -48.88 20.17 35.36
N GLU H 282 -47.65 19.66 35.15
CA GLU H 282 -46.95 19.76 33.86
C GLU H 282 -47.33 18.56 33.03
N LYS H 283 -47.91 18.80 31.88
CA LYS H 283 -48.13 17.74 30.88
C LYS H 283 -46.80 17.31 30.29
N GLY H 284 -46.31 16.15 30.73
CA GLY H 284 -45.11 15.59 30.18
C GLY H 284 -45.40 14.26 29.53
N TRP H 285 -44.72 13.22 29.98
CA TRP H 285 -44.84 11.90 29.36
C TRP H 285 -44.93 10.89 30.50
N LYS H 286 -46.10 10.30 30.67
CA LYS H 286 -46.37 9.42 31.79
C LYS H 286 -46.66 8.02 31.28
N LEU H 287 -46.84 7.08 32.22
CA LEU H 287 -47.04 5.68 31.86
C LEU H 287 -48.26 5.50 30.98
N GLU H 288 -49.26 6.37 31.13
CA GLU H 288 -50.40 6.33 30.23
C GLU H 288 -49.99 6.61 28.80
N ASP H 289 -49.08 7.60 28.62
CA ASP H 289 -48.62 7.93 27.27
C ASP H 289 -47.79 6.80 26.66
N THR H 290 -46.91 6.19 27.45
CA THR H 290 -46.10 5.09 26.95
C THR H 290 -46.97 3.91 26.53
N VAL H 291 -48.14 3.75 27.14
CA VAL H 291 -49.01 2.62 26.81
C VAL H 291 -49.70 2.86 25.46
N GLU H 292 -50.22 4.06 25.24
CA GLU H 292 -50.85 4.40 23.97
C GLU H 292 -49.86 4.40 22.82
N PHE H 293 -48.63 4.88 23.08
CA PHE H 293 -47.57 4.89 22.08
C PHE H 293 -47.13 3.47 21.72
N SER H 294 -46.99 2.60 22.74
CA SER H 294 -46.67 1.19 22.48
C SER H 294 -47.80 0.50 21.74
N ARG H 295 -49.02 1.04 21.83
CA ARG H 295 -50.10 0.50 21.02
C ARG H 295 -49.90 0.88 19.55
N ALA H 296 -49.48 2.12 19.27
CA ALA H 296 -49.23 2.53 17.89
C ALA H 296 -48.14 1.70 17.24
N LEU H 297 -47.08 1.37 17.98
CA LEU H 297 -46.02 0.54 17.39
C LEU H 297 -46.48 -0.89 17.24
N ALA H 298 -47.40 -1.35 18.10
CA ALA H 298 -47.97 -2.66 17.92
C ALA H 298 -48.89 -2.67 16.71
N ALA H 299 -49.62 -1.56 16.53
CA ALA H 299 -50.40 -1.38 15.32
C ALA H 299 -49.51 -1.31 14.08
N GLN H 300 -48.34 -0.65 14.20
CA GLN H 300 -47.48 -0.45 13.04
C GLN H 300 -46.83 -1.74 12.57
N GLY H 301 -46.34 -2.55 13.49
CA GLY H 301 -45.72 -3.82 13.11
C GLY H 301 -44.29 -3.72 12.63
N ALA H 302 -43.65 -2.56 12.74
CA ALA H 302 -42.26 -2.43 12.32
C ALA H 302 -41.30 -2.87 13.43
N ILE H 303 -41.58 -2.46 14.66
CA ILE H 303 -40.71 -2.75 15.79
C ILE H 303 -41.05 -4.14 16.32
N ASP H 304 -40.03 -4.92 16.70
CA ASP H 304 -40.33 -6.24 17.27
C ASP H 304 -40.38 -6.24 18.79
N LEU H 305 -39.61 -5.39 19.45
CA LEU H 305 -39.48 -5.42 20.91
C LEU H 305 -39.43 -3.98 21.39
N ILE H 306 -40.23 -3.68 22.41
CA ILE H 306 -40.20 -2.38 23.08
C ILE H 306 -39.37 -2.52 24.34
N ASP H 307 -38.30 -1.74 24.42
CA ASP H 307 -37.35 -1.77 25.53
C ASP H 307 -37.80 -0.69 26.51
N ILE H 308 -38.23 -1.11 27.69
CA ILE H 308 -38.87 -0.21 28.65
C ILE H 308 -37.80 0.36 29.59
N SER H 309 -37.68 1.68 29.59
CA SER H 309 -36.81 2.43 30.49
C SER H 309 -37.63 3.53 31.17
N THR H 310 -36.94 4.41 31.90
CA THR H 310 -37.56 5.56 32.53
C THR H 310 -36.55 6.70 32.54
N GLY H 311 -37.09 7.89 32.79
CA GLY H 311 -36.30 9.05 33.16
C GLY H 311 -35.46 9.64 32.04
N GLY H 312 -34.74 10.70 32.43
CA GLY H 312 -33.97 11.48 31.50
C GLY H 312 -34.75 12.54 30.75
N VAL H 313 -36.09 12.51 30.84
CA VAL H 313 -36.92 13.34 29.98
C VAL H 313 -37.00 14.78 30.46
N HIS H 314 -36.91 15.01 31.77
CA HIS H 314 -37.09 16.32 32.36
C HIS H 314 -36.10 16.51 33.51
N ALA H 315 -35.57 17.72 33.65
CA ALA H 315 -34.54 17.96 34.67
C ALA H 315 -35.07 17.88 36.09
N ALA H 316 -36.32 18.27 36.32
CA ALA H 316 -36.92 18.29 37.65
C ALA H 316 -37.47 16.94 38.09
N GLN H 317 -37.08 15.86 37.41
CA GLN H 317 -37.55 14.53 37.79
C GLN H 317 -37.11 14.17 39.21
N LYS H 318 -37.88 13.27 39.85
CA LYS H 318 -37.50 12.65 41.12
C LYS H 318 -37.71 11.13 41.00
N VAL H 319 -36.60 10.42 40.80
CA VAL H 319 -36.62 9.01 40.45
C VAL H 319 -36.68 8.15 41.70
N THR H 320 -37.73 7.33 41.79
CA THR H 320 -37.86 6.37 42.88
C THR H 320 -37.09 5.11 42.50
N SER H 321 -35.81 5.08 42.83
CA SER H 321 -35.02 3.92 42.43
C SER H 321 -35.33 2.73 43.34
N GLY H 322 -34.62 1.64 43.14
CA GLY H 322 -34.86 0.45 43.95
C GLY H 322 -34.69 -0.80 43.11
N VAL H 323 -34.82 -1.96 43.73
CA VAL H 323 -34.60 -3.21 43.01
C VAL H 323 -35.76 -3.43 42.06
N GLY H 324 -35.44 -3.56 40.77
CA GLY H 324 -36.44 -3.75 39.73
C GLY H 324 -37.42 -2.59 39.63
N PHE H 325 -36.94 -1.36 39.84
CA PHE H 325 -37.86 -0.24 39.95
C PHE H 325 -38.43 0.21 38.60
N GLN H 326 -38.04 -0.43 37.50
CA GLN H 326 -38.61 -0.11 36.20
C GLN H 326 -39.46 -1.23 35.63
N VAL H 327 -39.62 -2.32 36.38
CA VAL H 327 -40.52 -3.42 36.04
C VAL H 327 -41.97 -2.97 36.06
N PRO H 328 -42.42 -2.14 37.04
CA PRO H 328 -43.82 -1.69 37.02
C PRO H 328 -44.26 -1.10 35.69
N PHE H 329 -43.37 -0.35 35.05
CA PHE H 329 -43.66 0.25 33.77
C PHE H 329 -43.68 -0.79 32.65
N ALA H 330 -42.69 -1.70 32.63
CA ALA H 330 -42.65 -2.77 31.64
C ALA H 330 -43.81 -3.74 31.81
N LYS H 331 -44.25 -3.99 33.04
CA LYS H 331 -45.38 -4.88 33.25
C LYS H 331 -46.66 -4.30 32.65
N ALA H 332 -46.90 -3.01 32.88
CA ALA H 332 -48.14 -2.39 32.45
C ALA H 332 -48.25 -2.32 30.94
N VAL H 333 -47.12 -2.09 30.24
CA VAL H 333 -47.16 -1.99 28.78
C VAL H 333 -47.33 -3.37 28.16
N LYS H 334 -46.70 -4.38 28.76
CA LYS H 334 -46.95 -5.76 28.34
C LYS H 334 -48.44 -6.10 28.40
N GLU H 335 -49.13 -5.67 29.47
CA GLU H 335 -50.57 -5.87 29.56
C GLU H 335 -51.29 -5.16 28.42
N ALA H 336 -50.75 -4.04 27.98
CA ALA H 336 -51.35 -3.25 26.91
C ALA H 336 -51.14 -3.86 25.53
N VAL H 337 -50.10 -4.68 25.35
CA VAL H 337 -49.73 -5.22 24.04
C VAL H 337 -49.73 -6.73 24.01
N GLY H 338 -50.04 -7.39 25.10
CA GLY H 338 -49.87 -8.83 25.27
C GLY H 338 -48.85 -9.53 24.37
N GLN H 339 -49.29 -10.56 23.65
CA GLN H 339 -48.38 -11.39 22.86
C GLN H 339 -48.07 -10.80 21.50
N LYS H 340 -48.68 -9.66 21.14
CA LYS H 340 -48.40 -9.03 19.85
C LYS H 340 -46.97 -8.47 19.80
N MET H 341 -46.49 -7.93 20.90
CA MET H 341 -45.23 -7.21 20.96
C MET H 341 -44.42 -7.76 22.14
N LEU H 342 -43.10 -7.87 21.96
CA LEU H 342 -42.22 -8.23 23.06
C LEU H 342 -41.86 -7.00 23.90
N VAL H 343 -41.50 -7.25 25.17
CA VAL H 343 -41.10 -6.22 26.13
C VAL H 343 -39.92 -6.71 26.95
N SER H 344 -38.93 -5.83 27.17
CA SER H 344 -37.81 -6.11 28.06
C SER H 344 -37.87 -5.16 29.25
N ALA H 345 -37.32 -5.60 30.38
CA ALA H 345 -37.28 -4.77 31.58
C ALA H 345 -35.84 -4.57 32.02
N VAL H 346 -35.56 -3.41 32.60
CA VAL H 346 -34.21 -3.07 33.01
C VAL H 346 -34.23 -2.14 34.22
N GLY H 347 -33.19 -2.24 35.05
CA GLY H 347 -33.03 -1.31 36.15
C GLY H 347 -32.88 -2.02 37.49
N THR H 348 -31.64 -2.21 37.97
CA THR H 348 -31.36 -2.83 39.27
C THR H 348 -31.98 -4.24 39.36
N ILE H 349 -31.73 -5.04 38.33
CA ILE H 349 -32.10 -6.46 38.29
C ILE H 349 -30.80 -7.24 38.41
N ASN H 350 -30.43 -7.66 39.62
CA ASN H 350 -29.07 -8.13 39.90
C ASN H 350 -28.98 -9.58 40.36
N SER H 351 -30.06 -10.33 40.33
CA SER H 351 -29.99 -11.75 40.61
C SER H 351 -30.67 -12.52 39.49
N GLY H 352 -30.20 -13.75 39.26
CA GLY H 352 -30.90 -14.62 38.33
C GLY H 352 -32.30 -14.92 38.80
N ASN H 353 -32.52 -14.90 40.12
CA ASN H 353 -33.82 -15.19 40.70
C ASN H 353 -34.82 -14.07 40.40
N LEU H 354 -34.41 -12.82 40.57
CA LEU H 354 -35.29 -11.70 40.22
C LEU H 354 -35.56 -11.67 38.72
N ALA H 355 -34.56 -11.98 37.91
CA ALA H 355 -34.76 -12.03 36.47
C ALA H 355 -35.86 -13.04 36.13
N GLU H 356 -35.71 -14.29 36.60
CA GLU H 356 -36.71 -15.30 36.33
C GLU H 356 -38.08 -14.88 36.87
N LYS H 357 -38.10 -14.33 38.10
CA LYS H 357 -39.36 -13.91 38.72
C LYS H 357 -40.05 -12.85 37.89
N ILE H 358 -39.28 -11.88 37.40
CA ILE H 358 -39.85 -10.81 36.59
C ILE H 358 -40.42 -11.37 35.30
N LEU H 359 -39.69 -12.31 34.68
CA LEU H 359 -40.09 -12.85 33.40
C LEU H 359 -41.44 -13.56 33.47
N ASN H 360 -41.69 -14.32 34.54
CA ASN H 360 -42.90 -15.12 34.69
C ASN H 360 -44.05 -14.32 35.30
N GLU H 361 -43.78 -13.51 36.34
CA GLU H 361 -44.86 -12.83 37.04
C GLU H 361 -45.36 -11.63 36.29
N ASP H 362 -44.53 -11.03 35.43
CA ASP H 362 -44.95 -9.91 34.61
C ASP H 362 -45.04 -10.24 33.15
N ASP H 363 -44.65 -11.45 32.74
CA ASP H 363 -44.71 -11.86 31.34
C ASP H 363 -43.77 -11.01 30.49
N VAL H 364 -42.68 -10.59 31.09
CA VAL H 364 -41.66 -9.88 30.35
C VAL H 364 -40.92 -10.90 29.52
N ASP H 365 -40.43 -10.48 28.35
CA ASP H 365 -39.81 -11.43 27.45
C ASP H 365 -38.28 -11.45 27.57
N VAL H 366 -37.64 -10.31 27.83
CA VAL H 366 -36.20 -10.20 27.88
C VAL H 366 -35.82 -9.41 29.13
N ILE H 367 -34.76 -9.85 29.80
CA ILE H 367 -34.26 -9.22 31.02
C ILE H 367 -32.97 -8.47 30.64
N LEU H 368 -33.01 -7.16 30.76
CA LEU H 368 -31.85 -6.32 30.46
C LEU H 368 -31.11 -5.94 31.73
N VAL H 369 -29.78 -5.92 31.64
CA VAL H 369 -28.92 -5.51 32.73
C VAL H 369 -27.88 -4.51 32.22
N GLY H 370 -27.68 -3.42 32.99
CA GLY H 370 -26.66 -2.43 32.69
C GLY H 370 -25.39 -2.56 33.52
N ARG H 371 -25.25 -1.69 34.54
CA ARG H 371 -24.02 -1.61 35.34
C ARG H 371 -23.38 -2.94 35.65
N ALA H 372 -24.19 -3.92 36.06
CA ALA H 372 -23.63 -5.19 36.52
C ALA H 372 -22.71 -5.83 35.49
N PHE H 373 -22.92 -5.57 34.19
CA PHE H 373 -22.00 -6.11 33.18
C PHE H 373 -20.69 -5.35 33.15
N GLN H 374 -20.70 -4.08 33.56
CA GLN H 374 -19.45 -3.33 33.70
C GLN H 374 -18.60 -3.96 34.80
N ARG H 375 -19.25 -4.43 35.88
CA ARG H 375 -18.51 -5.14 36.92
C ARG H 375 -18.28 -6.60 36.55
N ASP H 376 -19.33 -7.32 36.15
CA ASP H 376 -19.22 -8.75 35.87
C ASP H 376 -19.50 -9.00 34.38
N SER H 377 -18.42 -9.15 33.59
CA SER H 377 -18.60 -9.52 32.19
C SER H 377 -19.13 -10.94 32.03
N GLY H 378 -18.93 -11.79 33.03
CA GLY H 378 -19.53 -13.11 33.01
C GLY H 378 -20.82 -13.16 33.79
N LEU H 379 -21.63 -12.10 33.69
CA LEU H 379 -22.89 -12.06 34.42
C LEU H 379 -23.84 -13.17 33.95
N ALA H 380 -23.73 -13.62 32.70
CA ALA H 380 -24.52 -14.76 32.27
C ALA H 380 -24.18 -15.99 33.10
N TRP H 381 -22.90 -16.11 33.47
CA TRP H 381 -22.45 -17.17 34.37
C TRP H 381 -23.00 -16.97 35.77
N ALA H 382 -23.08 -15.72 36.23
CA ALA H 382 -23.57 -15.48 37.58
C ALA H 382 -25.04 -15.87 37.71
N PHE H 383 -25.85 -15.42 36.74
CA PHE H 383 -27.29 -15.71 36.74
C PHE H 383 -27.57 -17.19 36.50
N ALA H 384 -26.75 -17.86 35.69
CA ALA H 384 -26.93 -19.30 35.55
C ALA H 384 -26.69 -19.99 36.88
N LYS H 385 -25.64 -19.56 37.61
CA LYS H 385 -25.32 -20.08 38.94
C LYS H 385 -26.40 -19.72 39.96
N ASP H 386 -26.90 -18.46 39.91
CA ASP H 386 -28.01 -18.03 40.75
C ASP H 386 -29.26 -18.91 40.58
N LEU H 387 -29.49 -19.43 39.38
CA LEU H 387 -30.66 -20.27 39.13
C LEU H 387 -30.26 -21.73 39.03
N ASP H 388 -28.98 -22.03 39.26
CA ASP H 388 -28.43 -23.37 39.17
C ASP H 388 -28.59 -23.97 37.76
N VAL H 389 -28.41 -23.13 36.74
CA VAL H 389 -28.53 -23.55 35.34
C VAL H 389 -27.16 -23.97 34.82
N GLU H 390 -27.06 -25.22 34.40
CA GLU H 390 -25.85 -25.71 33.76
C GLU H 390 -25.82 -25.19 32.33
N ILE H 391 -24.81 -24.37 32.03
CA ILE H 391 -24.77 -23.64 30.76
C ILE H 391 -23.49 -24.02 30.01
N ALA H 392 -23.51 -23.76 28.71
CA ALA H 392 -22.31 -23.96 27.93
C ALA H 392 -21.39 -22.76 28.14
N MET H 393 -20.08 -23.03 28.12
CA MET H 393 -19.08 -21.97 28.23
C MET H 393 -17.92 -22.28 27.29
N ALA H 394 -17.24 -21.21 26.87
CA ALA H 394 -16.08 -21.29 25.98
C ALA H 394 -15.05 -22.27 26.53
N GLY H 395 -14.55 -23.15 25.66
CA GLY H 395 -13.61 -24.18 26.08
C GLY H 395 -12.35 -23.62 26.68
N GLN H 396 -12.00 -22.38 26.36
CA GLN H 396 -10.83 -21.73 26.91
C GLN H 396 -11.04 -21.37 28.38
N ILE H 397 -12.26 -20.98 28.73
CA ILE H 397 -12.59 -20.70 30.12
C ILE H 397 -12.91 -21.97 30.88
N ARG H 398 -13.61 -22.91 30.24
CA ARG H 398 -14.37 -23.91 31.00
C ARG H 398 -13.50 -24.98 31.62
N TRP H 399 -12.37 -25.29 31.00
CA TRP H 399 -11.70 -26.54 31.31
C TRP H 399 -11.06 -26.55 32.69
N GLY H 400 -10.89 -25.39 33.30
CA GLY H 400 -10.32 -25.28 34.64
C GLY H 400 -11.33 -25.26 35.75
N PHE H 401 -12.62 -25.31 35.41
CA PHE H 401 -13.71 -25.35 36.36
C PHE H 401 -14.43 -26.70 36.35
N THR H 402 -13.76 -27.75 35.86
CA THR H 402 -14.31 -29.09 35.78
C THR H 402 -13.16 -30.09 35.88
N SER H 403 -13.49 -31.38 35.85
CA SER H 403 -12.45 -32.41 35.98
C SER H 403 -11.78 -32.67 34.64
N ALA H 407 -15.35 -36.87 28.15
CA ALA H 407 -15.19 -35.48 28.48
C ALA H 407 -16.48 -34.89 29.02
N SER H 408 -16.45 -33.57 29.23
CA SER H 408 -17.62 -32.73 29.50
C SER H 408 -17.76 -31.71 28.36
N GLU H 409 -18.79 -30.87 28.44
CA GLU H 409 -18.96 -29.73 27.53
C GLU H 409 -19.61 -28.55 28.23
N TYR H 410 -20.31 -28.82 29.32
CA TYR H 410 -21.08 -27.83 30.05
C TYR H 410 -20.49 -27.65 31.44
N ILE H 411 -20.83 -26.53 32.05
CA ILE H 411 -20.36 -26.21 33.39
C ILE H 411 -21.57 -26.25 34.33
N GLN H 412 -21.50 -27.12 35.35
CA GLN H 412 -22.42 -27.18 36.49
C GLN H 412 -22.03 -26.10 37.48
N PRO H 413 -22.74 -24.97 37.55
CA PRO H 413 -22.20 -23.80 38.25
C PRO H 413 -22.06 -23.95 39.76
N ASN H 414 -22.50 -25.06 40.35
CA ASN H 414 -22.37 -25.26 41.78
C ASN H 414 -21.87 -26.67 42.02
#